data_5X6X
#
_entry.id   5X6X
#
_cell.length_a   77.230
_cell.length_b   83.854
_cell.length_c   143.250
_cell.angle_alpha   103.41
_cell.angle_beta   102.47
_cell.angle_gamma   95.37
#
_symmetry.space_group_name_H-M   'P 1'
#
loop_
_entity.id
_entity.type
_entity.pdbx_description
1 polymer 'mRNA capping enzyme P5'
2 non-polymer 1,2-ETHANEDIOL
3 water water
#
_entity_poly.entity_id   1
_entity_poly.type   'polypeptide(L)'
_entity_poly.pdbx_seq_one_letter_code
;GGSMSNPDYCIPNFSQTVNERTIIDIFTICRYRSPLVVFCLSHNELAKKYAQDVSMSSGTHVHIIDGSVEITVSLYRTFR
TIATQLLGRMQIVVFVTVDKSVVSTQVMKSIAWAFRGSFVELRNQSVDSSTLVSKLENLVSFAPLYNVPKCGPDYYGPTV
YSELLSLATNARTHWYATIDYSMFTRSVLTGFVAKYFNEEAVPIDKRIVSIVGYNPPYVWTCLRHGIRPTYIEKSLPNPG
GKGPFGLILPVINELVLKSKVKYVMHNPQIKLLCLDTFMLSTSMNILYIGAYPATHLLSLQLNGWTILAFDPKITSDWTD
AMAKATGAKVIGVSKEFDFKSFSVQANQLNMFQNSKLSVIDDTWVETDYEKFQSEKQAYFEWLIDRTSIDVRLISMKWNR
SKDTSVSHLLALLPQPYGASIREMRAFFHKKGASDIKILAAETEKYMDDFTAMSVSDQINTQKFMHCMITTVGDALKMDL
DGGRAVIASYSLSNSSNSKERVLKFLSDANKAKAMVVFGAPNTHRLAYAKKVGLVLDSAIKMSKDLITFSNPTGRRWRDY
GYSQSELYDAGYVEITIDQMVAYSSDVYNGVGYFANSTYNDLFSWYIPKWYVHKRMLMQDIRLSPAALVKCFTTLIRNIC
YVPHETYYRFRGILVDKYLRSKNVDPSQYSIVGSGSKTFTVLSHFEVPHECGPLVFEASTDVNISGHLLSLAIAAHFVAS
PMILWAEQMKYMAVDRMLPPNLDKSLFFDNKVTPSGALQRWHSREEVLLAAEICESYAAMMLNNKHSPDIIGTLKSAINL
VFKI
;
_entity_poly.pdbx_strand_id   C,A,B,D
#
# COMPACT_ATOMS: atom_id res chain seq x y z
N ASP A 8 -5.86 -29.84 52.19
CA ASP A 8 -5.30 -31.02 52.84
C ASP A 8 -3.84 -30.81 53.26
N TYR A 9 -3.19 -29.81 52.65
CA TYR A 9 -1.86 -29.35 53.05
C TYR A 9 -0.77 -30.40 52.79
N CYS A 10 -0.89 -31.10 51.67
CA CYS A 10 0.11 -32.04 51.19
C CYS A 10 0.31 -31.85 49.69
N ILE A 11 1.51 -32.17 49.22
CA ILE A 11 1.80 -32.28 47.80
C ILE A 11 2.36 -33.68 47.55
N PRO A 12 2.19 -34.25 46.35
CA PRO A 12 1.32 -33.72 45.28
C PRO A 12 -0.11 -33.55 45.77
N ASN A 13 -0.86 -32.66 45.14
CA ASN A 13 -2.24 -32.44 45.53
C ASN A 13 -3.11 -32.47 44.29
N PHE A 14 -3.95 -33.50 44.18
CA PHE A 14 -5.05 -33.51 43.22
C PHE A 14 -6.37 -33.07 43.83
N SER A 15 -6.56 -33.26 45.14
CA SER A 15 -7.89 -33.11 45.75
C SER A 15 -8.37 -31.66 45.72
N GLN A 16 -7.46 -30.71 45.88
CA GLN A 16 -7.82 -29.30 45.88
C GLN A 16 -7.56 -28.60 44.55
N THR A 17 -6.69 -29.16 43.70
CA THR A 17 -6.32 -28.50 42.45
C THR A 17 -7.14 -28.96 41.25
N VAL A 18 -7.68 -30.18 41.25
CA VAL A 18 -8.44 -30.69 40.11
C VAL A 18 -9.88 -30.85 40.51
N ASN A 19 -10.74 -29.99 39.97
CA ASN A 19 -12.19 -30.15 40.05
C ASN A 19 -12.76 -29.96 38.66
N GLU A 20 -14.08 -29.89 38.52
CA GLU A 20 -14.67 -29.83 37.18
C GLU A 20 -14.29 -28.54 36.48
N ARG A 21 -14.01 -27.48 37.23
CA ARG A 21 -13.57 -26.23 36.63
C ARG A 21 -12.14 -26.34 36.10
N THR A 22 -11.28 -27.10 36.80
CA THR A 22 -9.97 -27.42 36.24
C THR A 22 -10.09 -28.18 34.94
N ILE A 23 -11.00 -29.15 34.89
CA ILE A 23 -11.20 -29.92 33.67
C ILE A 23 -11.67 -29.02 32.52
N ILE A 24 -12.61 -28.10 32.80
CA ILE A 24 -13.03 -27.15 31.79
C ILE A 24 -11.82 -26.40 31.24
N ASP A 25 -10.96 -25.93 32.14
CA ASP A 25 -9.80 -25.17 31.73
C ASP A 25 -8.85 -26.03 30.89
N ILE A 26 -8.73 -27.32 31.21
CA ILE A 26 -7.92 -28.17 30.36
C ILE A 26 -8.51 -28.22 28.96
N PHE A 27 -9.83 -28.39 28.87
CA PHE A 27 -10.50 -28.30 27.58
C PHE A 27 -10.18 -26.98 26.89
N THR A 28 -10.26 -25.87 27.63
CA THR A 28 -9.99 -24.56 27.02
C THR A 28 -8.55 -24.48 26.52
N ILE A 29 -7.60 -24.97 27.34
CA ILE A 29 -6.20 -24.98 26.95
C ILE A 29 -5.98 -25.83 25.70
N CYS A 30 -6.82 -26.86 25.49
CA CYS A 30 -6.67 -27.66 24.27
C CYS A 30 -6.90 -26.86 22.99
N ARG A 31 -7.58 -25.72 23.05
CA ARG A 31 -7.68 -24.90 21.84
C ARG A 31 -6.35 -24.30 21.44
N TYR A 32 -5.38 -24.28 22.36
CA TYR A 32 -4.10 -23.65 22.16
C TYR A 32 -2.98 -24.67 21.94
N ARG A 33 -3.33 -25.93 21.64
CA ARG A 33 -2.37 -27.01 21.70
C ARG A 33 -1.46 -27.09 20.48
N SER A 34 -1.49 -26.11 19.58
CA SER A 34 -0.63 -26.09 18.39
C SER A 34 0.27 -24.85 18.40
N PRO A 35 1.25 -24.76 19.32
CA PRO A 35 2.03 -23.53 19.43
C PRO A 35 3.27 -23.45 18.54
N LEU A 36 3.61 -24.50 17.81
CA LEU A 36 4.94 -24.64 17.22
C LEU A 36 5.06 -23.99 15.85
N VAL A 37 6.20 -23.34 15.61
CA VAL A 37 6.66 -22.96 14.28
C VAL A 37 8.01 -23.64 14.05
N VAL A 38 8.17 -24.28 12.90
CA VAL A 38 9.46 -24.81 12.44
C VAL A 38 9.91 -23.97 11.26
N PHE A 39 11.08 -23.35 11.38
CA PHE A 39 11.57 -22.34 10.43
C PHE A 39 12.98 -22.70 9.97
N CYS A 40 13.11 -23.07 8.70
CA CYS A 40 14.38 -23.49 8.11
C CYS A 40 15.03 -22.35 7.33
N LEU A 41 16.32 -22.13 7.59
CA LEU A 41 17.09 -21.12 6.88
C LEU A 41 18.56 -21.50 6.98
N SER A 42 19.39 -20.88 6.14
CA SER A 42 20.79 -21.28 6.04
C SER A 42 21.75 -20.35 6.78
N HIS A 43 21.25 -19.40 7.59
CA HIS A 43 22.13 -18.37 8.14
C HIS A 43 21.98 -18.33 9.66
N ASN A 44 22.97 -18.90 10.35
CA ASN A 44 22.84 -19.16 11.77
C ASN A 44 22.82 -17.88 12.60
N GLU A 45 23.61 -16.86 12.21
CA GLU A 45 23.59 -15.59 12.95
C GLU A 45 22.26 -14.86 12.78
N LEU A 46 21.66 -14.96 11.59
CA LEU A 46 20.30 -14.44 11.43
C LEU A 46 19.32 -15.17 12.34
N ALA A 47 19.40 -16.51 12.39
CA ALA A 47 18.52 -17.26 13.29
C ALA A 47 18.72 -16.84 14.74
N LYS A 48 19.97 -16.67 15.18
CA LYS A 48 20.19 -16.31 16.59
C LYS A 48 19.61 -14.94 16.89
N LYS A 49 19.69 -14.01 15.94
CA LYS A 49 19.17 -12.67 16.18
C LYS A 49 17.66 -12.70 16.38
N TYR A 50 16.93 -13.39 15.49
CA TYR A 50 15.48 -13.36 15.63
C TYR A 50 15.01 -14.28 16.74
N ALA A 51 15.76 -15.35 17.04
CA ALA A 51 15.50 -16.14 18.24
C ALA A 51 15.55 -15.24 19.48
N GLN A 52 16.62 -14.48 19.62
CA GLN A 52 16.75 -13.58 20.77
C GLN A 52 15.62 -12.55 20.79
N ASP A 53 15.31 -11.95 19.64
CA ASP A 53 14.31 -10.88 19.58
C ASP A 53 12.92 -11.38 19.96
N VAL A 54 12.54 -12.57 19.50
CA VAL A 54 11.18 -13.05 19.76
C VAL A 54 11.06 -13.60 21.18
N SER A 55 12.11 -14.23 21.71
CA SER A 55 12.03 -14.74 23.08
C SER A 55 12.05 -13.60 24.10
N MET A 56 12.88 -12.58 23.86
CA MET A 56 12.98 -11.46 24.79
C MET A 56 11.73 -10.60 24.78
N SER A 57 11.05 -10.50 23.65
CA SER A 57 9.89 -9.62 23.56
C SER A 57 8.58 -10.32 23.89
N SER A 58 8.43 -11.63 23.57
CA SER A 58 7.14 -12.30 23.75
C SER A 58 7.24 -13.57 24.58
N GLY A 59 8.42 -13.94 25.04
CA GLY A 59 8.54 -15.15 25.81
C GLY A 59 8.55 -16.43 25.01
N THR A 60 8.58 -16.36 23.68
CA THR A 60 8.61 -17.56 22.84
C THR A 60 9.80 -18.45 23.19
N HIS A 61 9.57 -19.76 23.27
CA HIS A 61 10.65 -20.71 23.54
C HIS A 61 11.32 -21.08 22.21
N VAL A 62 12.62 -20.86 22.13
CA VAL A 62 13.33 -20.94 20.87
C VAL A 62 14.39 -22.04 20.94
N HIS A 63 14.48 -22.82 19.87
CA HIS A 63 15.53 -23.83 19.69
C HIS A 63 16.19 -23.61 18.34
N ILE A 64 17.49 -23.89 18.27
CA ILE A 64 18.23 -23.77 17.02
C ILE A 64 18.92 -25.11 16.77
N ILE A 65 18.49 -25.82 15.74
CA ILE A 65 19.19 -27.04 15.34
C ILE A 65 20.20 -26.58 14.28
N ASP A 66 21.45 -26.42 14.69
CA ASP A 66 22.48 -25.77 13.89
C ASP A 66 23.57 -26.72 13.38
N GLY A 67 23.55 -27.99 13.78
CA GLY A 67 24.54 -28.93 13.29
C GLY A 67 25.72 -29.13 14.21
N SER A 68 25.77 -28.48 15.37
CA SER A 68 26.83 -28.77 16.33
C SER A 68 26.63 -30.11 17.00
N VAL A 69 25.44 -30.68 16.87
CA VAL A 69 25.12 -32.01 17.37
C VAL A 69 24.58 -32.81 16.19
N GLU A 70 24.83 -34.13 16.20
CA GLU A 70 24.34 -34.99 15.13
C GLU A 70 22.82 -34.89 14.99
N ILE A 71 22.33 -34.93 13.74
CA ILE A 71 20.96 -34.49 13.46
C ILE A 71 19.94 -35.33 14.22
N THR A 72 20.14 -36.65 14.28
CA THR A 72 19.20 -37.52 14.97
C THR A 72 19.11 -37.18 16.46
N VAL A 73 20.25 -37.01 17.12
CA VAL A 73 20.26 -36.65 18.53
C VAL A 73 19.69 -35.24 18.75
N SER A 74 19.93 -34.31 17.81
CA SER A 74 19.37 -32.95 17.95
C SER A 74 17.85 -32.98 17.87
N LEU A 75 17.30 -33.74 16.93
CA LEU A 75 15.85 -33.86 16.78
C LEU A 75 15.24 -34.51 18.01
N TYR A 76 15.87 -35.58 18.49
CA TYR A 76 15.41 -36.27 19.69
C TYR A 76 15.38 -35.33 20.90
N ARG A 77 16.48 -34.62 21.15
CA ARG A 77 16.53 -33.73 22.30
C ARG A 77 15.52 -32.61 22.17
N THR A 78 15.45 -31.99 20.99
CA THR A 78 14.58 -30.84 20.76
C THR A 78 13.11 -31.25 20.91
N PHE A 79 12.72 -32.37 20.28
CA PHE A 79 11.30 -32.64 20.21
C PHE A 79 10.81 -33.50 21.37
N ARG A 80 11.70 -34.19 22.08
CA ARG A 80 11.29 -34.75 23.38
C ARG A 80 10.93 -33.62 24.33
N THR A 81 11.72 -32.55 24.34
CA THR A 81 11.42 -31.38 25.16
C THR A 81 10.10 -30.73 24.74
N ILE A 82 9.95 -30.47 23.45
CA ILE A 82 8.76 -29.78 22.97
C ILE A 82 7.52 -30.59 23.25
N ALA A 83 7.60 -31.93 23.17
CA ALA A 83 6.41 -32.75 23.37
C ALA A 83 5.77 -32.49 24.73
N THR A 84 6.58 -32.14 25.73
CA THR A 84 6.04 -31.90 27.05
C THR A 84 5.38 -30.53 27.19
N GLN A 85 5.61 -29.61 26.26
CA GLN A 85 5.28 -28.20 26.45
C GLN A 85 4.10 -27.74 25.59
N LEU A 86 3.40 -28.64 24.92
CA LEU A 86 2.45 -28.23 23.89
C LEU A 86 1.15 -27.69 24.46
N LEU A 87 0.91 -27.89 25.76
CA LEU A 87 -0.22 -27.29 26.46
C LEU A 87 0.22 -26.14 27.34
N GLY A 88 1.39 -25.56 27.06
CA GLY A 88 1.88 -24.45 27.88
C GLY A 88 1.37 -23.08 27.50
N ARG A 89 0.68 -22.97 26.37
CA ARG A 89 0.15 -21.68 25.88
C ARG A 89 1.25 -20.65 25.70
N MET A 90 2.44 -21.10 25.29
CA MET A 90 3.51 -20.23 24.87
C MET A 90 4.00 -20.71 23.52
N GLN A 91 4.27 -19.77 22.62
CA GLN A 91 4.77 -20.13 21.31
C GLN A 91 6.10 -20.87 21.43
N ILE A 92 6.34 -21.79 20.49
CA ILE A 92 7.61 -22.48 20.36
C ILE A 92 8.09 -22.31 18.93
N VAL A 93 9.36 -21.95 18.76
CA VAL A 93 9.95 -21.82 17.43
C VAL A 93 11.21 -22.68 17.40
N VAL A 94 11.26 -23.63 16.47
CA VAL A 94 12.49 -24.35 16.16
C VAL A 94 13.06 -23.78 14.87
N PHE A 95 14.24 -23.17 14.94
CA PHE A 95 14.97 -22.78 13.74
C PHE A 95 15.87 -23.95 13.34
N VAL A 96 15.84 -24.29 12.05
CA VAL A 96 16.67 -25.37 11.50
C VAL A 96 17.63 -24.74 10.50
N THR A 97 18.92 -24.77 10.83
CA THR A 97 19.92 -24.12 9.98
C THR A 97 20.92 -25.10 9.39
N VAL A 98 20.75 -26.42 9.63
CA VAL A 98 21.56 -27.39 8.88
C VAL A 98 21.07 -27.44 7.44
N ASP A 99 21.96 -27.88 6.55
CA ASP A 99 21.66 -28.00 5.13
C ASP A 99 20.61 -29.06 4.87
N LYS A 100 19.85 -28.87 3.77
CA LYS A 100 18.95 -29.90 3.26
C LYS A 100 19.60 -31.27 3.14
N SER A 101 20.92 -31.32 2.99
CA SER A 101 21.62 -32.61 2.94
C SER A 101 21.63 -33.30 4.30
N VAL A 102 21.55 -32.52 5.39
CA VAL A 102 21.52 -33.11 6.72
C VAL A 102 20.11 -33.53 7.10
N VAL A 103 19.11 -32.70 6.80
CA VAL A 103 17.72 -33.10 7.01
C VAL A 103 16.90 -32.48 5.89
N SER A 104 16.19 -33.33 5.17
CA SER A 104 15.51 -32.90 3.97
C SER A 104 14.27 -32.08 4.32
N THR A 105 13.79 -31.33 3.32
CA THR A 105 12.58 -30.55 3.48
C THR A 105 11.41 -31.44 3.86
N GLN A 106 11.23 -32.55 3.14
CA GLN A 106 10.08 -33.40 3.39
C GLN A 106 10.15 -34.00 4.78
N VAL A 107 11.32 -34.38 5.26
CA VAL A 107 11.43 -34.91 6.61
C VAL A 107 11.12 -33.83 7.64
N MET A 108 11.72 -32.64 7.49
CA MET A 108 11.50 -31.58 8.46
C MET A 108 10.05 -31.12 8.47
N LYS A 109 9.42 -31.10 7.29
CA LYS A 109 8.00 -30.82 7.20
C LYS A 109 7.17 -31.90 7.88
N SER A 110 7.56 -33.17 7.71
CA SER A 110 6.83 -34.23 8.38
C SER A 110 6.90 -34.08 9.89
N ILE A 111 8.08 -33.76 10.41
CA ILE A 111 8.23 -33.64 11.84
C ILE A 111 7.44 -32.43 12.35
N ALA A 112 7.54 -31.30 11.62
CA ALA A 112 6.82 -30.10 12.02
C ALA A 112 5.33 -30.38 12.13
N TRP A 113 4.76 -31.07 11.14
CA TRP A 113 3.31 -31.28 11.15
C TRP A 113 2.89 -32.36 12.14
N ALA A 114 3.75 -33.36 12.39
CA ALA A 114 3.47 -34.31 13.46
C ALA A 114 3.37 -33.60 14.81
N PHE A 115 4.01 -32.44 14.96
CA PHE A 115 3.89 -31.67 16.19
C PHE A 115 2.95 -30.49 16.05
N ARG A 116 2.04 -30.54 15.06
CA ARG A 116 0.99 -29.53 14.86
C ARG A 116 1.57 -28.13 14.62
N GLY A 117 2.69 -28.07 13.91
CA GLY A 117 3.33 -26.78 13.75
C GLY A 117 3.20 -26.21 12.36
N SER A 118 3.49 -24.91 12.25
CA SER A 118 3.77 -24.26 10.97
C SER A 118 5.14 -24.68 10.46
N PHE A 119 5.27 -24.70 9.14
CA PHE A 119 6.52 -25.11 8.51
C PHE A 119 6.93 -24.05 7.50
N VAL A 120 8.18 -23.59 7.60
CA VAL A 120 8.73 -22.62 6.66
C VAL A 120 10.08 -23.15 6.17
N GLU A 121 10.21 -23.33 4.87
CA GLU A 121 11.44 -23.80 4.23
C GLU A 121 12.01 -22.64 3.43
N LEU A 122 13.11 -22.05 3.92
CA LEU A 122 13.73 -20.95 3.20
C LEU A 122 15.24 -21.13 3.08
N ARG A 123 15.73 -22.36 3.23
CA ARG A 123 17.17 -22.60 3.24
C ARG A 123 17.87 -22.25 1.92
N ASN A 124 17.13 -22.13 0.81
CA ASN A 124 17.77 -21.68 -0.44
C ASN A 124 17.98 -20.17 -0.51
N GLN A 125 17.54 -19.40 0.49
CA GLN A 125 17.59 -17.95 0.41
C GLN A 125 18.94 -17.40 0.87
N SER A 126 19.39 -16.33 0.23
CA SER A 126 20.61 -15.69 0.67
C SER A 126 20.33 -14.86 1.92
N VAL A 127 21.41 -14.40 2.58
CA VAL A 127 21.25 -13.79 3.90
C VAL A 127 20.45 -12.49 3.83
N ASP A 128 20.46 -11.82 2.69
CA ASP A 128 19.75 -10.55 2.52
C ASP A 128 18.49 -10.69 1.68
N SER A 129 18.03 -11.92 1.45
CA SER A 129 16.74 -12.14 0.80
C SER A 129 15.66 -11.33 1.51
N SER A 130 14.93 -10.51 0.73
CA SER A 130 13.89 -9.71 1.33
C SER A 130 12.75 -10.58 1.82
N THR A 131 12.51 -11.72 1.17
CA THR A 131 11.48 -12.64 1.64
C THR A 131 11.87 -13.29 2.96
N LEU A 132 13.13 -13.75 3.07
CA LEU A 132 13.63 -14.32 4.32
C LEU A 132 13.52 -13.31 5.47
N VAL A 133 14.02 -12.10 5.28
CA VAL A 133 14.00 -11.12 6.36
C VAL A 133 12.54 -10.81 6.74
N SER A 134 11.66 -10.73 5.75
CA SER A 134 10.25 -10.45 5.98
C SER A 134 9.61 -11.54 6.84
N LYS A 135 9.84 -12.81 6.50
CA LYS A 135 9.21 -13.87 7.28
C LYS A 135 9.81 -13.95 8.68
N LEU A 136 11.11 -13.68 8.81
CA LEU A 136 11.70 -13.61 10.14
C LEU A 136 11.10 -12.47 10.96
N GLU A 137 10.95 -11.28 10.35
CA GLU A 137 10.42 -10.15 11.10
C GLU A 137 8.99 -10.40 11.52
N ASN A 138 8.26 -11.20 10.73
CA ASN A 138 6.89 -11.54 11.05
C ASN A 138 6.81 -12.38 12.32
N LEU A 139 7.84 -13.17 12.63
CA LEU A 139 7.87 -13.88 13.91
C LEU A 139 7.76 -12.90 15.07
N VAL A 140 8.59 -11.86 15.06
CA VAL A 140 8.61 -10.90 16.18
C VAL A 140 7.30 -10.12 16.23
N SER A 141 6.80 -9.65 15.08
CA SER A 141 5.62 -8.81 15.03
C SER A 141 4.37 -9.54 15.52
N PHE A 142 4.21 -10.81 15.16
CA PHE A 142 2.95 -11.49 15.40
C PHE A 142 2.95 -12.35 16.66
N ALA A 143 4.11 -12.69 17.20
CA ALA A 143 4.21 -13.57 18.35
C ALA A 143 3.29 -13.10 19.48
N PRO A 144 2.56 -14.00 20.14
CA PRO A 144 2.70 -15.47 20.04
C PRO A 144 2.02 -16.14 18.82
N LEU A 145 1.34 -15.36 17.99
CA LEU A 145 0.76 -15.91 16.79
C LEU A 145 1.79 -15.90 15.66
N TYR A 146 1.45 -16.54 14.55
CA TYR A 146 2.27 -16.46 13.34
C TYR A 146 1.35 -16.59 12.13
N ASN A 147 1.75 -15.98 11.02
CA ASN A 147 0.82 -15.88 9.90
C ASN A 147 1.00 -17.01 8.88
N VAL A 148 1.85 -17.98 9.17
CA VAL A 148 1.94 -19.21 8.39
C VAL A 148 1.05 -20.26 9.04
N PRO A 149 0.15 -20.88 8.29
CA PRO A 149 -0.75 -21.86 8.90
C PRO A 149 0.00 -23.06 9.48
N LYS A 150 -0.62 -23.68 10.47
CA LYS A 150 -0.14 -24.94 11.02
C LYS A 150 -0.59 -26.08 10.13
N CYS A 151 0.30 -27.06 9.91
CA CYS A 151 -0.06 -28.30 9.19
C CYS A 151 -0.55 -28.09 7.77
N GLY A 152 -0.02 -27.09 7.08
CA GLY A 152 -0.47 -26.83 5.73
C GLY A 152 0.11 -25.56 5.17
N PRO A 153 0.35 -25.54 3.86
CA PRO A 153 1.02 -24.39 3.24
C PRO A 153 0.13 -23.17 3.13
N ASP A 154 -1.14 -23.38 2.84
CA ASP A 154 -2.03 -22.31 2.42
C ASP A 154 -3.22 -22.19 3.35
N TYR A 155 -3.90 -21.05 3.22
CA TYR A 155 -5.07 -20.75 4.03
C TYR A 155 -5.90 -19.72 3.28
N TYR A 156 -7.22 -19.92 3.27
CA TYR A 156 -8.10 -19.03 2.51
C TYR A 156 -9.34 -18.65 3.30
N GLY A 157 -9.33 -18.79 4.63
CA GLY A 157 -10.46 -18.38 5.45
C GLY A 157 -10.43 -16.87 5.69
N PRO A 158 -11.25 -16.40 6.63
CA PRO A 158 -11.40 -14.94 6.81
C PRO A 158 -10.33 -14.28 7.66
N THR A 159 -9.47 -15.03 8.34
CA THR A 159 -8.41 -14.45 9.15
C THR A 159 -7.35 -13.79 8.25
N VAL A 160 -7.14 -12.50 8.41
CA VAL A 160 -6.16 -11.78 7.59
C VAL A 160 -5.17 -11.15 8.56
N TYR A 161 -3.97 -11.71 8.63
CA TYR A 161 -3.03 -11.29 9.65
C TYR A 161 -2.60 -9.84 9.48
N SER A 162 -2.55 -9.34 8.25
CA SER A 162 -2.15 -7.95 8.05
C SER A 162 -3.10 -6.99 8.74
N GLU A 163 -4.38 -7.37 8.86
CA GLU A 163 -5.35 -6.53 9.55
C GLU A 163 -5.03 -6.35 11.02
N LEU A 164 -4.24 -7.26 11.60
CA LEU A 164 -3.84 -7.11 13.00
C LEU A 164 -2.85 -5.98 13.18
N LEU A 165 -2.25 -5.48 12.11
CA LEU A 165 -1.28 -4.42 12.15
C LEU A 165 -1.83 -3.05 11.76
N SER A 166 -3.04 -2.97 11.20
CA SER A 166 -3.56 -1.72 10.66
C SER A 166 -4.44 -1.02 11.67
N LEU A 167 -4.13 0.27 11.94
CA LEU A 167 -5.03 1.10 12.71
C LEU A 167 -6.35 1.27 12.00
N ALA A 168 -6.32 1.35 10.67
CA ALA A 168 -7.56 1.50 9.90
C ALA A 168 -8.55 0.42 10.24
N THR A 169 -8.09 -0.84 10.30
CA THR A 169 -8.95 -1.97 10.61
C THR A 169 -9.04 -2.25 12.11
N ASN A 170 -8.60 -1.31 12.96
CA ASN A 170 -8.68 -1.42 14.42
C ASN A 170 -7.79 -2.52 14.99
N ALA A 171 -6.72 -2.90 14.28
CA ALA A 171 -5.78 -3.92 14.75
C ALA A 171 -6.50 -5.21 15.16
N ARG A 172 -7.58 -5.52 14.44
CA ARG A 172 -8.42 -6.68 14.69
C ARG A 172 -8.63 -7.46 13.40
N THR A 173 -8.95 -8.75 13.52
CA THR A 173 -9.29 -9.53 12.32
C THR A 173 -10.25 -10.66 12.70
N HIS A 174 -10.80 -11.30 11.67
CA HIS A 174 -11.77 -12.38 11.85
C HIS A 174 -11.10 -13.66 12.35
N TRP A 175 -11.89 -14.47 13.05
CA TRP A 175 -11.40 -15.68 13.74
C TRP A 175 -12.55 -16.67 13.87
N TYR A 176 -12.66 -17.61 12.94
CA TYR A 176 -13.72 -18.65 12.92
C TYR A 176 -13.03 -20.00 13.09
N ALA A 177 -12.67 -20.33 14.33
CA ALA A 177 -11.88 -21.52 14.60
C ALA A 177 -12.60 -22.78 14.12
N THR A 178 -13.91 -22.88 14.36
CA THR A 178 -14.60 -24.12 14.08
C THR A 178 -14.73 -24.35 12.58
N ILE A 179 -15.19 -23.32 11.88
CA ILE A 179 -15.31 -23.38 10.42
C ILE A 179 -13.96 -23.63 9.77
N ASP A 180 -12.90 -22.96 10.27
CA ASP A 180 -11.58 -23.13 9.64
C ASP A 180 -11.02 -24.52 9.89
N TYR A 181 -11.25 -25.06 11.09
CA TYR A 181 -10.75 -26.40 11.36
C TYR A 181 -11.54 -27.45 10.61
N SER A 182 -12.83 -27.20 10.35
CA SER A 182 -13.62 -28.13 9.54
C SER A 182 -13.13 -28.17 8.10
N MET A 183 -12.71 -27.02 7.56
CA MET A 183 -12.12 -26.99 6.22
C MET A 183 -10.76 -27.69 6.20
N PHE A 184 -9.94 -27.42 7.22
CA PHE A 184 -8.68 -28.15 7.36
C PHE A 184 -8.93 -29.66 7.39
N THR A 185 -9.96 -30.10 8.13
CA THR A 185 -10.26 -31.54 8.22
C THR A 185 -10.64 -32.11 6.86
N ARG A 186 -11.50 -31.42 6.09
CA ARG A 186 -11.82 -31.89 4.75
C ARG A 186 -10.57 -32.04 3.91
N SER A 187 -9.64 -31.10 4.08
CA SER A 187 -8.40 -31.09 3.34
C SER A 187 -7.52 -32.28 3.72
N VAL A 188 -7.38 -32.53 5.02
CA VAL A 188 -6.53 -33.63 5.45
C VAL A 188 -7.11 -34.98 5.00
N LEU A 189 -8.43 -35.15 5.09
CA LEU A 189 -9.04 -36.41 4.69
C LEU A 189 -8.78 -36.66 3.21
N THR A 190 -8.87 -35.61 2.40
CA THR A 190 -8.51 -35.70 0.99
C THR A 190 -7.05 -36.05 0.82
N GLY A 191 -6.18 -35.36 1.55
CA GLY A 191 -4.76 -35.65 1.47
C GLY A 191 -4.42 -37.07 1.89
N PHE A 192 -5.13 -37.59 2.89
CA PHE A 192 -4.92 -38.97 3.30
C PHE A 192 -5.31 -39.94 2.18
N VAL A 193 -6.43 -39.69 1.50
CA VAL A 193 -6.83 -40.58 0.42
C VAL A 193 -5.81 -40.53 -0.71
N ALA A 194 -5.32 -39.33 -1.03
CA ALA A 194 -4.28 -39.18 -2.04
C ALA A 194 -3.01 -39.94 -1.66
N LYS A 195 -2.64 -39.92 -0.37
CA LYS A 195 -1.49 -40.69 0.09
C LYS A 195 -1.77 -42.18 0.01
N TYR A 196 -3.00 -42.60 0.32
CA TYR A 196 -3.38 -43.99 0.15
C TYR A 196 -3.21 -44.44 -1.32
N PHE A 197 -3.80 -43.68 -2.25
CA PHE A 197 -3.68 -43.97 -3.68
C PHE A 197 -2.23 -44.13 -4.10
N ASN A 198 -1.36 -43.23 -3.61
CA ASN A 198 0.04 -43.24 -4.01
C ASN A 198 0.79 -44.44 -3.42
N GLU A 199 0.52 -44.75 -2.14
CA GLU A 199 1.13 -45.91 -1.49
C GLU A 199 0.66 -47.22 -2.10
N GLU A 200 -0.58 -47.28 -2.55
CA GLU A 200 -1.13 -48.51 -3.13
C GLU A 200 -0.87 -48.62 -4.62
N ALA A 201 -0.17 -47.64 -5.20
CA ALA A 201 0.16 -47.64 -6.63
C ALA A 201 -1.10 -47.73 -7.48
N VAL A 202 -2.13 -47.00 -7.11
CA VAL A 202 -3.37 -47.02 -7.90
C VAL A 202 -3.15 -46.25 -9.20
N PRO A 203 -3.59 -46.76 -10.35
CA PRO A 203 -3.48 -45.99 -11.60
C PRO A 203 -4.23 -44.67 -11.48
N ILE A 204 -3.70 -43.63 -12.14
CA ILE A 204 -4.13 -42.27 -11.86
C ILE A 204 -5.58 -42.03 -12.28
N ASP A 205 -6.01 -42.65 -13.38
CA ASP A 205 -7.41 -42.44 -13.76
C ASP A 205 -8.38 -43.15 -12.81
N LYS A 206 -7.88 -44.07 -11.99
CA LYS A 206 -8.68 -44.71 -10.95
C LYS A 206 -8.61 -43.98 -9.60
N ARG A 207 -7.96 -42.82 -9.54
CA ARG A 207 -7.87 -42.06 -8.29
C ARG A 207 -9.10 -41.19 -8.15
N ILE A 208 -10.19 -41.85 -7.76
CA ILE A 208 -11.51 -41.26 -7.61
C ILE A 208 -11.99 -41.61 -6.22
N VAL A 209 -12.48 -40.62 -5.48
CA VAL A 209 -12.97 -40.85 -4.14
C VAL A 209 -14.46 -40.52 -4.09
N SER A 210 -15.22 -41.36 -3.38
CA SER A 210 -16.65 -41.16 -3.21
C SER A 210 -16.87 -40.39 -1.90
N ILE A 211 -17.53 -39.25 -2.00
CA ILE A 211 -17.86 -38.41 -0.85
C ILE A 211 -19.30 -38.72 -0.48
N VAL A 212 -19.51 -39.30 0.69
CA VAL A 212 -20.87 -39.65 1.07
C VAL A 212 -21.54 -38.42 1.66
N GLY A 213 -22.61 -37.96 1.01
CA GLY A 213 -23.26 -36.72 1.41
C GLY A 213 -22.65 -35.53 0.70
N TYR A 214 -23.47 -34.67 0.11
CA TYR A 214 -22.93 -33.57 -0.68
C TYR A 214 -22.18 -32.62 0.23
N ASN A 215 -20.99 -32.21 -0.20
CA ASN A 215 -20.05 -31.48 0.65
C ASN A 215 -19.13 -30.67 -0.24
N PRO A 216 -19.49 -29.41 -0.51
CA PRO A 216 -18.94 -28.70 -1.69
C PRO A 216 -17.43 -28.56 -1.70
N PRO A 217 -16.77 -28.24 -0.56
CA PRO A 217 -15.32 -27.96 -0.64
C PRO A 217 -14.48 -29.11 -1.17
N TYR A 218 -14.99 -30.35 -1.19
CA TYR A 218 -14.15 -31.47 -1.63
C TYR A 218 -13.78 -31.39 -3.10
N VAL A 219 -14.54 -30.69 -3.94
CA VAL A 219 -14.11 -30.56 -5.33
C VAL A 219 -12.74 -29.91 -5.38
N TRP A 220 -12.59 -28.79 -4.66
CA TRP A 220 -11.31 -28.08 -4.62
C TRP A 220 -10.22 -28.94 -3.97
N THR A 221 -10.49 -29.50 -2.77
CA THR A 221 -9.44 -30.26 -2.09
C THR A 221 -8.99 -31.46 -2.92
N CYS A 222 -9.92 -32.10 -3.63
CA CYS A 222 -9.54 -33.26 -4.44
C CYS A 222 -8.61 -32.84 -5.58
N LEU A 223 -8.97 -31.75 -6.29
CA LEU A 223 -8.16 -31.35 -7.43
C LEU A 223 -6.84 -30.73 -6.99
N ARG A 224 -6.80 -30.13 -5.78
CA ARG A 224 -5.50 -29.73 -5.25
C ARG A 224 -4.60 -30.95 -5.01
N HIS A 225 -5.18 -32.13 -4.87
CA HIS A 225 -4.40 -33.35 -4.64
C HIS A 225 -4.33 -34.31 -5.81
N GLY A 226 -4.92 -33.99 -6.96
CA GLY A 226 -4.80 -34.87 -8.10
C GLY A 226 -5.73 -36.07 -8.08
N ILE A 227 -6.87 -35.95 -7.40
CA ILE A 227 -7.84 -37.02 -7.35
C ILE A 227 -9.18 -36.43 -7.77
N ARG A 228 -10.09 -37.30 -8.16
CA ARG A 228 -11.34 -36.73 -8.61
C ARG A 228 -12.48 -37.13 -7.68
N PRO A 229 -13.35 -36.19 -7.32
CA PRO A 229 -14.50 -36.51 -6.46
C PRO A 229 -15.73 -36.95 -7.23
N THR A 230 -16.51 -37.83 -6.57
CA THR A 230 -17.88 -38.09 -6.97
C THR A 230 -18.72 -38.16 -5.70
N TYR A 231 -19.87 -37.50 -5.70
CA TYR A 231 -20.75 -37.45 -4.53
C TYR A 231 -21.81 -38.55 -4.62
N ILE A 232 -22.17 -39.10 -3.47
CA ILE A 232 -23.16 -40.16 -3.38
C ILE A 232 -24.30 -39.66 -2.52
N GLU A 233 -25.49 -39.58 -3.10
CA GLU A 233 -26.65 -39.06 -2.40
C GLU A 233 -27.78 -40.09 -2.43
N LYS A 234 -28.43 -40.27 -1.29
CA LYS A 234 -29.58 -41.15 -1.23
C LYS A 234 -30.64 -40.69 -2.24
N SER A 235 -31.25 -39.54 -1.99
CA SER A 235 -32.25 -38.98 -2.89
C SER A 235 -31.73 -37.66 -3.45
N LEU A 236 -31.75 -37.53 -4.77
CA LEU A 236 -31.40 -36.29 -5.43
C LEU A 236 -32.68 -35.50 -5.66
N PRO A 237 -32.87 -34.35 -5.02
CA PRO A 237 -34.06 -33.54 -5.34
C PRO A 237 -33.99 -33.02 -6.76
N ASN A 238 -35.15 -32.81 -7.35
CA ASN A 238 -35.16 -32.19 -8.66
C ASN A 238 -34.86 -30.70 -8.52
N PRO A 239 -33.87 -30.18 -9.25
CA PRO A 239 -33.54 -28.75 -9.10
C PRO A 239 -34.68 -27.82 -9.43
N GLY A 240 -35.66 -28.25 -10.24
CA GLY A 240 -36.81 -27.46 -10.57
C GLY A 240 -36.82 -26.86 -11.96
N GLY A 241 -35.69 -26.86 -12.66
CA GLY A 241 -35.57 -26.25 -13.95
C GLY A 241 -35.95 -27.20 -15.07
N LYS A 242 -35.59 -26.79 -16.29
CA LYS A 242 -35.98 -27.51 -17.49
C LYS A 242 -34.98 -28.60 -17.84
N GLY A 243 -35.28 -29.36 -18.89
CA GLY A 243 -34.39 -30.37 -19.39
C GLY A 243 -34.54 -31.70 -18.68
N PRO A 244 -33.85 -32.73 -19.17
CA PRO A 244 -34.00 -34.08 -18.60
C PRO A 244 -33.61 -34.18 -17.14
N PHE A 245 -32.77 -33.28 -16.63
CA PHE A 245 -32.32 -33.33 -15.24
C PHE A 245 -32.68 -32.06 -14.47
N GLY A 246 -33.46 -31.17 -15.06
CA GLY A 246 -33.95 -30.01 -14.33
C GLY A 246 -32.92 -28.94 -14.07
N LEU A 247 -31.84 -28.90 -14.86
CA LEU A 247 -30.72 -28.00 -14.64
C LEU A 247 -30.75 -26.79 -15.55
N ILE A 248 -31.70 -26.70 -16.47
CA ILE A 248 -31.92 -25.49 -17.24
C ILE A 248 -32.72 -24.52 -16.36
N LEU A 249 -32.06 -23.48 -15.88
CA LEU A 249 -32.65 -22.48 -15.00
C LEU A 249 -33.32 -23.14 -13.80
N PRO A 250 -32.56 -23.75 -12.90
CA PRO A 250 -33.17 -24.35 -11.71
C PRO A 250 -33.66 -23.30 -10.74
N VAL A 251 -34.62 -23.69 -9.91
CA VAL A 251 -35.26 -22.75 -8.99
C VAL A 251 -34.22 -22.22 -8.00
N ILE A 252 -34.12 -20.90 -7.90
CA ILE A 252 -33.16 -20.26 -7.00
C ILE A 252 -33.88 -19.60 -5.82
N HIS A 266 -12.36 -17.93 0.00
CA HIS A 266 -11.84 -16.61 -0.37
C HIS A 266 -10.50 -16.68 -1.09
N ASN A 267 -10.35 -17.64 -2.00
CA ASN A 267 -9.24 -17.55 -2.93
C ASN A 267 -9.55 -16.45 -3.95
N PRO A 268 -8.58 -15.62 -4.31
CA PRO A 268 -8.89 -14.49 -5.20
C PRO A 268 -9.31 -14.97 -6.58
N GLN A 269 -8.95 -16.19 -6.95
CA GLN A 269 -9.25 -16.79 -8.24
C GLN A 269 -10.40 -17.80 -8.15
N ILE A 270 -11.26 -17.66 -7.12
CA ILE A 270 -12.23 -18.71 -6.83
C ILE A 270 -13.27 -18.84 -7.93
N LYS A 271 -13.57 -17.77 -8.67
CA LYS A 271 -14.53 -17.90 -9.77
C LYS A 271 -14.00 -18.86 -10.83
N LEU A 272 -12.72 -18.73 -11.17
CA LEU A 272 -12.13 -19.66 -12.12
C LEU A 272 -11.96 -21.04 -11.49
N LEU A 273 -11.60 -21.10 -10.21
CA LEU A 273 -11.41 -22.41 -9.58
C LEU A 273 -12.73 -23.16 -9.44
N CYS A 274 -13.82 -22.46 -9.13
CA CYS A 274 -15.11 -23.13 -8.96
C CYS A 274 -15.47 -23.94 -10.21
N LEU A 275 -15.42 -23.31 -11.37
CA LEU A 275 -15.76 -24.00 -12.60
C LEU A 275 -14.69 -25.03 -12.96
N ASP A 276 -13.43 -24.63 -12.86
CA ASP A 276 -12.37 -25.46 -13.45
C ASP A 276 -12.15 -26.73 -12.64
N THR A 277 -12.21 -26.65 -11.30
CA THR A 277 -12.08 -27.89 -10.54
C THR A 277 -13.26 -28.80 -10.78
N PHE A 278 -14.46 -28.24 -10.96
CA PHE A 278 -15.60 -29.08 -11.32
C PHE A 278 -15.37 -29.73 -12.67
N MET A 279 -15.01 -28.93 -13.68
CA MET A 279 -14.80 -29.44 -15.04
C MET A 279 -13.67 -30.45 -15.09
N LEU A 280 -12.61 -30.22 -14.30
CA LEU A 280 -11.50 -31.16 -14.22
C LEU A 280 -11.90 -32.47 -13.57
N SER A 281 -13.00 -32.51 -12.82
CA SER A 281 -13.44 -33.78 -12.25
C SER A 281 -14.17 -34.64 -13.26
N THR A 282 -14.54 -34.11 -14.43
CA THR A 282 -15.32 -34.86 -15.39
C THR A 282 -14.48 -35.62 -16.42
N SER A 283 -13.20 -35.26 -16.60
CA SER A 283 -12.38 -35.93 -17.60
C SER A 283 -10.90 -35.70 -17.29
N MET A 284 -10.09 -36.73 -17.56
CA MET A 284 -8.64 -36.58 -17.45
C MET A 284 -8.07 -35.79 -18.61
N ASN A 285 -8.87 -35.47 -19.62
CA ASN A 285 -8.42 -34.77 -20.81
C ASN A 285 -9.29 -33.53 -21.00
N ILE A 286 -8.66 -32.40 -21.27
CA ILE A 286 -9.35 -31.12 -21.26
C ILE A 286 -8.95 -30.34 -22.51
N LEU A 287 -9.97 -29.87 -23.24
CA LEU A 287 -9.81 -28.80 -24.19
C LEU A 287 -10.13 -27.49 -23.49
N TYR A 288 -9.14 -26.63 -23.36
CA TYR A 288 -9.28 -25.37 -22.63
C TYR A 288 -9.19 -24.23 -23.65
N ILE A 289 -10.32 -23.58 -23.91
CA ILE A 289 -10.41 -22.53 -24.91
C ILE A 289 -10.40 -21.17 -24.21
N GLY A 290 -9.37 -20.37 -24.51
CA GLY A 290 -9.19 -19.06 -23.91
C GLY A 290 -8.44 -19.14 -22.60
N ALA A 291 -7.38 -19.95 -22.57
CA ALA A 291 -6.80 -20.41 -21.31
C ALA A 291 -5.89 -19.38 -20.65
N TYR A 292 -5.21 -18.53 -21.43
CA TYR A 292 -4.27 -17.59 -20.82
C TYR A 292 -4.98 -16.66 -19.86
N PRO A 293 -4.42 -16.41 -18.67
CA PRO A 293 -3.18 -17.03 -18.18
C PRO A 293 -3.40 -18.35 -17.42
N ALA A 294 -4.62 -18.56 -16.89
CA ALA A 294 -4.94 -19.75 -16.09
C ALA A 294 -4.03 -19.88 -14.87
N THR A 295 -3.74 -18.76 -14.21
CA THR A 295 -2.81 -18.77 -13.09
C THR A 295 -3.29 -19.65 -11.93
N HIS A 296 -4.60 -19.66 -11.70
CA HIS A 296 -5.17 -20.46 -10.62
C HIS A 296 -4.88 -21.96 -10.78
N LEU A 297 -4.57 -22.42 -11.99
CA LEU A 297 -4.28 -23.83 -12.15
C LEU A 297 -2.93 -24.21 -11.56
N LEU A 298 -2.04 -23.23 -11.37
CA LEU A 298 -0.70 -23.51 -10.87
C LEU A 298 -0.70 -24.11 -9.47
N SER A 299 -1.76 -23.92 -8.70
CA SER A 299 -1.84 -24.46 -7.35
C SER A 299 -2.33 -25.90 -7.30
N LEU A 300 -2.77 -26.47 -8.42
CA LEU A 300 -3.33 -27.80 -8.43
C LEU A 300 -2.27 -28.83 -8.81
N GLN A 301 -2.50 -30.07 -8.40
CA GLN A 301 -1.66 -31.18 -8.82
C GLN A 301 -2.44 -31.98 -9.87
N LEU A 302 -1.94 -32.01 -11.09
CA LEU A 302 -2.70 -32.56 -12.21
C LEU A 302 -1.92 -33.65 -12.94
N ASN A 303 -1.07 -34.38 -12.22
CA ASN A 303 -0.42 -35.54 -12.82
C ASN A 303 -1.49 -36.50 -13.35
N GLY A 304 -1.32 -36.94 -14.60
CA GLY A 304 -2.33 -37.75 -15.24
C GLY A 304 -3.28 -36.98 -16.11
N TRP A 305 -3.29 -35.65 -16.04
CA TRP A 305 -4.16 -34.86 -16.90
C TRP A 305 -3.41 -34.45 -18.16
N THR A 306 -4.16 -34.27 -19.25
CA THR A 306 -3.67 -33.69 -20.48
C THR A 306 -4.54 -32.47 -20.78
N ILE A 307 -3.90 -31.33 -20.99
CA ILE A 307 -4.62 -30.09 -21.28
C ILE A 307 -4.20 -29.61 -22.65
N LEU A 308 -5.16 -29.56 -23.57
CA LEU A 308 -5.01 -28.89 -24.85
C LEU A 308 -5.59 -27.49 -24.71
N ALA A 309 -4.73 -26.47 -24.81
CA ALA A 309 -5.08 -25.11 -24.42
C ALA A 309 -4.88 -24.17 -25.60
N PHE A 310 -5.95 -23.45 -25.97
CA PHE A 310 -5.93 -22.51 -27.08
C PHE A 310 -5.98 -21.09 -26.51
N ASP A 311 -5.01 -20.26 -26.92
CA ASP A 311 -4.96 -18.81 -26.67
C ASP A 311 -3.82 -18.19 -27.46
N PRO A 312 -4.05 -17.09 -28.18
CA PRO A 312 -2.93 -16.44 -28.89
C PRO A 312 -1.86 -15.90 -27.94
N LYS A 313 -2.24 -15.42 -26.76
CA LYS A 313 -1.27 -14.93 -25.78
C LYS A 313 -0.37 -16.01 -25.22
N ILE A 314 -0.64 -17.29 -25.53
CA ILE A 314 0.16 -18.36 -24.97
C ILE A 314 1.55 -18.34 -25.58
N THR A 315 2.55 -18.67 -24.78
CA THR A 315 3.94 -18.72 -25.21
C THR A 315 4.53 -20.07 -24.81
N SER A 316 5.80 -20.29 -25.16
CA SER A 316 6.46 -21.53 -24.76
C SER A 316 6.74 -21.54 -23.25
N ASP A 317 7.04 -20.37 -22.68
CA ASP A 317 7.31 -20.30 -21.25
C ASP A 317 6.07 -20.64 -20.43
N TRP A 318 4.92 -20.09 -20.82
CA TRP A 318 3.68 -20.39 -20.11
C TRP A 318 3.36 -21.88 -20.15
N THR A 319 3.68 -22.53 -21.27
CA THR A 319 3.45 -23.96 -21.38
C THR A 319 4.33 -24.74 -20.40
N ASP A 320 5.63 -24.46 -20.38
CA ASP A 320 6.51 -25.21 -19.51
C ASP A 320 6.24 -24.90 -18.04
N ALA A 321 5.94 -23.64 -17.72
CA ALA A 321 5.60 -23.30 -16.35
C ALA A 321 4.34 -24.02 -15.88
N MET A 322 3.38 -24.22 -16.78
CA MET A 322 2.12 -24.83 -16.38
C MET A 322 2.30 -26.32 -16.10
N ALA A 323 3.06 -27.02 -16.96
CA ALA A 323 3.32 -28.43 -16.73
C ALA A 323 4.24 -28.66 -15.53
N LYS A 324 5.17 -27.74 -15.28
CA LYS A 324 6.07 -27.92 -14.15
C LYS A 324 5.32 -27.79 -12.81
N ALA A 325 4.44 -26.81 -12.69
CA ALA A 325 3.75 -26.62 -11.41
C ALA A 325 2.71 -27.70 -11.17
N THR A 326 1.96 -28.09 -12.20
CA THR A 326 0.83 -29.00 -11.99
C THR A 326 1.17 -30.46 -12.22
N GLY A 327 2.25 -30.76 -12.94
CA GLY A 327 2.54 -32.11 -13.34
C GLY A 327 1.72 -32.61 -14.52
N ALA A 328 0.82 -31.80 -15.06
CA ALA A 328 0.02 -32.27 -16.19
C ALA A 328 0.81 -32.14 -17.50
N LYS A 329 0.36 -32.88 -18.51
CA LYS A 329 0.88 -32.74 -19.86
C LYS A 329 0.12 -31.61 -20.56
N VAL A 330 0.83 -30.57 -20.97
CA VAL A 330 0.20 -29.35 -21.49
C VAL A 330 0.62 -29.16 -22.94
N ILE A 331 -0.37 -29.11 -23.83
CA ILE A 331 -0.18 -28.76 -25.24
C ILE A 331 -0.71 -27.34 -25.42
N GLY A 332 0.21 -26.37 -25.55
CA GLY A 332 -0.15 -24.98 -25.63
C GLY A 332 -0.09 -24.44 -27.05
N VAL A 333 -1.23 -23.92 -27.52
CA VAL A 333 -1.40 -23.53 -28.91
C VAL A 333 -1.64 -22.03 -28.96
N SER A 334 -0.80 -21.33 -29.74
CA SER A 334 -0.82 -19.87 -29.82
C SER A 334 -1.71 -19.39 -30.98
N LYS A 335 -2.98 -19.80 -30.94
CA LYS A 335 -3.92 -19.47 -31.99
C LYS A 335 -5.30 -19.19 -31.39
N GLU A 336 -6.14 -18.55 -32.19
CA GLU A 336 -7.58 -18.61 -31.94
C GLU A 336 -8.07 -20.04 -32.21
N PHE A 337 -9.08 -20.47 -31.48
CA PHE A 337 -9.70 -21.76 -31.77
C PHE A 337 -10.53 -21.63 -33.04
N ASP A 338 -10.48 -22.67 -33.87
CA ASP A 338 -11.15 -22.70 -35.18
C ASP A 338 -12.55 -23.27 -34.99
N PHE A 339 -13.52 -22.39 -34.73
CA PHE A 339 -14.91 -22.80 -34.57
C PHE A 339 -15.63 -23.09 -35.90
N LYS A 340 -14.99 -22.83 -37.04
CA LYS A 340 -15.63 -23.06 -38.32
C LYS A 340 -15.20 -24.37 -38.98
N SER A 341 -14.22 -25.08 -38.41
CA SER A 341 -13.76 -26.36 -38.96
C SER A 341 -14.46 -27.48 -38.22
N PHE A 342 -15.45 -28.09 -38.87
CA PHE A 342 -16.19 -29.17 -38.23
C PHE A 342 -15.54 -30.52 -38.53
N SER A 343 -14.27 -30.64 -38.11
CA SER A 343 -13.54 -31.88 -38.24
C SER A 343 -12.88 -32.27 -36.92
N VAL A 344 -12.87 -33.58 -36.65
CA VAL A 344 -12.15 -34.12 -35.52
C VAL A 344 -10.63 -34.06 -35.75
N GLN A 345 -10.19 -33.91 -37.00
CA GLN A 345 -8.77 -33.74 -37.25
C GLN A 345 -8.32 -32.29 -37.16
N ALA A 346 -9.25 -31.36 -37.02
CA ALA A 346 -8.90 -29.95 -36.90
C ALA A 346 -8.68 -29.58 -35.43
N ASN A 347 -8.07 -28.41 -35.21
CA ASN A 347 -7.79 -27.88 -33.88
C ASN A 347 -6.96 -28.86 -33.05
N GLN A 348 -6.18 -29.71 -33.71
CA GLN A 348 -5.31 -30.72 -33.11
C GLN A 348 -6.07 -31.78 -32.31
N LEU A 349 -7.40 -31.81 -32.40
CA LEU A 349 -8.21 -32.71 -31.57
C LEU A 349 -7.81 -34.18 -31.72
N ASN A 350 -6.91 -34.43 -32.68
CA ASN A 350 -6.44 -35.77 -32.99
C ASN A 350 -5.98 -36.52 -31.75
N MET A 351 -5.32 -35.82 -30.83
CA MET A 351 -4.69 -36.48 -29.68
C MET A 351 -5.70 -37.21 -28.81
N PHE A 352 -6.98 -36.81 -28.85
CA PHE A 352 -8.00 -37.38 -28.00
C PHE A 352 -8.82 -38.49 -28.68
N GLN A 353 -8.28 -39.13 -29.71
CA GLN A 353 -9.00 -40.23 -30.36
C GLN A 353 -9.13 -41.39 -29.38
N ASN A 354 -10.34 -41.94 -29.27
CA ASN A 354 -10.62 -43.09 -28.41
C ASN A 354 -10.33 -42.80 -26.94
N SER A 355 -10.57 -41.55 -26.51
CA SER A 355 -10.38 -41.13 -25.14
C SER A 355 -11.61 -40.35 -24.68
N LYS A 356 -11.68 -40.08 -23.38
CA LYS A 356 -12.65 -39.12 -22.85
C LYS A 356 -12.14 -37.70 -23.05
N LEU A 357 -13.07 -36.75 -23.05
CA LEU A 357 -12.74 -35.33 -23.25
C LEU A 357 -13.79 -34.43 -22.64
N SER A 358 -13.35 -33.37 -21.96
CA SER A 358 -14.23 -32.28 -21.57
C SER A 358 -13.66 -30.96 -22.08
N VAL A 359 -14.52 -29.97 -22.19
CA VAL A 359 -14.17 -28.73 -22.88
C VAL A 359 -14.54 -27.54 -22.00
N ILE A 360 -13.53 -26.78 -21.60
CA ILE A 360 -13.71 -25.53 -20.87
C ILE A 360 -13.50 -24.40 -21.87
N ASP A 361 -14.58 -23.75 -22.27
CA ASP A 361 -14.51 -22.63 -23.20
C ASP A 361 -14.68 -21.34 -22.41
N ASP A 362 -13.61 -20.55 -22.30
CA ASP A 362 -13.66 -19.28 -21.58
C ASP A 362 -13.74 -18.07 -22.50
N THR A 363 -13.90 -18.29 -23.81
CA THR A 363 -13.77 -17.20 -24.78
C THR A 363 -14.97 -16.26 -24.73
N TRP A 364 -14.72 -15.03 -25.18
CA TRP A 364 -15.75 -14.01 -25.32
C TRP A 364 -15.21 -12.89 -26.21
N VAL A 365 -16.13 -12.04 -26.69
CA VAL A 365 -15.79 -10.86 -27.47
C VAL A 365 -16.73 -9.73 -27.09
N GLU A 366 -16.24 -8.51 -27.19
CA GLU A 366 -17.00 -7.34 -26.77
C GLU A 366 -17.94 -6.81 -27.86
N THR A 367 -17.73 -7.21 -29.11
CA THR A 367 -18.53 -6.77 -30.24
C THR A 367 -19.03 -7.98 -31.02
N ASP A 368 -20.29 -7.92 -31.44
CA ASP A 368 -20.95 -9.05 -32.11
C ASP A 368 -20.87 -10.31 -31.24
N TYR A 369 -20.99 -10.11 -29.92
CA TYR A 369 -20.92 -11.24 -29.00
C TYR A 369 -22.04 -12.24 -29.26
N GLU A 370 -23.22 -11.76 -29.63
CA GLU A 370 -24.34 -12.67 -29.91
C GLU A 370 -24.03 -13.60 -31.07
N LYS A 371 -23.42 -13.06 -32.14
CA LYS A 371 -23.03 -13.89 -33.27
C LYS A 371 -21.95 -14.89 -32.89
N PHE A 372 -20.91 -14.42 -32.21
CA PHE A 372 -19.82 -15.28 -31.76
C PHE A 372 -20.34 -16.49 -30.98
N GLN A 373 -21.30 -16.26 -30.08
CA GLN A 373 -21.87 -17.36 -29.30
C GLN A 373 -22.68 -18.32 -30.17
N SER A 374 -23.40 -17.80 -31.18
CA SER A 374 -24.18 -18.66 -32.06
C SER A 374 -23.29 -19.67 -32.78
N GLU A 375 -22.14 -19.21 -33.31
CA GLU A 375 -21.21 -20.09 -34.01
C GLU A 375 -20.57 -21.10 -33.07
N LYS A 376 -20.15 -20.65 -31.88
CA LYS A 376 -19.65 -21.59 -30.87
C LYS A 376 -20.71 -22.62 -30.52
N GLN A 377 -21.96 -22.18 -30.34
CA GLN A 377 -23.06 -23.09 -30.01
C GLN A 377 -23.20 -24.18 -31.06
N ALA A 378 -23.27 -23.78 -32.34
CA ALA A 378 -23.35 -24.77 -33.41
C ALA A 378 -22.19 -25.76 -33.35
N TYR A 379 -20.99 -25.24 -33.10
CA TYR A 379 -19.81 -26.10 -33.00
C TYR A 379 -19.95 -27.10 -31.86
N PHE A 380 -20.36 -26.63 -30.68
CA PHE A 380 -20.42 -27.53 -29.53
C PHE A 380 -21.57 -28.53 -29.70
N GLU A 381 -22.68 -28.12 -30.30
CA GLU A 381 -23.74 -29.07 -30.60
C GLU A 381 -23.24 -30.17 -31.53
N TRP A 382 -22.27 -29.86 -32.39
CA TRP A 382 -21.61 -30.88 -33.19
C TRP A 382 -20.62 -31.69 -32.35
N LEU A 383 -19.78 -31.01 -31.58
CA LEU A 383 -18.67 -31.68 -30.91
C LEU A 383 -19.14 -32.73 -29.91
N ILE A 384 -20.25 -32.45 -29.22
CA ILE A 384 -20.71 -33.34 -28.17
C ILE A 384 -21.19 -34.68 -28.71
N ASP A 385 -21.42 -34.77 -30.03
CA ASP A 385 -21.92 -35.97 -30.69
C ASP A 385 -20.85 -36.76 -31.44
N ARG A 386 -19.56 -36.47 -31.23
CA ARG A 386 -18.52 -37.22 -31.91
C ARG A 386 -18.51 -38.68 -31.44
N THR A 387 -18.24 -39.60 -32.37
CA THR A 387 -18.14 -41.01 -32.02
C THR A 387 -16.70 -41.47 -31.79
N SER A 388 -15.72 -40.81 -32.42
CA SER A 388 -14.31 -41.11 -32.21
C SER A 388 -13.72 -40.47 -30.95
N ILE A 389 -14.46 -39.59 -30.27
CA ILE A 389 -14.07 -39.00 -28.99
C ILE A 389 -15.28 -39.04 -28.07
N ASP A 390 -15.09 -39.53 -26.84
CA ASP A 390 -16.17 -39.59 -25.86
C ASP A 390 -16.17 -38.25 -25.10
N VAL A 391 -16.92 -37.29 -25.64
CA VAL A 391 -16.99 -35.94 -25.10
C VAL A 391 -17.96 -35.95 -23.93
N ARG A 392 -17.45 -35.64 -22.74
CA ARG A 392 -18.23 -35.74 -21.51
C ARG A 392 -18.99 -34.44 -21.23
N LEU A 393 -18.29 -33.32 -21.17
CA LEU A 393 -18.93 -32.08 -20.77
C LEU A 393 -18.30 -30.91 -21.50
N ILE A 394 -19.12 -29.94 -21.90
CA ILE A 394 -18.66 -28.70 -22.49
C ILE A 394 -19.30 -27.54 -21.73
N SER A 395 -18.49 -26.57 -21.34
CA SER A 395 -18.99 -25.37 -20.69
C SER A 395 -18.69 -24.16 -21.56
N MET A 396 -19.65 -23.26 -21.65
CA MET A 396 -19.56 -22.07 -22.48
C MET A 396 -20.27 -20.93 -21.76
N LYS A 397 -19.72 -19.73 -21.89
CA LYS A 397 -20.40 -18.56 -21.34
C LYS A 397 -21.65 -18.25 -22.18
N TRP A 398 -22.74 -17.88 -21.50
CA TRP A 398 -24.02 -17.64 -22.17
C TRP A 398 -24.54 -16.26 -21.81
N ASN A 399 -24.78 -15.45 -22.84
CA ASN A 399 -25.43 -14.15 -22.67
C ASN A 399 -26.14 -13.85 -24.00
N ARG A 400 -27.44 -14.13 -24.05
CA ARG A 400 -28.20 -14.07 -25.29
C ARG A 400 -29.41 -13.17 -25.12
N SER A 401 -29.52 -12.18 -26.01
CA SER A 401 -30.64 -11.24 -25.99
C SER A 401 -31.85 -11.73 -26.80
N LYS A 402 -31.72 -12.83 -27.52
CA LYS A 402 -32.78 -13.33 -28.38
C LYS A 402 -33.18 -14.75 -27.97
N ASP A 403 -34.34 -15.16 -28.46
CA ASP A 403 -34.78 -16.53 -28.25
C ASP A 403 -33.94 -17.46 -29.12
N THR A 404 -33.54 -18.60 -28.56
CA THR A 404 -32.64 -19.48 -29.29
C THR A 404 -32.85 -20.92 -28.86
N SER A 405 -33.04 -21.79 -29.86
CA SER A 405 -33.13 -23.22 -29.62
C SER A 405 -31.74 -23.81 -29.50
N VAL A 406 -31.60 -24.81 -28.63
CA VAL A 406 -30.33 -25.46 -28.34
C VAL A 406 -30.56 -26.96 -28.32
N SER A 407 -29.57 -27.72 -28.78
CA SER A 407 -29.59 -29.16 -28.70
C SER A 407 -28.48 -29.63 -27.75
N HIS A 408 -28.73 -30.76 -27.09
CA HIS A 408 -27.76 -31.35 -26.17
C HIS A 408 -27.43 -30.39 -25.02
N LEU A 409 -28.37 -29.54 -24.64
CA LEU A 409 -28.19 -28.66 -23.49
C LEU A 409 -28.56 -29.41 -22.21
N LEU A 410 -27.58 -29.62 -21.33
CA LEU A 410 -27.85 -30.28 -20.07
C LEU A 410 -28.17 -29.29 -18.94
N ALA A 411 -27.49 -28.15 -18.91
CA ALA A 411 -27.66 -27.18 -17.83
C ALA A 411 -27.43 -25.78 -18.37
N LEU A 412 -28.14 -24.82 -17.77
CA LEU A 412 -27.96 -23.40 -18.01
C LEU A 412 -27.97 -22.75 -16.63
N LEU A 413 -26.79 -22.41 -16.12
CA LEU A 413 -26.67 -22.09 -14.71
C LEU A 413 -26.13 -20.69 -14.52
N PRO A 414 -26.42 -20.05 -13.40
CA PRO A 414 -25.70 -18.85 -13.02
C PRO A 414 -24.31 -19.21 -12.52
N GLN A 415 -23.42 -18.23 -12.54
CA GLN A 415 -22.05 -18.44 -12.04
C GLN A 415 -22.03 -18.18 -10.54
N PRO A 416 -21.65 -19.17 -9.72
CA PRO A 416 -21.85 -19.03 -8.27
C PRO A 416 -21.11 -17.86 -7.64
N TYR A 417 -19.91 -17.52 -8.12
CA TYR A 417 -19.22 -16.31 -7.65
C TYR A 417 -19.24 -15.21 -8.70
N GLY A 418 -20.24 -15.22 -9.60
CA GLY A 418 -20.32 -14.20 -10.63
C GLY A 418 -20.71 -12.82 -10.12
N ALA A 419 -21.18 -12.73 -8.88
CA ALA A 419 -21.64 -11.48 -8.26
C ALA A 419 -22.76 -10.91 -9.13
N SER A 420 -22.63 -9.72 -9.70
CA SER A 420 -23.70 -9.10 -10.47
C SER A 420 -23.48 -9.20 -11.97
N ILE A 421 -22.55 -10.05 -12.42
CA ILE A 421 -22.38 -10.27 -13.85
C ILE A 421 -23.70 -10.80 -14.42
N ARG A 422 -23.95 -10.45 -15.68
CA ARG A 422 -25.18 -10.88 -16.36
C ARG A 422 -24.99 -12.20 -17.12
N GLU A 423 -23.85 -12.85 -16.96
CA GLU A 423 -23.49 -14.03 -17.73
C GLU A 423 -23.92 -15.30 -17.03
N MET A 424 -24.50 -16.22 -17.79
CA MET A 424 -24.77 -17.59 -17.35
C MET A 424 -23.73 -18.54 -17.92
N ARG A 425 -23.81 -19.80 -17.49
CA ARG A 425 -23.00 -20.87 -18.07
C ARG A 425 -23.92 -21.95 -18.62
N ALA A 426 -23.69 -22.30 -19.89
CA ALA A 426 -24.39 -23.41 -20.53
C ALA A 426 -23.46 -24.63 -20.53
N PHE A 427 -24.05 -25.82 -20.36
CA PHE A 427 -23.29 -27.06 -20.31
C PHE A 427 -23.92 -28.05 -21.28
N PHE A 428 -23.12 -28.51 -22.25
CA PHE A 428 -23.54 -29.48 -23.24
C PHE A 428 -23.19 -30.89 -22.77
N HIS A 429 -24.06 -31.85 -23.13
CA HIS A 429 -23.91 -33.22 -22.67
C HIS A 429 -24.72 -34.14 -23.58
N LYS A 430 -24.19 -35.35 -23.85
CA LYS A 430 -24.88 -36.33 -24.69
C LYS A 430 -26.30 -36.60 -24.17
N LYS A 431 -26.47 -36.65 -22.85
CA LYS A 431 -27.75 -36.93 -22.20
C LYS A 431 -28.55 -35.67 -21.90
N GLY A 432 -28.28 -34.57 -22.59
CA GLY A 432 -29.04 -33.36 -22.38
C GLY A 432 -30.43 -33.45 -22.99
N ALA A 433 -31.11 -32.31 -23.02
CA ALA A 433 -32.32 -32.20 -23.82
C ALA A 433 -31.95 -32.25 -25.30
N SER A 434 -32.74 -33.01 -26.08
CA SER A 434 -32.46 -33.10 -27.51
C SER A 434 -32.66 -31.75 -28.19
N ASP A 435 -33.66 -31.00 -27.75
CA ASP A 435 -33.90 -29.66 -28.28
C ASP A 435 -34.68 -28.92 -27.21
N ILE A 436 -34.37 -27.63 -27.04
CA ILE A 436 -35.12 -26.79 -26.13
C ILE A 436 -34.97 -25.35 -26.59
N LYS A 437 -36.00 -24.54 -26.35
CA LYS A 437 -36.01 -23.13 -26.71
C LYS A 437 -35.71 -22.31 -25.47
N ILE A 438 -34.62 -21.56 -25.51
CA ILE A 438 -34.24 -20.67 -24.42
C ILE A 438 -34.80 -19.28 -24.74
N LEU A 439 -35.79 -18.85 -23.96
CA LEU A 439 -36.39 -17.54 -24.14
C LEU A 439 -35.53 -16.48 -23.44
N ALA A 440 -35.11 -15.47 -24.20
CA ALA A 440 -34.22 -14.45 -23.64
C ALA A 440 -34.87 -13.69 -22.49
N ALA A 441 -36.19 -13.54 -22.52
CA ALA A 441 -36.85 -12.77 -21.47
C ALA A 441 -36.84 -13.53 -20.15
N GLU A 442 -36.98 -14.86 -20.22
CA GLU A 442 -36.93 -15.68 -19.02
C GLU A 442 -35.51 -15.72 -18.43
N THR A 443 -34.49 -15.79 -19.29
CA THR A 443 -33.13 -15.74 -18.77
C THR A 443 -32.85 -14.39 -18.14
N GLU A 444 -33.31 -13.31 -18.76
CA GLU A 444 -33.09 -11.98 -18.21
C GLU A 444 -33.77 -11.82 -16.85
N LYS A 445 -35.01 -12.31 -16.73
CA LYS A 445 -35.68 -12.29 -15.43
C LYS A 445 -34.96 -13.18 -14.42
N TYR A 446 -34.41 -14.32 -14.89
CA TYR A 446 -33.63 -15.19 -14.03
C TYR A 446 -32.38 -14.48 -13.52
N MET A 447 -31.69 -13.76 -14.41
CA MET A 447 -30.50 -13.03 -14.01
C MET A 447 -30.84 -11.83 -13.13
N ASP A 448 -31.99 -11.18 -13.38
CA ASP A 448 -32.52 -10.20 -12.43
C ASP A 448 -32.54 -10.77 -11.02
N ASP A 449 -33.20 -11.93 -10.86
CA ASP A 449 -33.33 -12.54 -9.54
C ASP A 449 -31.98 -12.95 -8.98
N PHE A 450 -31.14 -13.61 -9.81
CA PHE A 450 -29.88 -14.12 -9.30
C PHE A 450 -28.97 -13.00 -8.81
N THR A 451 -28.80 -11.96 -9.63
CA THR A 451 -27.93 -10.84 -9.26
C THR A 451 -28.46 -10.06 -8.08
N ALA A 452 -29.75 -10.18 -7.78
CA ALA A 452 -30.38 -9.53 -6.63
C ALA A 452 -30.25 -10.34 -5.35
N MET A 453 -29.71 -11.56 -5.41
CA MET A 453 -29.57 -12.38 -4.22
C MET A 453 -28.29 -12.04 -3.46
N SER A 454 -28.30 -12.34 -2.15
CA SER A 454 -27.10 -12.21 -1.35
C SER A 454 -25.96 -13.05 -1.92
N VAL A 455 -24.75 -12.68 -1.53
CA VAL A 455 -23.55 -13.33 -2.04
C VAL A 455 -23.54 -14.81 -1.68
N SER A 456 -23.97 -15.15 -0.46
CA SER A 456 -24.01 -16.54 -0.03
C SER A 456 -24.93 -17.37 -0.93
N ASP A 457 -26.22 -16.99 -0.97
CA ASP A 457 -27.18 -17.70 -1.81
C ASP A 457 -26.68 -17.84 -3.24
N GLN A 458 -26.00 -16.81 -3.75
CA GLN A 458 -25.35 -16.92 -5.05
C GLN A 458 -24.34 -18.07 -5.05
N ILE A 459 -23.48 -18.12 -4.03
CA ILE A 459 -22.40 -19.10 -4.00
C ILE A 459 -22.96 -20.51 -3.88
N ASN A 460 -23.96 -20.70 -3.04
CA ASN A 460 -24.57 -21.99 -2.78
C ASN A 460 -25.26 -22.58 -4.01
N THR A 461 -25.33 -21.83 -5.11
CA THR A 461 -25.85 -22.43 -6.33
C THR A 461 -24.83 -23.30 -7.04
N GLN A 462 -23.57 -23.32 -6.58
CA GLN A 462 -22.62 -24.30 -7.10
C GLN A 462 -23.14 -25.72 -6.92
N LYS A 463 -24.11 -25.93 -6.03
CA LYS A 463 -24.76 -27.23 -5.90
C LYS A 463 -25.40 -27.69 -7.20
N PHE A 464 -25.78 -26.74 -8.07
CA PHE A 464 -26.37 -27.11 -9.36
C PHE A 464 -25.33 -27.71 -10.30
N MET A 465 -24.10 -27.19 -10.27
CA MET A 465 -23.06 -27.80 -11.11
C MET A 465 -22.63 -29.13 -10.51
N HIS A 466 -22.57 -29.21 -9.18
CA HIS A 466 -22.09 -30.44 -8.56
C HIS A 466 -23.09 -31.59 -8.68
N CYS A 467 -24.37 -31.26 -8.98
CA CYS A 467 -25.35 -32.29 -9.31
C CYS A 467 -24.82 -33.25 -10.37
N MET A 468 -24.04 -32.73 -11.32
CA MET A 468 -23.57 -33.52 -12.43
C MET A 468 -22.44 -34.47 -12.06
N ILE A 469 -21.80 -34.31 -10.90
CA ILE A 469 -20.88 -35.34 -10.44
C ILE A 469 -21.42 -35.97 -9.15
N THR A 470 -22.74 -36.12 -9.08
CA THR A 470 -23.38 -36.80 -7.97
C THR A 470 -24.09 -38.05 -8.49
N THR A 471 -23.91 -39.14 -7.77
CA THR A 471 -24.57 -40.40 -8.05
C THR A 471 -25.64 -40.63 -6.99
N VAL A 472 -26.74 -41.21 -7.42
CA VAL A 472 -27.80 -41.60 -6.51
C VAL A 472 -27.58 -43.04 -6.12
N GLY A 473 -27.81 -43.33 -4.85
CA GLY A 473 -27.63 -44.68 -4.36
C GLY A 473 -27.52 -44.70 -2.85
N ASP A 474 -27.68 -45.89 -2.29
CA ASP A 474 -27.50 -46.10 -0.87
C ASP A 474 -26.03 -46.45 -0.62
N ALA A 475 -25.33 -45.57 0.10
CA ALA A 475 -23.91 -45.79 0.34
C ALA A 475 -23.66 -47.13 1.03
N LEU A 476 -24.55 -47.51 1.95
CA LEU A 476 -24.43 -48.80 2.64
C LEU A 476 -24.42 -49.99 1.69
N LYS A 477 -24.90 -49.84 0.45
CA LYS A 477 -24.99 -50.96 -0.49
C LYS A 477 -24.04 -50.82 -1.66
N MET A 478 -23.18 -49.81 -1.66
CA MET A 478 -22.26 -49.56 -2.76
C MET A 478 -21.26 -50.71 -2.91
N ASP A 479 -20.73 -50.85 -4.13
CA ASP A 479 -19.71 -51.83 -4.44
C ASP A 479 -18.34 -51.36 -3.93
N LEU A 480 -17.70 -52.15 -3.09
CA LEU A 480 -16.44 -51.78 -2.46
C LEU A 480 -15.24 -52.53 -3.01
N ASP A 481 -15.35 -53.10 -4.21
CA ASP A 481 -14.25 -53.86 -4.78
C ASP A 481 -13.13 -52.93 -5.23
N GLY A 482 -11.92 -53.50 -5.33
CA GLY A 482 -10.80 -52.82 -5.95
C GLY A 482 -10.18 -51.71 -5.12
N GLY A 483 -10.19 -51.83 -3.79
CA GLY A 483 -9.56 -50.83 -2.94
C GLY A 483 -10.23 -49.48 -2.97
N ARG A 484 -11.54 -49.45 -3.20
CA ARG A 484 -12.27 -48.21 -3.40
C ARG A 484 -12.10 -47.26 -2.21
N ALA A 485 -11.88 -45.99 -2.52
CA ALA A 485 -11.69 -44.95 -1.52
C ALA A 485 -12.99 -44.19 -1.35
N VAL A 486 -13.44 -44.06 -0.10
CA VAL A 486 -14.68 -43.39 0.25
C VAL A 486 -14.42 -42.53 1.49
N ILE A 487 -15.00 -41.33 1.53
CA ILE A 487 -14.95 -40.47 2.71
C ILE A 487 -16.37 -40.26 3.20
N ALA A 488 -16.63 -40.65 4.45
CA ALA A 488 -18.00 -40.64 4.95
C ALA A 488 -18.04 -40.25 6.41
N SER A 489 -19.02 -39.44 6.78
CA SER A 489 -19.28 -39.08 8.16
C SER A 489 -20.78 -38.99 8.43
N TYR A 490 -21.32 -37.77 8.43
CA TYR A 490 -22.71 -37.59 8.86
C TYR A 490 -23.70 -38.41 8.05
N SER A 491 -23.53 -38.46 6.73
CA SER A 491 -24.50 -39.17 5.89
C SER A 491 -24.56 -40.66 6.20
N LEU A 492 -23.56 -41.20 6.90
CA LEU A 492 -23.57 -42.57 7.39
C LEU A 492 -23.94 -42.68 8.86
N SER A 493 -23.49 -41.72 9.68
CA SER A 493 -23.67 -41.78 11.12
C SER A 493 -24.97 -41.17 11.61
N ASN A 494 -25.74 -40.49 10.77
CA ASN A 494 -26.99 -39.88 11.21
C ASN A 494 -28.01 -40.94 11.62
N SER A 495 -29.04 -40.49 12.35
CA SER A 495 -29.98 -41.39 13.03
C SER A 495 -30.70 -42.33 12.07
N SER A 496 -30.83 -41.95 10.80
CA SER A 496 -31.63 -42.77 9.88
C SER A 496 -30.99 -44.13 9.64
N ASN A 497 -29.68 -44.26 9.84
CA ASN A 497 -28.99 -45.53 9.76
C ASN A 497 -28.76 -46.07 11.17
N SER A 498 -29.21 -47.29 11.43
CA SER A 498 -28.91 -47.92 12.71
C SER A 498 -27.41 -48.17 12.82
N LYS A 499 -26.92 -48.10 14.07
CA LYS A 499 -25.51 -48.39 14.31
C LYS A 499 -25.16 -49.80 13.84
N GLU A 500 -26.06 -50.76 14.08
CA GLU A 500 -25.85 -52.12 13.62
C GLU A 500 -25.60 -52.16 12.12
N ARG A 501 -26.35 -51.39 11.36
CA ARG A 501 -26.18 -51.42 9.91
C ARG A 501 -24.87 -50.77 9.49
N VAL A 502 -24.50 -49.66 10.13
CA VAL A 502 -23.26 -48.97 9.78
C VAL A 502 -22.07 -49.83 10.11
N LEU A 503 -22.06 -50.45 11.29
CA LEU A 503 -20.92 -51.26 11.70
C LEU A 503 -20.75 -52.50 10.84
N LYS A 504 -21.85 -53.10 10.35
CA LYS A 504 -21.71 -54.24 9.45
C LYS A 504 -21.09 -53.80 8.13
N PHE A 505 -21.59 -52.67 7.58
CA PHE A 505 -21.01 -52.11 6.36
C PHE A 505 -19.52 -51.87 6.53
N LEU A 506 -19.12 -51.29 7.66
CA LEU A 506 -17.71 -50.98 7.87
C LEU A 506 -16.88 -52.25 8.03
N SER A 507 -17.40 -53.19 8.82
CA SER A 507 -16.71 -54.47 8.97
C SER A 507 -16.54 -55.14 7.62
N ASP A 508 -17.60 -55.15 6.79
CA ASP A 508 -17.49 -55.71 5.44
C ASP A 508 -16.52 -54.92 4.57
N ALA A 509 -16.46 -53.59 4.76
CA ALA A 509 -15.52 -52.77 4.00
C ALA A 509 -14.07 -53.14 4.32
N ASN A 510 -13.76 -53.29 5.62
CA ASN A 510 -12.41 -53.71 5.97
C ASN A 510 -12.12 -55.12 5.46
N LYS A 511 -13.11 -56.00 5.54
CA LYS A 511 -12.95 -57.36 5.00
C LYS A 511 -12.58 -57.32 3.52
N ALA A 512 -13.19 -56.40 2.76
CA ALA A 512 -12.93 -56.32 1.32
C ALA A 512 -11.68 -55.54 0.97
N LYS A 513 -10.91 -55.11 1.98
CA LYS A 513 -9.73 -54.25 1.74
C LYS A 513 -10.12 -52.94 1.06
N ALA A 514 -11.32 -52.44 1.34
CA ALA A 514 -11.69 -51.12 0.83
C ALA A 514 -11.05 -50.04 1.71
N MET A 515 -11.08 -48.79 1.23
CA MET A 515 -10.60 -47.63 1.99
C MET A 515 -11.76 -46.66 2.24
N VAL A 516 -12.66 -47.05 3.13
CA VAL A 516 -13.71 -46.16 3.61
C VAL A 516 -13.18 -45.49 4.87
N VAL A 517 -12.94 -44.18 4.78
CA VAL A 517 -12.55 -43.36 5.93
C VAL A 517 -13.82 -42.88 6.61
N PHE A 518 -13.95 -43.18 7.90
CA PHE A 518 -15.20 -42.98 8.63
C PHE A 518 -14.97 -42.03 9.80
N GLY A 519 -15.85 -41.05 9.97
CA GLY A 519 -15.80 -40.17 11.11
C GLY A 519 -17.18 -40.06 11.76
N ALA A 520 -17.17 -39.83 13.07
CA ALA A 520 -18.40 -39.82 13.85
C ALA A 520 -18.13 -39.16 15.18
N PRO A 521 -19.12 -38.49 15.78
CA PRO A 521 -18.97 -38.01 17.15
C PRO A 521 -18.57 -39.16 18.06
N ASN A 522 -17.69 -38.87 19.01
CA ASN A 522 -17.23 -39.87 19.96
C ASN A 522 -18.13 -39.81 21.19
N THR A 523 -18.91 -40.87 21.39
CA THR A 523 -19.95 -40.86 22.43
C THR A 523 -19.41 -40.46 23.79
N HIS A 524 -18.33 -41.08 24.21
CA HIS A 524 -17.90 -40.93 25.59
C HIS A 524 -17.15 -39.63 25.81
N ARG A 525 -16.41 -39.12 24.81
CA ARG A 525 -15.85 -37.78 24.92
C ARG A 525 -16.95 -36.73 25.04
N LEU A 526 -17.99 -36.85 24.21
CA LEU A 526 -19.07 -35.87 24.25
C LEU A 526 -19.81 -35.91 25.58
N ALA A 527 -20.14 -37.12 26.06
CA ALA A 527 -20.80 -37.22 27.37
C ALA A 527 -19.92 -36.65 28.48
N TYR A 528 -18.60 -36.83 28.37
CA TYR A 528 -17.70 -36.27 29.38
C TYR A 528 -17.75 -34.75 29.36
N ALA A 529 -17.63 -34.16 28.17
CA ALA A 529 -17.60 -32.70 28.08
C ALA A 529 -18.88 -32.08 28.63
N LYS A 530 -20.02 -32.73 28.38
CA LYS A 530 -21.29 -32.28 28.99
C LYS A 530 -21.27 -32.49 30.50
N LYS A 531 -20.67 -33.58 30.98
CA LYS A 531 -20.73 -33.92 32.40
C LYS A 531 -20.01 -32.89 33.26
N VAL A 532 -18.81 -32.49 32.83
CA VAL A 532 -18.06 -31.46 33.56
C VAL A 532 -18.58 -30.07 33.32
N GLY A 533 -19.53 -29.89 32.39
CA GLY A 533 -20.17 -28.61 32.18
C GLY A 533 -19.61 -27.74 31.08
N LEU A 534 -18.77 -28.30 30.19
CA LEU A 534 -18.26 -27.51 29.07
C LEU A 534 -19.34 -27.29 28.02
N VAL A 535 -19.97 -28.39 27.57
CA VAL A 535 -21.05 -28.35 26.59
C VAL A 535 -22.38 -28.24 27.33
N LEU A 536 -23.22 -27.30 26.91
CA LEU A 536 -24.53 -27.17 27.51
C LEU A 536 -25.55 -28.01 26.74
N ASP A 537 -26.56 -28.51 27.46
CA ASP A 537 -27.67 -29.22 26.84
C ASP A 537 -28.36 -28.37 25.78
N SER A 538 -28.31 -27.03 25.94
CA SER A 538 -28.89 -26.12 24.95
C SER A 538 -28.17 -26.25 23.61
N ALA A 539 -26.86 -26.52 23.62
CA ALA A 539 -26.11 -26.62 22.39
C ALA A 539 -26.15 -28.03 21.81
N ILE A 540 -25.89 -29.05 22.63
CA ILE A 540 -25.94 -30.44 22.19
C ILE A 540 -26.53 -31.29 23.31
N LYS A 541 -27.49 -32.13 22.96
CA LYS A 541 -28.12 -33.07 23.87
C LYS A 541 -27.81 -34.50 23.45
N MET A 542 -27.78 -35.41 24.42
CA MET A 542 -27.66 -36.80 24.04
C MET A 542 -28.43 -37.68 25.03
N SER A 543 -28.96 -38.77 24.48
CA SER A 543 -29.57 -39.86 25.25
C SER A 543 -28.80 -41.11 24.86
N LYS A 544 -28.02 -41.64 25.79
CA LYS A 544 -27.08 -42.71 25.48
C LYS A 544 -26.16 -42.28 24.35
N ASP A 545 -26.27 -42.93 23.18
CA ASP A 545 -25.44 -42.60 22.04
C ASP A 545 -26.18 -41.81 20.97
N LEU A 546 -27.38 -41.35 21.26
CA LEU A 546 -28.20 -40.59 20.33
C LEU A 546 -28.03 -39.12 20.63
N ILE A 547 -27.51 -38.36 19.67
CA ILE A 547 -27.05 -36.99 19.89
C ILE A 547 -27.91 -36.04 19.08
N THR A 548 -28.24 -34.89 19.67
CA THR A 548 -29.01 -33.85 19.01
C THR A 548 -28.18 -32.58 18.94
N PHE A 549 -27.64 -32.29 17.76
CA PHE A 549 -26.93 -31.03 17.55
C PHE A 549 -27.93 -29.94 17.20
N SER A 550 -27.82 -28.81 17.88
CA SER A 550 -28.82 -27.75 17.77
C SER A 550 -28.70 -26.97 16.47
N ASN A 551 -27.71 -26.08 16.38
CA ASN A 551 -27.55 -25.30 15.15
C ASN A 551 -26.10 -24.86 14.93
N TRP A 557 -30.44 -31.46 14.09
CA TRP A 557 -30.11 -32.73 13.44
C TRP A 557 -29.62 -33.78 14.45
N ARG A 558 -29.95 -35.03 14.17
CA ARG A 558 -29.73 -36.13 15.12
C ARG A 558 -28.66 -37.09 14.59
N ASP A 559 -27.76 -37.50 15.49
CA ASP A 559 -26.57 -38.25 15.13
C ASP A 559 -26.36 -39.39 16.11
N TYR A 560 -25.72 -40.46 15.64
CA TYR A 560 -25.28 -41.54 16.50
C TYR A 560 -23.80 -41.37 16.81
N GLY A 561 -23.45 -41.32 18.10
CA GLY A 561 -22.06 -41.38 18.49
C GLY A 561 -21.51 -42.79 18.38
N TYR A 562 -20.22 -42.90 18.15
CA TYR A 562 -19.53 -44.17 18.10
C TYR A 562 -18.29 -44.13 18.99
N SER A 563 -17.89 -45.29 19.49
CA SER A 563 -16.77 -45.44 20.40
C SER A 563 -15.66 -46.26 19.73
N GLN A 564 -14.48 -46.23 20.33
CA GLN A 564 -13.31 -46.89 19.73
C GLN A 564 -13.45 -48.41 19.77
N SER A 565 -14.04 -48.96 20.83
CA SER A 565 -14.18 -50.42 20.90
C SER A 565 -15.23 -50.94 19.92
N GLU A 566 -16.36 -50.24 19.78
CA GLU A 566 -17.33 -50.61 18.75
C GLU A 566 -16.65 -50.72 17.40
N LEU A 567 -15.87 -49.70 17.05
CA LEU A 567 -15.27 -49.63 15.73
C LEU A 567 -14.15 -50.67 15.56
N TYR A 568 -13.37 -50.91 16.62
CA TYR A 568 -12.34 -51.94 16.50
C TYR A 568 -12.98 -53.31 16.21
N ASP A 569 -14.08 -53.63 16.91
CA ASP A 569 -14.79 -54.88 16.61
C ASP A 569 -15.21 -54.92 15.15
N ALA A 570 -15.56 -53.78 14.57
CA ALA A 570 -15.89 -53.73 13.16
C ALA A 570 -14.64 -53.60 12.27
N GLY A 571 -13.46 -53.88 12.81
CA GLY A 571 -12.25 -53.82 12.01
C GLY A 571 -11.73 -52.43 11.68
N TYR A 572 -11.97 -51.45 12.55
CA TYR A 572 -11.55 -50.08 12.28
C TYR A 572 -10.70 -49.55 13.43
N VAL A 573 -9.72 -48.71 13.07
CA VAL A 573 -8.73 -48.16 14.00
C VAL A 573 -8.82 -46.64 13.95
N GLU A 574 -8.96 -46.01 15.11
CA GLU A 574 -8.91 -44.55 15.15
C GLU A 574 -7.53 -44.05 14.71
N ILE A 575 -7.51 -42.96 13.95
CA ILE A 575 -6.29 -42.22 13.66
C ILE A 575 -6.63 -40.73 13.79
N THR A 576 -5.71 -39.96 14.36
CA THR A 576 -5.99 -38.55 14.56
C THR A 576 -5.80 -37.77 13.26
N ILE A 577 -6.38 -36.56 13.24
CA ILE A 577 -6.16 -35.64 12.11
C ILE A 577 -4.68 -35.29 12.01
N ASP A 578 -4.02 -35.06 13.16
CA ASP A 578 -2.58 -34.81 13.16
C ASP A 578 -1.83 -35.94 12.46
N GLN A 579 -2.09 -37.18 12.86
CA GLN A 579 -1.40 -38.32 12.25
C GLN A 579 -1.68 -38.40 10.75
N MET A 580 -2.92 -38.15 10.33
CA MET A 580 -3.24 -38.24 8.91
C MET A 580 -2.44 -37.23 8.09
N VAL A 581 -2.36 -35.97 8.56
CA VAL A 581 -1.69 -34.97 7.74
C VAL A 581 -0.18 -35.16 7.77
N ALA A 582 0.39 -35.59 8.91
CA ALA A 582 1.83 -35.89 8.92
C ALA A 582 2.13 -37.09 8.04
N TYR A 583 1.31 -38.15 8.15
CA TYR A 583 1.46 -39.31 7.27
C TYR A 583 1.41 -38.90 5.81
N SER A 584 0.50 -37.99 5.47
CA SER A 584 0.28 -37.58 4.09
C SER A 584 1.20 -36.43 3.67
N SER A 585 2.16 -36.07 4.53
CA SER A 585 2.84 -34.78 4.38
C SER A 585 3.50 -34.63 3.02
N ASP A 586 4.01 -35.73 2.44
CA ASP A 586 4.78 -35.54 1.22
C ASP A 586 3.92 -35.47 -0.04
N VAL A 587 2.61 -35.71 0.04
CA VAL A 587 1.69 -35.42 -1.07
C VAL A 587 0.70 -34.32 -0.72
N TYR A 588 0.73 -33.81 0.51
CA TYR A 588 -0.31 -32.90 0.98
C TYR A 588 -0.19 -31.55 0.28
N ASN A 589 -1.34 -31.01 -0.11
CA ASN A 589 -1.41 -29.72 -0.79
C ASN A 589 -2.67 -28.99 -0.38
N GLY A 590 -3.10 -29.18 0.85
CA GLY A 590 -4.32 -28.60 1.33
C GLY A 590 -4.10 -27.30 2.07
N VAL A 591 -5.02 -26.99 2.98
CA VAL A 591 -4.90 -25.81 3.81
C VAL A 591 -4.39 -26.24 5.17
N GLY A 592 -3.86 -25.28 5.92
CA GLY A 592 -3.57 -25.45 7.31
C GLY A 592 -4.64 -24.81 8.16
N TYR A 593 -4.32 -24.61 9.44
CA TYR A 593 -5.22 -24.02 10.40
C TYR A 593 -4.41 -23.15 11.36
N PHE A 594 -5.12 -22.34 12.15
CA PHE A 594 -4.46 -21.54 13.19
C PHE A 594 -4.88 -21.96 14.58
N ALA A 595 -6.18 -22.05 14.86
CA ALA A 595 -6.66 -22.47 16.16
C ALA A 595 -7.24 -23.87 16.09
N ASN A 596 -7.12 -24.58 17.19
CA ASN A 596 -7.86 -25.82 17.40
C ASN A 596 -9.28 -25.45 17.84
N SER A 597 -10.18 -26.43 17.74
CA SER A 597 -11.62 -26.21 17.90
C SER A 597 -12.21 -27.32 18.77
N THR A 598 -12.85 -26.94 19.88
CA THR A 598 -13.53 -27.91 20.74
C THR A 598 -14.52 -28.77 19.97
N TYR A 599 -15.33 -28.14 19.11
CA TYR A 599 -16.38 -28.88 18.41
C TYR A 599 -15.80 -29.98 17.53
N ASN A 600 -14.77 -29.65 16.74
CA ASN A 600 -14.13 -30.67 15.91
C ASN A 600 -13.51 -31.77 16.77
N ASP A 601 -12.94 -31.40 17.92
CA ASP A 601 -12.33 -32.39 18.79
C ASP A 601 -13.31 -33.42 19.33
N LEU A 602 -14.62 -33.13 19.31
CA LEU A 602 -15.61 -34.11 19.74
C LEU A 602 -15.73 -35.28 18.78
N PHE A 603 -15.18 -35.20 17.57
CA PHE A 603 -15.32 -36.27 16.59
C PHE A 603 -14.04 -37.09 16.53
N SER A 604 -14.18 -38.35 16.13
CA SER A 604 -13.07 -39.25 15.92
C SER A 604 -13.12 -39.81 14.51
N TRP A 605 -11.95 -40.08 13.94
CA TRP A 605 -11.85 -40.56 12.58
C TRP A 605 -11.19 -41.93 12.58
N TYR A 606 -11.54 -42.76 11.60
CA TYR A 606 -11.18 -44.18 11.65
C TYR A 606 -10.89 -44.71 10.25
N ILE A 607 -9.89 -45.57 10.17
CA ILE A 607 -9.45 -46.18 8.90
C ILE A 607 -9.43 -47.69 9.10
N PRO A 608 -9.53 -48.46 8.02
CA PRO A 608 -9.64 -49.91 8.17
C PRO A 608 -8.37 -50.54 8.69
N LYS A 609 -8.55 -51.56 9.54
CA LYS A 609 -7.43 -52.25 10.17
C LYS A 609 -6.47 -52.90 9.17
N TRP A 610 -6.97 -53.40 8.03
CA TRP A 610 -6.05 -54.06 7.10
C TRP A 610 -5.00 -53.09 6.62
N TYR A 611 -5.39 -51.83 6.39
CA TYR A 611 -4.38 -50.85 5.98
C TYR A 611 -3.42 -50.53 7.12
N VAL A 612 -3.90 -50.53 8.36
CA VAL A 612 -3.02 -50.24 9.49
C VAL A 612 -1.98 -51.35 9.64
N HIS A 613 -2.43 -52.61 9.60
CA HIS A 613 -1.50 -53.74 9.66
C HIS A 613 -0.54 -53.72 8.48
N LYS A 614 -1.02 -53.36 7.29
CA LYS A 614 -0.15 -53.40 6.11
C LYS A 614 0.95 -52.37 6.19
N ARG A 615 0.62 -51.12 6.57
CA ARG A 615 1.54 -50.01 6.37
C ARG A 615 1.88 -49.16 7.60
N MET A 616 1.28 -49.41 8.77
CA MET A 616 1.47 -48.48 9.88
C MET A 616 1.99 -49.11 11.16
N LEU A 617 2.44 -50.37 11.13
CA LEU A 617 2.93 -50.97 12.36
C LEU A 617 4.31 -50.46 12.74
N MET A 618 5.06 -49.91 11.79
CA MET A 618 6.38 -49.32 12.07
C MET A 618 6.18 -47.84 12.40
N GLN A 619 6.36 -47.50 13.67
CA GLN A 619 5.98 -46.16 14.14
C GLN A 619 7.12 -45.19 13.89
N ASP A 620 7.10 -44.57 12.70
CA ASP A 620 7.91 -43.37 12.58
C ASP A 620 7.13 -42.16 13.15
N ILE A 621 7.73 -40.98 13.12
CA ILE A 621 7.15 -39.83 13.83
C ILE A 621 5.76 -39.47 13.30
N ARG A 622 5.52 -39.69 12.00
CA ARG A 622 4.23 -39.28 11.46
C ARG A 622 3.08 -40.12 12.01
N LEU A 623 3.38 -41.32 12.51
CA LEU A 623 2.39 -42.29 12.94
C LEU A 623 2.39 -42.51 14.44
N SER A 624 3.08 -41.65 15.17
CA SER A 624 3.33 -41.77 16.60
C SER A 624 2.41 -40.87 17.40
N PRO A 625 2.24 -41.14 18.68
CA PRO A 625 1.45 -40.24 19.53
C PRO A 625 2.28 -39.16 20.22
N ALA A 626 3.47 -38.85 19.70
CA ALA A 626 4.43 -38.01 20.42
C ALA A 626 3.85 -36.68 20.85
N ALA A 627 3.03 -36.05 20.00
CA ALA A 627 2.45 -34.75 20.31
C ALA A 627 1.24 -34.82 21.21
N LEU A 628 0.89 -36.00 21.73
CA LEU A 628 -0.14 -36.10 22.76
C LEU A 628 0.30 -36.85 24.02
N VAL A 629 1.44 -37.57 23.98
CA VAL A 629 1.73 -38.52 25.05
C VAL A 629 2.35 -37.91 26.30
N LYS A 630 2.80 -36.65 26.24
CA LYS A 630 3.41 -36.03 27.41
C LYS A 630 2.85 -34.66 27.78
N CYS A 631 2.13 -33.96 26.89
CA CYS A 631 1.76 -32.59 27.20
C CYS A 631 0.64 -32.51 28.23
N PHE A 632 -0.28 -33.49 28.28
CA PHE A 632 -1.29 -33.47 29.33
C PHE A 632 -0.68 -33.88 30.67
N THR A 633 0.12 -34.94 30.68
CA THR A 633 0.79 -35.36 31.91
C THR A 633 1.64 -34.21 32.49
N THR A 634 2.44 -33.56 31.66
CA THR A 634 3.26 -32.45 32.14
C THR A 634 2.40 -31.31 32.67
N LEU A 635 1.34 -30.96 31.94
CA LEU A 635 0.44 -29.92 32.44
C LEU A 635 -0.10 -30.25 33.83
N ILE A 636 -0.52 -31.50 34.04
CA ILE A 636 -1.12 -31.88 35.32
C ILE A 636 -0.08 -31.96 36.43
N ARG A 637 1.13 -32.45 36.12
CA ARG A 637 2.19 -32.48 37.13
C ARG A 637 2.55 -31.07 37.58
N ASN A 638 2.55 -30.12 36.64
CA ASN A 638 2.81 -28.74 36.96
C ASN A 638 1.73 -28.18 37.89
N ILE A 639 0.46 -28.46 37.58
CA ILE A 639 -0.65 -27.93 38.38
C ILE A 639 -0.70 -28.57 39.76
N CYS A 640 -0.46 -29.87 39.83
CA CYS A 640 -0.72 -30.66 41.02
C CYS A 640 0.55 -30.90 41.84
N TYR A 641 1.67 -30.30 41.44
CA TYR A 641 2.92 -30.37 42.19
C TYR A 641 3.45 -31.81 42.26
N VAL A 642 3.53 -32.48 41.12
CA VAL A 642 4.02 -33.84 41.03
C VAL A 642 5.46 -33.81 40.52
N PRO A 643 6.46 -34.05 41.37
CA PRO A 643 7.85 -34.15 40.89
C PRO A 643 8.02 -35.30 39.91
N HIS A 644 9.07 -35.21 39.09
CA HIS A 644 9.30 -36.22 38.06
C HIS A 644 9.38 -37.63 38.63
N GLU A 645 10.24 -37.85 39.64
CA GLU A 645 10.40 -39.19 40.21
C GLU A 645 9.15 -39.62 40.97
N THR A 646 8.53 -38.68 41.68
CA THR A 646 7.30 -38.98 42.42
C THR A 646 6.25 -39.59 41.52
N TYR A 647 6.14 -39.08 40.29
CA TYR A 647 5.20 -39.62 39.32
C TYR A 647 5.42 -41.12 39.13
N TYR A 648 6.66 -41.54 38.98
CA TYR A 648 6.94 -42.97 38.81
C TYR A 648 6.68 -43.75 40.11
N ARG A 649 6.87 -43.12 41.29
CA ARG A 649 6.51 -43.80 42.53
C ARG A 649 5.02 -44.07 42.61
N PHE A 650 4.21 -43.08 42.21
CA PHE A 650 2.75 -43.28 42.13
C PHE A 650 2.39 -44.46 41.23
N ARG A 651 3.11 -44.61 40.13
CA ARG A 651 2.84 -45.71 39.21
C ARG A 651 3.16 -47.06 39.86
N GLY A 652 4.29 -47.14 40.56
CA GLY A 652 4.58 -48.32 41.37
C GLY A 652 3.50 -48.58 42.41
N ILE A 653 3.01 -47.52 43.05
CA ILE A 653 1.99 -47.68 44.08
C ILE A 653 0.67 -48.17 43.47
N LEU A 654 0.32 -47.67 42.28
CA LEU A 654 -0.88 -48.17 41.62
C LEU A 654 -0.74 -49.63 41.20
N VAL A 655 0.48 -50.05 40.83
CA VAL A 655 0.70 -51.45 40.45
C VAL A 655 0.69 -52.34 41.69
N ASP A 656 1.24 -51.83 42.79
CA ASP A 656 1.17 -52.54 44.06
C ASP A 656 -0.27 -52.80 44.46
N LYS A 657 -1.11 -51.77 44.43
CA LYS A 657 -2.51 -51.95 44.82
C LYS A 657 -3.24 -52.92 43.90
N TYR A 658 -2.91 -52.91 42.60
CA TYR A 658 -3.58 -53.83 41.69
C TYR A 658 -3.13 -55.27 41.94
N LEU A 659 -1.83 -55.49 42.08
CA LEU A 659 -1.33 -56.83 42.32
C LEU A 659 -1.90 -57.39 43.62
N ARG A 660 -2.07 -56.55 44.65
CA ARG A 660 -2.73 -57.02 45.86
C ARG A 660 -4.20 -57.35 45.60
N SER A 661 -4.89 -56.51 44.81
CA SER A 661 -6.30 -56.78 44.51
C SER A 661 -6.51 -58.06 43.72
N LYS A 662 -5.45 -58.58 43.10
CA LYS A 662 -5.47 -59.87 42.41
C LYS A 662 -4.85 -60.98 43.26
N ASN A 663 -4.58 -60.69 44.54
CA ASN A 663 -4.10 -61.66 45.51
C ASN A 663 -2.75 -62.26 45.12
N VAL A 664 -1.90 -61.44 44.51
CA VAL A 664 -0.49 -61.79 44.39
C VAL A 664 0.17 -61.59 45.75
N ASP A 665 0.92 -62.61 46.19
CA ASP A 665 1.62 -62.54 47.47
C ASP A 665 2.68 -61.44 47.40
N PRO A 666 2.68 -60.48 48.32
CA PRO A 666 3.65 -59.38 48.26
C PRO A 666 5.10 -59.83 48.31
N SER A 667 5.35 -61.07 48.72
CA SER A 667 6.73 -61.57 48.74
C SER A 667 7.24 -61.96 47.36
N GLN A 668 6.38 -61.93 46.35
CA GLN A 668 6.78 -62.32 45.01
C GLN A 668 7.31 -61.16 44.18
N TYR A 669 7.14 -59.92 44.65
CA TYR A 669 7.57 -58.76 43.88
C TYR A 669 8.03 -57.65 44.82
N SER A 670 8.96 -56.84 44.33
CA SER A 670 9.49 -55.68 45.05
C SER A 670 9.19 -54.43 44.22
N ILE A 671 8.26 -53.58 44.71
CA ILE A 671 7.96 -52.31 44.07
C ILE A 671 9.22 -51.43 44.08
N VAL A 672 9.59 -50.95 42.90
CA VAL A 672 10.67 -49.99 42.75
C VAL A 672 10.14 -48.60 42.41
N GLY A 673 9.21 -48.51 41.46
CA GLY A 673 8.57 -47.25 41.14
C GLY A 673 9.46 -46.19 40.54
N SER A 674 10.35 -46.58 39.64
CA SER A 674 11.21 -45.68 38.90
C SER A 674 10.72 -45.59 37.46
N GLY A 675 11.43 -44.78 36.66
CA GLY A 675 11.06 -44.62 35.27
C GLY A 675 11.43 -45.81 34.41
N SER A 676 12.38 -46.64 34.86
CA SER A 676 12.82 -47.83 34.14
C SER A 676 12.46 -49.13 34.82
N LYS A 677 12.04 -49.11 36.09
CA LYS A 677 11.68 -50.31 36.83
C LYS A 677 10.43 -49.99 37.64
N THR A 678 9.27 -50.54 37.24
CA THR A 678 8.09 -50.42 38.09
C THR A 678 8.19 -51.35 39.29
N PHE A 679 8.57 -52.60 39.05
CA PHE A 679 8.83 -53.58 40.11
C PHE A 679 9.72 -54.68 39.57
N THR A 680 10.35 -55.40 40.49
CA THR A 680 11.16 -56.56 40.19
C THR A 680 10.42 -57.79 40.65
N VAL A 681 10.51 -58.88 39.89
CA VAL A 681 9.86 -60.13 40.25
C VAL A 681 10.84 -61.00 41.03
N LEU A 682 10.42 -61.41 42.23
CA LEU A 682 11.28 -62.19 43.12
C LEU A 682 11.13 -63.69 42.86
N SER A 683 9.88 -64.14 42.69
CA SER A 683 9.58 -65.52 42.36
C SER A 683 8.45 -65.54 41.33
N HIS A 684 8.46 -66.57 40.50
CA HIS A 684 7.47 -66.73 39.42
C HIS A 684 6.05 -66.59 39.97
N PHE A 685 5.23 -65.80 39.27
CA PHE A 685 3.80 -65.76 39.58
C PHE A 685 3.02 -65.36 38.33
N GLU A 686 1.69 -65.51 38.40
CA GLU A 686 0.80 -65.24 37.27
C GLU A 686 -0.40 -64.41 37.72
N VAL A 687 -0.94 -63.60 36.81
CA VAL A 687 -2.20 -62.91 37.05
C VAL A 687 -3.19 -63.33 35.98
N PRO A 688 -4.39 -63.80 36.35
CA PRO A 688 -5.37 -64.22 35.32
C PRO A 688 -5.85 -62.99 34.54
N HIS A 689 -6.01 -63.16 33.22
CA HIS A 689 -6.36 -62.06 32.34
C HIS A 689 -6.98 -62.69 31.10
N GLU A 690 -8.04 -62.06 30.60
CA GLU A 690 -8.76 -62.57 29.44
C GLU A 690 -7.90 -62.55 28.18
N CYS A 691 -6.80 -61.81 28.16
CA CYS A 691 -5.88 -61.91 27.04
C CYS A 691 -4.69 -62.82 27.37
N GLY A 692 -4.95 -63.98 27.96
CA GLY A 692 -3.94 -64.94 28.31
C GLY A 692 -3.41 -64.53 29.66
N PRO A 693 -3.16 -65.49 30.55
CA PRO A 693 -2.58 -65.13 31.85
C PRO A 693 -1.33 -64.29 31.65
N LEU A 694 -1.19 -63.24 32.46
CA LEU A 694 0.07 -62.51 32.52
C LEU A 694 1.06 -63.32 33.35
N VAL A 695 2.28 -63.53 32.83
CA VAL A 695 3.23 -64.43 33.45
C VAL A 695 4.50 -63.63 33.78
N PHE A 696 4.90 -63.66 35.06
CA PHE A 696 6.11 -62.99 35.54
C PHE A 696 7.08 -64.02 36.07
N GLU A 697 8.30 -63.99 35.54
CA GLU A 697 9.35 -64.95 35.87
C GLU A 697 10.29 -64.37 36.91
N ALA A 698 10.87 -65.26 37.72
CA ALA A 698 11.75 -64.84 38.80
C ALA A 698 12.99 -64.10 38.28
N SER A 699 13.46 -63.11 39.05
CA SER A 699 14.66 -62.33 38.74
C SER A 699 14.53 -61.58 37.41
N THR A 700 13.35 -60.99 37.20
CA THR A 700 13.10 -60.12 36.05
C THR A 700 12.59 -58.76 36.52
N ASP A 701 12.89 -57.72 35.75
CA ASP A 701 12.39 -56.37 35.99
C ASP A 701 11.20 -56.10 35.07
N VAL A 702 10.13 -55.55 35.63
CA VAL A 702 8.92 -55.21 34.90
C VAL A 702 8.81 -53.69 34.81
N ASN A 703 8.70 -53.18 33.59
CA ASN A 703 8.51 -51.76 33.28
C ASN A 703 7.21 -51.63 32.50
N ILE A 704 6.12 -51.29 33.17
CA ILE A 704 4.81 -51.22 32.49
C ILE A 704 4.80 -50.07 31.48
N SER A 705 3.85 -50.13 30.55
CA SER A 705 3.80 -49.18 29.45
C SER A 705 3.24 -47.85 29.93
N GLY A 706 4.11 -46.86 30.12
CA GLY A 706 3.65 -45.58 30.62
C GLY A 706 2.79 -44.84 29.63
N HIS A 707 3.03 -45.01 28.33
CA HIS A 707 2.32 -44.21 27.34
C HIS A 707 0.84 -44.56 27.23
N LEU A 708 0.47 -45.80 27.59
CA LEU A 708 -0.94 -46.17 27.65
C LEU A 708 -1.67 -45.31 28.68
N LEU A 709 -1.09 -45.18 29.87
CA LEU A 709 -1.71 -44.35 30.91
C LEU A 709 -1.87 -42.90 30.44
N SER A 710 -0.84 -42.34 29.83
CA SER A 710 -0.89 -40.96 29.35
C SER A 710 -1.91 -40.77 28.24
N LEU A 711 -1.97 -41.70 27.30
CA LEU A 711 -2.94 -41.56 26.22
C LEU A 711 -4.37 -41.68 26.72
N ALA A 712 -4.61 -42.48 27.76
CA ALA A 712 -5.97 -42.56 28.31
C ALA A 712 -6.42 -41.25 28.93
N ILE A 713 -5.51 -40.46 29.50
CA ILE A 713 -5.86 -39.10 29.92
C ILE A 713 -6.16 -38.21 28.71
N ALA A 714 -5.26 -38.20 27.72
CA ALA A 714 -5.45 -37.33 26.56
C ALA A 714 -6.76 -37.64 25.84
N ALA A 715 -7.14 -38.93 25.80
CA ALA A 715 -8.38 -39.35 25.16
C ALA A 715 -9.63 -38.79 25.85
N HIS A 716 -9.50 -38.18 27.03
CA HIS A 716 -10.63 -37.51 27.63
C HIS A 716 -10.96 -36.20 26.92
N PHE A 717 -9.99 -35.60 26.25
CA PHE A 717 -10.11 -34.22 25.79
C PHE A 717 -10.06 -34.06 24.29
N VAL A 718 -9.28 -34.89 23.58
CA VAL A 718 -9.11 -34.80 22.14
C VAL A 718 -9.12 -36.22 21.57
N ALA A 719 -9.20 -36.32 20.25
CA ALA A 719 -9.17 -37.62 19.59
C ALA A 719 -7.86 -38.33 19.91
N SER A 720 -7.91 -39.66 19.91
CA SER A 720 -6.85 -40.40 20.55
C SER A 720 -6.12 -41.30 19.57
N PRO A 721 -4.80 -41.33 19.62
CA PRO A 721 -4.07 -42.25 18.74
C PRO A 721 -3.85 -43.60 19.41
N MET A 722 -4.65 -43.91 20.43
CA MET A 722 -4.36 -45.04 21.32
C MET A 722 -4.41 -46.39 20.59
N ILE A 723 -5.45 -46.59 19.78
CA ILE A 723 -5.62 -47.90 19.14
C ILE A 723 -4.53 -48.14 18.12
N LEU A 724 -4.18 -47.12 17.33
CA LEU A 724 -3.05 -47.25 16.41
C LEU A 724 -1.76 -47.50 17.19
N TRP A 725 -1.56 -46.74 18.29
CA TRP A 725 -0.41 -46.99 19.16
C TRP A 725 -0.38 -48.43 19.68
N ALA A 726 -1.54 -48.95 20.10
CA ALA A 726 -1.57 -50.31 20.66
C ALA A 726 -1.18 -51.36 19.60
N GLU A 727 -1.63 -51.19 18.36
CA GLU A 727 -1.24 -52.14 17.32
C GLU A 727 0.26 -52.10 17.06
N GLN A 728 0.87 -50.91 17.14
CA GLN A 728 2.32 -50.82 17.00
C GLN A 728 3.01 -51.44 18.20
N MET A 729 2.45 -51.24 19.40
CA MET A 729 3.00 -51.87 20.59
C MET A 729 2.95 -53.39 20.50
N LYS A 730 1.85 -53.95 19.99
CA LYS A 730 1.84 -55.41 19.81
C LYS A 730 2.97 -55.85 18.88
N TYR A 731 3.17 -55.12 17.78
CA TYR A 731 4.22 -55.47 16.84
C TYR A 731 5.61 -55.36 17.46
N MET A 732 5.77 -54.51 18.48
CA MET A 732 7.10 -54.17 18.99
C MET A 732 7.49 -55.00 20.21
N ALA A 733 7.01 -56.24 20.32
CA ALA A 733 7.52 -57.12 21.36
C ALA A 733 8.98 -57.51 21.10
N VAL A 734 9.44 -57.36 19.86
CA VAL A 734 10.82 -57.67 19.48
C VAL A 734 11.33 -56.57 18.56
N ASP A 735 12.65 -56.50 18.42
CA ASP A 735 13.30 -55.64 17.44
C ASP A 735 12.70 -55.83 16.07
N ARG A 736 12.52 -54.73 15.32
CA ARG A 736 11.96 -54.81 13.98
C ARG A 736 12.74 -53.94 13.01
N MET A 737 13.17 -54.53 11.89
CA MET A 737 14.00 -53.82 10.94
C MET A 737 13.27 -52.60 10.39
N LEU A 738 13.99 -51.48 10.29
CA LEU A 738 13.43 -50.26 9.72
C LEU A 738 13.06 -50.51 8.25
N PRO A 739 11.96 -49.92 7.76
CA PRO A 739 11.64 -50.06 6.32
C PRO A 739 12.73 -49.45 5.46
N PRO A 740 13.11 -50.11 4.36
CA PRO A 740 14.27 -49.61 3.59
C PRO A 740 14.03 -48.25 2.94
N ASN A 741 12.82 -48.00 2.43
CA ASN A 741 12.56 -46.82 1.62
C ASN A 741 12.16 -45.59 2.44
N LEU A 742 12.38 -45.57 3.75
CA LEU A 742 12.06 -44.41 4.56
C LEU A 742 13.35 -43.76 5.05
N ASP A 743 13.33 -42.43 5.09
CA ASP A 743 14.44 -41.70 5.69
C ASP A 743 14.55 -42.06 7.17
N LYS A 744 15.72 -42.51 7.60
CA LYS A 744 15.78 -43.02 8.96
C LYS A 744 15.65 -41.90 10.01
N SER A 745 15.78 -40.64 9.60
CA SER A 745 15.57 -39.55 10.54
C SER A 745 14.13 -39.48 11.04
N LEU A 746 13.18 -40.04 10.28
CA LEU A 746 11.79 -40.10 10.73
C LEU A 746 11.60 -40.99 11.95
N PHE A 747 12.62 -41.76 12.33
CA PHE A 747 12.56 -42.62 13.49
C PHE A 747 13.31 -42.06 14.69
N PHE A 748 13.59 -40.74 14.68
CA PHE A 748 14.48 -40.17 15.70
C PHE A 748 13.93 -40.34 17.11
N ASP A 749 12.60 -40.44 17.26
CA ASP A 749 12.02 -40.40 18.60
C ASP A 749 12.04 -41.74 19.31
N ASN A 750 12.52 -42.80 18.65
CA ASN A 750 12.60 -44.13 19.22
C ASN A 750 14.02 -44.66 19.09
N LYS A 751 14.41 -45.53 20.00
CA LYS A 751 15.75 -46.09 19.98
C LYS A 751 15.92 -47.08 18.83
N VAL A 752 17.07 -47.01 18.17
CA VAL A 752 17.47 -47.88 17.08
C VAL A 752 18.74 -48.62 17.50
N THR A 753 18.83 -49.90 17.18
CA THR A 753 19.93 -50.75 17.60
C THR A 753 21.15 -50.60 16.70
N PRO A 754 22.31 -51.13 17.13
CA PRO A 754 23.48 -51.21 16.22
C PRO A 754 23.15 -51.80 14.86
N SER A 755 22.38 -52.88 14.81
CA SER A 755 22.00 -53.53 13.56
C SER A 755 21.06 -52.69 12.71
N GLY A 756 20.64 -51.50 13.17
CA GLY A 756 19.74 -50.68 12.38
C GLY A 756 18.28 -51.06 12.45
N ALA A 757 17.84 -51.66 13.56
CA ALA A 757 16.44 -52.02 13.74
C ALA A 757 15.81 -51.12 14.79
N LEU A 758 14.51 -50.91 14.67
CA LEU A 758 13.73 -50.28 15.73
C LEU A 758 13.72 -51.22 16.93
N GLN A 759 14.26 -50.77 18.06
CA GLN A 759 14.42 -51.65 19.20
C GLN A 759 13.08 -51.91 19.87
N ARG A 760 12.91 -53.13 20.39
CA ARG A 760 11.68 -53.55 21.07
C ARG A 760 11.25 -52.52 22.12
N TRP A 761 9.97 -52.49 22.49
CA TRP A 761 9.46 -51.54 23.47
C TRP A 761 9.07 -52.24 24.76
N HIS A 762 8.04 -53.10 24.73
CA HIS A 762 7.45 -53.65 25.94
C HIS A 762 6.91 -55.05 25.66
N SER A 763 6.88 -55.89 26.70
CA SER A 763 6.23 -57.18 26.60
C SER A 763 4.71 -56.98 26.65
N ARG A 764 3.96 -58.03 26.28
CA ARG A 764 2.51 -57.94 26.41
C ARG A 764 2.09 -57.82 27.87
N GLU A 765 2.87 -58.41 28.78
CA GLU A 765 2.59 -58.27 30.21
C GLU A 765 2.68 -56.81 30.64
N GLU A 766 3.72 -56.11 30.17
CA GLU A 766 3.92 -54.72 30.56
C GLU A 766 2.80 -53.83 29.99
N VAL A 767 2.31 -54.13 28.79
CA VAL A 767 1.20 -53.36 28.22
C VAL A 767 -0.09 -53.64 28.98
N LEU A 768 -0.44 -54.92 29.13
CA LEU A 768 -1.74 -55.27 29.69
C LEU A 768 -1.85 -54.88 31.16
N LEU A 769 -0.75 -54.98 31.92
CA LEU A 769 -0.73 -54.47 33.28
C LEU A 769 -1.04 -52.98 33.30
N ALA A 770 -0.46 -52.22 32.37
CA ALA A 770 -0.82 -50.82 32.25
C ALA A 770 -2.30 -50.67 31.98
N ALA A 771 -2.85 -51.47 31.06
CA ALA A 771 -4.29 -51.42 30.78
C ALA A 771 -5.08 -51.72 32.04
N GLU A 772 -4.58 -52.64 32.88
CA GLU A 772 -5.30 -53.05 34.07
C GLU A 772 -5.37 -51.96 35.13
N ILE A 773 -4.33 -51.11 35.26
CA ILE A 773 -4.35 -50.04 36.28
C ILE A 773 -4.82 -48.72 35.71
N CYS A 774 -5.15 -48.68 34.41
CA CYS A 774 -5.48 -47.44 33.74
C CYS A 774 -6.59 -46.67 34.45
N GLU A 775 -7.63 -47.38 34.88
CA GLU A 775 -8.74 -46.71 35.55
C GLU A 775 -8.30 -46.06 36.86
N SER A 776 -7.48 -46.76 37.65
CA SER A 776 -6.95 -46.16 38.89
C SER A 776 -6.04 -44.97 38.61
N TYR A 777 -5.30 -45.01 37.50
CA TYR A 777 -4.39 -43.92 37.15
C TYR A 777 -5.17 -42.65 36.78
N ALA A 778 -6.18 -42.82 35.92
CA ALA A 778 -7.05 -41.71 35.56
C ALA A 778 -7.76 -41.15 36.78
N ALA A 779 -8.24 -42.01 37.69
CA ALA A 779 -8.88 -41.51 38.90
C ALA A 779 -7.90 -40.71 39.74
N MET A 780 -6.64 -41.18 39.82
CA MET A 780 -5.61 -40.42 40.52
C MET A 780 -5.40 -39.04 39.88
N MET A 781 -5.02 -39.02 38.58
CA MET A 781 -4.56 -37.80 37.93
C MET A 781 -5.65 -36.74 37.86
N LEU A 782 -6.91 -37.15 37.75
CA LEU A 782 -8.00 -36.20 37.61
C LEU A 782 -8.90 -36.16 38.85
N ASN A 783 -8.40 -36.61 40.02
CA ASN A 783 -9.13 -36.48 41.28
C ASN A 783 -10.51 -37.14 41.19
N ASN A 784 -10.55 -38.35 40.63
CA ASN A 784 -11.78 -39.14 40.51
C ASN A 784 -12.85 -38.42 39.68
N LYS A 785 -12.46 -37.42 38.90
CA LYS A 785 -13.36 -36.74 37.98
C LYS A 785 -13.07 -37.13 36.53
N HIS A 786 -12.42 -38.27 36.33
CA HIS A 786 -12.20 -38.89 35.02
C HIS A 786 -13.50 -39.50 34.50
N SER A 787 -13.45 -40.07 33.29
CA SER A 787 -14.63 -40.76 32.77
C SER A 787 -14.39 -42.26 32.78
N PRO A 788 -15.04 -43.00 33.68
CA PRO A 788 -14.99 -44.47 33.61
C PRO A 788 -15.34 -45.03 32.24
N ASP A 789 -16.27 -44.41 31.51
CA ASP A 789 -16.68 -44.95 30.21
C ASP A 789 -15.59 -44.81 29.16
N ILE A 790 -14.88 -43.67 29.16
CA ILE A 790 -13.78 -43.50 28.22
C ILE A 790 -12.70 -44.55 28.48
N ILE A 791 -12.27 -44.67 29.73
CA ILE A 791 -11.28 -45.69 30.07
C ILE A 791 -11.77 -47.07 29.63
N GLY A 792 -13.06 -47.36 29.87
CA GLY A 792 -13.58 -48.69 29.56
C GLY A 792 -13.55 -49.01 28.08
N THR A 793 -13.93 -48.05 27.24
CA THR A 793 -13.90 -48.33 25.81
C THR A 793 -12.47 -48.50 25.30
N LEU A 794 -11.51 -47.78 25.88
CA LEU A 794 -10.11 -47.94 25.45
C LEU A 794 -9.55 -49.27 25.95
N LYS A 795 -9.91 -49.67 27.17
CA LYS A 795 -9.46 -50.95 27.69
C LYS A 795 -10.01 -52.11 26.84
N SER A 796 -11.28 -52.05 26.44
CA SER A 796 -11.87 -53.08 25.59
C SER A 796 -11.11 -53.21 24.28
N ALA A 797 -10.82 -52.07 23.64
CA ALA A 797 -10.11 -52.09 22.37
C ALA A 797 -8.70 -52.65 22.55
N ILE A 798 -7.99 -52.21 23.59
CA ILE A 798 -6.66 -52.76 23.85
C ILE A 798 -6.73 -54.27 24.02
N ASN A 799 -7.74 -54.75 24.78
CA ASN A 799 -7.90 -56.17 25.01
C ASN A 799 -8.17 -56.93 23.71
N LEU A 800 -8.93 -56.32 22.81
CA LEU A 800 -9.15 -56.96 21.51
C LEU A 800 -7.89 -56.92 20.66
N VAL A 801 -7.12 -55.82 20.73
CA VAL A 801 -5.83 -55.77 20.03
C VAL A 801 -4.97 -56.96 20.43
N PHE A 802 -4.90 -57.24 21.73
CA PHE A 802 -4.03 -58.29 22.24
C PHE A 802 -4.76 -59.61 22.43
N LYS A 803 -5.87 -59.81 21.72
CA LYS A 803 -6.70 -61.00 21.88
C LYS A 803 -5.90 -62.26 21.62
N ILE A 804 -6.12 -63.30 22.42
CA ILE A 804 -5.44 -64.58 22.21
C ILE A 804 -6.40 -65.65 21.65
N ASN B 6 13.46 44.53 -37.84
CA ASN B 6 12.26 45.35 -37.69
C ASN B 6 11.02 44.45 -37.63
N PRO B 7 10.76 43.63 -38.66
CA PRO B 7 9.67 42.65 -38.53
C PRO B 7 9.90 41.68 -37.40
N ASP B 8 11.17 41.44 -37.03
CA ASP B 8 11.50 40.59 -35.89
C ASP B 8 10.78 41.03 -34.62
N TYR B 9 10.50 42.32 -34.48
CA TYR B 9 9.83 42.86 -33.31
C TYR B 9 8.43 43.41 -33.63
N CYS B 10 7.73 42.75 -34.57
CA CYS B 10 6.37 43.11 -34.93
C CYS B 10 5.53 41.85 -35.01
N ILE B 11 4.25 41.98 -34.70
CA ILE B 11 3.26 40.95 -35.01
C ILE B 11 2.25 41.56 -35.96
N PRO B 12 1.63 40.76 -36.85
CA PRO B 12 1.93 39.34 -37.02
C PRO B 12 3.36 39.15 -37.52
N ASN B 13 3.96 38.01 -37.23
CA ASN B 13 5.34 37.79 -37.65
C ASN B 13 5.43 36.48 -38.43
N PHE B 14 5.73 36.59 -39.71
CA PHE B 14 6.08 35.44 -40.52
C PHE B 14 7.59 35.24 -40.66
N SER B 15 8.37 36.29 -40.45
CA SER B 15 9.79 36.34 -40.80
C SER B 15 10.67 35.50 -39.88
N GLN B 16 10.35 35.40 -38.58
CA GLN B 16 11.12 34.57 -37.68
C GLN B 16 10.33 33.38 -37.15
N THR B 17 9.08 33.20 -37.59
CA THR B 17 8.30 32.06 -37.17
C THR B 17 8.15 30.99 -38.24
N VAL B 18 8.35 31.32 -39.52
CA VAL B 18 8.21 30.34 -40.60
C VAL B 18 9.55 30.23 -41.32
N ASN B 19 10.33 29.21 -40.98
CA ASN B 19 11.46 28.79 -41.80
C ASN B 19 11.16 27.40 -42.39
N GLU B 20 12.19 26.80 -43.03
CA GLU B 20 12.01 25.48 -43.60
C GLU B 20 11.79 24.41 -42.54
N ARG B 21 12.33 24.61 -41.33
CA ARG B 21 12.00 23.67 -40.27
C ARG B 21 10.55 23.84 -39.77
N THR B 22 9.99 25.05 -39.89
CA THR B 22 8.56 25.19 -39.63
C THR B 22 7.75 24.44 -40.67
N ILE B 23 8.14 24.53 -41.93
CA ILE B 23 7.44 23.80 -42.99
C ILE B 23 7.51 22.30 -42.73
N ILE B 24 8.63 21.82 -42.20
CA ILE B 24 8.77 20.39 -41.90
C ILE B 24 7.86 19.99 -40.76
N ASP B 25 7.71 20.86 -39.75
CA ASP B 25 6.81 20.56 -38.65
C ASP B 25 5.36 20.48 -39.13
N ILE B 26 4.99 21.31 -40.11
CA ILE B 26 3.64 21.22 -40.65
C ILE B 26 3.45 19.90 -41.41
N PHE B 27 4.43 19.48 -42.21
CA PHE B 27 4.35 18.14 -42.81
C PHE B 27 4.13 17.09 -41.73
N THR B 28 4.91 17.18 -40.65
CA THR B 28 4.86 16.21 -39.58
C THR B 28 3.48 16.18 -38.92
N ILE B 29 2.92 17.35 -38.61
CA ILE B 29 1.60 17.43 -37.98
C ILE B 29 0.51 16.87 -38.89
N CYS B 30 0.71 16.95 -40.21
CA CYS B 30 -0.26 16.38 -41.14
C CYS B 30 -0.48 14.89 -40.91
N ARG B 31 0.50 14.20 -40.31
CA ARG B 31 0.34 12.80 -39.93
C ARG B 31 -0.70 12.61 -38.84
N TYR B 32 -1.06 13.68 -38.12
CA TYR B 32 -2.01 13.64 -37.02
C TYR B 32 -3.34 14.31 -37.38
N ARG B 33 -3.59 14.54 -38.67
CA ARG B 33 -4.71 15.39 -39.09
C ARG B 33 -6.07 14.70 -39.03
N SER B 34 -6.18 13.53 -38.39
CA SER B 34 -7.45 12.82 -38.26
C SER B 34 -7.77 12.56 -36.78
N PRO B 35 -8.02 13.60 -35.98
CA PRO B 35 -8.27 13.39 -34.54
C PRO B 35 -9.71 13.06 -34.14
N LEU B 36 -10.68 13.07 -35.05
CA LEU B 36 -12.08 13.05 -34.67
C LEU B 36 -12.63 11.65 -34.39
N VAL B 37 -13.43 11.56 -33.32
CA VAL B 37 -14.35 10.45 -33.06
C VAL B 37 -15.78 11.01 -33.04
N VAL B 38 -16.67 10.40 -33.83
CA VAL B 38 -18.11 10.68 -33.75
C VAL B 38 -18.79 9.46 -33.11
N PHE B 39 -19.43 9.68 -31.97
CA PHE B 39 -19.94 8.61 -31.10
C PHE B 39 -21.41 8.87 -30.81
N CYS B 40 -22.28 8.02 -31.33
CA CYS B 40 -23.73 8.19 -31.21
C CYS B 40 -24.28 7.25 -30.14
N LEU B 41 -25.07 7.80 -29.20
CA LEU B 41 -25.70 7.00 -28.14
C LEU B 41 -26.96 7.72 -27.66
N SER B 42 -27.79 7.00 -26.91
CA SER B 42 -29.12 7.48 -26.59
C SER B 42 -29.24 8.04 -25.17
N HIS B 43 -28.13 8.15 -24.44
CA HIS B 43 -28.15 8.47 -23.01
C HIS B 43 -27.28 9.70 -22.76
N ASN B 44 -27.93 10.83 -22.49
CA ASN B 44 -27.25 12.11 -22.44
C ASN B 44 -26.36 12.24 -21.22
N GLU B 45 -26.83 11.81 -20.05
CA GLU B 45 -26.01 11.94 -18.86
C GLU B 45 -24.76 11.05 -18.97
N LEU B 46 -24.93 9.85 -19.53
CA LEU B 46 -23.78 8.99 -19.79
C LEU B 46 -22.78 9.68 -20.72
N ALA B 47 -23.29 10.31 -21.78
CA ALA B 47 -22.44 11.10 -22.67
C ALA B 47 -21.66 12.15 -21.89
N LYS B 48 -22.36 12.88 -21.00
CA LYS B 48 -21.72 13.95 -20.25
C LYS B 48 -20.65 13.40 -19.32
N LYS B 49 -20.93 12.28 -18.67
CA LYS B 49 -19.94 11.71 -17.77
C LYS B 49 -18.63 11.41 -18.49
N TYR B 50 -18.70 10.75 -19.65
CA TYR B 50 -17.48 10.36 -20.34
C TYR B 50 -16.83 11.52 -21.06
N ALA B 51 -17.63 12.46 -21.58
CA ALA B 51 -17.13 13.75 -22.03
C ALA B 51 -16.23 14.40 -20.99
N GLN B 52 -16.72 14.49 -19.76
CA GLN B 52 -15.95 15.09 -18.67
C GLN B 52 -14.71 14.24 -18.34
N ASP B 53 -14.85 12.91 -18.33
CA ASP B 53 -13.71 12.06 -17.97
C ASP B 53 -12.58 12.17 -19.00
N VAL B 54 -12.90 12.11 -20.30
CA VAL B 54 -11.81 12.17 -21.30
C VAL B 54 -11.25 13.59 -21.40
N SER B 55 -12.11 14.60 -21.26
CA SER B 55 -11.65 15.99 -21.28
C SER B 55 -10.68 16.27 -20.13
N MET B 56 -11.07 15.92 -18.91
CA MET B 56 -10.28 16.25 -17.74
C MET B 56 -8.96 15.47 -17.68
N SER B 57 -8.93 14.24 -18.22
CA SER B 57 -7.71 13.45 -18.12
C SER B 57 -6.75 13.66 -19.30
N SER B 58 -7.25 13.79 -20.53
CA SER B 58 -6.37 13.92 -21.68
C SER B 58 -6.47 15.24 -22.44
N GLY B 59 -7.35 16.16 -22.03
CA GLY B 59 -7.55 17.38 -22.79
C GLY B 59 -8.28 17.23 -24.11
N THR B 60 -8.89 16.08 -24.35
CA THR B 60 -9.74 15.90 -25.53
C THR B 60 -10.86 16.94 -25.56
N HIS B 61 -11.03 17.61 -26.71
CA HIS B 61 -12.11 18.58 -26.91
C HIS B 61 -13.39 17.86 -27.25
N VAL B 62 -14.45 18.11 -26.47
CA VAL B 62 -15.67 17.32 -26.55
C VAL B 62 -16.85 18.21 -26.89
N HIS B 63 -17.73 17.70 -27.77
CA HIS B 63 -18.99 18.33 -28.11
C HIS B 63 -20.11 17.32 -27.89
N ILE B 64 -21.27 17.82 -27.49
CA ILE B 64 -22.47 16.99 -27.34
C ILE B 64 -23.60 17.62 -28.15
N ILE B 65 -24.03 16.93 -29.20
CA ILE B 65 -25.16 17.36 -30.01
C ILE B 65 -26.38 16.66 -29.42
N ASP B 66 -27.11 17.36 -28.55
CA ASP B 66 -28.10 16.75 -27.68
C ASP B 66 -29.54 17.10 -28.00
N GLY B 67 -29.80 17.98 -28.96
CA GLY B 67 -31.16 18.33 -29.30
C GLY B 67 -31.69 19.59 -28.65
N SER B 68 -30.92 20.22 -27.76
CA SER B 68 -31.34 21.52 -27.29
C SER B 68 -31.31 22.57 -28.40
N VAL B 69 -30.58 22.31 -29.49
CA VAL B 69 -30.51 23.20 -30.64
C VAL B 69 -30.94 22.41 -31.86
N GLU B 70 -31.57 23.10 -32.82
CA GLU B 70 -32.00 22.46 -34.05
C GLU B 70 -30.80 21.78 -34.72
N ILE B 71 -31.07 20.62 -35.33
CA ILE B 71 -29.99 19.71 -35.73
C ILE B 71 -29.06 20.35 -36.76
N THR B 72 -29.64 21.08 -37.72
CA THR B 72 -28.83 21.64 -38.81
C THR B 72 -27.89 22.72 -38.29
N VAL B 73 -28.35 23.50 -37.31
CA VAL B 73 -27.55 24.56 -36.69
C VAL B 73 -26.49 23.97 -35.78
N SER B 74 -26.84 22.90 -35.04
CA SER B 74 -25.86 22.21 -34.21
C SER B 74 -24.71 21.65 -35.05
N LEU B 75 -25.05 20.95 -36.15
CA LEU B 75 -24.02 20.45 -37.06
C LEU B 75 -23.13 21.60 -37.55
N TYR B 76 -23.74 22.66 -38.06
CA TYR B 76 -23.02 23.81 -38.57
C TYR B 76 -22.04 24.37 -37.53
N ARG B 77 -22.51 24.55 -36.29
CA ARG B 77 -21.67 25.18 -35.27
C ARG B 77 -20.53 24.25 -34.83
N THR B 78 -20.86 23.00 -34.58
CA THR B 78 -19.89 22.01 -34.13
C THR B 78 -18.79 21.80 -35.16
N PHE B 79 -19.14 21.69 -36.43
CA PHE B 79 -18.17 21.27 -37.43
C PHE B 79 -17.48 22.44 -38.11
N ARG B 80 -18.04 23.64 -38.05
CA ARG B 80 -17.22 24.81 -38.37
C ARG B 80 -16.10 24.97 -37.35
N THR B 81 -16.40 24.76 -36.07
CA THR B 81 -15.35 24.81 -35.06
C THR B 81 -14.30 23.73 -35.27
N ILE B 82 -14.75 22.48 -35.45
CA ILE B 82 -13.83 21.37 -35.59
C ILE B 82 -12.92 21.58 -36.81
N ALA B 83 -13.46 22.15 -37.88
CA ALA B 83 -12.70 22.31 -39.12
C ALA B 83 -11.42 23.11 -38.89
N THR B 84 -11.47 24.09 -38.00
CA THR B 84 -10.30 24.91 -37.72
C THR B 84 -9.26 24.18 -36.86
N GLN B 85 -9.65 23.12 -36.14
CA GLN B 85 -8.78 22.49 -35.15
C GLN B 85 -8.17 21.15 -35.60
N LEU B 86 -8.32 20.77 -36.87
CA LEU B 86 -7.91 19.42 -37.25
C LEU B 86 -6.41 19.21 -37.25
N LEU B 87 -5.62 20.30 -37.22
CA LEU B 87 -4.17 20.20 -37.12
C LEU B 87 -3.68 20.53 -35.72
N GLY B 88 -4.56 20.43 -34.72
CA GLY B 88 -4.17 20.82 -33.37
C GLY B 88 -3.49 19.74 -32.55
N ARG B 89 -3.46 18.51 -33.06
CA ARG B 89 -2.78 17.40 -32.39
C ARG B 89 -3.46 17.07 -31.07
N MET B 90 -4.76 17.32 -30.97
CA MET B 90 -5.54 16.90 -29.83
C MET B 90 -6.81 16.23 -30.33
N GLN B 91 -7.16 15.14 -29.67
CA GLN B 91 -8.36 14.38 -29.99
C GLN B 91 -9.60 15.26 -29.89
N ILE B 92 -10.57 14.97 -30.76
CA ILE B 92 -11.88 15.64 -30.77
C ILE B 92 -12.94 14.56 -30.80
N VAL B 93 -13.95 14.71 -29.92
CA VAL B 93 -15.04 13.76 -29.81
C VAL B 93 -16.35 14.54 -29.87
N VAL B 94 -17.24 14.13 -30.77
CA VAL B 94 -18.60 14.65 -30.85
C VAL B 94 -19.52 13.52 -30.43
N PHE B 95 -20.15 13.66 -29.27
CA PHE B 95 -21.24 12.77 -28.88
C PHE B 95 -22.52 13.28 -29.53
N VAL B 96 -23.25 12.37 -30.18
CA VAL B 96 -24.54 12.67 -30.79
C VAL B 96 -25.58 11.88 -30.02
N THR B 97 -26.45 12.56 -29.26
CA THR B 97 -27.42 11.89 -28.42
C THR B 97 -28.86 12.06 -28.89
N VAL B 98 -29.08 12.76 -30.01
CA VAL B 98 -30.42 12.79 -30.59
C VAL B 98 -30.70 11.46 -31.28
N ASP B 99 -31.99 11.20 -31.49
CA ASP B 99 -32.47 9.94 -32.07
C ASP B 99 -32.11 9.83 -33.55
N LYS B 100 -32.20 8.60 -34.07
CA LYS B 100 -31.96 8.35 -35.49
C LYS B 100 -32.95 9.09 -36.38
N SER B 101 -34.11 9.50 -35.86
CA SER B 101 -35.02 10.31 -36.67
C SER B 101 -34.59 11.76 -36.75
N VAL B 102 -33.80 12.25 -35.80
CA VAL B 102 -33.31 13.63 -35.88
C VAL B 102 -32.09 13.73 -36.80
N VAL B 103 -31.19 12.76 -36.75
CA VAL B 103 -30.11 12.67 -37.73
C VAL B 103 -29.77 11.20 -37.90
N SER B 104 -29.84 10.72 -39.15
CA SER B 104 -29.82 9.30 -39.41
C SER B 104 -28.41 8.73 -39.27
N THR B 105 -28.35 7.40 -39.11
CA THR B 105 -27.07 6.71 -39.01
C THR B 105 -26.17 7.03 -40.20
N GLN B 106 -26.71 6.91 -41.41
CA GLN B 106 -25.89 7.10 -42.60
C GLN B 106 -25.47 8.55 -42.79
N VAL B 107 -26.31 9.50 -42.40
CA VAL B 107 -25.92 10.91 -42.54
C VAL B 107 -24.81 11.25 -41.55
N MET B 108 -24.96 10.82 -40.31
CA MET B 108 -23.93 11.09 -39.30
C MET B 108 -22.63 10.37 -39.64
N LYS B 109 -22.70 9.20 -40.29
CA LYS B 109 -21.50 8.51 -40.74
C LYS B 109 -20.83 9.25 -41.89
N SER B 110 -21.62 9.79 -42.82
CA SER B 110 -21.05 10.60 -43.91
C SER B 110 -20.33 11.82 -43.37
N ILE B 111 -20.91 12.46 -42.36
CA ILE B 111 -20.30 13.66 -41.82
C ILE B 111 -19.00 13.31 -41.09
N ALA B 112 -19.03 12.24 -40.28
CA ALA B 112 -17.84 11.81 -39.56
C ALA B 112 -16.69 11.55 -40.51
N TRP B 113 -16.96 10.79 -41.58
CA TRP B 113 -15.90 10.44 -42.52
C TRP B 113 -15.46 11.62 -43.36
N ALA B 114 -16.37 12.53 -43.71
CA ALA B 114 -15.96 13.75 -44.39
C ALA B 114 -14.93 14.52 -43.57
N PHE B 115 -14.99 14.42 -42.24
CA PHE B 115 -13.99 15.03 -41.37
C PHE B 115 -12.96 14.02 -40.86
N ARG B 116 -12.73 12.93 -41.61
CA ARG B 116 -11.65 11.98 -41.31
C ARG B 116 -11.80 11.35 -39.93
N GLY B 117 -13.03 11.11 -39.50
CA GLY B 117 -13.28 10.63 -38.16
C GLY B 117 -13.55 9.14 -38.03
N SER B 118 -13.46 8.65 -36.80
CA SER B 118 -14.02 7.38 -36.40
C SER B 118 -15.53 7.54 -36.21
N PHE B 119 -16.28 6.50 -36.56
CA PHE B 119 -17.72 6.54 -36.42
C PHE B 119 -18.20 5.39 -35.57
N VAL B 120 -19.01 5.70 -34.55
CA VAL B 120 -19.58 4.74 -33.62
C VAL B 120 -21.08 5.02 -33.54
N GLU B 121 -21.89 4.04 -33.93
CA GLU B 121 -23.35 4.11 -33.84
C GLU B 121 -23.78 3.10 -32.79
N LEU B 122 -24.16 3.58 -31.61
CA LEU B 122 -24.67 2.68 -30.58
C LEU B 122 -25.97 3.21 -30.00
N ARG B 123 -26.71 3.98 -30.78
CA ARG B 123 -28.02 4.43 -30.32
C ARG B 123 -28.94 3.21 -30.18
N ASN B 124 -29.93 3.35 -29.29
CA ASN B 124 -30.86 2.26 -28.97
C ASN B 124 -30.14 1.07 -28.34
N GLN B 125 -29.00 1.32 -27.69
CA GLN B 125 -28.45 0.42 -26.67
C GLN B 125 -28.85 0.94 -25.30
N SER B 126 -29.12 0.02 -24.38
CA SER B 126 -29.52 0.45 -23.04
C SER B 126 -28.32 1.09 -22.32
N VAL B 127 -28.65 1.87 -21.29
CA VAL B 127 -27.63 2.67 -20.62
C VAL B 127 -26.55 1.81 -19.98
N ASP B 128 -26.86 0.53 -19.70
CA ASP B 128 -25.89 -0.36 -19.08
C ASP B 128 -25.47 -1.49 -20.01
N SER B 129 -25.65 -1.30 -21.31
CA SER B 129 -25.19 -2.28 -22.28
C SER B 129 -23.67 -2.45 -22.18
N SER B 130 -23.21 -3.69 -22.14
CA SER B 130 -21.78 -3.93 -21.96
C SER B 130 -20.98 -3.36 -23.13
N THR B 131 -21.50 -3.50 -24.36
CA THR B 131 -20.77 -2.98 -25.51
C THR B 131 -20.72 -1.46 -25.48
N LEU B 132 -21.79 -0.80 -25.02
CA LEU B 132 -21.80 0.65 -24.96
C LEU B 132 -20.82 1.15 -23.91
N VAL B 133 -20.86 0.57 -22.72
CA VAL B 133 -19.96 1.01 -21.65
C VAL B 133 -18.52 0.72 -22.03
N SER B 134 -18.26 -0.43 -22.65
CA SER B 134 -16.90 -0.76 -23.02
C SER B 134 -16.35 0.23 -24.05
N LYS B 135 -17.15 0.58 -25.06
CA LYS B 135 -16.63 1.50 -26.07
C LYS B 135 -16.47 2.91 -25.52
N LEU B 136 -17.23 3.29 -24.49
CA LEU B 136 -17.06 4.59 -23.84
C LEU B 136 -15.84 4.60 -22.94
N GLU B 137 -15.67 3.55 -22.14
CA GLU B 137 -14.46 3.43 -21.32
C GLU B 137 -13.21 3.48 -22.19
N ASN B 138 -13.26 2.87 -23.37
CA ASN B 138 -12.12 2.90 -24.31
C ASN B 138 -11.74 4.33 -24.70
N LEU B 139 -12.71 5.25 -24.78
CA LEU B 139 -12.35 6.64 -25.04
C LEU B 139 -11.35 7.15 -24.01
N VAL B 140 -11.65 6.94 -22.72
CA VAL B 140 -10.79 7.44 -21.65
C VAL B 140 -9.45 6.69 -21.64
N SER B 141 -9.49 5.37 -21.81
CA SER B 141 -8.27 4.55 -21.75
C SER B 141 -7.27 4.91 -22.86
N PHE B 142 -7.74 5.16 -24.09
CA PHE B 142 -6.82 5.26 -25.22
C PHE B 142 -6.49 6.69 -25.62
N ALA B 143 -7.30 7.67 -25.21
CA ALA B 143 -7.11 9.06 -25.62
C ALA B 143 -5.63 9.47 -25.47
N PRO B 144 -5.07 10.23 -26.43
CA PRO B 144 -5.75 10.82 -27.59
C PRO B 144 -6.02 9.85 -28.74
N LEU B 145 -5.61 8.60 -28.62
CA LEU B 145 -5.90 7.62 -29.67
C LEU B 145 -7.27 6.98 -29.41
N TYR B 146 -7.75 6.20 -30.40
CA TYR B 146 -8.98 5.44 -30.22
C TYR B 146 -8.92 4.18 -31.08
N ASN B 147 -9.56 3.13 -30.62
CA ASN B 147 -9.38 1.83 -31.27
C ASN B 147 -10.40 1.56 -32.36
N VAL B 148 -11.35 2.46 -32.59
CA VAL B 148 -12.26 2.33 -33.74
C VAL B 148 -11.59 3.03 -34.92
N PRO B 149 -11.46 2.37 -36.07
CA PRO B 149 -10.76 2.99 -37.20
C PRO B 149 -11.48 4.21 -37.73
N LYS B 150 -10.69 5.11 -38.30
CA LYS B 150 -11.19 6.27 -39.01
C LYS B 150 -11.63 5.88 -40.40
N CYS B 151 -12.80 6.37 -40.82
CA CYS B 151 -13.26 6.24 -42.21
C CYS B 151 -13.41 4.78 -42.65
N GLY B 152 -13.83 3.93 -41.73
CA GLY B 152 -14.10 2.56 -42.07
C GLY B 152 -14.41 1.76 -40.83
N PRO B 153 -15.36 0.83 -40.94
CA PRO B 153 -15.74 0.05 -39.76
C PRO B 153 -14.67 -0.93 -39.31
N ASP B 154 -13.92 -1.54 -40.24
CA ASP B 154 -13.09 -2.68 -39.93
C ASP B 154 -11.61 -2.38 -40.14
N TYR B 155 -10.78 -3.19 -39.51
CA TYR B 155 -9.33 -3.05 -39.61
C TYR B 155 -8.70 -4.40 -39.39
N TYR B 156 -7.77 -4.77 -40.28
CA TYR B 156 -7.15 -6.10 -40.24
C TYR B 156 -5.64 -6.02 -40.21
N GLY B 157 -5.07 -4.86 -39.87
CA GLY B 157 -3.63 -4.70 -39.86
C GLY B 157 -3.04 -5.18 -38.55
N PRO B 158 -1.74 -4.94 -38.36
CA PRO B 158 -1.04 -5.47 -37.17
C PRO B 158 -1.20 -4.66 -35.90
N THR B 159 -1.77 -3.46 -35.95
CA THR B 159 -1.98 -2.68 -34.72
C THR B 159 -3.07 -3.32 -33.89
N VAL B 160 -2.73 -3.70 -32.66
CA VAL B 160 -3.68 -4.32 -31.76
C VAL B 160 -3.78 -3.43 -30.53
N TYR B 161 -4.91 -2.74 -30.40
CA TYR B 161 -5.02 -1.71 -29.37
C TYR B 161 -4.99 -2.30 -27.97
N SER B 162 -5.55 -3.49 -27.77
CA SER B 162 -5.48 -4.12 -26.46
C SER B 162 -4.04 -4.30 -25.99
N GLU B 163 -3.09 -4.44 -26.91
CA GLU B 163 -1.69 -4.64 -26.52
C GLU B 163 -1.10 -3.40 -25.85
N LEU B 164 -1.68 -2.23 -26.10
CA LEU B 164 -1.27 -0.99 -25.46
C LEU B 164 -1.60 -0.96 -23.97
N LEU B 165 -2.43 -1.89 -23.49
CA LEU B 165 -2.90 -1.93 -22.10
C LEU B 165 -2.33 -3.11 -21.31
N SER B 166 -1.34 -3.80 -21.83
CA SER B 166 -0.86 -5.05 -21.26
C SER B 166 0.57 -4.87 -20.80
N LEU B 167 0.81 -5.15 -19.51
CA LEU B 167 2.19 -5.17 -19.00
C LEU B 167 3.06 -6.16 -19.76
N ALA B 168 2.48 -7.27 -20.24
CA ALA B 168 3.28 -8.31 -20.86
C ALA B 168 3.94 -7.83 -22.14
N THR B 169 3.17 -7.21 -23.03
CA THR B 169 3.70 -6.65 -24.27
C THR B 169 4.53 -5.38 -24.06
N ASN B 170 4.78 -5.03 -22.80
CA ASN B 170 5.36 -3.74 -22.44
C ASN B 170 4.51 -2.59 -22.98
N ALA B 171 3.20 -2.84 -23.07
CA ALA B 171 2.20 -1.82 -23.38
C ALA B 171 2.56 -1.06 -24.65
N ARG B 172 3.07 -1.79 -25.66
CA ARG B 172 3.28 -1.26 -27.00
C ARG B 172 2.58 -2.15 -28.02
N THR B 173 2.34 -1.60 -29.20
CA THR B 173 1.85 -2.39 -30.33
C THR B 173 2.48 -1.88 -31.61
N HIS B 174 2.25 -2.62 -32.69
CA HIS B 174 2.77 -2.30 -34.00
C HIS B 174 2.05 -1.11 -34.63
N TRP B 175 2.76 -0.42 -35.54
CA TRP B 175 2.28 0.80 -36.16
C TRP B 175 2.95 0.95 -37.52
N TYR B 176 2.28 0.51 -38.59
CA TYR B 176 2.79 0.60 -39.96
C TYR B 176 1.91 1.57 -40.73
N ALA B 177 2.14 2.87 -40.52
CA ALA B 177 1.26 3.89 -41.08
C ALA B 177 1.15 3.77 -42.59
N THR B 178 2.30 3.71 -43.29
CA THR B 178 2.28 3.72 -44.75
C THR B 178 1.55 2.51 -45.31
N ILE B 179 1.87 1.31 -44.82
CA ILE B 179 1.22 0.09 -45.32
C ILE B 179 -0.26 0.10 -45.02
N ASP B 180 -0.66 0.47 -43.79
CA ASP B 180 -2.09 0.48 -43.48
C ASP B 180 -2.85 1.50 -44.33
N TYR B 181 -2.22 2.65 -44.60
CA TYR B 181 -2.95 3.65 -45.39
C TYR B 181 -3.04 3.24 -46.86
N SER B 182 -2.04 2.52 -47.36
CA SER B 182 -2.11 2.02 -48.74
C SER B 182 -3.25 1.00 -48.87
N MET B 183 -3.45 0.17 -47.84
CA MET B 183 -4.57 -0.78 -47.85
C MET B 183 -5.90 -0.06 -47.83
N PHE B 184 -6.05 0.91 -46.92
CA PHE B 184 -7.20 1.80 -46.88
C PHE B 184 -7.48 2.44 -48.24
N THR B 185 -6.42 2.87 -48.94
CA THR B 185 -6.61 3.49 -50.24
C THR B 185 -7.17 2.50 -51.26
N ARG B 186 -6.65 1.26 -51.28
CA ARG B 186 -7.21 0.25 -52.18
C ARG B 186 -8.67 0.03 -51.88
N SER B 187 -9.02 -0.03 -50.60
CA SER B 187 -10.39 -0.22 -50.19
C SER B 187 -11.28 0.95 -50.63
N VAL B 188 -10.80 2.18 -50.48
CA VAL B 188 -11.62 3.34 -50.83
C VAL B 188 -11.84 3.42 -52.34
N LEU B 189 -10.78 3.21 -53.12
CA LEU B 189 -10.93 3.23 -54.57
C LEU B 189 -11.95 2.18 -55.00
N THR B 190 -11.90 1.00 -54.36
CA THR B 190 -12.92 -0.03 -54.63
C THR B 190 -14.30 0.49 -54.29
N GLY B 191 -14.43 1.10 -53.12
CA GLY B 191 -15.72 1.61 -52.69
C GLY B 191 -16.24 2.69 -53.63
N PHE B 192 -15.34 3.53 -54.14
CA PHE B 192 -15.77 4.56 -55.09
C PHE B 192 -16.29 3.93 -56.38
N VAL B 193 -15.59 2.94 -56.91
CA VAL B 193 -16.12 2.24 -58.09
C VAL B 193 -17.48 1.63 -57.77
N ALA B 194 -17.63 1.07 -56.57
CA ALA B 194 -18.92 0.50 -56.15
C ALA B 194 -20.02 1.55 -56.08
N LYS B 195 -19.73 2.70 -55.46
CA LYS B 195 -20.69 3.79 -55.44
C LYS B 195 -21.04 4.23 -56.87
N TYR B 196 -20.03 4.33 -57.74
CA TYR B 196 -20.25 4.69 -59.14
C TYR B 196 -21.20 3.71 -59.85
N PHE B 197 -20.99 2.40 -59.66
CA PHE B 197 -21.90 1.41 -60.24
C PHE B 197 -23.32 1.65 -59.74
N ASN B 198 -23.47 1.86 -58.43
CA ASN B 198 -24.80 2.13 -57.87
C ASN B 198 -25.45 3.32 -58.55
N GLU B 199 -24.78 4.47 -58.55
CA GLU B 199 -25.40 5.70 -59.00
C GLU B 199 -25.74 5.63 -60.49
N GLU B 200 -24.98 4.88 -61.26
CA GLU B 200 -25.21 4.74 -62.69
C GLU B 200 -26.12 3.56 -63.02
N ALA B 201 -26.70 2.91 -62.01
CA ALA B 201 -27.62 1.79 -62.17
C ALA B 201 -27.05 0.74 -63.12
N VAL B 202 -25.79 0.39 -62.91
CA VAL B 202 -25.15 -0.63 -63.75
C VAL B 202 -25.67 -2.01 -63.34
N PRO B 203 -26.09 -2.84 -64.30
CA PRO B 203 -26.44 -4.24 -63.99
C PRO B 203 -25.38 -4.94 -63.17
N ILE B 204 -25.81 -5.65 -62.13
CA ILE B 204 -24.88 -6.24 -61.16
C ILE B 204 -23.87 -7.15 -61.86
N ASP B 205 -24.34 -7.95 -62.83
CA ASP B 205 -23.41 -8.85 -63.50
C ASP B 205 -22.39 -8.11 -64.37
N LYS B 206 -22.60 -6.83 -64.64
CA LYS B 206 -21.64 -6.00 -65.35
C LYS B 206 -20.79 -5.14 -64.41
N ARG B 207 -20.92 -5.32 -63.10
CA ARG B 207 -20.11 -4.61 -62.11
C ARG B 207 -18.75 -5.31 -61.99
N ILE B 208 -17.91 -5.03 -62.97
CA ILE B 208 -16.57 -5.60 -63.06
C ILE B 208 -15.60 -4.45 -63.21
N VAL B 209 -14.56 -4.43 -62.39
CA VAL B 209 -13.53 -3.40 -62.45
C VAL B 209 -12.24 -4.04 -62.94
N SER B 210 -11.57 -3.39 -63.88
CA SER B 210 -10.24 -3.79 -64.32
C SER B 210 -9.20 -3.09 -63.47
N ILE B 211 -8.30 -3.87 -62.90
CA ILE B 211 -7.16 -3.37 -62.13
C ILE B 211 -5.94 -3.44 -63.03
N VAL B 212 -5.31 -2.30 -63.29
CA VAL B 212 -4.12 -2.28 -64.14
C VAL B 212 -2.91 -2.70 -63.32
N GLY B 213 -2.29 -3.82 -63.70
CA GLY B 213 -1.17 -4.34 -62.93
C GLY B 213 -1.63 -5.20 -61.76
N TYR B 214 -0.98 -6.34 -61.53
CA TYR B 214 -1.44 -7.27 -60.52
C TYR B 214 -1.30 -6.65 -59.13
N ASN B 215 -2.35 -6.79 -58.31
CA ASN B 215 -2.43 -6.08 -57.03
C ASN B 215 -3.35 -6.89 -56.13
N PRO B 216 -2.79 -7.76 -55.30
CA PRO B 216 -3.58 -8.87 -54.68
C PRO B 216 -4.75 -8.42 -53.83
N PRO B 217 -4.64 -7.34 -53.03
CA PRO B 217 -5.73 -7.06 -52.08
C PRO B 217 -7.05 -6.70 -52.73
N TYR B 218 -7.07 -6.40 -54.02
CA TYR B 218 -8.31 -5.98 -54.66
C TYR B 218 -9.33 -7.11 -54.80
N VAL B 219 -8.91 -8.38 -54.83
CA VAL B 219 -9.93 -9.42 -54.86
C VAL B 219 -10.82 -9.32 -53.61
N TRP B 220 -10.21 -9.22 -52.44
CA TRP B 220 -11.02 -9.15 -51.23
C TRP B 220 -11.82 -7.84 -51.17
N THR B 221 -11.22 -6.70 -51.53
CA THR B 221 -11.97 -5.44 -51.44
C THR B 221 -13.16 -5.44 -52.39
N CYS B 222 -12.95 -5.97 -53.61
CA CYS B 222 -14.02 -5.97 -54.61
C CYS B 222 -15.19 -6.82 -54.16
N LEU B 223 -14.91 -7.99 -53.60
CA LEU B 223 -15.99 -8.86 -53.16
C LEU B 223 -16.65 -8.33 -51.91
N ARG B 224 -15.87 -7.60 -51.09
CA ARG B 224 -16.47 -6.89 -49.98
C ARG B 224 -17.54 -5.91 -50.45
N HIS B 225 -17.43 -5.43 -51.70
CA HIS B 225 -18.38 -4.46 -52.24
C HIS B 225 -19.25 -5.03 -53.35
N GLY B 226 -19.30 -6.34 -53.51
CA GLY B 226 -20.13 -6.88 -54.57
C GLY B 226 -19.71 -6.55 -55.98
N ILE B 227 -18.41 -6.48 -56.23
CA ILE B 227 -17.87 -6.17 -57.55
C ILE B 227 -16.89 -7.27 -57.89
N ARG B 228 -16.71 -7.53 -59.18
CA ARG B 228 -15.75 -8.54 -59.56
C ARG B 228 -14.51 -7.92 -60.15
N PRO B 229 -13.33 -8.29 -59.69
CA PRO B 229 -12.08 -7.80 -60.28
C PRO B 229 -11.61 -8.63 -61.47
N THR B 230 -10.96 -7.93 -62.39
CA THR B 230 -10.09 -8.52 -63.41
C THR B 230 -8.79 -7.73 -63.44
N TYR B 231 -7.67 -8.42 -63.49
CA TYR B 231 -6.37 -7.77 -63.59
C TYR B 231 -5.94 -7.69 -65.05
N ILE B 232 -5.24 -6.61 -65.39
CA ILE B 232 -4.73 -6.42 -66.74
C ILE B 232 -3.21 -6.30 -66.66
N GLU B 233 -2.52 -7.20 -67.35
CA GLU B 233 -1.07 -7.24 -67.35
C GLU B 233 -0.56 -7.13 -68.77
N LYS B 234 0.58 -6.47 -68.95
CA LYS B 234 1.11 -6.31 -70.31
C LYS B 234 1.65 -7.63 -70.85
N SER B 235 2.21 -8.49 -69.98
CA SER B 235 2.89 -9.70 -70.41
C SER B 235 2.26 -10.94 -69.79
N LEU B 236 2.10 -11.99 -70.62
CA LEU B 236 1.55 -13.25 -70.16
C LEU B 236 2.35 -13.79 -68.97
N PRO B 237 1.68 -14.47 -68.04
CA PRO B 237 2.31 -14.75 -66.73
C PRO B 237 3.56 -15.63 -66.77
N ASN B 238 3.56 -16.66 -67.61
CA ASN B 238 4.65 -17.64 -67.66
C ASN B 238 5.00 -18.22 -66.28
N PRO B 239 4.05 -18.89 -65.61
CA PRO B 239 4.35 -19.45 -64.28
C PRO B 239 5.17 -20.73 -64.33
N GLY B 240 5.30 -21.36 -65.50
CA GLY B 240 6.30 -22.39 -65.71
C GLY B 240 5.92 -23.78 -65.24
N GLY B 241 4.64 -24.07 -65.08
CA GLY B 241 4.15 -25.40 -64.79
C GLY B 241 3.68 -26.11 -66.04
N LYS B 242 2.73 -27.02 -65.87
CA LYS B 242 2.23 -27.79 -67.01
C LYS B 242 0.82 -27.34 -67.38
N GLY B 243 0.27 -27.96 -68.42
CA GLY B 243 -1.02 -27.60 -68.94
C GLY B 243 -0.92 -26.41 -69.88
N PRO B 244 -2.03 -26.05 -70.54
CA PRO B 244 -1.99 -24.99 -71.55
C PRO B 244 -1.68 -23.61 -71.00
N PHE B 245 -1.70 -23.43 -69.68
CA PHE B 245 -1.42 -22.12 -69.09
C PHE B 245 -0.36 -22.20 -68.01
N GLY B 246 0.38 -23.31 -67.96
CA GLY B 246 1.49 -23.45 -67.04
C GLY B 246 1.12 -23.45 -65.58
N LEU B 247 -0.14 -23.65 -65.25
CA LEU B 247 -0.62 -23.52 -63.87
C LEU B 247 -0.68 -24.83 -63.12
N ILE B 248 -0.18 -25.92 -63.70
CA ILE B 248 -0.14 -27.21 -63.03
C ILE B 248 1.24 -27.33 -62.39
N LEU B 249 1.29 -27.32 -61.07
CA LEU B 249 2.55 -27.29 -60.34
C LEU B 249 3.44 -26.14 -60.87
N PRO B 250 2.99 -24.89 -60.73
CA PRO B 250 3.83 -23.77 -61.15
C PRO B 250 5.10 -23.69 -60.31
N VAL B 251 6.13 -23.08 -60.89
CA VAL B 251 7.41 -22.93 -60.21
C VAL B 251 7.23 -22.06 -58.97
N ILE B 252 7.72 -22.57 -57.83
CA ILE B 252 7.59 -21.84 -56.57
C ILE B 252 8.97 -21.56 -55.97
N VAL B 264 2.41 -8.12 -40.55
CA VAL B 264 1.58 -9.32 -40.39
C VAL B 264 0.11 -8.99 -40.10
N MET B 265 -0.78 -9.43 -40.99
CA MET B 265 -2.19 -9.08 -40.90
C MET B 265 -2.93 -10.04 -39.97
N HIS B 266 -4.06 -9.56 -39.46
CA HIS B 266 -4.91 -10.33 -38.55
C HIS B 266 -6.35 -10.32 -39.09
N ASN B 267 -6.57 -10.98 -40.23
CA ASN B 267 -7.92 -11.25 -40.70
C ASN B 267 -8.19 -12.75 -40.53
N PRO B 268 -8.88 -13.17 -39.46
CA PRO B 268 -9.02 -14.61 -39.19
C PRO B 268 -9.80 -15.35 -40.25
N GLN B 269 -10.52 -14.66 -41.13
CA GLN B 269 -11.32 -15.27 -42.17
C GLN B 269 -10.61 -15.34 -43.52
N ILE B 270 -9.44 -14.70 -43.66
CA ILE B 270 -8.80 -14.66 -44.97
C ILE B 270 -8.37 -16.05 -45.42
N LYS B 271 -8.25 -17.00 -44.51
CA LYS B 271 -7.78 -18.33 -44.88
C LYS B 271 -8.77 -19.02 -45.82
N LEU B 272 -10.07 -18.86 -45.56
CA LEU B 272 -11.12 -19.36 -46.45
C LEU B 272 -11.53 -18.32 -47.47
N LEU B 273 -11.41 -17.02 -47.16
CA LEU B 273 -11.79 -15.99 -48.11
C LEU B 273 -10.86 -15.94 -49.32
N CYS B 274 -9.63 -16.43 -49.20
CA CYS B 274 -8.69 -16.39 -50.30
C CYS B 274 -9.24 -17.15 -51.52
N LEU B 275 -9.70 -18.38 -51.32
CA LEU B 275 -10.25 -19.14 -52.44
C LEU B 275 -11.62 -18.60 -52.85
N ASP B 276 -12.50 -18.36 -51.88
CA ASP B 276 -13.89 -18.06 -52.20
C ASP B 276 -14.06 -16.72 -52.92
N THR B 277 -13.33 -15.67 -52.50
CA THR B 277 -13.44 -14.40 -53.22
C THR B 277 -12.90 -14.53 -54.63
N PHE B 278 -11.83 -15.31 -54.81
CA PHE B 278 -11.39 -15.65 -56.15
C PHE B 278 -12.50 -16.37 -56.92
N MET B 279 -13.01 -17.47 -56.37
CA MET B 279 -14.03 -18.23 -57.08
C MET B 279 -15.27 -17.39 -57.34
N LEU B 280 -15.64 -16.52 -56.40
CA LEU B 280 -16.79 -15.65 -56.61
C LEU B 280 -16.55 -14.64 -57.72
N SER B 281 -15.29 -14.41 -58.11
CA SER B 281 -15.04 -13.51 -59.23
C SER B 281 -15.32 -14.17 -60.57
N THR B 282 -15.36 -15.50 -60.62
CA THR B 282 -15.47 -16.18 -61.91
C THR B 282 -16.91 -16.34 -62.36
N SER B 283 -17.89 -16.19 -61.49
CA SER B 283 -19.27 -16.47 -61.87
C SER B 283 -20.23 -15.86 -60.87
N MET B 284 -21.35 -15.33 -61.37
CA MET B 284 -22.40 -14.89 -60.49
C MET B 284 -23.20 -16.04 -59.88
N ASN B 285 -23.06 -17.25 -60.41
CA ASN B 285 -23.73 -18.43 -59.87
C ASN B 285 -22.69 -19.41 -59.37
N ILE B 286 -22.93 -19.95 -58.18
CA ILE B 286 -21.95 -20.76 -57.47
C ILE B 286 -22.65 -22.00 -56.96
N LEU B 287 -22.08 -23.16 -57.26
CA LEU B 287 -22.46 -24.40 -56.59
C LEU B 287 -21.45 -24.58 -55.47
N TYR B 288 -21.92 -24.60 -54.23
CA TYR B 288 -21.03 -24.66 -53.08
C TYR B 288 -21.25 -25.98 -52.35
N ILE B 289 -20.33 -26.91 -52.49
CA ILE B 289 -20.51 -28.25 -51.96
C ILE B 289 -19.71 -28.40 -50.68
N GLY B 290 -20.39 -28.79 -49.60
CA GLY B 290 -19.79 -28.72 -48.28
C GLY B 290 -19.72 -27.31 -47.73
N ALA B 291 -20.81 -26.54 -47.86
CA ALA B 291 -20.79 -25.10 -47.60
C ALA B 291 -20.79 -24.73 -46.11
N TYR B 292 -21.17 -25.64 -45.21
CA TYR B 292 -21.45 -25.23 -43.83
C TYR B 292 -20.14 -25.10 -43.04
N PRO B 293 -19.97 -24.03 -42.23
CA PRO B 293 -20.90 -22.92 -42.00
C PRO B 293 -20.73 -21.72 -42.94
N ALA B 294 -19.58 -21.61 -43.61
CA ALA B 294 -19.27 -20.47 -44.49
C ALA B 294 -19.45 -19.13 -43.77
N THR B 295 -19.12 -19.07 -42.49
CA THR B 295 -19.29 -17.84 -41.73
C THR B 295 -18.48 -16.69 -42.35
N HIS B 296 -17.33 -16.99 -42.94
CA HIS B 296 -16.51 -15.97 -43.58
C HIS B 296 -17.21 -15.27 -44.75
N LEU B 297 -18.23 -15.88 -45.37
CA LEU B 297 -18.92 -15.18 -46.44
C LEU B 297 -19.77 -14.01 -45.94
N LEU B 298 -20.08 -13.98 -44.64
CA LEU B 298 -21.12 -13.08 -44.19
C LEU B 298 -20.70 -11.62 -44.30
N SER B 299 -19.40 -11.33 -44.37
CA SER B 299 -18.93 -9.94 -44.51
C SER B 299 -19.03 -9.41 -45.93
N LEU B 300 -19.25 -10.27 -46.92
CA LEU B 300 -19.26 -9.84 -48.31
C LEU B 300 -20.63 -9.29 -48.69
N GLN B 301 -20.64 -8.42 -49.70
CA GLN B 301 -21.86 -7.97 -50.36
C GLN B 301 -22.05 -8.82 -51.61
N LEU B 302 -23.08 -9.65 -51.61
CA LEU B 302 -23.25 -10.64 -52.67
C LEU B 302 -24.57 -10.48 -53.41
N ASN B 303 -25.15 -9.28 -53.32
CA ASN B 303 -26.30 -8.95 -54.16
C ASN B 303 -25.97 -9.25 -55.62
N GLY B 304 -26.85 -10.03 -56.26
CA GLY B 304 -26.65 -10.47 -57.61
C GLY B 304 -26.12 -11.88 -57.75
N TRP B 305 -25.58 -12.47 -56.68
CA TRP B 305 -25.08 -13.83 -56.75
C TRP B 305 -26.17 -14.80 -56.35
N THR B 306 -26.08 -16.01 -56.90
CA THR B 306 -26.91 -17.14 -56.51
C THR B 306 -26.00 -18.25 -56.02
N ILE B 307 -26.27 -18.75 -54.81
CA ILE B 307 -25.47 -19.83 -54.24
C ILE B 307 -26.42 -20.98 -53.97
N LEU B 308 -26.15 -22.11 -54.64
CA LEU B 308 -26.74 -23.40 -54.33
C LEU B 308 -25.75 -24.13 -53.42
N ALA B 309 -26.16 -24.39 -52.18
CA ALA B 309 -25.25 -24.87 -51.15
C ALA B 309 -25.72 -26.22 -50.64
N PHE B 310 -24.79 -27.18 -50.61
CA PHE B 310 -25.07 -28.56 -50.24
C PHE B 310 -24.27 -28.88 -48.98
N ASP B 311 -24.96 -29.26 -47.92
CA ASP B 311 -24.31 -29.71 -46.70
C ASP B 311 -25.39 -30.28 -45.80
N PRO B 312 -25.19 -31.47 -45.24
CA PRO B 312 -26.23 -32.03 -44.36
C PRO B 312 -26.42 -31.22 -43.09
N LYS B 313 -25.46 -30.38 -42.71
CA LYS B 313 -25.61 -29.53 -41.54
C LYS B 313 -26.41 -28.26 -41.81
N ILE B 314 -26.76 -27.99 -43.07
CA ILE B 314 -27.49 -26.79 -43.42
C ILE B 314 -28.90 -26.84 -42.84
N THR B 315 -29.35 -25.73 -42.26
CA THR B 315 -30.74 -25.59 -41.86
C THR B 315 -31.38 -24.39 -42.56
N SER B 316 -32.70 -24.32 -42.42
CA SER B 316 -33.46 -23.20 -42.96
C SER B 316 -32.97 -21.86 -42.39
N ASP B 317 -32.63 -21.84 -41.09
CA ASP B 317 -32.15 -20.60 -40.48
C ASP B 317 -30.80 -20.20 -41.03
N TRP B 318 -29.92 -21.17 -41.28
CA TRP B 318 -28.63 -20.86 -41.89
C TRP B 318 -28.82 -20.16 -43.23
N THR B 319 -29.67 -20.74 -44.10
CA THR B 319 -29.97 -20.17 -45.41
C THR B 319 -30.47 -18.74 -45.31
N ASP B 320 -31.47 -18.50 -44.46
CA ASP B 320 -32.05 -17.16 -44.31
C ASP B 320 -31.01 -16.17 -43.82
N ALA B 321 -30.13 -16.62 -42.91
CA ALA B 321 -29.10 -15.76 -42.35
C ALA B 321 -28.06 -15.41 -43.40
N MET B 322 -27.67 -16.39 -44.22
CA MET B 322 -26.72 -16.14 -45.29
C MET B 322 -27.27 -15.14 -46.28
N ALA B 323 -28.50 -15.36 -46.75
CA ALA B 323 -29.14 -14.44 -47.68
C ALA B 323 -29.30 -13.06 -47.06
N LYS B 324 -29.66 -12.99 -45.78
CA LYS B 324 -29.89 -11.69 -45.15
C LYS B 324 -28.60 -10.89 -45.02
N ALA B 325 -27.51 -11.55 -44.62
CA ALA B 325 -26.25 -10.84 -44.38
C ALA B 325 -25.53 -10.48 -45.67
N THR B 326 -25.58 -11.35 -46.71
CA THR B 326 -24.86 -11.06 -47.94
C THR B 326 -25.72 -10.45 -49.03
N GLY B 327 -27.04 -10.64 -48.99
CA GLY B 327 -27.89 -10.26 -50.10
C GLY B 327 -27.92 -11.25 -51.26
N ALA B 328 -27.14 -12.33 -51.21
CA ALA B 328 -27.23 -13.34 -52.27
C ALA B 328 -28.54 -14.12 -52.16
N LYS B 329 -28.98 -14.64 -53.30
CA LYS B 329 -30.04 -15.65 -53.30
C LYS B 329 -29.42 -16.98 -52.92
N VAL B 330 -29.86 -17.54 -51.80
CA VAL B 330 -29.26 -18.77 -51.28
C VAL B 330 -30.30 -19.88 -51.27
N ILE B 331 -29.95 -21.01 -51.88
CA ILE B 331 -30.75 -22.23 -51.80
C ILE B 331 -29.95 -23.22 -50.98
N GLY B 332 -30.40 -23.50 -49.77
CA GLY B 332 -29.69 -24.38 -48.86
C GLY B 332 -30.27 -25.77 -48.86
N VAL B 333 -29.49 -26.73 -49.32
CA VAL B 333 -29.90 -28.12 -49.43
C VAL B 333 -29.20 -28.93 -48.33
N SER B 334 -29.96 -29.41 -47.35
CA SER B 334 -29.39 -30.21 -46.25
C SER B 334 -29.28 -31.68 -46.66
N LYS B 335 -28.48 -31.92 -47.68
CA LYS B 335 -28.13 -33.27 -48.10
C LYS B 335 -26.66 -33.29 -48.51
N GLU B 336 -26.11 -34.50 -48.57
CA GLU B 336 -24.85 -34.69 -49.26
C GLU B 336 -25.08 -34.58 -50.77
N PHE B 337 -24.15 -33.93 -51.46
CA PHE B 337 -24.20 -33.90 -52.92
C PHE B 337 -24.20 -35.32 -53.45
N ASP B 338 -24.95 -35.57 -54.52
CA ASP B 338 -24.98 -36.90 -55.14
C ASP B 338 -24.01 -36.91 -56.33
N PHE B 339 -22.79 -37.36 -56.09
CA PHE B 339 -21.80 -37.49 -57.15
C PHE B 339 -22.00 -38.72 -58.04
N LYS B 340 -23.05 -39.52 -57.83
CA LYS B 340 -23.33 -40.66 -58.70
C LYS B 340 -24.33 -40.36 -59.80
N SER B 341 -25.02 -39.22 -59.76
CA SER B 341 -26.11 -38.93 -60.69
C SER B 341 -25.56 -37.98 -61.75
N PHE B 342 -25.20 -38.55 -62.90
CA PHE B 342 -24.56 -37.79 -63.98
C PHE B 342 -25.64 -37.17 -64.86
N SER B 343 -26.43 -36.29 -64.25
CA SER B 343 -27.55 -35.69 -64.94
C SER B 343 -27.82 -34.31 -64.36
N VAL B 344 -28.14 -33.36 -65.23
CA VAL B 344 -28.49 -32.03 -64.74
C VAL B 344 -29.88 -32.03 -64.13
N GLN B 345 -30.60 -33.17 -64.25
N GLN B 345 -30.59 -33.17 -64.23
CA GLN B 345 -31.87 -33.29 -63.53
CA GLN B 345 -31.87 -33.30 -63.52
C GLN B 345 -31.68 -33.55 -62.04
C GLN B 345 -31.68 -33.54 -62.03
N ALA B 346 -30.48 -33.93 -61.62
CA ALA B 346 -30.18 -34.22 -60.23
C ALA B 346 -29.42 -33.05 -59.61
N ASN B 347 -29.37 -33.03 -58.28
CA ASN B 347 -28.63 -32.01 -57.53
C ASN B 347 -29.11 -30.58 -57.85
N GLN B 348 -30.33 -30.43 -58.34
CA GLN B 348 -30.95 -29.16 -58.71
C GLN B 348 -30.10 -28.35 -59.68
N LEU B 349 -29.23 -28.98 -60.48
CA LEU B 349 -28.44 -28.20 -61.43
C LEU B 349 -29.28 -27.52 -62.50
N ASN B 350 -30.55 -27.92 -62.64
CA ASN B 350 -31.43 -27.33 -63.65
C ASN B 350 -31.76 -25.87 -63.39
N MET B 351 -31.59 -25.38 -62.16
CA MET B 351 -31.76 -23.94 -61.93
C MET B 351 -30.72 -23.11 -62.67
N PHE B 352 -29.64 -23.72 -63.17
CA PHE B 352 -28.58 -22.96 -63.83
C PHE B 352 -28.57 -23.16 -65.33
N GLN B 353 -29.60 -23.76 -65.92
CA GLN B 353 -29.57 -23.99 -67.35
C GLN B 353 -29.54 -22.64 -68.06
N ASN B 354 -28.77 -22.56 -69.16
CA ASN B 354 -28.58 -21.31 -69.90
C ASN B 354 -27.93 -20.23 -69.03
N SER B 355 -26.99 -20.64 -68.17
CA SER B 355 -26.34 -19.71 -67.27
C SER B 355 -24.89 -20.12 -67.09
N LYS B 356 -24.09 -19.20 -66.57
CA LYS B 356 -22.72 -19.50 -66.17
C LYS B 356 -22.71 -20.02 -64.73
N LEU B 357 -21.74 -20.89 -64.43
CA LEU B 357 -21.69 -21.53 -63.12
C LEU B 357 -20.24 -21.88 -62.80
N SER B 358 -19.85 -21.60 -61.56
CA SER B 358 -18.61 -22.14 -61.01
C SER B 358 -18.96 -22.95 -59.78
N VAL B 359 -18.03 -23.83 -59.40
CA VAL B 359 -18.26 -24.82 -58.37
C VAL B 359 -17.16 -24.72 -57.34
N ILE B 360 -17.54 -24.58 -56.09
CA ILE B 360 -16.62 -24.62 -54.96
C ILE B 360 -16.87 -25.91 -54.23
N ASP B 361 -15.97 -26.87 -54.36
CA ASP B 361 -16.13 -28.18 -53.73
C ASP B 361 -15.22 -28.27 -52.51
N ASP B 362 -15.81 -28.14 -51.34
CA ASP B 362 -15.05 -28.16 -50.09
C ASP B 362 -15.06 -29.52 -49.40
N THR B 363 -15.63 -30.55 -50.04
CA THR B 363 -15.83 -31.81 -49.33
C THR B 363 -14.52 -32.59 -49.17
N TRP B 364 -14.50 -33.40 -48.13
CA TRP B 364 -13.41 -34.34 -47.91
C TRP B 364 -13.95 -35.44 -47.01
N VAL B 365 -13.19 -36.53 -46.89
CA VAL B 365 -13.50 -37.60 -45.96
C VAL B 365 -12.22 -38.07 -45.31
N GLU B 366 -12.36 -38.71 -44.14
CA GLU B 366 -11.23 -39.25 -43.41
C GLU B 366 -10.85 -40.67 -43.86
N THR B 367 -11.78 -41.41 -44.45
CA THR B 367 -11.59 -42.80 -44.81
C THR B 367 -11.65 -42.95 -46.31
N ASP B 368 -10.64 -43.62 -46.87
CA ASP B 368 -10.48 -43.79 -48.31
C ASP B 368 -10.80 -42.50 -49.05
N TYR B 369 -9.99 -41.49 -48.74
CA TYR B 369 -10.12 -40.16 -49.32
C TYR B 369 -9.85 -40.18 -50.82
N GLU B 370 -8.87 -40.98 -51.25
CA GLU B 370 -8.50 -41.05 -52.66
C GLU B 370 -9.65 -41.58 -53.51
N LYS B 371 -10.30 -42.65 -53.05
CA LYS B 371 -11.47 -43.18 -53.76
C LYS B 371 -12.54 -42.12 -53.88
N PHE B 372 -12.80 -41.38 -52.79
CA PHE B 372 -13.81 -40.33 -52.81
C PHE B 372 -13.43 -39.25 -53.83
N GLN B 373 -12.14 -38.91 -53.91
CA GLN B 373 -11.70 -37.92 -54.89
C GLN B 373 -11.84 -38.44 -56.31
N SER B 374 -11.49 -39.70 -56.55
CA SER B 374 -11.68 -40.29 -57.87
C SER B 374 -13.13 -40.20 -58.31
N GLU B 375 -14.06 -40.47 -57.40
CA GLU B 375 -15.48 -40.36 -57.73
C GLU B 375 -15.85 -38.92 -58.06
N LYS B 376 -15.43 -37.97 -57.21
CA LYS B 376 -15.74 -36.58 -57.51
C LYS B 376 -15.08 -36.15 -58.82
N GLN B 377 -13.85 -36.60 -59.06
CA GLN B 377 -13.13 -36.20 -60.26
C GLN B 377 -13.88 -36.63 -61.52
N ALA B 378 -14.38 -37.86 -61.56
CA ALA B 378 -15.15 -38.31 -62.71
C ALA B 378 -16.42 -37.49 -62.85
N TYR B 379 -17.05 -37.13 -61.73
CA TYR B 379 -18.23 -36.29 -61.80
C TYR B 379 -17.90 -34.90 -62.34
N PHE B 380 -16.78 -34.31 -61.90
CA PHE B 380 -16.46 -32.96 -62.36
C PHE B 380 -15.98 -32.97 -63.81
N GLU B 381 -15.33 -34.07 -64.23
CA GLU B 381 -14.95 -34.18 -65.64
C GLU B 381 -16.17 -34.24 -66.55
N TRP B 382 -17.24 -34.87 -66.08
CA TRP B 382 -18.53 -34.79 -66.78
C TRP B 382 -19.12 -33.39 -66.67
N LEU B 383 -19.17 -32.84 -65.45
CA LEU B 383 -19.87 -31.58 -65.25
C LEU B 383 -19.27 -30.46 -66.10
N ILE B 384 -17.93 -30.42 -66.21
CA ILE B 384 -17.26 -29.31 -66.89
C ILE B 384 -17.63 -29.24 -68.36
N ASP B 385 -18.17 -30.33 -68.92
CA ASP B 385 -18.46 -30.42 -70.35
C ASP B 385 -19.93 -30.22 -70.67
N ARG B 386 -20.76 -29.78 -69.73
CA ARG B 386 -22.17 -29.58 -70.04
C ARG B 386 -22.33 -28.52 -71.13
N THR B 387 -23.36 -28.71 -71.96
CA THR B 387 -23.76 -27.73 -72.96
C THR B 387 -24.97 -26.92 -72.52
N SER B 388 -25.78 -27.42 -71.60
CA SER B 388 -26.92 -26.65 -71.13
C SER B 388 -26.53 -25.71 -69.99
N ILE B 389 -25.27 -25.76 -69.55
CA ILE B 389 -24.72 -24.89 -68.54
C ILE B 389 -23.30 -24.52 -68.96
N ASP B 390 -22.94 -23.23 -68.83
CA ASP B 390 -21.59 -22.76 -69.09
C ASP B 390 -20.82 -22.86 -67.78
N VAL B 391 -20.22 -24.03 -67.55
CA VAL B 391 -19.49 -24.26 -66.32
C VAL B 391 -18.11 -23.62 -66.48
N ARG B 392 -17.83 -22.62 -65.63
CA ARG B 392 -16.63 -21.79 -65.82
C ARG B 392 -15.40 -22.37 -65.13
N LEU B 393 -15.52 -22.78 -63.86
CA LEU B 393 -14.36 -23.19 -63.09
C LEU B 393 -14.81 -24.04 -61.90
N ILE B 394 -14.06 -25.12 -61.63
CA ILE B 394 -14.35 -26.04 -60.54
C ILE B 394 -13.11 -26.15 -59.66
N SER B 395 -13.26 -25.87 -58.37
CA SER B 395 -12.18 -26.07 -57.42
C SER B 395 -12.46 -27.29 -56.53
N MET B 396 -11.42 -28.09 -56.32
CA MET B 396 -11.51 -29.31 -55.53
C MET B 396 -10.20 -29.51 -54.77
N LYS B 397 -10.28 -30.01 -53.54
CA LYS B 397 -9.09 -30.37 -52.79
C LYS B 397 -8.44 -31.60 -53.41
N TRP B 398 -7.12 -31.66 -53.34
CA TRP B 398 -6.38 -32.71 -54.04
C TRP B 398 -5.30 -33.27 -53.13
N ASN B 399 -5.31 -34.58 -52.96
CA ASN B 399 -4.26 -35.27 -52.19
C ASN B 399 -4.33 -36.74 -52.62
N ARG B 400 -3.47 -37.11 -53.57
CA ARG B 400 -3.45 -38.45 -54.15
C ARG B 400 -2.06 -39.05 -54.03
N SER B 401 -1.99 -40.26 -53.47
CA SER B 401 -0.71 -40.95 -53.35
C SER B 401 -0.35 -41.78 -54.59
N LYS B 402 -1.28 -41.96 -55.52
CA LYS B 402 -1.03 -42.72 -56.74
C LYS B 402 -1.04 -41.79 -57.95
N ASP B 403 -0.36 -42.23 -59.01
CA ASP B 403 -0.37 -41.48 -60.25
C ASP B 403 -1.77 -41.49 -60.85
N THR B 404 -2.23 -40.32 -61.28
CA THR B 404 -3.62 -40.15 -61.70
C THR B 404 -3.71 -39.36 -62.99
N SER B 405 -4.47 -39.88 -63.94
CA SER B 405 -4.86 -39.11 -65.12
C SER B 405 -6.05 -38.23 -64.77
N VAL B 406 -6.05 -37.01 -65.30
CA VAL B 406 -7.14 -36.07 -65.09
C VAL B 406 -7.46 -35.42 -66.41
N SER B 407 -8.73 -35.14 -66.65
CA SER B 407 -9.20 -34.41 -67.82
C SER B 407 -9.65 -33.00 -67.45
N HIS B 408 -9.39 -32.07 -68.38
CA HIS B 408 -9.78 -30.68 -68.22
C HIS B 408 -9.14 -30.04 -66.99
N LEU B 409 -7.93 -30.47 -66.62
CA LEU B 409 -7.24 -29.88 -65.48
C LEU B 409 -6.53 -28.62 -65.95
N LEU B 410 -6.95 -27.47 -65.43
CA LEU B 410 -6.32 -26.20 -65.76
C LEU B 410 -5.19 -25.85 -64.80
N ALA B 411 -5.37 -26.12 -63.51
CA ALA B 411 -4.39 -25.74 -62.52
C ALA B 411 -4.35 -26.79 -61.42
N LEU B 412 -3.16 -27.00 -60.87
CA LEU B 412 -2.97 -27.80 -59.67
C LEU B 412 -2.05 -26.99 -58.78
N LEU B 413 -2.57 -26.47 -57.68
CA LEU B 413 -1.91 -25.39 -56.96
C LEU B 413 -1.80 -25.71 -55.49
N PRO B 414 -0.76 -25.20 -54.83
CA PRO B 414 -0.75 -25.20 -53.36
C PRO B 414 -1.80 -24.23 -52.82
N GLN B 415 -2.24 -24.49 -51.58
CA GLN B 415 -3.17 -23.59 -50.93
C GLN B 415 -2.37 -22.48 -50.24
N PRO B 416 -2.49 -21.22 -50.68
CA PRO B 416 -1.70 -20.13 -50.07
C PRO B 416 -1.74 -20.10 -48.55
N TYR B 417 -2.88 -20.45 -47.95
CA TYR B 417 -3.03 -20.40 -46.50
C TYR B 417 -3.06 -21.78 -45.87
N GLY B 418 -2.61 -22.81 -46.59
CA GLY B 418 -2.62 -24.16 -46.05
C GLY B 418 -1.55 -24.47 -45.03
N ALA B 419 -0.55 -23.58 -44.90
CA ALA B 419 0.55 -23.76 -43.95
C ALA B 419 1.27 -25.08 -44.19
N SER B 420 1.03 -26.06 -43.34
CA SER B 420 1.78 -27.31 -43.37
C SER B 420 1.01 -28.49 -43.96
N ILE B 421 -0.25 -28.31 -44.36
CA ILE B 421 -1.00 -29.46 -44.86
C ILE B 421 -0.45 -29.87 -46.22
N ARG B 422 -0.56 -31.15 -46.53
CA ARG B 422 -0.07 -31.72 -47.79
C ARG B 422 -1.08 -31.64 -48.91
N GLU B 423 -2.27 -31.14 -48.61
CA GLU B 423 -3.36 -31.08 -49.58
C GLU B 423 -3.16 -29.95 -50.58
N MET B 424 -3.39 -30.24 -51.85
CA MET B 424 -3.33 -29.22 -52.90
C MET B 424 -4.75 -28.86 -53.33
N ARG B 425 -4.86 -28.15 -54.46
CA ARG B 425 -6.14 -27.72 -54.99
C ARG B 425 -6.13 -27.84 -56.51
N ALA B 426 -7.11 -28.57 -57.05
CA ALA B 426 -7.25 -28.75 -58.49
C ALA B 426 -8.33 -27.84 -59.03
N PHE B 427 -8.09 -27.26 -60.22
CA PHE B 427 -9.07 -26.43 -60.89
C PHE B 427 -9.37 -27.03 -62.27
N PHE B 428 -10.64 -27.38 -62.51
CA PHE B 428 -11.13 -27.87 -63.80
C PHE B 428 -11.70 -26.73 -64.63
N HIS B 429 -11.45 -26.76 -65.93
CA HIS B 429 -11.82 -25.68 -66.83
C HIS B 429 -11.91 -26.27 -68.23
N LYS B 430 -12.82 -25.74 -69.05
CA LYS B 430 -12.91 -26.28 -70.40
C LYS B 430 -11.65 -26.02 -71.21
N LYS B 431 -10.87 -25.02 -70.85
CA LYS B 431 -9.61 -24.76 -71.54
C LYS B 431 -8.41 -25.41 -70.85
N GLY B 432 -8.63 -26.22 -69.82
CA GLY B 432 -7.54 -26.97 -69.23
C GLY B 432 -7.06 -28.10 -70.14
N ALA B 433 -6.00 -28.78 -69.69
CA ALA B 433 -5.41 -29.85 -70.50
C ALA B 433 -6.41 -30.97 -70.76
N SER B 434 -6.46 -31.44 -72.02
CA SER B 434 -7.36 -32.52 -72.39
C SER B 434 -7.19 -33.73 -71.49
N ASP B 435 -5.93 -34.10 -71.27
CA ASP B 435 -5.54 -35.23 -70.43
C ASP B 435 -4.14 -34.95 -69.93
N ILE B 436 -3.89 -35.26 -68.67
CA ILE B 436 -2.55 -35.18 -68.13
C ILE B 436 -2.47 -36.13 -66.95
N LYS B 437 -1.32 -36.75 -66.78
CA LYS B 437 -1.08 -37.66 -65.68
C LYS B 437 -0.28 -36.90 -64.63
N ILE B 438 -0.84 -36.84 -63.42
CA ILE B 438 -0.19 -36.19 -62.29
C ILE B 438 0.58 -37.25 -61.53
N LEU B 439 1.91 -37.09 -61.44
CA LEU B 439 2.76 -38.03 -60.74
C LEU B 439 2.77 -37.73 -59.25
N ALA B 440 2.41 -38.74 -58.44
CA ALA B 440 2.31 -38.51 -57.00
C ALA B 440 3.66 -38.18 -56.39
N ALA B 441 4.74 -38.76 -56.92
CA ALA B 441 6.08 -38.40 -56.46
C ALA B 441 6.39 -36.94 -56.75
N GLU B 442 5.85 -36.39 -57.85
CA GLU B 442 6.07 -34.99 -58.17
C GLU B 442 5.33 -34.07 -57.21
N THR B 443 4.06 -34.37 -56.95
CA THR B 443 3.30 -33.54 -56.02
C THR B 443 3.84 -33.66 -54.62
N GLU B 444 4.35 -34.84 -54.23
CA GLU B 444 4.88 -34.99 -52.88
C GLU B 444 6.08 -34.09 -52.66
N LYS B 445 7.04 -34.10 -53.59
CA LYS B 445 8.21 -33.23 -53.44
C LYS B 445 7.80 -31.78 -53.53
N TYR B 446 6.85 -31.47 -54.41
CA TYR B 446 6.37 -30.10 -54.55
C TYR B 446 5.78 -29.60 -53.23
N MET B 447 5.06 -30.45 -52.52
CA MET B 447 4.52 -30.01 -51.25
C MET B 447 5.57 -30.02 -50.15
N ASP B 448 6.61 -30.85 -50.30
CA ASP B 448 7.74 -30.77 -49.40
C ASP B 448 8.40 -29.39 -49.48
N ASP B 449 8.56 -28.87 -50.70
CA ASP B 449 9.08 -27.52 -50.89
C ASP B 449 8.11 -26.48 -50.34
N PHE B 450 6.84 -26.56 -50.75
CA PHE B 450 5.88 -25.52 -50.38
C PHE B 450 5.76 -25.41 -48.87
N THR B 451 5.63 -26.53 -48.17
CA THR B 451 5.49 -26.48 -46.72
C THR B 451 6.79 -26.08 -46.03
N ALA B 452 7.89 -25.99 -46.76
CA ALA B 452 9.14 -25.52 -46.17
C ALA B 452 9.28 -24.01 -46.24
N MET B 453 8.50 -23.33 -47.07
CA MET B 453 8.61 -21.89 -47.25
C MET B 453 8.04 -21.13 -46.05
N SER B 454 8.40 -19.86 -45.95
CA SER B 454 7.80 -18.99 -44.96
C SER B 454 6.30 -18.82 -45.23
N VAL B 455 5.54 -18.61 -44.15
CA VAL B 455 4.11 -18.34 -44.30
C VAL B 455 3.89 -17.23 -45.31
N SER B 456 4.75 -16.21 -45.27
CA SER B 456 4.58 -15.07 -46.15
C SER B 456 4.82 -15.46 -47.61
N ASP B 457 5.79 -16.34 -47.85
CA ASP B 457 6.03 -16.78 -49.23
C ASP B 457 4.94 -17.74 -49.70
N GLN B 458 4.42 -18.57 -48.79
CA GLN B 458 3.25 -19.37 -49.12
C GLN B 458 2.09 -18.50 -49.57
N ILE B 459 1.77 -17.48 -48.77
CA ILE B 459 0.64 -16.60 -49.05
C ILE B 459 0.76 -16.01 -50.45
N ASN B 460 1.99 -15.71 -50.89
CA ASN B 460 2.16 -15.04 -52.16
C ASN B 460 1.87 -15.93 -53.35
N THR B 461 1.73 -17.25 -53.16
CA THR B 461 1.38 -18.10 -54.28
C THR B 461 -0.07 -17.91 -54.72
N GLN B 462 -0.85 -17.11 -53.99
CA GLN B 462 -2.19 -16.78 -54.46
C GLN B 462 -2.14 -16.08 -55.82
N LYS B 463 -0.97 -15.57 -56.21
CA LYS B 463 -0.83 -15.04 -57.56
C LYS B 463 -1.13 -16.09 -58.62
N PHE B 464 -0.92 -17.38 -58.33
CA PHE B 464 -1.21 -18.41 -59.32
C PHE B 464 -2.71 -18.54 -59.59
N MET B 465 -3.52 -18.53 -58.53
CA MET B 465 -4.97 -18.48 -58.71
C MET B 465 -5.38 -17.24 -59.51
N HIS B 466 -4.82 -16.09 -59.16
CA HIS B 466 -5.25 -14.83 -59.75
C HIS B 466 -4.85 -14.73 -61.22
N CYS B 467 -3.87 -15.51 -61.68
CA CYS B 467 -3.61 -15.65 -63.12
C CYS B 467 -4.88 -15.98 -63.88
N MET B 468 -5.80 -16.72 -63.27
CA MET B 468 -7.03 -17.13 -63.92
C MET B 468 -8.07 -16.01 -64.04
N ILE B 469 -7.88 -14.86 -63.38
CA ILE B 469 -8.72 -13.69 -63.60
C ILE B 469 -7.84 -12.54 -64.05
N THR B 470 -6.77 -12.85 -64.78
CA THR B 470 -5.89 -11.87 -65.38
C THR B 470 -6.01 -11.95 -66.90
N THR B 471 -6.26 -10.80 -67.51
CA THR B 471 -6.28 -10.64 -68.97
C THR B 471 -4.98 -10.00 -69.40
N VAL B 472 -4.41 -10.47 -70.52
CA VAL B 472 -3.21 -9.88 -71.10
C VAL B 472 -3.62 -8.88 -72.17
N GLY B 473 -2.92 -7.76 -72.22
CA GLY B 473 -3.19 -6.71 -73.17
C GLY B 473 -2.54 -5.41 -72.77
N ASP B 474 -2.49 -4.49 -73.71
CA ASP B 474 -1.99 -3.14 -73.44
C ASP B 474 -3.13 -2.31 -72.87
N ALA B 475 -3.00 -1.86 -71.62
CA ALA B 475 -4.11 -1.17 -70.96
C ALA B 475 -4.51 0.08 -71.71
N LEU B 476 -3.54 0.82 -72.25
CA LEU B 476 -3.85 2.05 -72.97
C LEU B 476 -4.72 1.80 -74.20
N LYS B 477 -4.75 0.57 -74.71
CA LYS B 477 -5.51 0.23 -75.90
C LYS B 477 -6.84 -0.45 -75.56
N MET B 478 -7.21 -0.53 -74.29
CA MET B 478 -8.41 -1.28 -73.93
C MET B 478 -9.67 -0.57 -74.42
N ASP B 479 -10.74 -1.36 -74.53
CA ASP B 479 -12.05 -0.90 -74.94
C ASP B 479 -12.75 -0.27 -73.75
N LEU B 480 -13.16 1.00 -73.89
CA LEU B 480 -13.69 1.75 -72.76
C LEU B 480 -15.19 2.02 -72.87
N ASP B 481 -15.88 1.25 -73.72
CA ASP B 481 -17.30 1.43 -73.97
C ASP B 481 -18.13 0.99 -72.78
N GLY B 482 -19.33 1.55 -72.69
CA GLY B 482 -20.28 1.13 -71.67
C GLY B 482 -19.98 1.65 -70.27
N GLY B 483 -19.35 2.82 -70.15
CA GLY B 483 -19.03 3.34 -68.83
C GLY B 483 -18.09 2.45 -68.04
N ARG B 484 -17.11 1.83 -68.72
CA ARG B 484 -16.27 0.80 -68.12
C ARG B 484 -15.47 1.37 -66.95
N ALA B 485 -15.35 0.57 -65.89
CA ALA B 485 -14.66 0.99 -64.67
C ALA B 485 -13.27 0.35 -64.61
N VAL B 486 -12.24 1.18 -64.42
CA VAL B 486 -10.85 0.77 -64.39
C VAL B 486 -10.15 1.49 -63.24
N ILE B 487 -9.24 0.81 -62.56
CA ILE B 487 -8.41 1.41 -61.51
C ILE B 487 -6.96 1.33 -61.98
N ALA B 488 -6.31 2.48 -62.09
CA ALA B 488 -5.00 2.55 -62.71
C ALA B 488 -4.08 3.50 -61.96
N SER B 489 -2.86 3.05 -61.68
CA SER B 489 -1.81 3.89 -61.12
C SER B 489 -0.46 3.54 -61.74
N SER B 498 5.13 6.11 -70.22
CA SER B 498 5.19 7.41 -70.88
C SER B 498 3.96 8.31 -70.66
N LYS B 499 4.30 9.51 -70.18
CA LYS B 499 3.31 10.48 -69.70
C LYS B 499 2.33 10.89 -70.79
N GLU B 500 2.85 11.27 -71.97
CA GLU B 500 1.94 11.80 -72.97
C GLU B 500 1.01 10.73 -73.55
N ARG B 501 1.42 9.45 -73.51
CA ARG B 501 0.47 8.42 -73.92
C ARG B 501 -0.55 8.14 -72.83
N VAL B 502 -0.17 8.27 -71.55
CA VAL B 502 -1.15 8.09 -70.49
C VAL B 502 -2.22 9.17 -70.55
N LEU B 503 -1.79 10.43 -70.75
CA LEU B 503 -2.70 11.57 -70.79
C LEU B 503 -3.65 11.52 -71.97
N LYS B 504 -3.22 10.96 -73.11
CA LYS B 504 -4.13 10.81 -74.24
C LYS B 504 -5.17 9.74 -73.94
N PHE B 505 -4.72 8.60 -73.42
CA PHE B 505 -5.62 7.53 -72.94
C PHE B 505 -6.69 8.07 -71.99
N LEU B 506 -6.27 8.87 -70.99
CA LEU B 506 -7.21 9.44 -70.03
C LEU B 506 -8.16 10.43 -70.69
N SER B 507 -7.62 11.31 -71.53
CA SER B 507 -8.45 12.22 -72.30
C SER B 507 -9.50 11.49 -73.13
N ASP B 508 -9.09 10.39 -73.78
CA ASP B 508 -10.05 9.59 -74.54
C ASP B 508 -11.05 8.93 -73.61
N ALA B 509 -10.58 8.41 -72.48
CA ALA B 509 -11.48 7.73 -71.55
C ALA B 509 -12.57 8.69 -71.07
N ASN B 510 -12.21 9.93 -70.74
CA ASN B 510 -13.20 10.90 -70.30
C ASN B 510 -14.16 11.28 -71.43
N LYS B 511 -13.64 11.47 -72.64
CA LYS B 511 -14.49 11.67 -73.81
C LYS B 511 -15.46 10.50 -74.00
N ALA B 512 -14.98 9.26 -73.78
CA ALA B 512 -15.83 8.09 -73.97
C ALA B 512 -16.83 7.89 -72.85
N LYS B 513 -16.84 8.75 -71.82
CA LYS B 513 -17.67 8.56 -70.63
C LYS B 513 -17.28 7.30 -69.86
N ALA B 514 -16.01 6.92 -69.93
CA ALA B 514 -15.55 5.79 -69.14
C ALA B 514 -15.31 6.22 -67.70
N MET B 515 -15.00 5.25 -66.84
CA MET B 515 -14.68 5.52 -65.44
C MET B 515 -13.31 4.90 -65.12
N VAL B 516 -12.27 5.47 -65.70
CA VAL B 516 -10.91 5.15 -65.31
C VAL B 516 -10.55 6.05 -64.13
N VAL B 517 -10.30 5.44 -62.97
CA VAL B 517 -9.82 6.14 -61.79
C VAL B 517 -8.30 6.11 -61.81
N PHE B 518 -7.68 7.28 -61.71
CA PHE B 518 -6.26 7.41 -61.93
C PHE B 518 -5.56 8.02 -60.74
N GLY B 519 -4.43 7.43 -60.36
CA GLY B 519 -3.60 8.00 -59.31
C GLY B 519 -2.14 8.03 -59.74
N ALA B 520 -1.42 9.04 -59.23
CA ALA B 520 -0.02 9.24 -59.57
C ALA B 520 0.61 10.16 -58.54
N PRO B 521 1.91 10.04 -58.31
CA PRO B 521 2.59 11.01 -57.44
C PRO B 521 2.48 12.42 -57.98
N ASN B 522 2.31 13.38 -57.08
CA ASN B 522 2.10 14.77 -57.50
C ASN B 522 3.47 15.45 -57.61
N THR B 523 3.84 15.81 -58.84
CA THR B 523 5.19 16.31 -59.12
C THR B 523 5.56 17.43 -58.15
N HIS B 524 4.70 18.41 -58.05
CA HIS B 524 5.05 19.63 -57.36
C HIS B 524 5.01 19.44 -55.84
N ARG B 525 4.16 18.56 -55.32
CA ARG B 525 4.20 18.32 -53.88
C ARG B 525 5.49 17.59 -53.49
N LEU B 526 5.89 16.60 -54.28
CA LEU B 526 7.11 15.86 -53.98
C LEU B 526 8.34 16.75 -54.11
N ALA B 527 8.36 17.59 -55.15
CA ALA B 527 9.43 18.57 -55.28
C ALA B 527 9.47 19.51 -54.08
N TYR B 528 8.31 19.96 -53.61
CA TYR B 528 8.29 20.81 -52.42
C TYR B 528 8.80 20.05 -51.21
N ALA B 529 8.35 18.80 -51.03
CA ALA B 529 8.79 18.02 -49.87
C ALA B 529 10.29 17.80 -49.90
N LYS B 530 10.86 17.59 -51.10
CA LYS B 530 12.31 17.48 -51.22
C LYS B 530 13.00 18.79 -50.89
N LYS B 531 12.45 19.91 -51.39
CA LYS B 531 13.16 21.19 -51.33
C LYS B 531 13.31 21.70 -49.91
N VAL B 532 12.31 21.44 -49.05
CA VAL B 532 12.40 21.88 -47.65
C VAL B 532 13.11 20.87 -46.79
N GLY B 533 13.49 19.73 -47.35
CA GLY B 533 14.29 18.76 -46.63
C GLY B 533 13.53 17.70 -45.89
N LEU B 534 12.23 17.54 -46.16
CA LEU B 534 11.48 16.48 -45.50
C LEU B 534 11.90 15.11 -46.00
N VAL B 535 11.99 14.94 -47.32
CA VAL B 535 12.40 13.69 -47.92
C VAL B 535 13.72 13.92 -48.66
N LEU B 536 14.67 13.03 -48.45
CA LEU B 536 16.01 13.16 -49.02
C LEU B 536 16.14 12.18 -50.18
N ASP B 537 17.08 12.48 -51.09
CA ASP B 537 17.23 11.70 -52.31
C ASP B 537 17.53 10.22 -52.06
N SER B 538 18.04 9.88 -50.87
CA SER B 538 18.25 8.47 -50.54
C SER B 538 16.98 7.64 -50.73
N ALA B 539 15.82 8.22 -50.48
CA ALA B 539 14.56 7.50 -50.62
C ALA B 539 13.85 7.77 -51.93
N ILE B 540 13.79 9.03 -52.35
CA ILE B 540 13.09 9.42 -53.56
C ILE B 540 13.89 10.50 -54.26
N LYS B 541 14.23 10.25 -55.53
CA LYS B 541 14.86 11.22 -56.40
C LYS B 541 13.89 11.60 -57.51
N MET B 542 14.21 12.71 -58.17
CA MET B 542 13.35 13.22 -59.22
C MET B 542 14.16 14.06 -60.19
N SER B 543 13.85 13.94 -61.46
CA SER B 543 14.45 14.76 -62.53
C SER B 543 13.29 15.30 -63.34
N LYS B 544 12.98 16.58 -63.14
CA LYS B 544 11.71 17.15 -63.58
C LYS B 544 10.57 16.30 -63.04
N ASP B 545 9.84 15.59 -63.90
CA ASP B 545 8.70 14.79 -63.48
C ASP B 545 8.98 13.29 -63.44
N LEU B 546 10.24 12.87 -63.65
CA LEU B 546 10.59 11.46 -63.61
C LEU B 546 11.13 11.12 -62.23
N ILE B 547 10.42 10.24 -61.52
CA ILE B 547 10.70 9.95 -60.11
C ILE B 547 11.32 8.57 -60.01
N THR B 548 12.32 8.44 -59.14
CA THR B 548 12.92 7.15 -58.80
C THR B 548 12.67 6.86 -57.32
N PHE B 549 11.96 5.77 -57.05
CA PHE B 549 11.63 5.39 -55.67
C PHE B 549 12.62 4.35 -55.14
N SER B 550 12.81 4.35 -53.82
CA SER B 550 13.63 3.34 -53.15
C SER B 550 12.77 2.29 -52.43
N ARG B 555 14.12 -3.09 -54.21
CA ARG B 555 15.03 -2.12 -54.81
C ARG B 555 14.24 -0.93 -55.39
N ARG B 556 14.67 -0.41 -56.54
CA ARG B 556 14.21 0.87 -57.02
C ARG B 556 13.28 0.69 -58.22
N TRP B 557 12.35 1.64 -58.34
CA TRP B 557 11.49 1.72 -59.52
C TRP B 557 11.29 3.19 -59.89
N ARG B 558 10.97 3.40 -61.16
CA ARG B 558 10.81 4.73 -61.74
C ARG B 558 9.39 4.91 -62.22
N ASP B 559 8.91 6.15 -62.15
CA ASP B 559 7.59 6.50 -62.67
C ASP B 559 7.51 8.02 -62.83
N TYR B 560 6.40 8.47 -63.40
CA TYR B 560 6.20 9.89 -63.68
C TYR B 560 5.26 10.48 -62.63
N GLY B 561 5.64 11.66 -62.13
CA GLY B 561 4.70 12.49 -61.42
C GLY B 561 3.82 13.27 -62.38
N TYR B 562 2.58 13.53 -61.94
CA TYR B 562 1.62 14.30 -62.70
C TYR B 562 1.08 15.45 -61.85
N SER B 563 0.63 16.52 -62.50
CA SER B 563 0.12 17.68 -61.78
C SER B 563 -1.35 17.91 -62.09
N GLN B 564 -2.00 18.70 -61.23
CA GLN B 564 -3.44 18.93 -61.37
C GLN B 564 -3.80 19.60 -62.71
N SER B 565 -2.95 20.47 -63.22
CA SER B 565 -3.29 21.12 -64.48
C SER B 565 -3.12 20.19 -65.68
N GLU B 566 -2.09 19.33 -65.67
CA GLU B 566 -1.97 18.31 -66.72
C GLU B 566 -3.22 17.42 -66.76
N LEU B 567 -3.69 16.98 -65.59
CA LEU B 567 -4.85 16.11 -65.53
C LEU B 567 -6.12 16.83 -65.99
N TYR B 568 -6.32 18.06 -65.52
CA TYR B 568 -7.51 18.80 -65.96
C TYR B 568 -7.47 19.06 -67.46
N ASP B 569 -6.28 19.29 -68.01
CA ASP B 569 -6.15 19.37 -69.47
C ASP B 569 -6.58 18.07 -70.15
N ALA B 570 -6.28 16.93 -69.53
CA ALA B 570 -6.71 15.62 -70.04
C ALA B 570 -8.11 15.24 -69.60
N GLY B 571 -8.87 16.19 -69.04
CA GLY B 571 -10.25 15.92 -68.69
C GLY B 571 -10.48 15.29 -67.33
N TYR B 572 -9.55 15.45 -66.38
CA TYR B 572 -9.64 14.78 -65.09
C TYR B 572 -9.59 15.78 -63.94
N VAL B 573 -10.33 15.45 -62.89
CA VAL B 573 -10.50 16.30 -61.71
C VAL B 573 -9.91 15.57 -60.51
N GLU B 574 -9.01 16.23 -59.80
CA GLU B 574 -8.53 15.63 -58.55
C GLU B 574 -9.69 15.47 -57.57
N ILE B 575 -9.71 14.32 -56.88
CA ILE B 575 -10.58 14.15 -55.71
C ILE B 575 -9.75 13.49 -54.62
N THR B 576 -10.00 13.86 -53.37
CA THR B 576 -9.15 13.31 -52.32
C THR B 576 -9.68 11.96 -51.86
N ILE B 577 -8.81 11.18 -51.21
CA ILE B 577 -9.24 9.93 -50.62
C ILE B 577 -10.38 10.18 -49.66
N ASP B 578 -10.26 11.25 -48.85
CA ASP B 578 -11.28 11.64 -47.89
C ASP B 578 -12.64 11.79 -48.56
N GLN B 579 -12.67 12.57 -49.65
CA GLN B 579 -13.92 12.81 -50.36
C GLN B 579 -14.49 11.52 -50.94
N MET B 580 -13.63 10.67 -51.49
CA MET B 580 -14.12 9.41 -52.07
C MET B 580 -14.83 8.55 -51.04
N VAL B 581 -14.24 8.42 -49.84
CA VAL B 581 -14.83 7.50 -48.86
C VAL B 581 -16.10 8.10 -48.26
N ALA B 582 -16.16 9.42 -48.08
CA ALA B 582 -17.39 10.04 -47.60
C ALA B 582 -18.49 9.94 -48.66
N TYR B 583 -18.17 10.34 -49.90
CA TYR B 583 -19.11 10.19 -51.01
C TYR B 583 -19.62 8.75 -51.11
N SER B 584 -18.74 7.77 -50.90
CA SER B 584 -19.10 6.36 -51.03
C SER B 584 -19.64 5.75 -49.74
N SER B 585 -20.00 6.56 -48.74
CA SER B 585 -20.15 6.02 -47.40
C SER B 585 -21.34 5.08 -47.27
N ASP B 586 -22.41 5.28 -48.05
CA ASP B 586 -23.59 4.43 -47.85
C ASP B 586 -23.45 3.05 -48.49
N VAL B 587 -22.40 2.82 -49.28
CA VAL B 587 -22.12 1.48 -49.77
C VAL B 587 -20.78 0.95 -49.27
N TYR B 588 -20.06 1.72 -48.46
CA TYR B 588 -18.68 1.38 -48.15
C TYR B 588 -18.62 0.21 -47.17
N ASN B 589 -17.73 -0.74 -47.45
CA ASN B 589 -17.62 -1.95 -46.66
C ASN B 589 -16.15 -2.38 -46.60
N GLY B 590 -15.25 -1.43 -46.62
CA GLY B 590 -13.83 -1.69 -46.55
C GLY B 590 -13.26 -1.46 -45.17
N VAL B 591 -11.97 -1.10 -45.12
CA VAL B 591 -11.28 -0.84 -43.87
C VAL B 591 -11.13 0.66 -43.66
N GLY B 592 -10.85 1.04 -42.43
CA GLY B 592 -10.41 2.37 -42.09
C GLY B 592 -8.92 2.40 -41.85
N TYR B 593 -8.46 3.48 -41.21
CA TYR B 593 -7.04 3.67 -40.91
C TYR B 593 -6.92 4.29 -39.54
N PHE B 594 -5.71 4.29 -39.00
CA PHE B 594 -5.44 4.99 -37.75
C PHE B 594 -4.51 6.17 -37.92
N ALA B 595 -3.48 6.07 -38.75
CA ALA B 595 -2.52 7.15 -38.95
C ALA B 595 -2.56 7.62 -40.39
N ASN B 596 -2.34 8.92 -40.56
CA ASN B 596 -2.06 9.44 -41.90
C ASN B 596 -0.60 9.16 -42.24
N SER B 597 -0.26 9.28 -43.53
CA SER B 597 1.04 8.81 -44.01
C SER B 597 1.63 9.82 -44.98
N THR B 598 2.84 10.33 -44.67
CA THR B 598 3.53 11.26 -45.55
C THR B 598 3.70 10.69 -46.95
N TYR B 599 4.13 9.42 -47.05
CA TYR B 599 4.36 8.82 -48.36
C TYR B 599 3.09 8.79 -49.19
N ASN B 600 1.99 8.29 -48.62
CA ASN B 600 0.71 8.25 -49.32
C ASN B 600 0.24 9.63 -49.75
N ASP B 601 0.49 10.66 -48.92
CA ASP B 601 0.05 12.00 -49.26
C ASP B 601 0.76 12.59 -50.47
N LEU B 602 1.93 12.04 -50.85
CA LEU B 602 2.59 12.47 -52.07
C LEU B 602 1.79 12.14 -53.33
N PHE B 603 0.74 11.35 -53.23
CA PHE B 603 -0.03 10.93 -54.40
C PHE B 603 -1.36 11.66 -54.45
N SER B 604 -1.81 11.98 -55.66
CA SER B 604 -3.13 12.53 -55.90
C SER B 604 -3.93 11.58 -56.78
N TRP B 605 -5.24 11.58 -56.59
CA TRP B 605 -6.15 10.73 -57.31
C TRP B 605 -7.12 11.58 -58.12
N TYR B 606 -7.54 11.07 -59.26
CA TYR B 606 -8.30 11.86 -60.22
C TYR B 606 -9.40 11.00 -60.83
N ILE B 607 -10.56 11.63 -61.08
CA ILE B 607 -11.70 10.97 -61.72
C ILE B 607 -12.10 11.84 -62.91
N PRO B 608 -12.77 11.25 -63.91
CA PRO B 608 -13.04 11.99 -65.14
C PRO B 608 -14.06 13.10 -64.96
N LYS B 609 -13.84 14.19 -65.72
CA LYS B 609 -14.66 15.40 -65.60
C LYS B 609 -16.11 15.14 -65.95
N TRP B 610 -16.36 14.26 -66.92
CA TRP B 610 -17.75 13.98 -67.30
C TRP B 610 -18.55 13.52 -66.08
N TYR B 611 -17.92 12.76 -65.19
CA TYR B 611 -18.68 12.25 -64.06
C TYR B 611 -18.81 13.29 -62.94
N VAL B 612 -17.77 14.11 -62.74
CA VAL B 612 -17.88 15.21 -61.79
C VAL B 612 -19.04 16.11 -62.15
N HIS B 613 -19.17 16.45 -63.44
CA HIS B 613 -20.22 17.38 -63.86
C HIS B 613 -21.60 16.79 -63.67
N LYS B 614 -21.75 15.48 -63.90
CA LYS B 614 -23.06 14.85 -63.85
C LYS B 614 -23.60 14.72 -62.43
N ARG B 615 -22.74 14.37 -61.46
CA ARG B 615 -23.22 14.01 -60.13
C ARG B 615 -22.52 14.70 -58.95
N MET B 616 -21.48 15.50 -59.18
CA MET B 616 -20.69 16.00 -58.06
C MET B 616 -20.62 17.53 -57.99
N LEU B 617 -21.45 18.23 -58.74
CA LEU B 617 -21.39 19.70 -58.68
C LEU B 617 -22.20 20.27 -57.53
N MET B 618 -23.13 19.51 -56.95
CA MET B 618 -23.87 19.94 -55.77
C MET B 618 -23.06 19.54 -54.54
N GLN B 619 -22.46 20.52 -53.88
CA GLN B 619 -21.47 20.20 -52.85
C GLN B 619 -22.18 19.96 -51.52
N ASP B 620 -22.60 18.72 -51.27
CA ASP B 620 -22.93 18.39 -49.89
C ASP B 620 -21.62 18.15 -49.13
N ILE B 621 -21.74 17.82 -47.84
CA ILE B 621 -20.57 17.75 -46.96
C ILE B 621 -19.59 16.70 -47.48
N ARG B 622 -20.09 15.59 -48.04
CA ARG B 622 -19.22 14.51 -48.46
C ARG B 622 -18.25 14.95 -49.56
N LEU B 623 -18.65 15.88 -50.42
CA LEU B 623 -17.80 16.39 -51.49
C LEU B 623 -17.18 17.74 -51.14
N SER B 624 -17.13 18.06 -49.92
CA SER B 624 -16.76 19.38 -49.46
C SER B 624 -15.29 19.43 -49.07
N PRO B 625 -14.68 20.61 -49.15
CA PRO B 625 -13.30 20.76 -48.68
C PRO B 625 -13.21 21.16 -47.21
N ALA B 626 -14.31 20.96 -46.48
CA ALA B 626 -14.41 21.56 -45.14
C ALA B 626 -13.30 21.10 -44.22
N ALA B 627 -12.84 19.86 -44.38
CA ALA B 627 -11.83 19.31 -43.49
C ALA B 627 -10.41 19.71 -43.87
N LEU B 628 -10.24 20.54 -44.92
CA LEU B 628 -8.94 21.09 -45.28
C LEU B 628 -8.89 22.62 -45.41
N VAL B 629 -10.03 23.31 -45.56
CA VAL B 629 -9.99 24.74 -45.87
C VAL B 629 -9.65 25.65 -44.70
N LYS B 630 -9.68 25.14 -43.48
CA LYS B 630 -9.51 25.98 -42.30
C LYS B 630 -8.33 25.58 -41.42
N CYS B 631 -7.99 24.28 -41.37
CA CYS B 631 -7.07 23.81 -40.35
C CYS B 631 -5.63 24.28 -40.59
N PHE B 632 -5.21 24.49 -41.85
CA PHE B 632 -3.85 25.00 -42.08
C PHE B 632 -3.78 26.49 -41.77
N THR B 633 -4.74 27.26 -42.27
CA THR B 633 -4.82 28.68 -41.97
C THR B 633 -4.80 28.93 -40.46
N THR B 634 -5.61 28.17 -39.72
CA THR B 634 -5.67 28.38 -38.28
C THR B 634 -4.34 28.03 -37.61
N LEU B 635 -3.74 26.90 -38.00
CA LEU B 635 -2.40 26.56 -37.51
C LEU B 635 -1.41 27.70 -37.73
N ILE B 636 -1.35 28.22 -38.96
CA ILE B 636 -0.42 29.29 -39.27
C ILE B 636 -0.77 30.58 -38.50
N ARG B 637 -2.06 30.91 -38.36
CA ARG B 637 -2.39 32.14 -37.63
C ARG B 637 -2.00 32.03 -36.16
N ASN B 638 -2.08 30.83 -35.57
CA ASN B 638 -1.64 30.68 -34.19
C ASN B 638 -0.13 30.81 -34.08
N ILE B 639 0.62 30.23 -35.03
CA ILE B 639 2.08 30.32 -34.96
C ILE B 639 2.57 31.75 -35.17
N CYS B 640 1.99 32.47 -36.13
CA CYS B 640 2.52 33.74 -36.58
C CYS B 640 1.80 34.95 -36.00
N TYR B 641 0.93 34.75 -35.00
CA TYR B 641 0.26 35.85 -34.28
C TYR B 641 -0.60 36.70 -35.21
N VAL B 642 -1.40 36.03 -36.03
CA VAL B 642 -2.29 36.71 -36.97
C VAL B 642 -3.70 36.75 -36.38
N PRO B 643 -4.16 37.89 -35.84
CA PRO B 643 -5.52 37.96 -35.33
C PRO B 643 -6.54 37.76 -36.44
N HIS B 644 -7.73 37.34 -36.04
CA HIS B 644 -8.79 37.02 -37.00
C HIS B 644 -9.04 38.17 -37.98
N GLU B 645 -9.32 39.37 -37.46
CA GLU B 645 -9.61 40.50 -38.35
C GLU B 645 -8.38 40.93 -39.15
N THR B 646 -7.21 40.96 -38.52
CA THR B 646 -5.96 41.28 -39.22
C THR B 646 -5.76 40.41 -40.46
N TYR B 647 -6.14 39.13 -40.37
CA TYR B 647 -6.05 38.23 -41.52
C TYR B 647 -6.79 38.81 -42.71
N TYR B 648 -8.02 39.28 -42.49
CA TYR B 648 -8.83 39.85 -43.57
C TYR B 648 -8.27 41.20 -44.03
N ARG B 649 -7.63 41.96 -43.13
CA ARG B 649 -6.95 43.17 -43.56
C ARG B 649 -5.79 42.85 -44.50
N PHE B 650 -4.99 41.83 -44.17
CA PHE B 650 -3.92 41.39 -45.06
C PHE B 650 -4.47 41.06 -46.44
N ARG B 651 -5.62 40.39 -46.48
CA ARG B 651 -6.22 40.06 -47.77
C ARG B 651 -6.58 41.33 -48.55
N GLY B 652 -7.14 42.33 -47.85
CA GLY B 652 -7.39 43.60 -48.49
C GLY B 652 -6.12 44.23 -49.06
N ILE B 653 -5.05 44.22 -48.27
CA ILE B 653 -3.79 44.80 -48.74
C ILE B 653 -3.28 44.04 -49.97
N LEU B 654 -3.45 42.72 -49.98
CA LEU B 654 -2.98 41.96 -51.14
C LEU B 654 -3.73 42.36 -52.41
N VAL B 655 -5.05 42.57 -52.32
CA VAL B 655 -5.82 42.99 -53.48
C VAL B 655 -5.42 44.40 -53.91
N ASP B 656 -5.21 45.29 -52.93
CA ASP B 656 -4.74 46.65 -53.21
C ASP B 656 -3.46 46.63 -54.03
N LYS B 657 -2.49 45.78 -53.63
CA LYS B 657 -1.25 45.68 -54.40
C LYS B 657 -1.50 45.14 -55.81
N TYR B 658 -2.39 44.15 -55.92
CA TYR B 658 -2.66 43.57 -57.24
C TYR B 658 -3.27 44.59 -58.18
N LEU B 659 -4.27 45.35 -57.68
CA LEU B 659 -4.96 46.30 -58.55
C LEU B 659 -4.03 47.40 -59.01
N ARG B 660 -3.10 47.83 -58.14
CA ARG B 660 -2.14 48.85 -58.55
C ARG B 660 -1.18 48.30 -59.61
N SER B 661 -0.70 47.06 -59.42
CA SER B 661 0.15 46.43 -60.41
C SER B 661 -0.51 46.39 -61.77
N LYS B 662 -1.85 46.32 -61.79
CA LYS B 662 -2.60 46.32 -63.03
C LYS B 662 -3.02 47.73 -63.46
N ASN B 663 -2.48 48.76 -62.81
CA ASN B 663 -2.73 50.17 -63.17
C ASN B 663 -4.21 50.52 -63.13
N VAL B 664 -4.93 49.97 -62.15
CA VAL B 664 -6.21 50.53 -61.79
C VAL B 664 -5.96 51.77 -60.93
N ASP B 665 -6.63 52.87 -61.25
CA ASP B 665 -6.44 54.08 -60.44
C ASP B 665 -6.97 53.85 -59.03
N PRO B 666 -6.16 54.05 -57.99
CA PRO B 666 -6.66 53.87 -56.61
C PRO B 666 -7.95 54.62 -56.30
N SER B 667 -8.19 55.78 -56.96
CA SER B 667 -9.42 56.53 -56.74
C SER B 667 -10.68 55.75 -57.11
N GLN B 668 -10.56 54.65 -57.87
CA GLN B 668 -11.73 53.89 -58.31
C GLN B 668 -12.21 52.83 -57.33
N TYR B 669 -11.54 52.66 -56.19
CA TYR B 669 -11.97 51.62 -55.25
C TYR B 669 -11.51 52.00 -53.85
N SER B 670 -12.11 51.37 -52.85
CA SER B 670 -11.77 51.59 -51.45
C SER B 670 -11.56 50.24 -50.78
N ILE B 671 -10.32 49.95 -50.38
CA ILE B 671 -10.01 48.72 -49.65
C ILE B 671 -10.77 48.72 -48.33
N VAL B 672 -11.44 47.61 -48.03
CA VAL B 672 -12.13 47.45 -46.75
C VAL B 672 -11.46 46.38 -45.88
N GLY B 673 -11.14 45.24 -46.48
CA GLY B 673 -10.33 44.25 -45.78
C GLY B 673 -11.01 43.60 -44.59
N SER B 674 -12.31 43.32 -44.70
CA SER B 674 -13.05 42.58 -43.69
C SER B 674 -13.37 41.20 -44.25
N GLY B 675 -14.03 40.38 -43.42
CA GLY B 675 -14.39 39.04 -43.84
C GLY B 675 -15.48 39.01 -44.90
N SER B 676 -16.43 39.95 -44.85
CA SER B 676 -17.50 40.00 -45.84
C SER B 676 -17.21 40.95 -46.98
N LYS B 677 -16.22 41.83 -46.85
CA LYS B 677 -16.01 42.90 -47.82
C LYS B 677 -14.52 43.07 -48.03
N THR B 678 -14.01 42.62 -49.18
CA THR B 678 -12.59 42.87 -49.46
C THR B 678 -12.38 44.32 -49.86
N PHE B 679 -13.14 44.81 -50.85
CA PHE B 679 -13.09 46.21 -51.25
C PHE B 679 -14.42 46.59 -51.87
N THR B 680 -14.63 47.90 -52.00
CA THR B 680 -15.81 48.46 -52.66
C THR B 680 -15.40 49.18 -53.93
N VAL B 681 -16.17 48.97 -55.00
CA VAL B 681 -15.91 49.64 -56.28
C VAL B 681 -16.55 51.02 -56.28
N LEU B 682 -15.74 52.07 -56.48
CA LEU B 682 -16.30 53.43 -56.58
C LEU B 682 -16.68 53.81 -58.00
N SER B 683 -15.86 53.48 -59.00
CA SER B 683 -16.29 53.68 -60.37
C SER B 683 -15.86 52.49 -61.22
N HIS B 684 -16.61 52.25 -62.27
CA HIS B 684 -16.44 51.03 -63.06
C HIS B 684 -15.05 50.97 -63.68
N PHE B 685 -14.45 49.78 -63.60
CA PHE B 685 -13.19 49.49 -64.27
C PHE B 685 -13.15 47.99 -64.57
N GLU B 686 -12.17 47.60 -65.40
CA GLU B 686 -11.97 46.21 -65.78
C GLU B 686 -10.49 45.88 -65.72
N VAL B 687 -10.20 44.60 -65.51
CA VAL B 687 -8.84 44.09 -65.45
C VAL B 687 -8.75 42.97 -66.49
N PRO B 688 -7.87 43.09 -67.49
CA PRO B 688 -7.77 42.03 -68.50
C PRO B 688 -7.42 40.69 -67.86
N HIS B 689 -7.97 39.62 -68.42
CA HIS B 689 -7.78 38.30 -67.85
C HIS B 689 -8.02 37.27 -68.95
N GLU B 690 -7.20 36.22 -68.92
CA GLU B 690 -7.30 35.14 -69.89
C GLU B 690 -8.75 34.64 -70.04
N CYS B 691 -9.52 34.63 -68.96
CA CYS B 691 -10.88 34.11 -69.00
C CYS B 691 -11.91 35.18 -69.39
N GLY B 692 -11.48 36.24 -70.07
CA GLY B 692 -12.32 37.38 -70.32
C GLY B 692 -12.13 38.40 -69.21
N PRO B 693 -12.28 39.69 -69.51
CA PRO B 693 -11.94 40.73 -68.53
C PRO B 693 -12.71 40.55 -67.22
N LEU B 694 -12.02 40.81 -66.11
CA LEU B 694 -12.68 40.90 -64.82
C LEU B 694 -13.42 42.25 -64.74
N VAL B 695 -14.75 42.20 -64.61
CA VAL B 695 -15.61 43.38 -64.69
C VAL B 695 -16.01 43.81 -63.29
N PHE B 696 -15.75 45.08 -62.96
CA PHE B 696 -16.07 45.63 -61.64
C PHE B 696 -16.99 46.82 -61.81
N GLU B 697 -18.22 46.70 -61.32
CA GLU B 697 -19.23 47.71 -61.51
C GLU B 697 -19.25 48.66 -60.31
N ALA B 698 -19.51 49.92 -60.59
CA ALA B 698 -19.55 50.95 -59.56
C ALA B 698 -20.63 50.66 -58.52
N SER B 699 -20.33 50.96 -57.26
CA SER B 699 -21.26 50.77 -56.14
C SER B 699 -21.51 49.31 -55.84
N THR B 700 -20.51 48.45 -56.02
CA THR B 700 -20.62 47.06 -55.59
C THR B 700 -19.53 46.76 -54.58
N ASP B 701 -19.83 45.83 -53.67
CA ASP B 701 -18.84 45.28 -52.76
C ASP B 701 -18.29 43.99 -53.35
N VAL B 702 -16.97 43.85 -53.32
CA VAL B 702 -16.30 42.66 -53.85
C VAL B 702 -15.76 41.87 -52.66
N ASN B 703 -16.14 40.60 -52.57
CA ASN B 703 -15.74 39.71 -51.48
C ASN B 703 -15.09 38.49 -52.12
N ILE B 704 -13.75 38.45 -52.15
CA ILE B 704 -13.07 37.43 -52.95
C ILE B 704 -13.18 36.06 -52.29
N SER B 705 -12.90 35.02 -53.07
CA SER B 705 -13.06 33.68 -52.56
C SER B 705 -11.91 33.36 -51.59
N GLY B 706 -12.21 33.33 -50.29
CA GLY B 706 -11.17 33.05 -49.33
C GLY B 706 -10.72 31.60 -49.36
N HIS B 707 -11.60 30.70 -49.79
CA HIS B 707 -11.27 29.28 -49.74
C HIS B 707 -10.26 28.90 -50.83
N LEU B 708 -10.25 29.61 -51.95
CA LEU B 708 -9.20 29.36 -52.95
C LEU B 708 -7.83 29.56 -52.33
N LEU B 709 -7.67 30.64 -51.56
CA LEU B 709 -6.37 30.97 -51.00
C LEU B 709 -5.90 29.91 -50.00
N SER B 710 -6.79 29.53 -49.08
CA SER B 710 -6.38 28.56 -48.07
C SER B 710 -6.20 27.16 -48.66
N LEU B 711 -7.01 26.76 -49.63
CA LEU B 711 -6.78 25.45 -50.25
C LEU B 711 -5.43 25.41 -50.97
N ALA B 712 -4.98 26.54 -51.51
CA ALA B 712 -3.69 26.55 -52.19
C ALA B 712 -2.55 26.28 -51.21
N ILE B 713 -2.67 26.79 -49.98
CA ILE B 713 -1.71 26.43 -48.92
C ILE B 713 -1.82 24.96 -48.57
N ALA B 714 -3.04 24.45 -48.37
CA ALA B 714 -3.19 23.04 -48.04
C ALA B 714 -2.60 22.15 -49.13
N ALA B 715 -2.71 22.57 -50.38
CA ALA B 715 -2.18 21.81 -51.51
C ALA B 715 -0.68 21.65 -51.44
N HIS B 716 0.02 22.41 -50.57
CA HIS B 716 1.47 22.24 -50.43
C HIS B 716 1.81 20.96 -49.68
N PHE B 717 0.90 20.47 -48.85
CA PHE B 717 1.19 19.40 -47.90
C PHE B 717 0.46 18.09 -48.16
N VAL B 718 -0.78 18.13 -48.67
CA VAL B 718 -1.58 16.93 -48.85
C VAL B 718 -2.37 17.07 -50.14
N ALA B 719 -2.95 15.96 -50.61
CA ALA B 719 -3.77 15.99 -51.81
C ALA B 719 -4.90 17.01 -51.65
N SER B 720 -5.34 17.57 -52.78
CA SER B 720 -6.13 18.80 -52.70
C SER B 720 -7.52 18.62 -53.28
N PRO B 721 -8.56 19.17 -52.62
CA PRO B 721 -9.90 19.19 -53.22
C PRO B 721 -10.13 20.42 -54.09
N MET B 722 -9.04 21.10 -54.46
CA MET B 722 -9.13 22.41 -55.09
C MET B 722 -9.88 22.36 -56.43
N ILE B 723 -9.64 21.32 -57.23
CA ILE B 723 -10.22 21.28 -58.56
C ILE B 723 -11.70 20.94 -58.48
N LEU B 724 -12.06 19.96 -57.65
CA LEU B 724 -13.47 19.69 -57.40
C LEU B 724 -14.18 20.93 -56.85
N TRP B 725 -13.57 21.58 -55.86
CA TRP B 725 -14.15 22.79 -55.31
C TRP B 725 -14.32 23.85 -56.38
N ALA B 726 -13.31 24.04 -57.23
CA ALA B 726 -13.38 25.02 -58.31
C ALA B 726 -14.56 24.76 -59.24
N GLU B 727 -14.77 23.49 -59.62
CA GLU B 727 -15.90 23.15 -60.48
C GLU B 727 -17.22 23.44 -59.77
N GLN B 728 -17.31 23.09 -58.49
CA GLN B 728 -18.52 23.37 -57.75
C GLN B 728 -18.78 24.86 -57.66
N MET B 729 -17.71 25.66 -57.58
CA MET B 729 -17.87 27.09 -57.40
C MET B 729 -18.39 27.75 -58.68
N LYS B 730 -17.87 27.33 -59.85
CA LYS B 730 -18.44 27.78 -61.11
C LYS B 730 -19.93 27.43 -61.20
N TYR B 731 -20.28 26.19 -60.88
CA TYR B 731 -21.70 25.80 -60.86
C TYR B 731 -22.51 26.65 -59.90
N MET B 732 -21.92 27.06 -58.77
CA MET B 732 -22.60 27.87 -57.76
C MET B 732 -22.53 29.37 -58.08
N ALA B 733 -22.43 29.75 -59.35
CA ALA B 733 -22.60 31.15 -59.70
C ALA B 733 -24.04 31.60 -59.47
N VAL B 734 -24.98 30.65 -59.47
CA VAL B 734 -26.41 30.92 -59.30
C VAL B 734 -26.95 29.98 -58.22
N ASP B 735 -28.14 30.28 -57.72
CA ASP B 735 -28.81 29.41 -56.77
C ASP B 735 -29.15 28.07 -57.45
N ARG B 736 -29.22 27.01 -56.63
CA ARG B 736 -29.31 25.64 -57.14
C ARG B 736 -30.15 24.81 -56.20
N MET B 737 -31.30 24.31 -56.67
CA MET B 737 -32.19 23.55 -55.82
C MET B 737 -31.50 22.26 -55.33
N LEU B 738 -31.81 21.88 -54.10
CA LEU B 738 -31.19 20.71 -53.50
C LEU B 738 -31.69 19.44 -54.21
N PRO B 739 -30.81 18.46 -54.43
CA PRO B 739 -31.28 17.17 -54.96
C PRO B 739 -32.33 16.60 -54.05
N PRO B 740 -33.46 16.13 -54.60
CA PRO B 740 -34.59 15.75 -53.74
C PRO B 740 -34.41 14.45 -53.01
N ASN B 741 -33.53 13.55 -53.48
CA ASN B 741 -33.33 12.26 -52.86
C ASN B 741 -32.16 12.23 -51.89
N LEU B 742 -31.55 13.38 -51.60
CA LEU B 742 -30.50 13.48 -50.60
C LEU B 742 -31.08 14.07 -49.32
N ASP B 743 -30.65 13.54 -48.19
CA ASP B 743 -31.04 14.12 -46.91
C ASP B 743 -30.55 15.56 -46.83
N LYS B 744 -31.43 16.47 -46.41
CA LYS B 744 -31.06 17.88 -46.43
C LYS B 744 -29.98 18.22 -45.41
N SER B 745 -29.84 17.43 -44.34
CA SER B 745 -28.80 17.70 -43.36
C SER B 745 -27.40 17.64 -43.97
N LEU B 746 -27.22 16.92 -45.08
CA LEU B 746 -25.89 16.83 -45.69
C LEU B 746 -25.40 18.15 -46.26
N PHE B 747 -26.28 19.16 -46.36
CA PHE B 747 -25.95 20.50 -46.81
C PHE B 747 -25.83 21.50 -45.67
N PHE B 748 -25.64 21.02 -44.43
CA PHE B 748 -25.70 21.90 -43.27
C PHE B 748 -24.67 23.01 -43.32
N ASP B 749 -23.56 22.80 -44.02
CA ASP B 749 -22.43 23.73 -43.96
C ASP B 749 -22.50 24.80 -45.02
N ASN B 750 -23.56 24.83 -45.82
CA ASN B 750 -23.75 25.89 -46.81
C ASN B 750 -25.13 26.52 -46.63
N LYS B 751 -25.26 27.76 -47.07
CA LYS B 751 -26.50 28.50 -46.86
C LYS B 751 -27.58 28.00 -47.80
N VAL B 752 -28.75 27.71 -47.24
CA VAL B 752 -29.93 27.33 -48.00
C VAL B 752 -30.94 28.48 -47.95
N THR B 753 -31.57 28.76 -49.08
CA THR B 753 -32.57 29.81 -49.17
C THR B 753 -33.89 29.31 -48.57
N PRO B 754 -34.83 30.22 -48.30
CA PRO B 754 -36.19 29.78 -47.92
C PRO B 754 -36.82 28.82 -48.91
N SER B 755 -36.61 29.03 -50.21
CA SER B 755 -37.16 28.13 -51.23
C SER B 755 -36.53 26.76 -51.22
N GLY B 756 -35.51 26.52 -50.39
CA GLY B 756 -34.86 25.22 -50.37
C GLY B 756 -33.78 25.04 -51.40
N ALA B 757 -33.18 26.12 -51.90
CA ALA B 757 -32.08 26.04 -52.85
C ALA B 757 -30.77 26.33 -52.14
N LEU B 758 -29.70 25.72 -52.64
CA LEU B 758 -28.35 26.07 -52.23
C LEU B 758 -28.01 27.46 -52.73
N GLN B 759 -27.72 28.39 -51.82
CA GLN B 759 -27.47 29.77 -52.22
C GLN B 759 -26.15 29.90 -52.99
N ARG B 760 -26.16 30.75 -54.01
CA ARG B 760 -24.94 31.07 -54.77
C ARG B 760 -23.81 31.52 -53.84
N TRP B 761 -22.57 31.35 -54.29
CA TRP B 761 -21.38 31.61 -53.46
C TRP B 761 -20.64 32.87 -53.87
N HIS B 762 -19.89 32.81 -54.98
CA HIS B 762 -19.10 33.94 -55.42
C HIS B 762 -19.25 34.11 -56.92
N SER B 763 -18.96 35.32 -57.38
CA SER B 763 -18.89 35.65 -58.80
C SER B 763 -17.56 35.17 -59.38
N ARG B 764 -17.47 35.18 -60.70
CA ARG B 764 -16.21 34.79 -61.32
C ARG B 764 -15.13 35.81 -61.04
N GLU B 765 -15.49 37.07 -60.83
CA GLU B 765 -14.47 38.05 -60.45
C GLU B 765 -13.92 37.75 -59.07
N GLU B 766 -14.78 37.42 -58.12
CA GLU B 766 -14.31 37.13 -56.77
C GLU B 766 -13.46 35.87 -56.72
N VAL B 767 -13.76 34.87 -57.56
CA VAL B 767 -12.95 33.66 -57.60
C VAL B 767 -11.62 33.92 -58.31
N LEU B 768 -11.68 34.52 -59.50
CA LEU B 768 -10.46 34.72 -60.28
C LEU B 768 -9.54 35.77 -59.67
N LEU B 769 -10.08 36.81 -59.02
CA LEU B 769 -9.23 37.76 -58.32
C LEU B 769 -8.44 37.06 -57.21
N ALA B 770 -9.06 36.09 -56.54
CA ALA B 770 -8.37 35.33 -55.52
C ALA B 770 -7.22 34.52 -56.12
N ALA B 771 -7.45 33.90 -57.29
CA ALA B 771 -6.38 33.20 -57.97
C ALA B 771 -5.29 34.17 -58.40
N GLU B 772 -5.66 35.40 -58.78
CA GLU B 772 -4.67 36.38 -59.21
C GLU B 772 -3.75 36.79 -58.09
N ILE B 773 -4.25 36.85 -56.84
CA ILE B 773 -3.39 37.21 -55.72
C ILE B 773 -2.80 35.99 -55.01
N CYS B 774 -3.12 34.78 -55.48
CA CYS B 774 -2.82 33.57 -54.71
C CYS B 774 -1.32 33.40 -54.45
N GLU B 775 -0.48 33.66 -55.46
CA GLU B 775 0.95 33.55 -55.24
C GLU B 775 1.41 34.48 -54.10
N SER B 776 0.96 35.74 -54.11
CA SER B 776 1.40 36.65 -53.05
C SER B 776 0.84 36.23 -51.68
N TYR B 777 -0.38 35.70 -51.66
CA TYR B 777 -0.94 35.20 -50.40
C TYR B 777 -0.08 34.07 -49.84
N ALA B 778 0.27 33.10 -50.69
CA ALA B 778 1.09 31.98 -50.26
C ALA B 778 2.46 32.47 -49.81
N ALA B 779 3.06 33.39 -50.56
CA ALA B 779 4.33 33.97 -50.17
C ALA B 779 4.24 34.70 -48.83
N MET B 780 3.12 35.37 -48.58
CA MET B 780 2.97 36.00 -47.27
C MET B 780 2.86 34.95 -46.17
N MET B 781 1.96 33.97 -46.32
CA MET B 781 1.67 33.07 -45.21
C MET B 781 2.84 32.17 -44.89
N LEU B 782 3.66 31.83 -45.89
CA LEU B 782 4.77 30.90 -45.69
C LEU B 782 6.13 31.57 -45.81
N ASN B 783 6.22 32.89 -45.58
CA ASN B 783 7.50 33.60 -45.50
C ASN B 783 8.39 33.30 -46.72
N ASN B 784 7.76 33.36 -47.90
CA ASN B 784 8.40 33.07 -49.19
C ASN B 784 9.05 31.71 -49.25
N LYS B 785 8.71 30.80 -48.32
CA LYS B 785 9.05 29.40 -48.43
C LYS B 785 7.94 28.56 -49.07
N HIS B 786 7.00 29.20 -49.77
CA HIS B 786 5.99 28.46 -50.51
C HIS B 786 6.61 27.87 -51.77
N SER B 787 5.75 27.23 -52.57
CA SER B 787 6.16 26.70 -53.87
C SER B 787 5.40 27.40 -54.99
N PRO B 788 6.05 28.22 -55.81
CA PRO B 788 5.34 28.84 -56.95
C PRO B 788 4.80 27.84 -57.97
N ASP B 789 5.48 26.71 -58.17
CA ASP B 789 4.99 25.70 -59.11
C ASP B 789 3.63 25.13 -58.67
N ILE B 790 3.49 24.81 -57.38
CA ILE B 790 2.20 24.33 -56.88
C ILE B 790 1.12 25.37 -57.12
N ILE B 791 1.37 26.61 -56.69
CA ILE B 791 0.41 27.69 -56.95
C ILE B 791 0.07 27.76 -58.42
N GLY B 792 1.11 27.66 -59.27
CA GLY B 792 0.91 27.88 -60.69
C GLY B 792 0.17 26.76 -61.39
N THR B 793 0.32 25.51 -60.92
CA THR B 793 -0.49 24.45 -61.51
C THR B 793 -1.96 24.62 -61.14
N LEU B 794 -2.23 25.09 -59.92
CA LEU B 794 -3.63 25.24 -59.51
C LEU B 794 -4.26 26.43 -60.22
N LYS B 795 -3.54 27.55 -60.30
CA LYS B 795 -4.02 28.72 -61.01
C LYS B 795 -4.37 28.37 -62.46
N SER B 796 -3.48 27.62 -63.12
CA SER B 796 -3.74 27.21 -64.51
C SER B 796 -4.99 26.35 -64.60
N ALA B 797 -5.16 25.42 -63.65
CA ALA B 797 -6.36 24.59 -63.61
C ALA B 797 -7.61 25.41 -63.36
N ILE B 798 -7.54 26.34 -62.40
CA ILE B 798 -8.72 27.14 -62.09
C ILE B 798 -9.13 27.98 -63.29
N ASN B 799 -8.13 28.54 -63.99
CA ASN B 799 -8.41 29.32 -65.19
C ASN B 799 -9.12 28.47 -66.25
N LEU B 800 -8.73 27.20 -66.40
CA LEU B 800 -9.39 26.34 -67.38
C LEU B 800 -10.81 26.01 -66.94
N VAL B 801 -11.00 25.74 -65.64
CA VAL B 801 -12.35 25.54 -65.11
C VAL B 801 -13.26 26.70 -65.52
N PHE B 802 -12.77 27.93 -65.37
CA PHE B 802 -13.53 29.13 -65.66
C PHE B 802 -13.32 29.64 -67.09
N LYS B 803 -12.88 28.78 -68.01
CA LYS B 803 -12.51 29.24 -69.34
C LYS B 803 -13.71 29.85 -70.07
N ILE B 804 -13.40 30.75 -70.99
CA ILE B 804 -14.41 31.43 -71.80
C ILE B 804 -14.90 30.53 -72.94
N ASP C 8 11.55 3.09 -36.02
CA ASP C 8 10.77 2.02 -35.39
C ASP C 8 9.33 2.00 -35.90
N TYR C 9 8.69 0.83 -35.82
CA TYR C 9 7.30 0.68 -36.26
C TYR C 9 6.41 0.23 -35.10
N CYS C 10 6.53 0.91 -33.96
CA CYS C 10 5.76 0.61 -32.75
C CYS C 10 5.27 1.91 -32.14
N ILE C 11 4.10 1.85 -31.50
CA ILE C 11 3.64 2.95 -30.63
C ILE C 11 3.49 2.40 -29.21
N PRO C 12 3.64 3.23 -28.16
CA PRO C 12 4.14 4.61 -28.26
C PRO C 12 5.55 4.67 -28.86
N ASN C 13 5.90 5.80 -29.46
CA ASN C 13 7.20 5.98 -30.10
C ASN C 13 7.86 7.23 -29.51
N PHE C 14 8.93 7.03 -28.76
CA PHE C 14 9.79 8.14 -28.39
C PHE C 14 11.02 8.25 -29.28
N SER C 15 11.43 7.17 -29.93
CA SER C 15 12.75 7.10 -30.57
C SER C 15 12.78 7.83 -31.90
N GLN C 16 11.67 7.84 -32.63
CA GLN C 16 11.60 8.52 -33.91
C GLN C 16 10.91 9.87 -33.81
N THR C 17 10.27 10.18 -32.69
CA THR C 17 9.52 11.43 -32.56
C THR C 17 10.24 12.50 -31.76
N VAL C 18 11.07 12.13 -30.77
CA VAL C 18 11.70 13.08 -29.87
C VAL C 18 13.20 13.08 -30.12
N ASN C 19 13.68 14.08 -30.87
CA ASN C 19 15.10 14.38 -31.00
C ASN C 19 15.36 15.81 -30.47
N GLU C 20 16.57 16.32 -30.68
CA GLU C 20 16.87 17.69 -30.26
C GLU C 20 15.99 18.69 -30.98
N ARG C 21 15.60 18.41 -32.23
CA ARG C 21 14.69 19.31 -32.93
C ARG C 21 13.34 19.38 -32.22
N THR C 22 12.84 18.25 -31.74
CA THR C 22 11.61 18.25 -30.95
C THR C 22 11.77 19.07 -29.66
N ILE C 23 12.93 18.94 -28.99
CA ILE C 23 13.16 19.68 -27.76
C ILE C 23 13.16 21.18 -28.04
N ILE C 24 13.73 21.59 -29.16
CA ILE C 24 13.74 23.00 -29.51
C ILE C 24 12.32 23.49 -29.72
N ASP C 25 11.48 22.66 -30.36
CA ASP C 25 10.10 23.04 -30.62
C ASP C 25 9.30 23.19 -29.35
N ILE C 26 9.62 22.36 -28.33
CA ILE C 26 8.95 22.50 -27.04
C ILE C 26 9.30 23.84 -26.42
N PHE C 27 10.58 24.21 -26.43
CA PHE C 27 10.96 25.55 -25.99
C PHE C 27 10.16 26.60 -26.74
N THR C 28 10.06 26.44 -28.07
CA THR C 28 9.37 27.43 -28.88
C THR C 28 7.90 27.57 -28.50
N ILE C 29 7.23 26.44 -28.23
CA ILE C 29 5.81 26.43 -27.85
C ILE C 29 5.61 27.03 -26.46
N CYS C 30 6.62 26.94 -25.59
CA CYS C 30 6.56 27.56 -24.29
C CYS C 30 6.35 29.07 -24.36
N ARG C 31 6.68 29.69 -25.49
CA ARG C 31 6.43 31.12 -25.72
C ARG C 31 4.94 31.43 -25.82
N TYR C 32 4.14 30.43 -26.14
CA TYR C 32 2.69 30.50 -26.34
C TYR C 32 1.93 29.90 -25.16
N ARG C 33 2.59 29.68 -24.02
CA ARG C 33 2.00 28.86 -22.96
C ARG C 33 0.95 29.60 -22.11
N SER C 34 0.57 30.83 -22.46
CA SER C 34 -0.46 31.58 -21.75
C SER C 34 -1.66 31.89 -22.66
N PRO C 35 -2.46 30.89 -23.03
CA PRO C 35 -3.57 31.14 -23.98
C PRO C 35 -4.92 31.49 -23.37
N LEU C 36 -5.07 31.47 -22.05
CA LEU C 36 -6.39 31.56 -21.44
C LEU C 36 -6.90 33.00 -21.32
N VAL C 37 -8.20 33.18 -21.59
CA VAL C 37 -8.97 34.37 -21.18
C VAL C 37 -10.08 33.92 -20.23
N VAL C 38 -10.22 34.62 -19.10
CA VAL C 38 -11.35 34.40 -18.19
C VAL C 38 -12.20 35.67 -18.19
N PHE C 39 -13.44 35.53 -18.66
CA PHE C 39 -14.32 36.65 -18.99
C PHE C 39 -15.63 36.49 -18.22
N CYS C 40 -15.85 37.31 -17.19
CA CYS C 40 -17.06 37.23 -16.38
C CYS C 40 -18.10 38.25 -16.84
N LEU C 41 -19.33 37.78 -17.03
CA LEU C 41 -20.44 38.65 -17.41
C LEU C 41 -21.73 38.03 -16.89
N SER C 42 -22.82 38.80 -16.91
CA SER C 42 -24.05 38.39 -16.25
C SER C 42 -25.13 37.94 -17.23
N HIS C 43 -24.77 37.75 -18.50
CA HIS C 43 -25.76 37.49 -19.55
C HIS C 43 -25.37 36.22 -20.32
N ASN C 44 -26.02 35.11 -19.97
CA ASN C 44 -25.59 33.81 -20.45
C ASN C 44 -25.82 33.65 -21.95
N GLU C 45 -26.93 34.18 -22.47
CA GLU C 45 -27.19 34.02 -23.90
C GLU C 45 -26.21 34.84 -24.71
N LEU C 46 -25.81 36.01 -24.21
CA LEU C 46 -24.77 36.79 -24.89
C LEU C 46 -23.44 36.03 -24.88
N ALA C 47 -23.13 35.35 -23.77
CA ALA C 47 -21.89 34.57 -23.70
C ALA C 47 -21.91 33.43 -24.70
N LYS C 48 -23.04 32.72 -24.79
CA LYS C 48 -23.14 31.65 -25.78
C LYS C 48 -22.94 32.19 -27.20
N LYS C 49 -23.51 33.36 -27.50
CA LYS C 49 -23.37 33.90 -28.84
C LYS C 49 -21.90 34.14 -29.20
N TYR C 50 -21.14 34.74 -28.27
CA TYR C 50 -19.76 35.06 -28.59
C TYR C 50 -18.84 33.84 -28.47
N ALA C 51 -19.14 32.92 -27.55
CA ALA C 51 -18.46 31.62 -27.54
C ALA C 51 -18.54 30.95 -28.92
N GLN C 52 -19.74 30.94 -29.50
CA GLN C 52 -19.93 30.29 -30.80
C GLN C 52 -19.18 31.03 -31.90
N ASP C 53 -19.18 32.38 -31.85
CA ASP C 53 -18.53 33.17 -32.89
C ASP C 53 -17.01 33.01 -32.85
N VAL C 54 -16.41 32.98 -31.65
CA VAL C 54 -14.95 32.87 -31.61
C VAL C 54 -14.50 31.42 -31.87
N SER C 55 -15.28 30.43 -31.44
CA SER C 55 -14.86 29.05 -31.67
C SER C 55 -15.00 28.66 -33.15
N MET C 56 -16.11 29.04 -33.78
CA MET C 56 -16.33 28.71 -35.18
C MET C 56 -15.38 29.45 -36.12
N SER C 57 -14.99 30.68 -35.80
CA SER C 57 -14.12 31.44 -36.68
C SER C 57 -12.63 31.20 -36.43
N SER C 58 -12.21 31.04 -35.18
CA SER C 58 -10.78 30.87 -34.88
C SER C 58 -10.44 29.56 -34.19
N GLY C 59 -11.40 28.70 -33.92
CA GLY C 59 -11.09 27.47 -33.21
C GLY C 59 -10.83 27.62 -31.73
N THR C 60 -11.09 28.79 -31.16
CA THR C 60 -10.89 28.98 -29.73
C THR C 60 -11.71 27.99 -28.94
N HIS C 61 -11.09 27.41 -27.91
CA HIS C 61 -11.80 26.51 -27.01
C HIS C 61 -12.54 27.31 -25.96
N VAL C 62 -13.84 27.09 -25.84
CA VAL C 62 -14.71 27.93 -25.03
C VAL C 62 -15.39 27.06 -23.96
N HIS C 63 -15.38 27.54 -22.72
CA HIS C 63 -16.11 26.96 -21.60
C HIS C 63 -17.05 28.02 -21.01
N ILE C 64 -18.24 27.59 -20.57
CA ILE C 64 -19.18 28.50 -19.91
C ILE C 64 -19.54 27.90 -18.56
N ILE C 65 -19.13 28.57 -17.49
CA ILE C 65 -19.55 28.19 -16.14
C ILE C 65 -20.79 29.01 -15.85
N ASP C 66 -21.97 28.39 -15.97
CA ASP C 66 -23.24 29.10 -15.93
C ASP C 66 -24.09 28.74 -14.72
N GLY C 67 -23.57 27.98 -13.76
CA GLY C 67 -24.34 27.67 -12.58
C GLY C 67 -25.25 26.47 -12.70
N SER C 68 -25.25 25.81 -13.86
CA SER C 68 -25.99 24.56 -14.01
C SER C 68 -25.36 23.43 -13.22
N VAL C 69 -24.09 23.57 -12.86
CA VAL C 69 -23.38 22.63 -12.02
C VAL C 69 -22.82 23.44 -10.85
N GLU C 70 -22.74 22.80 -9.68
CA GLU C 70 -22.21 23.45 -8.50
C GLU C 70 -20.81 24.01 -8.76
N ILE C 71 -20.55 25.20 -8.16
CA ILE C 71 -19.42 26.04 -8.58
C ILE C 71 -18.08 25.35 -8.35
N THR C 72 -17.92 24.70 -7.20
CA THR C 72 -16.67 24.02 -6.91
C THR C 72 -16.38 22.93 -7.94
N VAL C 73 -17.40 22.17 -8.34
CA VAL C 73 -17.20 21.11 -9.31
C VAL C 73 -16.96 21.68 -10.70
N SER C 74 -17.71 22.73 -11.08
CA SER C 74 -17.53 23.35 -12.39
C SER C 74 -16.09 23.80 -12.59
N LEU C 75 -15.53 24.49 -11.58
CA LEU C 75 -14.14 24.93 -11.63
C LEU C 75 -13.17 23.75 -11.69
N TYR C 76 -13.40 22.73 -10.85
CA TYR C 76 -12.58 21.52 -10.89
C TYR C 76 -12.57 20.94 -12.32
N ARG C 77 -13.76 20.71 -12.87
CA ARG C 77 -13.85 20.10 -14.20
C ARG C 77 -13.26 20.99 -15.26
N THR C 78 -13.53 22.31 -15.19
CA THR C 78 -13.11 23.20 -16.26
C THR C 78 -11.60 23.34 -16.29
N PHE C 79 -10.98 23.47 -15.12
CA PHE C 79 -9.56 23.81 -15.11
C PHE C 79 -8.68 22.56 -15.04
N ARG C 80 -9.24 21.41 -14.69
CA ARG C 80 -8.53 20.16 -14.93
C ARG C 80 -8.35 19.96 -16.43
N THR C 81 -9.43 20.13 -17.19
CA THR C 81 -9.33 20.09 -18.64
C THR C 81 -8.33 21.12 -19.16
N ILE C 82 -8.45 22.37 -18.71
CA ILE C 82 -7.62 23.43 -19.26
C ILE C 82 -6.15 23.18 -18.95
N ALA C 83 -5.86 22.63 -17.77
CA ALA C 83 -4.48 22.39 -17.36
C ALA C 83 -3.70 21.59 -18.41
N THR C 84 -4.36 20.61 -19.05
CA THR C 84 -3.71 19.75 -20.02
C THR C 84 -3.46 20.44 -21.34
N GLN C 85 -4.13 21.56 -21.61
CA GLN C 85 -4.16 22.13 -22.94
C GLN C 85 -3.29 23.39 -23.09
N LEU C 86 -2.55 23.79 -22.06
CA LEU C 86 -1.91 25.11 -22.06
C LEU C 86 -0.76 25.21 -23.07
N LEU C 87 -0.22 24.08 -23.53
CA LEU C 87 0.78 24.11 -24.59
C LEU C 87 0.18 23.75 -25.94
N GLY C 88 -1.14 23.91 -26.08
CA GLY C 88 -1.77 23.52 -27.34
C GLY C 88 -1.71 24.56 -28.43
N ARG C 89 -1.23 25.77 -28.13
CA ARG C 89 -1.17 26.85 -29.11
C ARG C 89 -2.53 27.20 -29.66
N MET C 90 -3.57 27.04 -28.85
CA MET C 90 -4.91 27.51 -29.19
C MET C 90 -5.47 28.28 -28.01
N GLN C 91 -6.08 29.42 -28.32
CA GLN C 91 -6.72 30.24 -27.29
C GLN C 91 -7.78 29.43 -26.56
N ILE C 92 -7.92 29.69 -25.27
CA ILE C 92 -8.95 29.12 -24.42
C ILE C 92 -9.70 30.26 -23.73
N VAL C 93 -11.03 30.24 -23.80
CA VAL C 93 -11.84 31.26 -23.11
C VAL C 93 -12.81 30.57 -22.17
N VAL C 94 -12.76 30.97 -20.89
CA VAL C 94 -13.74 30.57 -19.87
C VAL C 94 -14.68 31.73 -19.61
N PHE C 95 -15.94 31.58 -20.03
CA PHE C 95 -16.97 32.54 -19.68
C PHE C 95 -17.55 32.15 -18.33
N VAL C 96 -17.59 33.10 -17.39
CA VAL C 96 -18.19 32.89 -16.08
C VAL C 96 -19.44 33.77 -16.02
N THR C 97 -20.62 33.15 -16.02
CA THR C 97 -21.87 33.91 -16.00
C THR C 97 -22.63 33.80 -14.68
N VAL C 98 -22.08 33.10 -13.69
CA VAL C 98 -22.71 33.06 -12.37
C VAL C 98 -22.46 34.38 -11.63
N ASP C 99 -23.33 34.65 -10.65
CA ASP C 99 -23.25 35.89 -9.89
C ASP C 99 -21.99 35.96 -9.03
N LYS C 100 -21.58 37.18 -8.69
CA LYS C 100 -20.50 37.39 -7.72
C LYS C 100 -20.76 36.70 -6.38
N SER C 101 -22.02 36.44 -6.03
CA SER C 101 -22.29 35.67 -4.82
C SER C 101 -21.89 34.21 -4.96
N VAL C 102 -21.83 33.68 -6.18
CA VAL C 102 -21.47 32.28 -6.38
C VAL C 102 -19.95 32.12 -6.41
N VAL C 103 -19.27 32.99 -7.14
CA VAL C 103 -17.81 33.04 -7.11
C VAL C 103 -17.39 34.50 -7.23
N SER C 104 -16.56 34.95 -6.29
CA SER C 104 -16.26 36.36 -6.17
C SER C 104 -15.27 36.81 -7.24
N THR C 105 -15.15 38.13 -7.36
CA THR C 105 -14.20 38.71 -8.29
C THR C 105 -12.77 38.30 -7.94
N GLN C 106 -12.41 38.37 -6.66
CA GLN C 106 -11.02 38.08 -6.30
C GLN C 106 -10.70 36.61 -6.48
N VAL C 107 -11.63 35.72 -6.19
CA VAL C 107 -11.39 34.29 -6.39
C VAL C 107 -11.20 33.98 -7.88
N MET C 108 -12.14 34.41 -8.73
CA MET C 108 -12.02 34.18 -10.16
C MET C 108 -10.72 34.75 -10.71
N LYS C 109 -10.34 35.95 -10.25
CA LYS C 109 -9.11 36.57 -10.73
C LYS C 109 -7.88 35.76 -10.33
N SER C 110 -7.85 35.28 -9.08
CA SER C 110 -6.76 34.41 -8.65
C SER C 110 -6.68 33.14 -9.51
N ILE C 111 -7.82 32.57 -9.86
CA ILE C 111 -7.80 31.34 -10.65
C ILE C 111 -7.26 31.64 -12.04
N ALA C 112 -7.80 32.69 -12.67
CA ALA C 112 -7.32 33.13 -13.98
C ALA C 112 -5.80 33.30 -13.99
N TRP C 113 -5.26 33.99 -13.01
CA TRP C 113 -3.84 34.28 -13.02
C TRP C 113 -3.01 33.08 -12.61
N ALA C 114 -3.57 32.20 -11.76
CA ALA C 114 -2.89 30.93 -11.52
C ALA C 114 -2.73 30.12 -12.80
N PHE C 115 -3.61 30.34 -13.78
CA PHE C 115 -3.51 29.67 -15.07
C PHE C 115 -3.02 30.62 -16.16
N ARG C 116 -2.29 31.67 -15.77
CA ARG C 116 -1.61 32.58 -16.68
C ARG C 116 -2.57 33.26 -17.64
N GLY C 117 -3.83 33.47 -17.18
CA GLY C 117 -4.86 33.99 -18.04
C GLY C 117 -5.04 35.49 -17.91
N SER C 118 -5.63 36.10 -18.94
CA SER C 118 -6.17 37.43 -18.76
C SER C 118 -7.53 37.34 -18.09
N PHE C 119 -7.88 38.40 -17.36
CA PHE C 119 -9.08 38.36 -16.53
C PHE C 119 -9.93 39.60 -16.80
N VAL C 120 -11.21 39.39 -17.11
CA VAL C 120 -12.16 40.45 -17.41
C VAL C 120 -13.34 40.30 -16.45
N GLU C 121 -13.57 41.33 -15.62
CA GLU C 121 -14.71 41.36 -14.72
C GLU C 121 -15.71 42.41 -15.20
N LEU C 122 -16.83 41.97 -15.76
CA LEU C 122 -17.86 42.86 -16.27
C LEU C 122 -19.24 42.40 -15.81
N ARG C 123 -19.32 41.68 -14.69
CA ARG C 123 -20.61 41.15 -14.26
C ARG C 123 -21.58 42.25 -13.79
N ASN C 124 -21.12 43.48 -13.63
CA ASN C 124 -22.03 44.59 -13.33
C ASN C 124 -22.70 45.18 -14.56
N GLN C 125 -22.19 44.90 -15.76
CA GLN C 125 -22.69 45.53 -16.98
C GLN C 125 -24.04 44.96 -17.39
N SER C 126 -24.88 45.83 -17.95
CA SER C 126 -26.14 45.40 -18.52
C SER C 126 -25.90 44.82 -19.92
N VAL C 127 -26.96 44.23 -20.47
CA VAL C 127 -26.82 43.40 -21.67
C VAL C 127 -26.36 44.22 -22.88
N ASP C 128 -26.67 45.52 -22.91
CA ASP C 128 -26.34 46.37 -24.04
C ASP C 128 -25.28 47.42 -23.68
N SER C 129 -24.56 47.20 -22.58
CA SER C 129 -23.44 48.07 -22.25
C SER C 129 -22.45 48.15 -23.41
N SER C 130 -21.99 49.36 -23.68
CA SER C 130 -21.03 49.58 -24.76
C SER C 130 -19.70 48.90 -24.46
N THR C 131 -19.26 48.97 -23.20
CA THR C 131 -17.99 48.36 -22.84
C THR C 131 -18.09 46.84 -22.87
N LEU C 132 -19.23 46.26 -22.46
CA LEU C 132 -19.35 44.81 -22.48
C LEU C 132 -19.34 44.29 -23.92
N VAL C 133 -20.19 44.87 -24.78
CA VAL C 133 -20.25 44.44 -26.17
C VAL C 133 -18.89 44.63 -26.85
N SER C 134 -18.20 45.74 -26.58
CA SER C 134 -16.95 45.96 -27.29
C SER C 134 -15.87 44.99 -26.81
N LYS C 135 -15.86 44.66 -25.52
CA LYS C 135 -14.88 43.68 -25.05
C LYS C 135 -15.17 42.28 -25.59
N LEU C 136 -16.45 41.96 -25.79
CA LEU C 136 -16.80 40.66 -26.37
C LEU C 136 -16.47 40.61 -27.85
N GLU C 137 -16.76 41.71 -28.56
CA GLU C 137 -16.40 41.80 -29.97
C GLU C 137 -14.89 41.66 -30.15
N ASN C 138 -14.11 42.22 -29.22
CA ASN C 138 -12.65 42.11 -29.28
C ASN C 138 -12.19 40.67 -29.26
N LEU C 139 -12.89 39.78 -28.54
CA LEU C 139 -12.51 38.37 -28.54
C LEU C 139 -12.51 37.82 -29.96
N VAL C 140 -13.59 38.09 -30.72
CA VAL C 140 -13.72 37.54 -32.08
C VAL C 140 -12.72 38.21 -33.02
N SER C 141 -12.50 39.53 -32.86
CA SER C 141 -11.62 40.28 -33.76
C SER C 141 -10.16 39.89 -33.58
N PHE C 142 -9.76 39.61 -32.34
CA PHE C 142 -8.35 39.44 -32.07
C PHE C 142 -7.90 37.98 -32.00
N ALA C 143 -8.83 37.04 -31.83
CA ALA C 143 -8.44 35.64 -31.64
C ALA C 143 -7.49 35.18 -32.74
N PRO C 144 -6.44 34.40 -32.40
CA PRO C 144 -6.16 33.77 -31.10
C PRO C 144 -5.55 34.71 -30.04
N LEU C 145 -5.23 35.95 -30.39
CA LEU C 145 -4.76 36.92 -29.41
C LEU C 145 -5.93 37.64 -28.75
N TYR C 146 -5.61 38.50 -27.78
CA TYR C 146 -6.58 39.29 -27.04
C TYR C 146 -5.86 40.51 -26.46
N ASN C 147 -6.55 41.65 -26.42
CA ASN C 147 -5.92 42.90 -26.02
C ASN C 147 -5.98 43.17 -24.52
N VAL C 148 -6.53 42.27 -23.72
CA VAL C 148 -6.44 42.40 -22.27
C VAL C 148 -5.20 41.65 -21.80
N PRO C 149 -4.37 42.26 -20.95
CA PRO C 149 -3.13 41.59 -20.52
C PRO C 149 -3.38 40.33 -19.70
N LYS C 150 -2.41 39.44 -19.74
CA LYS C 150 -2.43 38.29 -18.85
C LYS C 150 -1.81 38.68 -17.51
N CYS C 151 -2.44 38.25 -16.42
CA CYS C 151 -1.83 38.38 -15.09
C CYS C 151 -1.61 39.84 -14.69
N GLY C 152 -2.55 40.70 -15.05
CA GLY C 152 -2.45 42.10 -14.68
C GLY C 152 -3.41 42.95 -15.49
N PRO C 153 -3.99 43.98 -14.87
CA PRO C 153 -5.06 44.71 -15.56
C PRO C 153 -4.53 45.71 -16.56
N ASP C 154 -3.30 46.18 -16.36
CA ASP C 154 -2.77 47.30 -17.13
C ASP C 154 -1.56 46.90 -17.96
N TYR C 155 -1.30 47.70 -18.98
CA TYR C 155 -0.16 47.48 -19.85
C TYR C 155 0.23 48.81 -20.48
N TYR C 156 1.52 49.12 -20.43
CA TYR C 156 2.03 50.40 -20.91
C TYR C 156 3.20 50.22 -21.88
N GLY C 157 3.33 49.04 -22.48
CA GLY C 157 4.40 48.82 -23.43
C GLY C 157 4.05 49.31 -24.82
N PRO C 158 4.89 48.97 -25.80
CA PRO C 158 4.71 49.49 -27.17
C PRO C 158 3.70 48.74 -28.03
N THR C 159 3.17 47.60 -27.59
CA THR C 159 2.16 46.90 -28.36
C THR C 159 0.83 47.63 -28.29
N VAL C 160 0.26 47.93 -29.45
CA VAL C 160 -1.03 48.64 -29.53
C VAL C 160 -1.98 47.79 -30.36
N TYR C 161 -2.93 47.16 -29.69
CA TYR C 161 -3.78 46.17 -30.35
C TYR C 161 -4.67 46.81 -31.41
N SER C 162 -5.04 48.09 -31.26
CA SER C 162 -5.85 48.72 -32.28
C SER C 162 -5.09 48.85 -33.59
N GLU C 163 -3.75 48.93 -33.54
CA GLU C 163 -2.94 49.02 -34.75
C GLU C 163 -3.03 47.74 -35.59
N LEU C 164 -3.43 46.61 -35.00
CA LEU C 164 -3.61 45.38 -35.75
C LEU C 164 -4.85 45.41 -36.64
N LEU C 165 -5.75 46.36 -36.42
CA LEU C 165 -6.96 46.47 -37.24
C LEU C 165 -6.90 47.62 -38.24
N SER C 166 -5.79 48.34 -38.32
CA SER C 166 -5.71 49.55 -39.11
C SER C 166 -5.04 49.26 -40.45
N LEU C 167 -5.71 49.59 -41.55
CA LEU C 167 -5.03 49.48 -42.85
C LEU C 167 -3.88 50.46 -42.96
N ALA C 168 -3.99 51.61 -42.29
CA ALA C 168 -2.92 52.62 -42.32
C ALA C 168 -1.59 52.02 -41.87
N THR C 169 -1.59 51.29 -40.76
CA THR C 169 -0.35 50.75 -40.18
C THR C 169 0.03 49.38 -40.72
N ASN C 170 -0.46 48.99 -41.90
CA ASN C 170 -0.21 47.66 -42.44
C ASN C 170 -0.74 46.57 -41.52
N ALA C 171 -1.66 46.94 -40.63
CA ALA C 171 -2.29 46.03 -39.68
C ALA C 171 -1.25 45.22 -38.91
N ARG C 172 -0.18 45.88 -38.48
CA ARG C 172 0.80 45.30 -37.59
C ARG C 172 1.05 46.25 -36.43
N THR C 173 1.69 45.74 -35.38
CA THR C 173 2.08 46.54 -34.23
C THR C 173 3.36 45.95 -33.65
N HIS C 174 3.84 46.57 -32.58
CA HIS C 174 5.12 46.22 -31.98
C HIS C 174 4.98 45.04 -31.02
N TRP C 175 6.09 44.33 -30.82
CA TRP C 175 6.07 43.08 -30.06
C TRP C 175 7.48 42.86 -29.52
N TYR C 176 7.71 43.29 -28.28
CA TYR C 176 9.00 43.18 -27.61
C TYR C 176 8.76 42.30 -26.40
N ALA C 177 8.74 40.99 -26.63
CA ALA C 177 8.37 40.04 -25.58
C ALA C 177 9.29 40.14 -24.37
N THR C 178 10.60 40.15 -24.59
CA THR C 178 11.52 40.09 -23.46
C THR C 178 11.43 41.36 -22.61
N ILE C 179 11.38 42.53 -23.24
CA ILE C 179 11.28 43.77 -22.49
C ILE C 179 9.97 43.83 -21.73
N ASP C 180 8.86 43.46 -22.38
CA ASP C 180 7.56 43.52 -21.72
C ASP C 180 7.48 42.53 -20.57
N TYR C 181 8.07 41.35 -20.72
CA TYR C 181 8.02 40.38 -19.62
C TYR C 181 8.92 40.81 -18.47
N SER C 182 10.07 41.41 -18.76
CA SER C 182 10.92 41.91 -17.68
C SER C 182 10.18 42.97 -16.86
N MET C 183 9.41 43.83 -17.54
CA MET C 183 8.65 44.85 -16.83
C MET C 183 7.57 44.21 -15.96
N PHE C 184 6.85 43.24 -16.53
CA PHE C 184 5.91 42.43 -15.75
C PHE C 184 6.57 41.82 -14.52
N THR C 185 7.82 41.35 -14.65
CA THR C 185 8.49 40.71 -13.52
C THR C 185 8.81 41.71 -12.39
N ARG C 186 9.43 42.85 -12.74
CA ARG C 186 9.61 43.95 -11.77
C ARG C 186 8.31 44.22 -11.02
N SER C 187 7.23 44.38 -11.77
CA SER C 187 5.92 44.64 -11.20
C SER C 187 5.45 43.50 -10.30
N VAL C 188 5.65 42.24 -10.73
CA VAL C 188 5.23 41.11 -9.90
C VAL C 188 6.07 41.02 -8.63
N LEU C 189 7.38 41.19 -8.75
CA LEU C 189 8.22 41.16 -7.55
C LEU C 189 7.79 42.23 -6.57
N THR C 190 7.48 43.43 -7.08
CA THR C 190 6.97 44.50 -6.22
C THR C 190 5.66 44.07 -5.56
N GLY C 191 4.76 43.47 -6.34
CA GLY C 191 3.49 43.06 -5.78
C GLY C 191 3.65 41.97 -4.74
N PHE C 192 4.62 41.07 -4.92
CA PHE C 192 4.83 40.04 -3.91
C PHE C 192 5.32 40.65 -2.59
N VAL C 193 6.21 41.63 -2.67
CA VAL C 193 6.65 42.28 -1.43
C VAL C 193 5.49 42.99 -0.75
N ALA C 194 4.64 43.67 -1.55
CA ALA C 194 3.45 44.30 -0.98
C ALA C 194 2.54 43.27 -0.32
N LYS C 195 2.35 42.10 -0.97
CA LYS C 195 1.57 41.05 -0.32
C LYS C 195 2.21 40.61 0.99
N TYR C 196 3.54 40.48 0.99
CA TYR C 196 4.28 40.07 2.20
C TYR C 196 4.07 41.06 3.34
N PHE C 197 4.28 42.36 3.08
CA PHE C 197 3.99 43.40 4.07
C PHE C 197 2.58 43.27 4.62
N ASN C 198 1.62 43.01 3.73
CA ASN C 198 0.23 42.92 4.13
C ASN C 198 -0.01 41.71 5.04
N GLU C 199 0.51 40.55 4.65
CA GLU C 199 0.29 39.35 5.46
C GLU C 199 1.00 39.47 6.81
N GLU C 200 2.16 40.10 6.83
CA GLU C 200 2.96 40.27 8.04
C GLU C 200 2.51 41.47 8.88
N ALA C 201 1.45 42.17 8.46
CA ALA C 201 0.91 43.36 9.14
C ALA C 201 1.99 44.38 9.48
N VAL C 202 2.93 44.58 8.56
CA VAL C 202 3.97 45.59 8.77
C VAL C 202 3.32 46.97 8.79
N PRO C 203 3.73 47.88 9.69
CA PRO C 203 3.18 49.25 9.67
C PRO C 203 3.47 49.95 8.35
N ILE C 204 2.48 50.70 7.85
CA ILE C 204 2.58 51.24 6.49
C ILE C 204 3.85 52.06 6.30
N ASP C 205 4.19 52.88 7.29
CA ASP C 205 5.39 53.70 7.09
C ASP C 205 6.66 52.87 7.12
N LYS C 206 6.60 51.61 7.57
CA LYS C 206 7.73 50.68 7.49
C LYS C 206 7.71 49.81 6.24
N ARG C 207 6.70 49.96 5.38
CA ARG C 207 6.66 49.22 4.12
C ARG C 207 7.59 49.88 3.12
N ILE C 208 8.85 49.52 3.24
CA ILE C 208 9.96 50.09 2.47
C ILE C 208 10.77 48.92 1.96
N VAL C 209 10.97 48.84 0.65
CA VAL C 209 11.72 47.75 0.06
C VAL C 209 13.03 48.31 -0.49
N SER C 210 14.13 47.61 -0.24
CA SER C 210 15.42 47.97 -0.81
C SER C 210 15.58 47.27 -2.16
N ILE C 211 15.78 48.06 -3.20
CA ILE C 211 16.12 47.55 -4.52
C ILE C 211 17.63 47.58 -4.64
N VAL C 212 18.24 46.42 -4.86
CA VAL C 212 19.68 46.33 -4.93
C VAL C 212 20.12 46.56 -6.36
N GLY C 213 20.85 47.66 -6.59
CA GLY C 213 21.20 48.09 -7.92
C GLY C 213 20.13 49.01 -8.48
N TYR C 214 20.53 50.18 -9.00
CA TYR C 214 19.54 51.15 -9.45
C TYR C 214 18.74 50.61 -10.63
N ASN C 215 17.41 50.70 -10.52
CA ASN C 215 16.48 50.05 -11.43
C ASN C 215 15.23 50.94 -11.47
N PRO C 216 15.12 51.81 -12.47
CA PRO C 216 14.18 52.96 -12.38
C PRO C 216 12.72 52.56 -12.26
N PRO C 217 12.22 51.56 -13.01
CA PRO C 217 10.76 51.30 -12.98
C PRO C 217 10.21 50.98 -11.59
N TYR C 218 11.07 50.63 -10.63
CA TYR C 218 10.60 50.22 -9.31
C TYR C 218 9.95 51.38 -8.53
N VAL C 219 10.32 52.63 -8.80
CA VAL C 219 9.65 53.73 -8.11
C VAL C 219 8.17 53.74 -8.48
N TRP C 220 7.86 53.57 -9.76
CA TRP C 220 6.46 53.53 -10.16
C TRP C 220 5.74 52.31 -9.59
N THR C 221 6.33 51.11 -9.74
CA THR C 221 5.63 49.90 -9.30
C THR C 221 5.39 49.92 -7.80
N CYS C 222 6.36 50.42 -7.04
CA CYS C 222 6.20 50.49 -5.59
C CYS C 222 5.03 51.38 -5.20
N LEU C 223 4.92 52.55 -5.82
CA LEU C 223 3.83 53.43 -5.43
C LEU C 223 2.50 52.94 -5.99
N ARG C 224 2.54 52.16 -7.07
CA ARG C 224 1.33 51.47 -7.51
C ARG C 224 0.81 50.52 -6.43
N HIS C 225 1.69 50.03 -5.54
CA HIS C 225 1.33 49.05 -4.50
C HIS C 225 1.40 49.61 -3.08
N GLY C 226 1.44 50.94 -2.92
CA GLY C 226 1.46 51.51 -1.59
C GLY C 226 2.69 51.21 -0.77
N ILE C 227 3.84 51.03 -1.40
CA ILE C 227 5.09 50.78 -0.69
C ILE C 227 6.13 51.78 -1.19
N ARG C 228 7.26 51.84 -0.48
CA ARG C 228 8.25 52.85 -0.79
C ARG C 228 9.56 52.22 -1.18
N PRO C 229 10.18 52.66 -2.26
CA PRO C 229 11.46 52.11 -2.68
C PRO C 229 12.61 52.85 -2.04
N THR C 230 13.73 52.14 -1.95
CA THR C 230 15.03 52.76 -1.70
C THR C 230 16.07 51.91 -2.41
N TYR C 231 17.06 52.54 -3.02
CA TYR C 231 18.04 51.83 -3.81
C TYR C 231 19.34 51.66 -3.05
N ILE C 232 20.01 50.54 -3.29
CA ILE C 232 21.28 50.23 -2.63
C ILE C 232 22.33 50.01 -3.72
N GLU C 233 23.29 50.94 -3.78
CA GLU C 233 24.42 50.89 -4.69
C GLU C 233 25.72 50.74 -3.90
N LYS C 234 26.68 50.00 -4.47
CA LYS C 234 27.93 49.76 -3.76
C LYS C 234 28.90 50.93 -3.88
N SER C 235 28.79 51.72 -4.94
CA SER C 235 29.58 52.94 -5.11
C SER C 235 28.72 54.01 -5.77
N LEU C 236 29.00 55.27 -5.43
CA LEU C 236 28.26 56.38 -6.02
C LEU C 236 29.18 57.20 -6.92
N PRO C 237 28.97 57.19 -8.24
CA PRO C 237 29.57 58.24 -9.09
C PRO C 237 28.94 59.58 -8.73
N ASN C 238 29.77 60.50 -8.24
CA ASN C 238 29.30 61.84 -7.95
C ASN C 238 28.68 62.44 -9.20
N PRO C 239 27.46 62.98 -9.13
CA PRO C 239 26.86 63.59 -10.32
C PRO C 239 27.68 64.75 -10.88
N GLY C 240 28.55 65.36 -10.09
CA GLY C 240 29.48 66.35 -10.59
C GLY C 240 29.02 67.79 -10.50
N GLY C 241 27.73 68.03 -10.29
CA GLY C 241 27.21 69.39 -10.15
C GLY C 241 27.63 70.04 -8.84
N LYS C 242 26.88 71.03 -8.39
CA LYS C 242 27.24 71.80 -7.21
C LYS C 242 26.43 71.34 -6.00
N GLY C 243 26.69 71.99 -4.86
CA GLY C 243 26.02 71.66 -3.62
C GLY C 243 26.69 70.53 -2.87
N PRO C 244 26.24 70.27 -1.64
CA PRO C 244 26.88 69.23 -0.83
C PRO C 244 26.74 67.82 -1.37
N PHE C 245 25.88 67.60 -2.39
CA PHE C 245 25.72 66.27 -2.97
C PHE C 245 25.84 66.29 -4.50
N GLY C 246 26.34 67.38 -5.06
CA GLY C 246 26.63 67.46 -6.48
C GLY C 246 25.41 67.47 -7.37
N LEU C 247 24.22 67.68 -6.81
CA LEU C 247 22.98 67.56 -7.56
C LEU C 247 22.46 68.90 -8.07
N ILE C 248 23.17 70.00 -7.80
CA ILE C 248 22.84 71.28 -8.41
C ILE C 248 23.49 71.31 -9.79
N LEU C 249 22.66 71.21 -10.84
CA LEU C 249 23.13 71.15 -12.22
C LEU C 249 24.14 70.03 -12.41
N PRO C 250 23.74 68.76 -12.30
CA PRO C 250 24.69 67.67 -12.47
C PRO C 250 25.08 67.47 -13.93
N VAL C 251 26.27 66.90 -14.13
CA VAL C 251 26.80 66.73 -15.48
C VAL C 251 25.88 65.85 -16.30
N ILE C 252 25.55 66.30 -17.50
CA ILE C 252 24.79 65.51 -18.46
C ILE C 252 25.58 65.38 -19.76
N HIS C 266 5.21 53.60 -22.38
CA HIS C 266 4.38 54.71 -22.85
C HIS C 266 3.08 54.80 -22.06
N ASN C 267 3.13 55.60 -21.00
CA ASN C 267 2.07 55.82 -20.04
C ASN C 267 1.69 57.29 -20.10
N PRO C 268 0.41 57.64 -20.30
CA PRO C 268 0.06 59.07 -20.37
C PRO C 268 0.30 59.79 -19.06
N GLN C 269 0.30 59.07 -17.95
CA GLN C 269 0.43 59.69 -16.64
C GLN C 269 1.86 59.74 -16.15
N ILE C 270 2.81 59.06 -16.81
CA ILE C 270 4.19 59.03 -16.35
C ILE C 270 4.84 60.41 -16.42
N LYS C 271 4.27 61.33 -17.20
CA LYS C 271 4.80 62.68 -17.28
C LYS C 271 4.80 63.34 -15.89
N LEU C 272 3.68 63.24 -15.17
CA LEU C 272 3.60 63.75 -13.81
C LEU C 272 3.94 62.71 -12.75
N LEU C 273 3.83 61.42 -13.08
CA LEU C 273 4.12 60.39 -12.08
C LEU C 273 5.61 60.29 -11.79
N CYS C 274 6.46 60.67 -12.74
CA CYS C 274 7.90 60.67 -12.48
C CYS C 274 8.23 61.46 -11.20
N LEU C 275 7.79 62.71 -11.12
CA LEU C 275 8.06 63.51 -9.92
C LEU C 275 7.27 63.00 -8.72
N ASP C 276 5.96 62.82 -8.89
CA ASP C 276 5.11 62.56 -7.75
C ASP C 276 5.45 61.23 -7.05
N THR C 277 5.69 60.15 -7.83
CA THR C 277 6.03 58.88 -7.18
C THR C 277 7.37 58.97 -6.46
N PHE C 278 8.33 59.73 -7.01
CA PHE C 278 9.57 59.99 -6.28
C PHE C 278 9.30 60.79 -5.00
N MET C 279 8.51 61.85 -5.10
CA MET C 279 8.24 62.68 -3.93
C MET C 279 7.46 61.90 -2.87
N LEU C 280 6.51 61.04 -3.31
CA LEU C 280 5.76 60.21 -2.37
C LEU C 280 6.65 59.15 -1.70
N SER C 281 7.84 58.87 -2.25
CA SER C 281 8.78 57.98 -1.56
C SER C 281 9.46 58.67 -0.39
N THR C 282 9.53 60.00 -0.38
CA THR C 282 10.28 60.69 0.67
C THR C 282 9.47 60.87 1.95
N SER C 283 8.15 60.79 1.90
CA SER C 283 7.36 61.05 3.10
C SER C 283 5.96 60.49 2.94
N MET C 284 5.39 60.04 4.06
CA MET C 284 4.00 59.63 4.12
C MET C 284 3.02 60.80 4.17
N ASN C 285 3.50 62.01 4.41
CA ASN C 285 2.63 63.18 4.46
C ASN C 285 3.06 64.13 3.36
N ILE C 286 2.10 64.61 2.58
CA ILE C 286 2.39 65.46 1.43
C ILE C 286 1.54 66.71 1.49
N LEU C 287 2.19 67.87 1.34
CA LEU C 287 1.53 69.14 1.05
C LEU C 287 1.66 69.34 -0.45
N TYR C 288 0.53 69.38 -1.13
CA TYR C 288 0.50 69.40 -2.60
C TYR C 288 -0.13 70.73 -3.00
N ILE C 289 0.69 71.63 -3.51
CA ILE C 289 0.26 72.99 -3.85
C ILE C 289 0.02 73.08 -5.35
N GLY C 290 -1.22 73.42 -5.74
CA GLY C 290 -1.61 73.40 -7.13
C GLY C 290 -2.00 72.02 -7.62
N ALA C 291 -2.79 71.29 -6.82
CA ALA C 291 -2.99 69.86 -7.00
C ALA C 291 -4.06 69.51 -8.04
N TYR C 292 -4.93 70.44 -8.43
CA TYR C 292 -6.02 70.09 -9.33
C TYR C 292 -5.52 69.87 -10.76
N PRO C 293 -5.93 68.78 -11.43
CA PRO C 293 -6.80 67.72 -10.91
C PRO C 293 -6.06 66.48 -10.42
N ALA C 294 -4.79 66.32 -10.80
CA ALA C 294 -3.94 65.22 -10.37
C ALA C 294 -4.59 63.86 -10.62
N THR C 295 -5.22 63.71 -11.79
CA THR C 295 -5.88 62.44 -12.04
C THR C 295 -4.88 61.30 -12.17
N HIS C 296 -3.62 61.59 -12.47
CA HIS C 296 -2.60 60.55 -12.48
C HIS C 296 -2.38 59.90 -11.11
N LEU C 297 -2.77 60.55 -10.02
CA LEU C 297 -2.64 59.89 -8.72
C LEU C 297 -3.67 58.79 -8.54
N LEU C 298 -4.74 58.80 -9.33
CA LEU C 298 -5.89 57.95 -9.04
C LEU C 298 -5.56 56.46 -9.15
N SER C 299 -4.58 56.10 -9.98
CA SER C 299 -4.21 54.71 -10.13
C SER C 299 -3.24 54.23 -9.05
N LEU C 300 -2.84 55.09 -8.12
CA LEU C 300 -1.87 54.66 -7.10
C LEU C 300 -2.61 54.10 -5.88
N GLN C 301 -1.91 53.25 -5.13
CA GLN C 301 -2.40 52.77 -3.84
C GLN C 301 -1.65 53.59 -2.80
N LEU C 302 -2.37 54.45 -2.08
CA LEU C 302 -1.72 55.39 -1.17
C LEU C 302 -2.26 55.28 0.25
N ASN C 303 -2.80 54.12 0.63
CA ASN C 303 -3.19 53.93 2.02
C ASN C 303 -1.99 54.18 2.93
N GLY C 304 -2.22 54.94 4.00
CA GLY C 304 -1.16 55.34 4.89
C GLY C 304 -0.57 56.71 4.58
N TRP C 305 -0.90 57.30 3.44
CA TRP C 305 -0.41 58.62 3.10
C TRP C 305 -1.46 59.66 3.46
N THR C 306 -0.99 60.86 3.76
CA THR C 306 -1.88 62.00 3.98
C THR C 306 -1.49 63.08 2.99
N ILE C 307 -2.48 63.66 2.34
CA ILE C 307 -2.27 64.65 1.30
C ILE C 307 -3.10 65.87 1.66
N LEU C 308 -2.43 66.97 1.97
CA LEU C 308 -3.07 68.27 2.13
C LEU C 308 -2.92 69.00 0.80
N ALA C 309 -4.04 69.26 0.13
CA ALA C 309 -4.02 69.71 -1.27
C ALA C 309 -4.65 71.09 -1.36
N PHE C 310 -3.93 72.03 -1.98
CA PHE C 310 -4.38 73.40 -2.11
C PHE C 310 -4.63 73.72 -3.59
N ASP C 311 -5.84 74.21 -3.90
CA ASP C 311 -6.16 74.65 -5.25
C ASP C 311 -7.55 75.28 -5.28
N PRO C 312 -7.70 76.48 -5.85
CA PRO C 312 -9.02 77.09 -5.99
C PRO C 312 -10.03 76.19 -6.69
N LYS C 313 -9.58 75.23 -7.49
CA LYS C 313 -10.52 74.40 -8.25
C LYS C 313 -11.00 73.17 -7.48
N ILE C 314 -10.29 72.77 -6.41
CA ILE C 314 -10.68 71.60 -5.62
C ILE C 314 -12.12 71.74 -5.16
N THR C 315 -12.86 70.65 -5.20
CA THR C 315 -14.20 70.61 -4.63
C THR C 315 -14.29 69.45 -3.64
N SER C 316 -15.40 69.43 -2.91
CA SER C 316 -15.66 68.29 -2.03
C SER C 316 -15.70 66.99 -2.82
N ASP C 317 -16.27 67.04 -4.05
CA ASP C 317 -16.33 65.85 -4.89
C ASP C 317 -14.94 65.36 -5.27
N TRP C 318 -14.06 66.29 -5.67
CA TRP C 318 -12.69 65.93 -6.04
C TRP C 318 -11.98 65.24 -4.87
N THR C 319 -12.13 65.81 -3.67
CA THR C 319 -11.49 65.27 -2.47
C THR C 319 -11.93 63.86 -2.19
N ASP C 320 -13.25 63.64 -2.16
CA ASP C 320 -13.78 62.32 -1.84
C ASP C 320 -13.34 61.28 -2.87
N ALA C 321 -13.35 61.64 -4.16
CA ALA C 321 -12.95 60.69 -5.19
C ALA C 321 -11.47 60.33 -5.06
N MET C 322 -10.62 61.33 -4.82
CA MET C 322 -9.19 61.06 -4.64
C MET C 322 -8.98 60.06 -3.50
N ALA C 323 -9.62 60.31 -2.35
CA ALA C 323 -9.49 59.42 -1.20
C ALA C 323 -10.05 58.03 -1.50
N LYS C 324 -11.17 57.96 -2.23
CA LYS C 324 -11.78 56.68 -2.56
C LYS C 324 -10.86 55.83 -3.43
N ALA C 325 -10.27 56.44 -4.45
CA ALA C 325 -9.47 55.68 -5.41
C ALA C 325 -8.14 55.26 -4.81
N THR C 326 -7.48 56.14 -4.06
CA THR C 326 -6.13 55.85 -3.61
C THR C 326 -6.04 55.25 -2.22
N GLY C 327 -7.05 55.45 -1.37
CA GLY C 327 -6.92 55.10 0.02
C GLY C 327 -6.18 56.11 0.87
N ALA C 328 -5.66 57.19 0.27
CA ALA C 328 -5.03 58.24 1.06
C ALA C 328 -6.07 59.07 1.80
N LYS C 329 -5.66 59.63 2.93
CA LYS C 329 -6.42 60.67 3.59
C LYS C 329 -6.17 61.99 2.85
N VAL C 330 -7.22 62.57 2.29
CA VAL C 330 -7.08 63.78 1.47
C VAL C 330 -7.81 64.93 2.15
N ILE C 331 -7.10 66.02 2.38
CA ILE C 331 -7.72 67.25 2.83
C ILE C 331 -7.61 68.23 1.67
N GLY C 332 -8.74 68.53 1.05
CA GLY C 332 -8.78 69.40 -0.12
C GLY C 332 -9.21 70.80 0.24
N VAL C 333 -8.31 71.76 0.05
CA VAL C 333 -8.53 73.14 0.43
C VAL C 333 -8.75 73.95 -0.84
N SER C 334 -9.97 74.43 -1.04
CA SER C 334 -10.31 75.14 -2.28
C SER C 334 -9.92 76.61 -2.20
N LYS C 335 -8.64 76.87 -1.93
CA LYS C 335 -8.09 78.21 -1.95
C LYS C 335 -6.67 78.18 -2.51
N GLU C 336 -6.15 79.37 -2.80
CA GLU C 336 -4.74 79.52 -3.08
C GLU C 336 -3.94 79.40 -1.79
N PHE C 337 -2.79 78.72 -1.88
CA PHE C 337 -1.86 78.66 -0.77
C PHE C 337 -1.40 80.07 -0.42
N ASP C 338 -1.31 80.38 0.88
CA ASP C 338 -0.88 81.73 1.32
C ASP C 338 0.63 81.70 1.59
N PHE C 339 1.42 82.11 0.61
CA PHE C 339 2.87 82.15 0.75
C PHE C 339 3.37 83.36 1.53
N LYS C 340 2.47 84.21 2.06
CA LYS C 340 2.82 85.38 2.86
C LYS C 340 2.80 85.13 4.37
N SER C 341 2.21 84.02 4.82
CA SER C 341 2.06 83.75 6.24
C SER C 341 3.17 82.80 6.67
N PHE C 342 4.19 83.36 7.29
CA PHE C 342 5.34 82.57 7.74
C PHE C 342 5.08 82.05 9.16
N SER C 343 4.08 81.18 9.25
CA SER C 343 3.64 80.62 10.52
C SER C 343 3.02 79.25 10.29
N VAL C 344 3.34 78.28 11.15
CA VAL C 344 2.70 76.97 11.05
C VAL C 344 1.23 77.03 11.45
N GLN C 345 0.77 78.16 12.00
CA GLN C 345 -0.65 78.30 12.28
C GLN C 345 -1.45 78.60 11.03
N ALA C 346 -0.79 79.00 9.95
CA ALA C 346 -1.46 79.25 8.69
C ALA C 346 -1.37 78.00 7.81
N ASN C 347 -2.24 77.97 6.78
CA ASN C 347 -2.23 76.96 5.73
C ASN C 347 -2.41 75.54 6.28
N GLN C 348 -3.06 75.42 7.45
CA GLN C 348 -3.35 74.15 8.12
C GLN C 348 -2.10 73.30 8.32
N LEU C 349 -0.92 73.93 8.33
CA LEU C 349 0.31 73.17 8.50
C LEU C 349 0.36 72.42 9.84
N ASN C 350 -0.45 72.82 10.82
CA ASN C 350 -0.38 72.24 12.16
C ASN C 350 -0.75 70.77 12.21
N MET C 351 -1.52 70.26 11.24
CA MET C 351 -1.78 68.83 11.21
C MET C 351 -0.52 68.02 10.99
N PHE C 352 0.59 68.64 10.61
CA PHE C 352 1.84 67.92 10.43
C PHE C 352 2.81 68.12 11.59
N GLN C 353 2.33 68.68 12.69
CA GLN C 353 3.20 68.93 13.83
C GLN C 353 3.68 67.60 14.40
N ASN C 354 4.98 67.54 14.74
CA ASN C 354 5.63 66.31 15.21
C ASN C 354 5.57 65.19 14.16
N SER C 355 5.65 65.57 12.88
CA SER C 355 5.61 64.58 11.80
C SER C 355 6.61 64.96 10.72
N LYS C 356 6.79 64.05 9.78
CA LYS C 356 7.57 64.30 8.58
C LYS C 356 6.66 64.85 7.49
N LEU C 357 7.27 65.58 6.55
CA LEU C 357 6.48 66.27 5.53
C LEU C 357 7.35 66.56 4.33
N SER C 358 6.84 66.23 3.14
CA SER C 358 7.42 66.67 1.89
C SER C 358 6.39 67.52 1.15
N VAL C 359 6.86 68.34 0.22
CA VAL C 359 6.01 69.36 -0.39
C VAL C 359 6.14 69.30 -1.89
N ILE C 360 5.02 69.21 -2.59
CA ILE C 360 5.02 69.21 -4.04
C ILE C 360 4.37 70.51 -4.45
N ASP C 361 5.17 71.41 -5.01
CA ASP C 361 4.68 72.72 -5.41
C ASP C 361 4.62 72.75 -6.93
N ASP C 362 3.40 72.66 -7.47
CA ASP C 362 3.17 72.72 -8.90
C ASP C 362 2.63 74.08 -9.37
N THR C 363 2.73 75.12 -8.53
CA THR C 363 2.17 76.41 -8.91
C THR C 363 3.09 77.17 -9.85
N TRP C 364 2.48 78.07 -10.62
CA TRP C 364 3.07 78.73 -11.77
C TRP C 364 2.12 79.85 -12.19
N VAL C 365 2.67 81.03 -12.51
CA VAL C 365 1.87 82.14 -13.00
C VAL C 365 2.40 82.59 -14.36
N GLU C 366 1.51 83.18 -15.17
CA GLU C 366 1.90 83.66 -16.49
C GLU C 366 2.70 84.95 -16.41
N THR C 367 2.17 85.94 -15.70
CA THR C 367 2.84 87.23 -15.56
C THR C 367 3.68 87.28 -14.30
N ASP C 368 4.83 87.96 -14.39
CA ASP C 368 5.72 88.18 -13.25
C ASP C 368 6.06 86.86 -12.55
N TYR C 369 6.27 85.81 -13.35
CA TYR C 369 6.62 84.50 -12.79
C TYR C 369 7.84 84.59 -11.90
N GLU C 370 8.77 85.51 -12.23
CA GLU C 370 9.99 85.62 -11.46
C GLU C 370 9.73 86.14 -10.05
N LYS C 371 8.76 87.04 -9.90
CA LYS C 371 8.43 87.52 -8.55
C LYS C 371 7.75 86.42 -7.75
N PHE C 372 6.83 85.69 -8.37
CA PHE C 372 6.15 84.59 -7.70
C PHE C 372 7.15 83.57 -7.16
N GLN C 373 8.08 83.12 -8.00
CA GLN C 373 9.11 82.19 -7.55
C GLN C 373 9.91 82.78 -6.40
N SER C 374 10.18 84.08 -6.44
CA SER C 374 10.97 84.69 -5.38
C SER C 374 10.20 84.69 -4.06
N GLU C 375 8.89 84.91 -4.11
CA GLU C 375 8.07 84.84 -2.92
C GLU C 375 7.93 83.40 -2.43
N LYS C 376 7.68 82.46 -3.34
CA LYS C 376 7.63 81.07 -2.94
C LYS C 376 8.95 80.65 -2.31
N GLN C 377 10.07 81.01 -2.95
CA GLN C 377 11.37 80.55 -2.47
C GLN C 377 11.64 81.04 -1.06
N ALA C 378 11.32 82.32 -0.80
CA ALA C 378 11.43 82.80 0.56
C ALA C 378 10.58 81.98 1.50
N TYR C 379 9.39 81.58 1.06
CA TYR C 379 8.55 80.78 1.93
C TYR C 379 9.17 79.40 2.15
N PHE C 380 9.66 78.77 1.08
CA PHE C 380 10.20 77.41 1.25
C PHE C 380 11.50 77.41 2.05
N GLU C 381 12.28 78.49 1.96
CA GLU C 381 13.49 78.59 2.77
C GLU C 381 13.14 78.64 4.24
N TRP C 382 12.02 79.27 4.56
CA TRP C 382 11.55 79.28 5.94
C TRP C 382 10.96 77.93 6.33
N LEU C 383 10.12 77.37 5.47
CA LEU C 383 9.45 76.11 5.79
C LEU C 383 10.45 75.00 6.04
N ILE C 384 11.51 74.93 5.22
CA ILE C 384 12.46 73.82 5.30
C ILE C 384 13.10 73.72 6.68
N ASP C 385 13.19 74.84 7.40
CA ASP C 385 13.86 74.94 8.69
C ASP C 385 12.92 74.87 9.89
N ARG C 386 11.67 74.46 9.71
CA ARG C 386 10.81 74.33 10.87
C ARG C 386 11.35 73.26 11.82
N THR C 387 10.98 73.37 13.09
CA THR C 387 11.36 72.39 14.09
C THR C 387 10.17 71.63 14.68
N SER C 388 8.96 72.16 14.53
CA SER C 388 7.78 71.40 14.91
C SER C 388 7.30 70.49 13.77
N ILE C 389 7.95 70.56 12.60
CA ILE C 389 7.70 69.69 11.47
C ILE C 389 9.06 69.29 10.90
N ASP C 390 9.25 67.99 10.66
CA ASP C 390 10.47 67.51 10.02
C ASP C 390 10.20 67.56 8.53
N VAL C 391 10.49 68.71 7.92
CA VAL C 391 10.23 68.88 6.50
C VAL C 391 11.36 68.19 5.74
N ARG C 392 11.00 67.22 4.90
CA ARG C 392 11.98 66.34 4.29
C ARG C 392 12.46 66.87 2.94
N LEU C 393 11.53 67.22 2.05
CA LEU C 393 11.87 67.59 0.68
C LEU C 393 10.78 68.48 0.11
N ILE C 394 11.20 69.54 -0.58
CA ILE C 394 10.31 70.52 -1.19
C ILE C 394 10.71 70.62 -2.66
N SER C 395 9.77 70.36 -3.57
CA SER C 395 10.03 70.54 -4.99
C SER C 395 9.29 71.74 -5.53
N MET C 396 9.95 72.49 -6.41
CA MET C 396 9.46 73.74 -6.97
C MET C 396 9.97 73.92 -8.38
N LYS C 397 9.10 74.35 -9.28
CA LYS C 397 9.54 74.75 -10.62
C LYS C 397 10.49 75.93 -10.52
N TRP C 398 11.46 75.96 -11.44
CA TRP C 398 12.51 76.97 -11.47
C TRP C 398 12.69 77.49 -12.89
N ASN C 399 12.57 78.81 -13.06
CA ASN C 399 12.98 79.46 -14.31
C ASN C 399 13.26 80.93 -13.97
N ARG C 400 14.54 81.24 -13.75
CA ARG C 400 14.96 82.56 -13.30
C ARG C 400 15.96 83.14 -14.30
N SER C 401 15.62 84.28 -14.89
CA SER C 401 16.50 84.94 -15.84
C SER C 401 17.51 85.86 -15.18
N LYS C 402 17.40 86.09 -13.87
CA LYS C 402 18.38 86.87 -13.12
C LYS C 402 19.10 85.97 -12.12
N ASP C 403 20.36 86.28 -11.85
CA ASP C 403 21.13 85.52 -10.87
C ASP C 403 20.43 85.56 -9.51
N THR C 404 20.42 84.41 -8.83
CA THR C 404 19.68 84.27 -7.58
C THR C 404 20.48 83.52 -6.54
N SER C 405 20.45 84.01 -5.30
CA SER C 405 20.95 83.28 -4.15
C SER C 405 19.82 82.43 -3.55
N VAL C 406 20.18 81.23 -3.10
CA VAL C 406 19.19 80.27 -2.61
C VAL C 406 19.73 79.61 -1.35
N SER C 407 18.87 79.47 -0.35
CA SER C 407 19.19 78.79 0.90
C SER C 407 18.63 77.37 0.87
N HIS C 408 19.39 76.44 1.46
CA HIS C 408 18.98 75.04 1.61
C HIS C 408 18.62 74.39 0.27
N LEU C 409 19.40 74.67 -0.77
CA LEU C 409 19.16 74.07 -2.08
C LEU C 409 19.95 72.78 -2.20
N LEU C 410 19.25 71.67 -2.39
CA LEU C 410 19.90 70.37 -2.48
C LEU C 410 20.15 69.94 -3.92
N ALA C 411 19.21 70.23 -4.82
CA ALA C 411 19.32 69.82 -6.20
C ALA C 411 18.60 70.83 -7.07
N LEU C 412 19.08 70.95 -8.30
CA LEU C 412 18.43 71.74 -9.34
C LEU C 412 18.60 70.95 -10.61
N LEU C 413 17.53 70.36 -11.10
CA LEU C 413 17.59 69.31 -12.10
C LEU C 413 16.69 69.64 -13.27
N PRO C 414 17.02 69.14 -14.46
CA PRO C 414 16.04 69.19 -15.55
C PRO C 414 14.87 68.28 -15.22
N GLN C 415 13.73 68.57 -15.84
CA GLN C 415 12.58 67.68 -15.73
C GLN C 415 12.72 66.57 -16.76
N PRO C 416 12.82 65.30 -16.34
CA PRO C 416 13.08 64.22 -17.31
C PRO C 416 12.07 64.16 -18.44
N TYR C 417 10.79 64.41 -18.16
CA TYR C 417 9.73 64.39 -19.14
C TYR C 417 9.36 65.79 -19.62
N GLY C 418 10.22 66.78 -19.37
CA GLY C 418 9.92 68.13 -19.79
C GLY C 418 10.06 68.35 -21.28
N ALA C 419 10.71 67.43 -21.99
CA ALA C 419 11.02 67.60 -23.40
C ALA C 419 11.76 68.92 -23.65
N SER C 420 11.08 69.92 -24.21
CA SER C 420 11.73 71.14 -24.66
C SER C 420 11.50 72.34 -23.74
N ILE C 421 10.65 72.22 -22.72
CA ILE C 421 10.39 73.38 -21.87
C ILE C 421 11.69 73.83 -21.21
N ARG C 422 11.70 75.09 -20.77
CA ARG C 422 12.88 75.69 -20.18
C ARG C 422 12.93 75.55 -18.66
N GLU C 423 11.80 75.25 -18.00
CA GLU C 423 11.80 75.26 -16.55
C GLU C 423 12.53 74.04 -15.98
N MET C 424 13.20 74.27 -14.86
CA MET C 424 13.92 73.24 -14.16
C MET C 424 13.11 72.80 -12.95
N ARG C 425 13.76 72.12 -12.01
CA ARG C 425 13.10 71.71 -10.77
C ARG C 425 14.09 71.91 -9.63
N ALA C 426 13.72 72.75 -8.68
CA ALA C 426 14.50 72.96 -7.47
C ALA C 426 13.97 72.05 -6.38
N PHE C 427 14.90 71.53 -5.56
CA PHE C 427 14.56 70.73 -4.39
C PHE C 427 15.23 71.32 -3.17
N PHE C 428 14.44 71.61 -2.14
CA PHE C 428 14.93 72.15 -0.89
C PHE C 428 15.05 71.05 0.15
N HIS C 429 16.17 71.03 0.87
CA HIS C 429 16.50 70.00 1.85
C HIS C 429 17.35 70.62 2.94
N LYS C 430 17.19 70.14 4.18
CA LYS C 430 17.95 70.70 5.29
C LYS C 430 19.45 70.47 5.13
N LYS C 431 19.85 69.35 4.54
CA LYS C 431 21.25 69.13 4.19
C LYS C 431 21.63 69.80 2.87
N GLY C 432 20.80 70.71 2.35
CA GLY C 432 21.15 71.41 1.12
C GLY C 432 22.21 72.47 1.40
N ALA C 433 22.70 73.06 0.31
CA ALA C 433 23.66 74.16 0.41
C ALA C 433 23.14 75.28 1.29
N SER C 434 23.93 75.62 2.32
CA SER C 434 23.61 76.73 3.22
C SER C 434 23.15 77.96 2.44
N ASP C 435 24.02 78.47 1.59
CA ASP C 435 23.70 79.54 0.65
C ASP C 435 24.55 79.29 -0.59
N ILE C 436 23.94 79.34 -1.77
CA ILE C 436 24.68 79.28 -3.04
C ILE C 436 24.02 80.22 -4.02
N LYS C 437 24.81 80.68 -4.99
CA LYS C 437 24.37 81.55 -6.07
C LYS C 437 24.26 80.73 -7.35
N ILE C 438 23.07 80.69 -7.94
CA ILE C 438 22.84 80.04 -9.22
C ILE C 438 22.86 81.12 -10.30
N LEU C 439 23.82 81.02 -11.20
CA LEU C 439 23.98 82.03 -12.25
C LEU C 439 23.06 81.71 -13.42
N ALA C 440 22.22 82.68 -13.80
CA ALA C 440 21.25 82.45 -14.87
C ALA C 440 21.92 82.15 -16.21
N ALA C 441 23.18 82.54 -16.38
CA ALA C 441 23.89 82.21 -17.62
C ALA C 441 24.04 80.71 -17.77
N GLU C 442 24.45 80.02 -16.70
CA GLU C 442 24.73 78.59 -16.82
C GLU C 442 23.46 77.76 -16.87
N THR C 443 22.39 78.16 -16.16
CA THR C 443 21.13 77.44 -16.29
C THR C 443 20.62 77.49 -17.73
N GLU C 444 20.77 78.65 -18.39
CA GLU C 444 20.35 78.76 -19.78
C GLU C 444 21.14 77.78 -20.65
N LYS C 445 22.46 77.73 -20.46
CA LYS C 445 23.28 76.78 -21.21
C LYS C 445 22.96 75.34 -20.81
N TYR C 446 22.83 75.09 -19.50
CA TYR C 446 22.47 73.75 -19.04
C TYR C 446 21.20 73.25 -19.72
N MET C 447 20.19 74.11 -19.83
CA MET C 447 18.92 73.71 -20.45
C MET C 447 18.98 73.72 -21.97
N ASP C 448 19.93 74.44 -22.55
CA ASP C 448 20.18 74.30 -23.99
C ASP C 448 20.79 72.95 -24.30
N ASP C 449 21.74 72.51 -23.47
CA ASP C 449 22.26 71.15 -23.59
C ASP C 449 21.15 70.12 -23.39
N PHE C 450 20.35 70.30 -22.34
CA PHE C 450 19.34 69.30 -22.02
C PHE C 450 18.27 69.21 -23.10
N THR C 451 17.81 70.35 -23.62
CA THR C 451 16.83 70.32 -24.70
C THR C 451 17.42 69.77 -25.99
N ALA C 452 18.73 69.91 -26.17
CA ALA C 452 19.39 69.41 -27.37
C ALA C 452 19.46 67.88 -27.42
N MET C 453 19.28 67.22 -26.27
CA MET C 453 19.42 65.78 -26.17
C MET C 453 18.19 65.06 -26.74
N SER C 454 18.27 63.73 -26.79
CA SER C 454 17.18 62.90 -27.26
C SER C 454 16.20 62.60 -26.12
N VAL C 455 14.97 62.25 -26.49
CA VAL C 455 13.93 62.02 -25.49
C VAL C 455 14.34 60.92 -24.53
N SER C 456 15.02 59.89 -25.03
CA SER C 456 15.48 58.82 -24.15
C SER C 456 16.51 59.33 -23.16
N ASP C 457 17.47 60.12 -23.64
CA ASP C 457 18.51 60.62 -22.75
C ASP C 457 17.94 61.57 -21.71
N GLN C 458 16.95 62.38 -22.11
CA GLN C 458 16.25 63.24 -21.15
C GLN C 458 15.59 62.41 -20.05
N ILE C 459 14.80 61.41 -20.45
CA ILE C 459 14.06 60.59 -19.51
C ILE C 459 14.99 59.95 -18.49
N ASN C 460 16.23 59.65 -18.90
CA ASN C 460 17.15 58.99 -17.99
C ASN C 460 17.76 59.92 -16.96
N THR C 461 17.53 61.24 -17.07
CA THR C 461 17.97 62.10 -15.98
C THR C 461 17.13 61.92 -14.72
N GLN C 462 16.08 61.09 -14.76
CA GLN C 462 15.35 60.79 -13.53
C GLN C 462 16.24 60.11 -12.51
N LYS C 463 17.39 59.59 -12.92
CA LYS C 463 18.35 59.01 -11.98
C LYS C 463 18.88 60.05 -11.00
N PHE C 464 18.89 61.33 -11.37
CA PHE C 464 19.39 62.35 -10.44
C PHE C 464 18.43 62.55 -9.27
N MET C 465 17.13 62.56 -9.55
CA MET C 465 16.14 62.52 -8.49
C MET C 465 16.30 61.26 -7.64
N HIS C 466 16.40 60.09 -8.30
CA HIS C 466 16.48 58.84 -7.56
C HIS C 466 17.76 58.74 -6.73
N CYS C 467 18.79 59.54 -7.01
CA CYS C 467 19.95 59.63 -6.12
C CYS C 467 19.55 59.96 -4.68
N MET C 468 18.46 60.70 -4.50
CA MET C 468 18.02 61.12 -3.19
C MET C 468 17.27 60.03 -2.43
N ILE C 469 16.99 58.89 -3.07
CA ILE C 469 16.44 57.74 -2.36
C ILE C 469 17.35 56.54 -2.62
N THR C 470 18.64 56.81 -2.72
CA THR C 470 19.66 55.78 -2.88
C THR C 470 20.64 55.88 -1.71
N THR C 471 21.04 54.73 -1.18
CA THR C 471 22.06 54.62 -0.15
C THR C 471 23.28 53.90 -0.72
N VAL C 472 24.46 54.37 -0.34
CA VAL C 472 25.70 53.71 -0.72
C VAL C 472 26.02 52.67 0.34
N GLY C 473 26.49 51.51 -0.10
CA GLY C 473 26.79 50.43 0.81
C GLY C 473 26.88 49.10 0.09
N ASP C 474 27.54 48.17 0.75
CA ASP C 474 27.60 46.80 0.26
C ASP C 474 26.31 46.09 0.67
N ALA C 475 25.54 45.65 -0.33
CA ALA C 475 24.31 44.91 -0.03
C ALA C 475 24.59 43.69 0.82
N LEU C 476 25.73 43.03 0.62
CA LEU C 476 26.04 41.83 1.38
C LEU C 476 26.21 42.12 2.87
N LYS C 477 26.53 43.36 3.25
CA LYS C 477 26.73 43.72 4.66
C LYS C 477 25.49 44.32 5.30
N MET C 478 24.40 44.51 4.55
CA MET C 478 23.27 45.28 5.04
C MET C 478 22.63 44.63 6.27
N ASP C 479 21.74 45.39 6.89
CA ASP C 479 21.08 44.97 8.13
C ASP C 479 19.71 44.42 7.79
N LEU C 480 19.49 43.15 8.16
CA LEU C 480 18.30 42.42 7.74
C LEU C 480 17.30 42.18 8.88
N ASP C 481 17.47 42.85 10.02
CA ASP C 481 16.52 42.66 11.10
C ASP C 481 15.18 43.28 10.75
N GLY C 482 14.17 42.93 11.52
CA GLY C 482 12.85 43.51 11.35
C GLY C 482 12.04 42.94 10.20
N GLY C 483 12.44 41.80 9.65
CA GLY C 483 11.75 41.28 8.46
C GLY C 483 11.94 42.13 7.23
N ARG C 484 13.11 42.76 7.08
CA ARG C 484 13.34 43.69 5.99
C ARG C 484 13.11 43.04 4.63
N ALA C 485 12.54 43.83 3.71
CA ALA C 485 12.28 43.38 2.35
C ALA C 485 13.35 43.92 1.41
N VAL C 486 13.92 43.03 0.60
CA VAL C 486 14.96 43.38 -0.36
C VAL C 486 14.66 42.63 -1.66
N ILE C 487 14.92 43.28 -2.79
CA ILE C 487 14.79 42.66 -4.11
C ILE C 487 16.13 42.76 -4.81
N ALA C 488 16.65 41.62 -5.30
CA ALA C 488 17.99 41.64 -5.87
C ALA C 488 18.20 40.50 -6.85
N SER C 489 18.97 40.77 -7.91
CA SER C 489 19.37 39.76 -8.87
C SER C 489 20.81 39.98 -9.32
N TYR C 490 20.99 40.72 -10.41
CA TYR C 490 22.31 40.82 -11.05
C TYR C 490 23.34 41.52 -10.16
N SER C 491 22.91 42.46 -9.31
CA SER C 491 23.87 43.11 -8.43
C SER C 491 24.40 42.17 -7.34
N LEU C 492 23.86 40.97 -7.23
CA LEU C 492 24.35 39.93 -6.33
C LEU C 492 24.93 38.74 -7.07
N SER C 493 24.22 38.23 -8.07
CA SER C 493 24.62 37.03 -8.80
C SER C 493 25.75 37.28 -9.79
N ASN C 494 26.16 38.52 -10.00
CA ASN C 494 27.21 38.79 -10.99
C ASN C 494 28.55 38.22 -10.55
N SER C 495 29.47 38.08 -11.52
CA SER C 495 30.70 37.34 -11.31
C SER C 495 31.66 38.03 -10.34
N SER C 496 31.46 39.30 -10.03
CA SER C 496 32.32 39.97 -9.06
C SER C 496 32.16 39.37 -7.67
N ASN C 497 30.95 38.89 -7.34
CA ASN C 497 30.72 38.20 -6.09
C ASN C 497 30.97 36.71 -6.27
N SER C 498 31.55 36.09 -5.24
CA SER C 498 31.67 34.64 -5.23
C SER C 498 30.33 34.02 -4.84
N LYS C 499 29.97 32.95 -5.54
CA LYS C 499 28.74 32.25 -5.22
C LYS C 499 28.71 31.84 -3.75
N GLU C 500 29.85 31.35 -3.25
CA GLU C 500 29.94 30.91 -1.86
C GLU C 500 29.56 32.04 -0.90
N ARG C 501 29.94 33.28 -1.24
CA ARG C 501 29.60 34.40 -0.35
C ARG C 501 28.12 34.75 -0.46
N VAL C 502 27.58 34.82 -1.69
CA VAL C 502 26.18 35.14 -1.87
C VAL C 502 25.29 34.14 -1.13
N LEU C 503 25.63 32.85 -1.23
CA LEU C 503 24.80 31.82 -0.59
C LEU C 503 24.81 31.94 0.92
N LYS C 504 25.96 32.24 1.52
CA LYS C 504 26.01 32.45 2.96
C LYS C 504 25.12 33.63 3.35
N PHE C 505 25.17 34.72 2.58
CA PHE C 505 24.32 35.88 2.87
C PHE C 505 22.84 35.50 2.84
N LEU C 506 22.39 34.86 1.76
CA LEU C 506 21.00 34.40 1.70
C LEU C 506 20.69 33.45 2.86
N SER C 507 21.66 32.62 3.24
CA SER C 507 21.45 31.71 4.35
C SER C 507 21.28 32.47 5.66
N ASP C 508 22.10 33.49 5.90
CA ASP C 508 21.89 34.33 7.07
C ASP C 508 20.55 35.06 6.98
N ALA C 509 20.20 35.53 5.78
CA ALA C 509 18.95 36.28 5.61
C ALA C 509 17.74 35.43 5.97
N ASN C 510 17.71 34.17 5.52
CA ASN C 510 16.60 33.32 5.90
C ASN C 510 16.61 33.03 7.39
N LYS C 511 17.80 32.93 7.98
CA LYS C 511 17.90 32.71 9.41
C LYS C 511 17.37 33.91 10.19
N ALA C 512 17.67 35.13 9.72
CA ALA C 512 17.21 36.33 10.42
C ALA C 512 15.75 36.66 10.14
N LYS C 513 15.03 35.78 9.44
CA LYS C 513 13.64 36.01 9.02
C LYS C 513 13.48 37.28 8.17
N ALA C 514 14.48 37.60 7.36
CA ALA C 514 14.40 38.67 6.38
C ALA C 514 13.77 38.17 5.07
N MET C 515 13.19 39.12 4.33
CA MET C 515 12.51 38.84 3.07
C MET C 515 13.34 39.40 1.91
N VAL C 516 14.49 38.80 1.69
CA VAL C 516 15.28 39.05 0.50
C VAL C 516 14.76 38.12 -0.59
N VAL C 517 14.20 38.71 -1.65
CA VAL C 517 13.74 37.98 -2.82
C VAL C 517 14.86 37.98 -3.86
N PHE C 518 15.26 36.79 -4.32
CA PHE C 518 16.51 36.62 -5.04
C PHE C 518 16.26 35.95 -6.38
N GLY C 519 16.95 36.44 -7.42
CA GLY C 519 16.87 35.85 -8.74
C GLY C 519 18.21 35.71 -9.42
N ALA C 520 18.39 34.63 -10.15
CA ALA C 520 19.65 34.32 -10.82
C ALA C 520 19.36 33.44 -12.02
N PRO C 521 20.24 33.44 -13.01
CA PRO C 521 20.12 32.46 -14.10
C PRO C 521 20.21 31.04 -13.55
N ASN C 522 19.39 30.15 -14.09
CA ASN C 522 19.40 28.75 -13.66
C ASN C 522 20.46 28.00 -14.45
N THR C 523 21.51 27.55 -13.75
CA THR C 523 22.67 26.94 -14.38
C THR C 523 22.27 25.83 -15.35
N HIS C 524 21.45 24.91 -14.87
CA HIS C 524 21.20 23.69 -15.65
C HIS C 524 20.15 23.89 -16.72
N ARG C 525 19.16 24.78 -16.49
CA ARG C 525 18.24 25.09 -17.58
C ARG C 525 18.99 25.76 -18.72
N LEU C 526 19.90 26.67 -18.38
CA LEU C 526 20.67 27.36 -19.41
C LEU C 526 21.56 26.38 -20.15
N ALA C 527 22.28 25.53 -19.41
CA ALA C 527 23.11 24.50 -20.06
C ALA C 527 22.27 23.61 -20.96
N TYR C 528 21.09 23.20 -20.49
CA TYR C 528 20.21 22.38 -21.32
C TYR C 528 19.84 23.13 -22.59
N ALA C 529 19.52 24.42 -22.48
CA ALA C 529 19.10 25.20 -23.64
C ALA C 529 20.20 25.30 -24.68
N LYS C 530 21.46 25.38 -24.24
CA LYS C 530 22.58 25.40 -25.18
C LYS C 530 22.88 24.02 -25.74
N LYS C 531 22.81 22.97 -24.90
CA LYS C 531 23.16 21.62 -25.34
C LYS C 531 22.27 21.14 -26.49
N VAL C 532 20.99 21.52 -26.49
CA VAL C 532 20.11 21.15 -27.59
C VAL C 532 20.14 22.16 -28.73
N GLY C 533 20.88 23.26 -28.57
CA GLY C 533 21.06 24.18 -29.68
C GLY C 533 20.00 25.23 -29.84
N LEU C 534 19.30 25.59 -28.75
CA LEU C 534 18.33 26.68 -28.81
C LEU C 534 19.04 28.02 -28.62
N VAL C 535 19.68 28.20 -27.46
CA VAL C 535 20.47 29.39 -27.20
C VAL C 535 21.79 29.25 -27.95
N LEU C 536 21.95 30.06 -29.00
CA LEU C 536 23.18 30.01 -29.77
C LEU C 536 24.35 30.55 -28.94
N ASP C 537 25.55 30.14 -29.33
CA ASP C 537 26.76 30.52 -28.62
C ASP C 537 27.03 32.02 -28.72
N SER C 538 26.59 32.65 -29.81
CA SER C 538 26.85 34.07 -30.02
C SER C 538 26.02 34.97 -29.13
N ALA C 539 24.99 34.44 -28.45
CA ALA C 539 24.17 35.24 -27.57
C ALA C 539 24.47 35.02 -26.10
N ILE C 540 24.70 33.78 -25.68
CA ILE C 540 25.01 33.44 -24.29
C ILE C 540 26.05 32.33 -24.26
N LYS C 541 27.08 32.50 -23.43
CA LYS C 541 28.15 31.52 -23.30
C LYS C 541 28.34 31.17 -21.83
N MET C 542 28.55 29.88 -21.56
CA MET C 542 28.70 29.38 -20.20
C MET C 542 29.98 28.57 -20.07
N SER C 543 30.67 28.76 -18.94
CA SER C 543 31.85 27.99 -18.56
C SER C 543 31.62 27.56 -17.11
N LYS C 544 31.29 26.28 -16.92
CA LYS C 544 30.86 25.73 -15.63
C LYS C 544 29.63 26.51 -15.19
N ASP C 545 29.69 27.29 -14.10
CA ASP C 545 28.56 28.10 -13.67
C ASP C 545 28.71 29.57 -14.04
N LEU C 546 29.71 29.91 -14.86
CA LEU C 546 30.01 31.28 -15.23
C LEU C 546 29.33 31.60 -16.57
N ILE C 547 28.51 32.65 -16.59
CA ILE C 547 27.70 32.98 -17.76
C ILE C 547 28.12 34.35 -18.29
N THR C 548 28.31 34.42 -19.60
CA THR C 548 28.63 35.65 -20.32
C THR C 548 27.46 35.97 -21.25
N PHE C 549 26.72 37.03 -20.92
CA PHE C 549 25.59 37.48 -21.72
C PHE C 549 26.03 38.52 -22.74
N SER C 550 25.29 38.59 -23.84
CA SER C 550 25.48 39.62 -24.85
C SER C 550 24.36 40.68 -24.75
N TRP C 557 28.40 41.52 -20.23
CA TRP C 557 28.36 41.43 -18.77
C TRP C 557 28.34 39.96 -18.30
N ARG C 558 28.85 39.72 -17.10
CA ARG C 558 29.05 38.37 -16.60
C ARG C 558 28.20 38.12 -15.36
N ASP C 559 27.79 36.87 -15.20
CA ASP C 559 26.83 36.47 -14.18
C ASP C 559 27.18 35.08 -13.68
N TYR C 560 26.70 34.75 -12.50
CA TYR C 560 26.82 33.39 -11.96
C TYR C 560 25.46 32.71 -12.01
N GLY C 561 25.42 31.50 -12.57
CA GLY C 561 24.21 30.71 -12.53
C GLY C 561 24.09 29.97 -11.20
N TYR C 562 22.86 29.89 -10.70
CA TYR C 562 22.60 29.13 -9.49
C TYR C 562 21.63 28.00 -9.82
N SER C 563 21.53 27.05 -8.89
CA SER C 563 20.67 25.88 -9.04
C SER C 563 19.74 25.76 -7.84
N GLN C 564 18.67 24.97 -8.02
CA GLN C 564 17.65 24.87 -6.98
C GLN C 564 18.15 24.14 -5.73
N SER C 565 19.06 23.16 -5.90
CA SER C 565 19.62 22.50 -4.72
C SER C 565 20.64 23.40 -4.02
N GLU C 566 21.46 24.13 -4.79
CA GLU C 566 22.35 25.13 -4.21
C GLU C 566 21.60 26.06 -3.27
N LEU C 567 20.45 26.55 -3.72
CA LEU C 567 19.72 27.54 -2.93
C LEU C 567 18.91 26.90 -1.81
N TYR C 568 18.37 25.69 -2.00
CA TYR C 568 17.64 25.10 -0.87
C TYR C 568 18.56 24.82 0.31
N ASP C 569 19.80 24.42 0.04
CA ASP C 569 20.79 24.31 1.11
C ASP C 569 20.98 25.64 1.82
N ALA C 570 20.97 26.75 1.08
CA ALA C 570 21.03 28.08 1.67
C ALA C 570 19.69 28.56 2.23
N GLY C 571 18.72 27.66 2.39
CA GLY C 571 17.45 28.00 3.01
C GLY C 571 16.51 28.83 2.17
N TYR C 572 16.45 28.57 0.87
CA TYR C 572 15.62 29.33 -0.06
C TYR C 572 14.85 28.39 -0.98
N VAL C 573 13.62 28.78 -1.29
CA VAL C 573 12.66 27.97 -2.04
C VAL C 573 12.30 28.68 -3.33
N GLU C 574 12.46 28.00 -4.47
CA GLU C 574 12.06 28.60 -5.73
C GLU C 574 10.54 28.77 -5.78
N ILE C 575 10.11 29.96 -6.22
CA ILE C 575 8.71 30.23 -6.51
C ILE C 575 8.67 30.84 -7.90
N THR C 576 7.63 30.54 -8.65
CA THR C 576 7.53 31.06 -10.01
C THR C 576 6.88 32.43 -10.01
N ILE C 577 7.20 33.20 -11.05
CA ILE C 577 6.56 34.50 -11.27
C ILE C 577 5.05 34.34 -11.32
N ASP C 578 4.57 33.26 -11.96
CA ASP C 578 3.13 32.98 -12.00
C ASP C 578 2.57 32.79 -10.61
N GLN C 579 3.28 32.05 -9.76
CA GLN C 579 2.75 31.84 -8.40
C GLN C 579 2.78 33.14 -7.61
N MET C 580 3.82 33.95 -7.79
CA MET C 580 3.92 35.21 -7.05
C MET C 580 2.73 36.12 -7.37
N VAL C 581 2.42 36.30 -8.67
CA VAL C 581 1.34 37.22 -9.02
C VAL C 581 -0.01 36.65 -8.60
N ALA C 582 -0.21 35.33 -8.74
CA ALA C 582 -1.45 34.72 -8.27
C ALA C 582 -1.56 34.83 -6.76
N TYR C 583 -0.50 34.48 -6.04
CA TYR C 583 -0.51 34.61 -4.58
C TYR C 583 -0.83 36.04 -4.19
N SER C 584 -0.26 37.01 -4.92
CA SER C 584 -0.41 38.42 -4.60
C SER C 584 -1.65 39.05 -5.24
N SER C 585 -2.58 38.25 -5.76
CA SER C 585 -3.57 38.80 -6.69
C SER C 585 -4.49 39.84 -6.03
N ASP C 586 -4.79 39.71 -4.73
CA ASP C 586 -5.71 40.65 -4.12
C ASP C 586 -5.09 42.00 -3.76
N VAL C 587 -3.77 42.14 -3.84
CA VAL C 587 -3.12 43.45 -3.67
C VAL C 587 -2.45 43.92 -4.95
N TYR C 588 -2.47 43.11 -6.02
CA TYR C 588 -1.71 43.42 -7.21
C TYR C 588 -2.31 44.61 -7.94
N ASN C 589 -1.43 45.45 -8.47
CA ASN C 589 -1.85 46.65 -9.18
C ASN C 589 -0.80 47.02 -10.20
N GLY C 590 -0.15 46.01 -10.77
CA GLY C 590 0.90 46.20 -11.73
C GLY C 590 0.43 45.99 -13.16
N VAL C 591 1.38 45.66 -14.03
CA VAL C 591 1.08 45.38 -15.41
C VAL C 591 1.03 43.87 -15.61
N GLY C 592 0.36 43.45 -16.67
CA GLY C 592 0.42 42.09 -17.15
C GLY C 592 1.37 41.96 -18.31
N TYR C 593 1.21 40.88 -19.08
CA TYR C 593 2.04 40.64 -20.24
C TYR C 593 1.17 40.03 -21.34
N PHE C 594 1.73 39.94 -22.54
CA PHE C 594 1.09 39.25 -23.66
C PHE C 594 1.85 38.01 -24.11
N ALA C 595 3.17 38.09 -24.29
CA ALA C 595 3.96 36.98 -24.78
C ALA C 595 4.88 36.46 -23.68
N ASN C 596 5.07 35.17 -23.62
CA ASN C 596 6.14 34.64 -22.78
C ASN C 596 7.48 34.82 -23.49
N SER C 597 8.57 34.77 -22.72
CA SER C 597 9.89 35.04 -23.28
C SER C 597 10.86 33.93 -22.87
N THR C 598 11.66 33.46 -23.84
CA THR C 598 12.66 32.44 -23.56
C THR C 598 13.77 32.97 -22.66
N TYR C 599 14.22 34.20 -22.92
CA TYR C 599 15.28 34.81 -22.11
C TYR C 599 14.89 34.85 -20.63
N ASN C 600 13.69 35.36 -20.32
CA ASN C 600 13.25 35.47 -18.93
C ASN C 600 13.10 34.11 -18.27
N ASP C 601 12.64 33.10 -19.03
CA ASP C 601 12.47 31.74 -18.51
C ASP C 601 13.79 31.08 -18.12
N LEU C 602 14.92 31.58 -18.61
CA LEU C 602 16.23 31.10 -18.15
C LEU C 602 16.49 31.42 -16.68
N PHE C 603 15.72 32.31 -16.06
CA PHE C 603 15.98 32.74 -14.69
C PHE C 603 15.01 32.08 -13.71
N SER C 604 15.48 31.89 -12.47
CA SER C 604 14.66 31.37 -11.38
C SER C 604 14.66 32.37 -10.22
N TRP C 605 13.54 32.41 -9.48
CA TRP C 605 13.35 33.31 -8.34
C TRP C 605 13.04 32.50 -7.09
N TYR C 606 13.56 32.97 -5.95
CA TYR C 606 13.52 32.21 -4.71
C TYR C 606 13.18 33.14 -3.56
N ILE C 607 12.32 32.66 -2.65
CA ILE C 607 11.94 33.37 -1.43
C ILE C 607 12.47 32.57 -0.25
N PRO C 608 12.64 33.17 0.94
CA PRO C 608 13.21 32.41 2.06
C PRO C 608 12.30 31.29 2.55
N LYS C 609 12.94 30.19 2.98
CA LYS C 609 12.25 29.00 3.46
C LYS C 609 11.33 29.31 4.63
N TRP C 610 11.80 30.15 5.57
CA TRP C 610 11.02 30.46 6.77
C TRP C 610 9.65 30.99 6.40
N TYR C 611 9.58 31.81 5.35
CA TYR C 611 8.29 32.38 4.99
C TYR C 611 7.42 31.34 4.29
N VAL C 612 8.03 30.49 3.48
CA VAL C 612 7.30 29.38 2.86
C VAL C 612 6.68 28.50 3.94
N HIS C 613 7.44 28.20 4.99
CA HIS C 613 6.89 27.32 6.01
C HIS C 613 5.79 27.99 6.80
N LYS C 614 5.88 29.31 7.02
CA LYS C 614 4.87 30.00 7.81
C LYS C 614 3.57 30.19 7.04
N ARG C 615 3.65 30.51 5.74
CA ARG C 615 2.47 30.96 5.03
C ARG C 615 2.06 30.11 3.82
N MET C 616 2.93 29.28 3.26
CA MET C 616 2.66 28.71 1.94
C MET C 616 2.66 27.19 1.91
N LEU C 617 2.42 26.52 3.05
CA LEU C 617 2.31 25.07 3.02
C LEU C 617 0.91 24.61 2.66
N MET C 618 -0.13 25.38 2.99
CA MET C 618 -1.49 25.05 2.58
C MET C 618 -1.70 25.47 1.14
N GLN C 619 -1.84 24.50 0.23
CA GLN C 619 -1.82 24.81 -1.20
C GLN C 619 -3.24 25.13 -1.67
N ASP C 620 -3.52 26.41 -1.91
CA ASP C 620 -4.68 26.72 -2.72
C ASP C 620 -4.18 26.95 -4.15
N ILE C 621 -5.12 27.25 -5.05
CA ILE C 621 -4.78 27.31 -6.47
C ILE C 621 -3.67 28.30 -6.75
N ARG C 622 -3.62 29.40 -6.00
CA ARG C 622 -2.63 30.44 -6.28
C ARG C 622 -1.21 29.91 -6.14
N LEU C 623 -0.99 28.94 -5.26
CA LEU C 623 0.34 28.38 -5.01
C LEU C 623 0.50 26.99 -5.62
N SER C 624 -0.35 26.61 -6.50
CA SER C 624 -0.29 25.24 -7.01
C SER C 624 0.50 25.17 -8.31
N PRO C 625 0.98 23.99 -8.69
CA PRO C 625 1.65 23.84 -9.99
C PRO C 625 0.68 23.47 -11.11
N ALA C 626 -0.62 23.74 -10.92
CA ALA C 626 -1.62 23.18 -11.82
C ALA C 626 -1.34 23.55 -13.28
N ALA C 627 -0.89 24.77 -13.53
CA ALA C 627 -0.64 25.27 -14.87
C ALA C 627 0.62 24.71 -15.48
N LEU C 628 1.35 23.86 -14.76
CA LEU C 628 2.54 23.23 -15.32
C LEU C 628 2.55 21.71 -15.23
N VAL C 629 1.73 21.08 -14.38
CA VAL C 629 1.90 19.66 -14.11
C VAL C 629 1.33 18.73 -15.18
N LYS C 630 0.50 19.22 -16.11
CA LYS C 630 -0.11 18.37 -17.12
C LYS C 630 0.18 18.79 -18.56
N CYS C 631 0.53 20.06 -18.80
CA CYS C 631 0.55 20.54 -20.18
C CYS C 631 1.75 19.99 -20.95
N PHE C 632 2.90 19.79 -20.30
CA PHE C 632 4.02 19.18 -21.01
C PHE C 632 3.79 17.69 -21.24
N THR C 633 3.27 16.99 -20.23
CA THR C 633 2.97 15.56 -20.39
C THR C 633 1.98 15.34 -21.52
N THR C 634 0.92 16.16 -21.57
CA THR C 634 -0.08 16.01 -22.60
C THR C 634 0.50 16.29 -23.98
N LEU C 635 1.27 17.37 -24.10
CA LEU C 635 1.94 17.62 -25.36
C LEU C 635 2.73 16.40 -25.83
N ILE C 636 3.55 15.85 -24.93
CA ILE C 636 4.44 14.75 -25.32
C ILE C 636 3.65 13.50 -25.67
N ARG C 637 2.58 13.19 -24.90
CA ARG C 637 1.75 12.02 -25.21
C ARG C 637 1.08 12.16 -26.57
N ASN C 638 0.60 13.36 -26.91
CA ASN C 638 0.01 13.56 -28.23
C ASN C 638 1.05 13.35 -29.34
N ILE C 639 2.27 13.84 -29.12
CA ILE C 639 3.33 13.69 -30.12
C ILE C 639 3.79 12.24 -30.25
N CYS C 640 3.90 11.53 -29.14
CA CYS C 640 4.55 10.23 -29.12
C CYS C 640 3.57 9.08 -29.07
N TYR C 641 2.29 9.35 -29.32
CA TYR C 641 1.25 8.34 -29.38
C TYR C 641 1.17 7.52 -28.09
N VAL C 642 1.12 8.20 -26.95
CA VAL C 642 1.01 7.54 -25.65
C VAL C 642 -0.44 7.61 -25.19
N PRO C 643 -1.20 6.51 -25.23
CA PRO C 643 -2.54 6.51 -24.64
C PRO C 643 -2.51 6.78 -23.14
N HIS C 644 -3.67 7.20 -22.64
CA HIS C 644 -3.79 7.57 -21.23
C HIS C 644 -3.39 6.44 -20.30
N GLU C 645 -4.00 5.27 -20.48
CA GLU C 645 -3.73 4.16 -19.59
C GLU C 645 -2.32 3.59 -19.82
N THR C 646 -1.85 3.60 -21.07
CA THR C 646 -0.49 3.18 -21.39
C THR C 646 0.54 3.97 -20.61
N TYR C 647 0.32 5.29 -20.46
CA TYR C 647 1.21 6.14 -19.68
C TYR C 647 1.38 5.60 -18.27
N TYR C 648 0.27 5.22 -17.64
CA TYR C 648 0.30 4.65 -16.29
C TYR C 648 0.91 3.26 -16.30
N ARG C 649 0.73 2.49 -17.38
CA ARG C 649 1.46 1.22 -17.52
C ARG C 649 2.96 1.48 -17.50
N PHE C 650 3.42 2.48 -18.26
CA PHE C 650 4.86 2.79 -18.32
C PHE C 650 5.36 3.16 -16.94
N ARG C 651 4.58 3.93 -16.19
CA ARG C 651 4.94 4.27 -14.81
C ARG C 651 5.10 3.00 -13.96
N GLY C 652 4.21 2.01 -14.16
CA GLY C 652 4.36 0.75 -13.43
C GLY C 652 5.63 -0.01 -13.81
N ILE C 653 5.95 -0.05 -15.11
CA ILE C 653 7.16 -0.73 -15.55
C ILE C 653 8.40 -0.08 -14.93
N LEU C 654 8.41 1.26 -14.84
CA LEU C 654 9.59 1.94 -14.31
C LEU C 654 9.77 1.66 -12.82
N VAL C 655 8.67 1.53 -12.08
CA VAL C 655 8.77 1.18 -10.67
C VAL C 655 9.23 -0.27 -10.52
N ASP C 656 8.70 -1.18 -11.35
CA ASP C 656 9.09 -2.58 -11.30
C ASP C 656 10.60 -2.74 -11.46
N LYS C 657 11.17 -2.09 -12.48
CA LYS C 657 12.61 -2.13 -12.68
C LYS C 657 13.36 -1.63 -11.44
N TYR C 658 12.95 -0.49 -10.90
CA TYR C 658 13.67 0.06 -9.75
C TYR C 658 13.58 -0.85 -8.54
N LEU C 659 12.41 -1.44 -8.29
CA LEU C 659 12.28 -2.40 -7.18
C LEU C 659 13.17 -3.62 -7.40
N ARG C 660 13.30 -4.09 -8.64
CA ARG C 660 14.20 -5.20 -8.92
C ARG C 660 15.66 -4.78 -8.73
N SER C 661 15.99 -3.53 -9.08
CA SER C 661 17.36 -3.05 -8.91
C SER C 661 17.74 -2.93 -7.43
N LYS C 662 16.76 -2.79 -6.55
CA LYS C 662 16.97 -2.83 -5.10
C LYS C 662 16.81 -4.23 -4.54
N ASN C 663 16.64 -5.23 -5.41
CA ASN C 663 16.53 -6.64 -5.03
C ASN C 663 15.42 -6.86 -4.02
N VAL C 664 14.28 -6.21 -4.26
CA VAL C 664 13.04 -6.64 -3.66
C VAL C 664 12.57 -7.86 -4.44
N ASP C 665 12.28 -8.95 -3.74
CA ASP C 665 11.81 -10.15 -4.43
C ASP C 665 10.51 -9.82 -5.16
N PRO C 666 10.43 -10.07 -6.47
CA PRO C 666 9.19 -9.74 -7.20
C PRO C 666 7.96 -10.51 -6.70
N SER C 667 8.15 -11.61 -5.95
CA SER C 667 6.97 -12.28 -5.39
C SER C 667 6.27 -11.45 -4.33
N GLN C 668 6.90 -10.36 -3.85
CA GLN C 668 6.37 -9.55 -2.75
C GLN C 668 5.49 -8.39 -3.20
N TYR C 669 5.40 -8.13 -4.51
CA TYR C 669 4.52 -7.08 -5.00
C TYR C 669 3.90 -7.51 -6.32
N SER C 670 2.83 -6.81 -6.70
CA SER C 670 2.17 -7.03 -7.98
C SER C 670 2.01 -5.68 -8.66
N ILE C 671 2.69 -5.48 -9.80
CA ILE C 671 2.56 -4.26 -10.56
C ILE C 671 1.15 -4.14 -11.12
N VAL C 672 0.52 -2.98 -10.91
CA VAL C 672 -0.77 -2.67 -11.49
C VAL C 672 -0.64 -1.69 -12.65
N GLY C 673 0.16 -0.63 -12.49
CA GLY C 673 0.36 0.33 -13.56
C GLY C 673 -0.92 0.99 -14.03
N SER C 674 -1.78 1.38 -13.10
CA SER C 674 -2.98 2.16 -13.37
C SER C 674 -2.79 3.57 -12.80
N GLY C 675 -3.81 4.41 -13.00
CA GLY C 675 -3.73 5.78 -12.50
C GLY C 675 -3.86 5.88 -10.98
N SER C 676 -4.63 4.98 -10.37
CA SER C 676 -4.90 5.03 -8.95
C SER C 676 -4.04 4.07 -8.14
N LYS C 677 -3.36 3.13 -8.80
CA LYS C 677 -2.52 2.15 -8.12
C LYS C 677 -1.31 1.88 -9.01
N THR C 678 -0.12 2.20 -8.52
CA THR C 678 1.09 1.79 -9.22
C THR C 678 1.37 0.32 -8.98
N PHE C 679 1.38 -0.12 -7.72
CA PHE C 679 1.53 -1.53 -7.40
C PHE C 679 0.90 -1.82 -6.04
N THR C 680 0.69 -3.11 -5.79
CA THR C 680 0.15 -3.62 -4.54
C THR C 680 1.23 -4.37 -3.77
N VAL C 681 1.33 -4.13 -2.46
CA VAL C 681 2.29 -4.82 -1.63
C VAL C 681 1.68 -6.14 -1.16
N LEU C 682 2.31 -7.26 -1.55
CA LEU C 682 1.80 -8.57 -1.16
C LEU C 682 2.29 -8.97 0.22
N SER C 683 3.60 -8.82 0.48
CA SER C 683 4.15 -9.01 1.82
C SER C 683 5.13 -7.89 2.12
N HIS C 684 5.28 -7.56 3.42
CA HIS C 684 6.01 -6.37 3.81
C HIS C 684 7.49 -6.47 3.48
N PHE C 685 8.06 -5.35 3.06
CA PHE C 685 9.47 -5.20 2.74
C PHE C 685 9.83 -3.72 2.86
N GLU C 686 11.13 -3.45 2.88
CA GLU C 686 11.69 -2.11 3.00
C GLU C 686 12.74 -1.90 1.93
N VAL C 687 12.94 -0.64 1.55
CA VAL C 687 14.00 -0.24 0.65
C VAL C 687 14.83 0.83 1.35
N PRO C 688 16.14 0.62 1.53
CA PRO C 688 16.95 1.66 2.17
C PRO C 688 16.90 2.95 1.37
N HIS C 689 16.96 4.06 2.09
CA HIS C 689 16.93 5.39 1.48
C HIS C 689 17.60 6.37 2.44
N GLU C 690 18.42 7.27 1.89
CA GLU C 690 19.14 8.24 2.72
C GLU C 690 18.19 9.09 3.56
N CYS C 691 16.89 9.13 3.24
CA CYS C 691 15.91 9.79 4.08
C CYS C 691 15.20 8.83 5.04
N GLY C 692 15.83 7.71 5.40
CA GLY C 692 15.16 6.67 6.15
C GLY C 692 14.50 5.66 5.22
N PRO C 693 14.36 4.42 5.67
CA PRO C 693 13.88 3.36 4.76
C PRO C 693 12.46 3.60 4.27
N LEU C 694 12.27 3.42 2.97
CA LEU C 694 10.91 3.34 2.43
C LEU C 694 10.29 2.04 2.92
N VAL C 695 9.20 2.14 3.68
CA VAL C 695 8.58 0.98 4.31
C VAL C 695 7.27 0.65 3.61
N PHE C 696 7.11 -0.61 3.21
CA PHE C 696 5.93 -1.07 2.48
C PHE C 696 5.22 -2.15 3.28
N GLU C 697 3.97 -1.87 3.67
CA GLU C 697 3.20 -2.78 4.52
C GLU C 697 2.41 -3.75 3.66
N ALA C 698 2.29 -4.99 4.14
CA ALA C 698 1.58 -6.03 3.40
C ALA C 698 0.13 -5.65 3.19
N SER C 699 -0.42 -6.00 2.03
CA SER C 699 -1.81 -5.71 1.69
C SER C 699 -2.09 -4.21 1.68
N THR C 700 -1.21 -3.44 1.03
CA THR C 700 -1.49 -2.04 0.77
C THR C 700 -1.25 -1.74 -0.72
N ASP C 701 -1.92 -0.69 -1.20
CA ASP C 701 -1.72 -0.20 -2.57
C ASP C 701 -0.83 1.03 -2.54
N VAL C 702 0.15 1.06 -3.43
CA VAL C 702 1.13 2.15 -3.52
C VAL C 702 0.83 2.94 -4.80
N ASN C 703 0.62 4.25 -4.66
CA ASN C 703 0.27 5.13 -5.78
C ASN C 703 1.28 6.28 -5.77
N ILE C 704 2.33 6.17 -6.60
CA ILE C 704 3.45 7.12 -6.50
C ILE C 704 2.99 8.51 -6.95
N SER C 705 3.79 9.52 -6.62
CA SER C 705 3.44 10.91 -6.93
C SER C 705 3.80 11.23 -8.38
N GLY C 706 2.79 11.28 -9.25
CA GLY C 706 3.07 11.57 -10.64
C GLY C 706 3.40 13.02 -10.92
N HIS C 707 2.95 13.95 -10.08
CA HIS C 707 3.27 15.34 -10.31
C HIS C 707 4.76 15.60 -10.18
N LEU C 708 5.45 14.85 -9.31
CA LEU C 708 6.89 14.97 -9.24
C LEU C 708 7.52 14.70 -10.60
N LEU C 709 7.10 13.61 -11.25
CA LEU C 709 7.69 13.22 -12.53
C LEU C 709 7.44 14.30 -13.58
N SER C 710 6.20 14.78 -13.68
CA SER C 710 5.88 15.73 -14.74
C SER C 710 6.54 17.08 -14.49
N LEU C 711 6.63 17.49 -13.24
CA LEU C 711 7.32 18.77 -12.99
C LEU C 711 8.82 18.67 -13.30
N ALA C 712 9.41 17.47 -13.18
CA ALA C 712 10.82 17.37 -13.52
C ALA C 712 11.04 17.60 -15.01
N ILE C 713 10.09 17.18 -15.84
CA ILE C 713 10.11 17.52 -17.27
C ILE C 713 9.87 19.01 -17.48
N ALA C 714 8.88 19.56 -16.78
CA ALA C 714 8.58 21.00 -16.89
C ALA C 714 9.82 21.84 -16.57
N ALA C 715 10.58 21.42 -15.55
CA ALA C 715 11.78 22.12 -15.12
C ALA C 715 12.89 22.17 -16.17
N HIS C 716 12.77 21.41 -17.27
CA HIS C 716 13.77 21.50 -18.33
C HIS C 716 13.59 22.76 -19.17
N PHE C 717 12.37 23.31 -19.22
CA PHE C 717 12.05 24.35 -20.18
C PHE C 717 11.74 25.70 -19.55
N VAL C 718 11.45 25.73 -18.26
CA VAL C 718 10.71 26.83 -17.68
C VAL C 718 10.90 26.77 -16.18
N ALA C 719 10.81 27.92 -15.51
CA ALA C 719 11.00 27.95 -14.06
C ALA C 719 10.05 26.97 -13.40
N SER C 720 10.48 26.41 -12.27
CA SER C 720 9.84 25.25 -11.69
C SER C 720 9.24 25.56 -10.32
N PRO C 721 8.00 25.13 -10.05
CA PRO C 721 7.51 25.16 -8.67
C PRO C 721 7.81 23.86 -7.90
N MET C 722 8.85 23.13 -8.29
CA MET C 722 9.08 21.78 -7.74
C MET C 722 9.33 21.82 -6.24
N ILE C 723 10.21 22.71 -5.78
CA ILE C 723 10.60 22.75 -4.37
C ILE C 723 9.44 23.21 -3.49
N LEU C 724 8.70 24.24 -3.92
CA LEU C 724 7.50 24.64 -3.19
C LEU C 724 6.47 23.53 -3.15
N TRP C 725 6.18 22.93 -4.30
CA TRP C 725 5.31 21.75 -4.31
C TRP C 725 5.83 20.68 -3.36
N ALA C 726 7.14 20.41 -3.39
CA ALA C 726 7.71 19.39 -2.53
C ALA C 726 7.43 19.66 -1.06
N GLU C 727 7.62 20.93 -0.63
CA GLU C 727 7.37 21.29 0.76
C GLU C 727 5.92 21.10 1.12
N GLN C 728 5.01 21.51 0.23
CA GLN C 728 3.58 21.31 0.50
C GLN C 728 3.23 19.83 0.49
N MET C 729 3.94 19.04 -0.31
CA MET C 729 3.64 17.60 -0.37
C MET C 729 4.02 16.93 0.95
N LYS C 730 5.23 17.18 1.45
CA LYS C 730 5.62 16.69 2.78
C LYS C 730 4.62 17.10 3.84
N TYR C 731 4.12 18.34 3.78
CA TYR C 731 3.14 18.80 4.76
C TYR C 731 1.83 18.03 4.65
N MET C 732 1.48 17.57 3.44
CA MET C 732 0.25 16.85 3.20
C MET C 732 0.41 15.34 3.38
N ALA C 733 1.37 14.92 4.20
CA ALA C 733 1.38 13.52 4.62
C ALA C 733 0.17 13.19 5.49
N VAL C 734 -0.51 14.21 6.04
CA VAL C 734 -1.72 14.04 6.83
C VAL C 734 -2.73 15.10 6.39
N ASP C 735 -3.99 14.87 6.74
CA ASP C 735 -5.01 15.89 6.56
C ASP C 735 -4.61 17.15 7.32
N ARG C 736 -4.95 18.33 6.77
CA ARG C 736 -4.63 19.59 7.42
C ARG C 736 -5.80 20.56 7.26
N MET C 737 -6.14 21.24 8.35
CA MET C 737 -7.27 22.16 8.32
C MET C 737 -7.03 23.27 7.30
N LEU C 738 -8.10 23.66 6.62
CA LEU C 738 -8.04 24.82 5.74
C LEU C 738 -7.90 26.09 6.57
N PRO C 739 -7.15 27.09 6.07
CA PRO C 739 -7.15 28.41 6.73
C PRO C 739 -8.56 28.94 6.87
N PRO C 740 -8.95 29.40 8.07
CA PRO C 740 -10.33 29.89 8.25
C PRO C 740 -10.64 31.14 7.44
N ASN C 741 -9.62 31.95 7.12
CA ASN C 741 -9.85 33.22 6.47
C ASN C 741 -9.97 33.15 4.94
N LEU C 742 -9.52 32.07 4.31
CA LEU C 742 -9.52 31.98 2.86
C LEU C 742 -10.85 31.49 2.33
N ASP C 743 -11.25 32.03 1.17
CA ASP C 743 -12.43 31.52 0.49
C ASP C 743 -12.18 30.07 0.07
N LYS C 744 -13.14 29.20 0.40
CA LYS C 744 -12.91 27.77 0.21
C LYS C 744 -12.88 27.38 -1.26
N SER C 745 -13.42 28.21 -2.16
CA SER C 745 -13.35 27.86 -3.57
C SER C 745 -11.92 27.92 -4.10
N LEU C 746 -11.01 28.59 -3.39
CA LEU C 746 -9.60 28.57 -3.77
C LEU C 746 -9.00 27.17 -3.67
N PHE C 747 -9.64 26.24 -2.96
CA PHE C 747 -9.16 24.86 -2.84
C PHE C 747 -9.89 23.90 -3.77
N PHE C 748 -10.50 24.43 -4.85
CA PHE C 748 -11.36 23.61 -5.69
C PHE C 748 -10.64 22.43 -6.31
N ASP C 749 -9.30 22.48 -6.42
CA ASP C 749 -8.58 21.48 -7.18
C ASP C 749 -8.10 20.30 -6.34
N ASN C 750 -8.37 20.30 -5.04
CA ASN C 750 -8.05 19.19 -4.17
C ASN C 750 -9.30 18.78 -3.40
N LYS C 751 -9.26 17.60 -2.79
CA LYS C 751 -10.39 17.06 -2.06
C LYS C 751 -10.38 17.56 -0.62
N VAL C 752 -11.57 17.87 -0.11
CA VAL C 752 -11.77 18.39 1.23
C VAL C 752 -12.63 17.40 2.01
N THR C 753 -12.14 16.97 3.18
CA THR C 753 -12.86 16.00 4.01
C THR C 753 -14.12 16.63 4.58
N PRO C 754 -15.09 15.81 5.00
CA PRO C 754 -16.27 16.35 5.71
C PRO C 754 -15.90 17.33 6.82
N SER C 755 -14.91 17.01 7.65
CA SER C 755 -14.51 17.91 8.73
C SER C 755 -13.86 19.21 8.23
N GLY C 756 -13.93 19.53 6.94
CA GLY C 756 -13.36 20.77 6.43
C GLY C 756 -11.85 20.79 6.33
N ALA C 757 -11.21 19.62 6.27
CA ALA C 757 -9.77 19.54 6.14
C ALA C 757 -9.39 19.23 4.69
N LEU C 758 -8.25 19.78 4.26
CA LEU C 758 -7.68 19.41 2.99
C LEU C 758 -7.14 17.98 3.09
N GLN C 759 -7.73 17.05 2.36
CA GLN C 759 -7.38 15.63 2.50
C GLN C 759 -5.93 15.38 2.11
N ARG C 760 -5.27 14.51 2.88
CA ARG C 760 -3.87 14.17 2.66
C ARG C 760 -3.65 13.64 1.23
N TRP C 761 -2.40 13.75 0.77
CA TRP C 761 -2.07 13.47 -0.63
C TRP C 761 -1.31 12.17 -0.70
N HIS C 762 0.01 12.18 -0.65
CA HIS C 762 0.77 10.95 -0.77
C HIS C 762 1.59 10.73 0.49
N SER C 763 1.97 9.47 0.70
CA SER C 763 2.93 9.11 1.73
C SER C 763 4.34 9.48 1.27
N ARG C 764 5.29 9.44 2.21
CA ARG C 764 6.68 9.72 1.86
C ARG C 764 7.28 8.65 0.95
N GLU C 765 6.81 7.41 1.09
CA GLU C 765 7.26 6.35 0.17
C GLU C 765 6.81 6.66 -1.25
N GLU C 766 5.55 7.09 -1.41
CA GLU C 766 5.02 7.38 -2.74
C GLU C 766 5.74 8.58 -3.38
N VAL C 767 6.12 9.58 -2.58
CA VAL C 767 6.86 10.71 -3.13
C VAL C 767 8.28 10.28 -3.49
N LEU C 768 8.99 9.64 -2.55
CA LEU C 768 10.38 9.31 -2.79
C LEU C 768 10.55 8.25 -3.88
N LEU C 769 9.64 7.28 -3.97
CA LEU C 769 9.70 6.35 -5.09
C LEU C 769 9.70 7.10 -6.42
N ALA C 770 8.84 8.13 -6.53
CA ALA C 770 8.81 8.96 -7.72
C ALA C 770 10.16 9.65 -7.96
N ALA C 771 10.74 10.20 -6.89
CA ALA C 771 12.07 10.80 -7.03
C ALA C 771 13.08 9.74 -7.47
N GLU C 772 12.94 8.52 -6.93
CA GLU C 772 13.88 7.45 -7.25
C GLU C 772 13.82 7.04 -8.72
N ILE C 773 12.61 7.02 -9.32
CA ILE C 773 12.50 6.61 -10.71
C ILE C 773 12.54 7.82 -11.64
N CYS C 774 12.77 9.00 -11.08
CA CYS C 774 12.53 10.22 -11.86
C CYS C 774 13.47 10.33 -13.05
N GLU C 775 14.73 9.93 -12.89
CA GLU C 775 15.66 10.03 -14.01
C GLU C 775 15.28 9.06 -15.14
N SER C 776 14.84 7.85 -14.80
CA SER C 776 14.40 6.92 -15.85
C SER C 776 13.12 7.40 -16.52
N TYR C 777 12.24 8.08 -15.76
CA TYR C 777 11.04 8.68 -16.35
C TYR C 777 11.41 9.71 -17.42
N ALA C 778 12.31 10.63 -17.07
CA ALA C 778 12.67 11.69 -18.01
C ALA C 778 13.42 11.12 -19.20
N ALA C 779 14.27 10.12 -18.98
CA ALA C 779 14.99 9.52 -20.11
C ALA C 779 14.03 8.86 -21.08
N MET C 780 12.97 8.24 -20.55
CA MET C 780 11.91 7.68 -21.38
C MET C 780 11.17 8.78 -22.14
N MET C 781 10.65 9.78 -21.42
CA MET C 781 9.75 10.76 -22.04
C MET C 781 10.46 11.60 -23.11
N LEU C 782 11.76 11.89 -22.94
CA LEU C 782 12.47 12.69 -23.92
C LEU C 782 13.53 11.90 -24.68
N ASN C 783 13.34 10.59 -24.85
CA ASN C 783 14.21 9.75 -25.70
C ASN C 783 15.68 9.95 -25.34
N ASN C 784 15.98 9.89 -24.04
CA ASN C 784 17.33 10.05 -23.49
C ASN C 784 17.96 11.39 -23.77
N LYS C 785 17.18 12.38 -24.21
CA LYS C 785 17.72 13.71 -24.49
C LYS C 785 17.36 14.71 -23.40
N HIS C 786 17.16 14.21 -22.19
CA HIS C 786 16.88 15.00 -21.01
C HIS C 786 18.19 15.53 -20.42
N SER C 787 18.09 16.23 -19.29
CA SER C 787 19.27 16.71 -18.58
C SER C 787 19.42 15.96 -17.27
N PRO C 788 20.35 15.00 -17.17
CA PRO C 788 20.65 14.41 -15.85
C PRO C 788 20.89 15.46 -14.78
N ASP C 789 21.61 16.54 -15.11
CA ASP C 789 21.90 17.57 -14.12
C ASP C 789 20.61 18.19 -13.57
N ILE C 790 19.67 18.52 -14.44
CA ILE C 790 18.40 19.09 -13.97
C ILE C 790 17.69 18.10 -13.05
N ILE C 791 17.57 16.84 -13.48
CA ILE C 791 16.94 15.84 -12.62
C ILE C 791 17.68 15.71 -11.29
N GLY C 792 19.02 15.68 -11.33
CA GLY C 792 19.78 15.48 -10.10
C GLY C 792 19.67 16.63 -9.12
N THR C 793 19.63 17.87 -9.65
CA THR C 793 19.40 19.03 -8.79
C THR C 793 18.06 18.92 -8.06
N LEU C 794 17.02 18.51 -8.79
CA LEU C 794 15.70 18.43 -8.18
C LEU C 794 15.64 17.29 -7.18
N LYS C 795 16.20 16.14 -7.54
CA LYS C 795 16.22 14.98 -6.65
C LYS C 795 16.93 15.31 -5.33
N SER C 796 18.14 15.88 -5.41
CA SER C 796 18.87 16.17 -4.18
C SER C 796 18.16 17.22 -3.33
N ALA C 797 17.49 18.20 -3.96
CA ALA C 797 16.67 19.14 -3.21
C ALA C 797 15.46 18.44 -2.60
N ILE C 798 14.79 17.57 -3.37
CA ILE C 798 13.67 16.80 -2.83
C ILE C 798 14.11 16.02 -1.60
N ASN C 799 15.26 15.35 -1.69
CA ASN C 799 15.76 14.56 -0.56
C ASN C 799 16.02 15.42 0.67
N LEU C 800 16.57 16.62 0.46
CA LEU C 800 16.75 17.58 1.55
C LEU C 800 15.40 17.97 2.16
N VAL C 801 14.36 18.06 1.34
CA VAL C 801 13.05 18.46 1.84
C VAL C 801 12.50 17.40 2.79
N PHE C 802 12.67 16.12 2.44
CA PHE C 802 12.17 15.00 3.22
C PHE C 802 13.22 14.43 4.16
N LYS C 803 14.17 15.27 4.61
CA LYS C 803 15.31 14.91 5.46
C LYS C 803 14.92 14.12 6.70
N ILE C 804 15.93 13.49 7.32
CA ILE C 804 15.82 12.47 8.38
C ILE C 804 15.08 11.25 7.84
N MET D 4 -17.53 -7.93 11.23
CA MET D 4 -16.53 -7.45 12.19
C MET D 4 -17.20 -6.88 13.44
N SER D 5 -18.53 -7.05 13.52
CA SER D 5 -19.30 -6.45 14.62
C SER D 5 -19.26 -7.32 15.87
N ASN D 6 -19.36 -8.64 15.72
CA ASN D 6 -19.31 -9.55 16.86
C ASN D 6 -17.85 -9.80 17.26
N PRO D 7 -17.40 -9.29 18.41
CA PRO D 7 -16.02 -9.56 18.83
C PRO D 7 -15.78 -11.02 19.18
N ASP D 8 -16.83 -11.81 19.37
CA ASP D 8 -16.67 -13.23 19.65
C ASP D 8 -15.96 -13.96 18.51
N TYR D 9 -16.12 -13.49 17.27
CA TYR D 9 -15.43 -14.09 16.13
C TYR D 9 -14.33 -13.18 15.59
N CYS D 10 -13.66 -12.44 16.49
CA CYS D 10 -12.52 -11.61 16.14
C CYS D 10 -11.36 -11.87 17.10
N ILE D 11 -10.15 -11.70 16.61
CA ILE D 11 -8.99 -11.62 17.50
C ILE D 11 -8.36 -10.25 17.29
N PRO D 12 -7.68 -9.68 18.30
CA PRO D 12 -7.58 -10.28 19.64
C PRO D 12 -8.96 -10.35 20.28
N ASN D 13 -9.12 -11.18 21.29
CA ASN D 13 -10.43 -11.35 21.91
C ASN D 13 -10.27 -11.33 23.41
N PHE D 14 -10.90 -10.34 24.05
CA PHE D 14 -11.04 -10.31 25.50
C PHE D 14 -12.45 -10.70 25.94
N SER D 15 -13.44 -10.52 25.07
CA SER D 15 -14.84 -10.68 25.46
C SER D 15 -15.17 -12.13 25.80
N GLN D 16 -14.68 -13.09 25.02
CA GLN D 16 -14.94 -14.50 25.34
C GLN D 16 -13.89 -15.12 26.25
N THR D 17 -12.67 -14.60 26.26
CA THR D 17 -11.56 -15.24 26.97
C THR D 17 -11.37 -14.77 28.41
N VAL D 18 -11.80 -13.57 28.77
CA VAL D 18 -11.57 -13.03 30.11
C VAL D 18 -12.91 -12.85 30.82
N ASN D 19 -13.25 -13.78 31.70
CA ASN D 19 -14.40 -13.60 32.59
C ASN D 19 -13.91 -13.67 34.03
N GLU D 20 -14.85 -13.66 34.99
CA GLU D 20 -14.46 -13.72 36.39
C GLU D 20 -13.73 -15.01 36.71
N ARG D 21 -14.05 -16.10 36.01
CA ARG D 21 -13.30 -17.35 36.19
C ARG D 21 -11.89 -17.26 35.58
N THR D 22 -11.72 -16.53 34.48
CA THR D 22 -10.36 -16.26 34.01
C THR D 22 -9.56 -15.50 35.07
N ILE D 23 -10.21 -14.53 35.73
CA ILE D 23 -9.54 -13.75 36.77
C ILE D 23 -9.15 -14.64 37.94
N ILE D 24 -10.06 -15.52 38.36
CA ILE D 24 -9.75 -16.53 39.37
C ILE D 24 -8.50 -17.30 38.98
N ASP D 25 -8.44 -17.76 37.74
CA ASP D 25 -7.32 -18.59 37.32
C ASP D 25 -6.02 -17.80 37.33
N ILE D 26 -6.07 -16.50 37.04
CA ILE D 26 -4.86 -15.70 37.13
C ILE D 26 -4.40 -15.62 38.58
N PHE D 27 -5.33 -15.43 39.52
CA PHE D 27 -5.00 -15.49 40.94
C PHE D 27 -4.36 -16.83 41.28
N THR D 28 -4.94 -17.93 40.79
CA THR D 28 -4.40 -19.25 41.10
C THR D 28 -2.98 -19.39 40.55
N ILE D 29 -2.76 -18.91 39.32
CA ILE D 29 -1.44 -19.02 38.72
C ILE D 29 -0.39 -18.23 39.48
N CYS D 30 -0.80 -17.12 40.14
CA CYS D 30 0.14 -16.36 40.94
C CYS D 30 0.79 -17.19 42.04
N ARG D 31 0.13 -18.29 42.47
CA ARG D 31 0.73 -19.18 43.44
C ARG D 31 1.96 -19.89 42.91
N TYR D 32 2.14 -19.90 41.59
CA TYR D 32 3.23 -20.60 40.91
C TYR D 32 4.23 -19.63 40.32
N ARG D 33 4.22 -18.36 40.74
CA ARG D 33 4.95 -17.32 40.04
C ARG D 33 6.46 -17.32 40.34
N SER D 34 6.99 -18.31 41.06
CA SER D 34 8.42 -18.42 41.34
C SER D 34 9.01 -19.71 40.75
N PRO D 35 9.11 -19.82 39.42
CA PRO D 35 9.59 -21.06 38.80
C PRO D 35 11.11 -21.21 38.71
N LEU D 36 11.90 -20.20 39.06
CA LEU D 36 13.30 -20.14 38.61
C LEU D 36 14.27 -20.85 39.55
N VAL D 37 15.25 -21.54 38.95
CA VAL D 37 16.45 -22.01 39.64
C VAL D 37 17.66 -21.42 38.92
N VAL D 38 18.56 -20.80 39.70
CA VAL D 38 19.88 -20.37 39.21
C VAL D 38 20.93 -21.29 39.81
N PHE D 39 21.69 -21.97 38.96
CA PHE D 39 22.64 -23.00 39.38
C PHE D 39 24.03 -22.66 38.82
N CYS D 40 24.97 -22.31 39.69
CA CYS D 40 26.32 -21.97 39.27
C CYS D 40 27.26 -23.16 39.47
N LEU D 41 27.99 -23.51 38.42
CA LEU D 41 28.97 -24.59 38.49
C LEU D 41 30.04 -24.32 37.44
N SER D 42 31.18 -24.97 37.59
CA SER D 42 32.34 -24.63 36.76
C SER D 42 32.54 -25.59 35.59
N HIS D 43 31.57 -26.46 35.32
CA HIS D 43 31.76 -27.54 34.35
C HIS D 43 30.63 -27.54 33.34
N ASN D 44 30.94 -27.11 32.12
CA ASN D 44 29.92 -26.76 31.14
C ASN D 44 29.29 -28.00 30.49
N GLU D 45 30.09 -29.01 30.19
CA GLU D 45 29.52 -30.26 29.67
C GLU D 45 28.60 -30.89 30.70
N LEU D 46 28.98 -30.82 31.98
CA LEU D 46 28.08 -31.32 33.03
C LEU D 46 26.76 -30.56 33.03
N ALA D 47 26.83 -29.22 32.94
CA ALA D 47 25.61 -28.42 32.87
C ALA D 47 24.75 -28.78 31.66
N LYS D 48 25.39 -28.96 30.50
CA LYS D 48 24.62 -29.32 29.31
C LYS D 48 23.93 -30.67 29.47
N LYS D 49 24.60 -31.62 30.13
CA LYS D 49 23.97 -32.91 30.35
C LYS D 49 22.70 -32.75 31.19
N TYR D 50 22.77 -32.02 32.30
CA TYR D 50 21.59 -31.99 33.16
C TYR D 50 20.54 -31.04 32.61
N ALA D 51 20.96 -30.02 31.87
CA ALA D 51 20.03 -29.21 31.09
C ALA D 51 19.20 -30.09 30.15
N GLN D 52 19.88 -30.94 29.37
CA GLN D 52 19.16 -31.79 28.43
C GLN D 52 18.22 -32.74 29.16
N ASP D 53 18.69 -33.30 30.29
CA ASP D 53 17.91 -34.30 31.03
C ASP D 53 16.67 -33.68 31.66
N VAL D 54 16.80 -32.51 32.30
CA VAL D 54 15.62 -31.91 32.94
C VAL D 54 14.64 -31.38 31.88
N SER D 55 15.17 -30.83 30.79
CA SER D 55 14.35 -30.31 29.71
C SER D 55 13.56 -31.42 29.01
N MET D 56 14.25 -32.51 28.66
CA MET D 56 13.60 -33.58 27.92
C MET D 56 12.56 -34.32 28.73
N SER D 57 12.78 -34.46 30.05
CA SER D 57 11.90 -35.26 30.90
C SER D 57 10.72 -34.47 31.43
N SER D 58 10.91 -33.19 31.76
CA SER D 58 9.87 -32.39 32.41
C SER D 58 9.50 -31.12 31.66
N GLY D 59 10.15 -30.80 30.54
CA GLY D 59 9.85 -29.55 29.85
C GLY D 59 10.39 -28.30 30.49
N THR D 60 11.20 -28.42 31.54
CA THR D 60 11.84 -27.27 32.14
C THR D 60 12.58 -26.47 31.08
N HIS D 61 12.43 -25.14 31.10
CA HIS D 61 13.13 -24.26 30.18
C HIS D 61 14.53 -24.00 30.73
N VAL D 62 15.56 -24.18 29.89
CA VAL D 62 16.94 -24.16 30.37
C VAL D 62 17.76 -23.14 29.61
N HIS D 63 18.59 -22.39 30.34
CA HIS D 63 19.55 -21.46 29.79
C HIS D 63 20.91 -21.79 30.37
N ILE D 64 21.96 -21.57 29.59
CA ILE D 64 23.34 -21.68 30.10
C ILE D 64 24.07 -20.39 29.78
N ILE D 65 24.53 -19.71 30.83
CA ILE D 65 25.37 -18.53 30.66
C ILE D 65 26.81 -19.03 30.78
N ASP D 66 27.45 -19.25 29.62
CA ASP D 66 28.76 -19.92 29.57
C ASP D 66 29.90 -19.02 29.12
N GLY D 67 29.65 -17.73 28.92
CA GLY D 67 30.77 -16.88 28.55
C GLY D 67 31.09 -16.87 27.08
N SER D 68 30.28 -17.52 26.24
CA SER D 68 30.37 -17.27 24.82
C SER D 68 29.91 -15.86 24.48
N VAL D 69 29.12 -15.24 25.35
CA VAL D 69 28.64 -13.89 25.13
C VAL D 69 29.05 -13.07 26.36
N GLU D 70 29.34 -11.78 26.14
CA GLU D 70 29.67 -10.87 27.23
C GLU D 70 28.60 -10.92 28.33
N ILE D 71 29.04 -10.81 29.60
CA ILE D 71 28.16 -11.17 30.72
C ILE D 71 26.92 -10.29 30.76
N THR D 72 27.06 -9.01 30.44
CA THR D 72 25.95 -8.06 30.59
C THR D 72 24.87 -8.33 29.55
N VAL D 73 25.29 -8.54 28.30
CA VAL D 73 24.36 -8.89 27.24
C VAL D 73 23.73 -10.25 27.50
N SER D 74 24.49 -11.19 28.07
CA SER D 74 23.96 -12.52 28.37
C SER D 74 22.87 -12.45 29.45
N LEU D 75 23.11 -11.64 30.49
CA LEU D 75 22.11 -11.46 31.54
C LEU D 75 20.86 -10.79 31.00
N TYR D 76 21.07 -9.75 30.17
CA TYR D 76 19.96 -9.05 29.53
C TYR D 76 19.12 -10.00 28.67
N ARG D 77 19.76 -10.81 27.82
CA ARG D 77 18.98 -11.71 26.98
C ARG D 77 18.26 -12.76 27.80
N THR D 78 18.95 -13.35 28.77
CA THR D 78 18.37 -14.44 29.56
C THR D 78 17.22 -13.94 30.42
N PHE D 79 17.40 -12.79 31.09
CA PHE D 79 16.42 -12.41 32.08
C PHE D 79 15.30 -11.54 31.52
N ARG D 80 15.51 -10.86 30.39
CA ARG D 80 14.35 -10.27 29.70
C ARG D 80 13.43 -11.36 29.20
N THR D 81 13.99 -12.47 28.70
CA THR D 81 13.17 -13.60 28.29
C THR D 81 12.41 -14.19 29.49
N ILE D 82 13.15 -14.51 30.55
CA ILE D 82 12.54 -15.16 31.71
C ILE D 82 11.43 -14.27 32.29
N ALA D 83 11.62 -12.95 32.29
CA ALA D 83 10.64 -12.04 32.89
C ALA D 83 9.25 -12.22 32.28
N THR D 84 9.17 -12.51 30.99
CA THR D 84 7.87 -12.74 30.36
C THR D 84 7.24 -14.09 30.72
N GLN D 85 7.99 -15.02 31.30
CA GLN D 85 7.56 -16.41 31.41
C GLN D 85 7.21 -16.84 32.83
N LEU D 86 7.22 -15.93 33.78
CA LEU D 86 7.18 -16.30 35.19
C LEU D 86 5.82 -16.83 35.61
N LEU D 87 4.79 -16.60 34.81
CA LEU D 87 3.45 -17.12 35.06
C LEU D 87 3.10 -18.29 34.14
N GLY D 88 4.12 -18.87 33.50
CA GLY D 88 3.89 -19.97 32.58
C GLY D 88 3.69 -21.30 33.25
N ARG D 89 3.97 -21.38 34.56
CA ARG D 89 3.76 -22.61 35.35
C ARG D 89 4.68 -23.75 34.89
N MET D 90 5.82 -23.40 34.32
CA MET D 90 6.85 -24.36 33.98
C MET D 90 8.16 -23.90 34.60
N GLN D 91 8.89 -24.87 35.17
CA GLN D 91 10.16 -24.55 35.81
C GLN D 91 11.11 -23.96 34.79
N ILE D 92 11.95 -23.03 35.25
CA ILE D 92 13.03 -22.43 34.47
C ILE D 92 14.34 -22.62 35.24
N VAL D 93 15.42 -22.96 34.53
CA VAL D 93 16.73 -23.16 35.15
C VAL D 93 17.75 -22.35 34.35
N VAL D 94 18.50 -21.48 35.04
CA VAL D 94 19.66 -20.81 34.45
C VAL D 94 20.89 -21.45 35.08
N PHE D 95 21.68 -22.12 34.25
CA PHE D 95 23.01 -22.58 34.62
C PHE D 95 24.01 -21.45 34.35
N VAL D 96 24.81 -21.10 35.34
CA VAL D 96 25.88 -20.12 35.17
C VAL D 96 27.22 -20.85 35.33
N THR D 97 28.03 -20.87 34.27
CA THR D 97 29.31 -21.56 34.32
C THR D 97 30.53 -20.66 34.12
N VAL D 98 30.34 -19.36 33.92
CA VAL D 98 31.49 -18.46 33.94
C VAL D 98 32.03 -18.37 35.36
N ASP D 99 33.27 -17.91 35.47
N ASP D 99 33.26 -17.87 35.46
CA ASP D 99 33.89 -17.89 36.79
CA ASP D 99 33.97 -17.77 36.73
C ASP D 99 33.46 -16.66 37.58
C ASP D 99 33.38 -16.65 37.60
N LYS D 100 33.70 -16.71 38.89
CA LYS D 100 33.26 -15.68 39.83
C LYS D 100 33.80 -14.29 39.48
N SER D 101 34.89 -14.21 38.72
CA SER D 101 35.40 -12.93 38.28
C SER D 101 34.64 -12.39 37.07
N VAL D 102 33.83 -13.19 36.40
CA VAL D 102 32.92 -12.66 35.40
C VAL D 102 31.61 -12.18 36.03
N VAL D 103 31.02 -12.98 36.91
CA VAL D 103 29.87 -12.54 37.68
C VAL D 103 29.97 -13.14 39.06
N SER D 104 30.02 -12.28 40.07
CA SER D 104 30.34 -12.72 41.41
C SER D 104 29.18 -13.50 42.02
N THR D 105 29.48 -14.25 43.08
CA THR D 105 28.43 -14.94 43.81
C THR D 105 27.35 -13.97 44.26
N GLN D 106 27.75 -12.88 44.93
CA GLN D 106 26.74 -11.99 45.50
C GLN D 106 25.89 -11.35 44.40
N VAL D 107 26.48 -11.00 43.27
CA VAL D 107 25.70 -10.43 42.16
C VAL D 107 24.71 -11.45 41.61
N MET D 108 25.19 -12.66 41.31
CA MET D 108 24.30 -13.68 40.76
C MET D 108 23.20 -14.04 41.76
N LYS D 109 23.51 -14.07 43.04
CA LYS D 109 22.48 -14.31 44.06
C LYS D 109 21.44 -13.20 44.07
N SER D 110 21.89 -11.95 43.92
CA SER D 110 20.97 -10.81 43.83
C SER D 110 20.02 -10.95 42.65
N ILE D 111 20.56 -11.30 41.48
CA ILE D 111 19.72 -11.44 40.29
C ILE D 111 18.75 -12.58 40.46
N ALA D 112 19.24 -13.74 40.96
CA ALA D 112 18.38 -14.88 41.21
C ALA D 112 17.19 -14.50 42.09
N TRP D 113 17.46 -13.85 43.22
CA TRP D 113 16.39 -13.57 44.17
C TRP D 113 15.47 -12.46 43.67
N ALA D 114 16.00 -11.50 42.89
CA ALA D 114 15.13 -10.53 42.24
C ALA D 114 14.10 -11.20 41.35
N PHE D 115 14.43 -12.36 40.78
CA PHE D 115 13.49 -13.12 39.97
C PHE D 115 12.87 -14.28 40.73
N ARG D 116 12.84 -14.20 42.07
CA ARG D 116 12.14 -15.16 42.92
C ARG D 116 12.68 -16.57 42.75
N GLY D 117 13.96 -16.70 42.44
CA GLY D 117 14.56 -17.99 42.19
C GLY D 117 15.29 -18.58 43.38
N SER D 118 15.49 -19.90 43.31
CA SER D 118 16.48 -20.59 44.12
C SER D 118 17.86 -20.24 43.61
N PHE D 119 18.84 -20.29 44.50
CA PHE D 119 20.20 -19.95 44.13
C PHE D 119 21.10 -21.04 44.67
N VAL D 120 21.94 -21.58 43.79
CA VAL D 120 22.91 -22.62 44.13
C VAL D 120 24.26 -22.14 43.61
N GLU D 121 25.23 -21.97 44.52
CA GLU D 121 26.60 -21.59 44.17
C GLU D 121 27.49 -22.80 44.46
N LEU D 122 27.99 -23.41 43.40
CA LEU D 122 28.86 -24.57 43.56
C LEU D 122 30.03 -24.49 42.60
N ARG D 123 30.32 -23.29 42.07
CA ARG D 123 31.51 -23.14 41.26
C ARG D 123 32.75 -23.47 42.10
N ASN D 124 33.83 -23.81 41.41
CA ASN D 124 35.08 -24.28 42.03
C ASN D 124 34.95 -25.66 42.68
N GLN D 125 33.79 -26.30 42.64
CA GLN D 125 33.73 -27.71 43.03
C GLN D 125 34.19 -28.57 41.87
N SER D 126 34.78 -29.71 42.20
CA SER D 126 35.30 -30.60 41.17
C SER D 126 34.15 -31.27 40.42
N VAL D 127 34.43 -31.65 39.17
CA VAL D 127 33.43 -32.28 38.32
C VAL D 127 32.85 -33.55 38.93
N ASP D 128 33.55 -34.20 39.86
CA ASP D 128 33.03 -35.41 40.49
C ASP D 128 32.60 -35.21 41.93
N SER D 129 32.48 -33.96 42.39
CA SER D 129 32.00 -33.71 43.74
C SER D 129 30.66 -34.38 43.98
N SER D 130 30.56 -35.14 45.07
CA SER D 130 29.33 -35.86 45.32
C SER D 130 28.18 -34.91 45.62
N THR D 131 28.47 -33.81 46.33
CA THR D 131 27.47 -32.77 46.58
C THR D 131 26.99 -32.14 45.27
N LEU D 132 27.93 -31.79 44.38
CA LEU D 132 27.55 -31.18 43.12
C LEU D 132 26.68 -32.14 42.29
N VAL D 133 27.09 -33.41 42.18
CA VAL D 133 26.29 -34.38 41.43
C VAL D 133 24.94 -34.56 42.08
N SER D 134 24.90 -34.63 43.42
CA SER D 134 23.63 -34.85 44.11
C SER D 134 22.64 -33.73 43.82
N LYS D 135 23.08 -32.48 43.97
CA LYS D 135 22.20 -31.34 43.69
C LYS D 135 21.79 -31.30 42.22
N LEU D 136 22.70 -31.67 41.31
CA LEU D 136 22.37 -31.73 39.89
C LEU D 136 21.32 -32.80 39.62
N GLU D 137 21.48 -33.97 40.23
N GLU D 137 21.50 -33.98 40.23
CA GLU D 137 20.50 -35.04 40.05
CA GLU D 137 20.52 -35.05 40.09
C GLU D 137 19.16 -34.66 40.66
C GLU D 137 19.16 -34.63 40.63
N ASN D 138 19.17 -33.81 41.70
CA ASN D 138 17.93 -33.35 42.30
C ASN D 138 17.10 -32.51 41.32
N LEU D 139 17.76 -31.82 40.39
CA LEU D 139 17.01 -31.05 39.39
C LEU D 139 16.10 -31.95 38.59
N VAL D 140 16.62 -33.10 38.14
CA VAL D 140 15.85 -34.04 37.34
C VAL D 140 14.80 -34.74 38.19
N SER D 141 15.19 -35.24 39.37
CA SER D 141 14.28 -35.99 40.21
C SER D 141 13.05 -35.15 40.60
N PHE D 142 13.27 -33.88 40.94
CA PHE D 142 12.18 -33.10 41.56
C PHE D 142 11.39 -32.26 40.58
N ALA D 143 11.93 -31.98 39.39
CA ALA D 143 11.28 -31.10 38.42
C ALA D 143 9.80 -31.45 38.29
N PRO D 144 8.90 -30.45 38.25
CA PRO D 144 9.15 -29.01 38.14
C PRO D 144 9.46 -28.31 39.46
N LEU D 145 9.47 -29.04 40.56
CA LEU D 145 9.87 -28.51 41.86
C LEU D 145 11.36 -28.69 42.04
N TYR D 146 11.91 -28.01 43.05
CA TYR D 146 13.32 -28.14 43.42
C TYR D 146 13.44 -27.99 44.94
N ASN D 147 14.44 -28.63 45.52
CA ASN D 147 14.49 -28.75 46.96
C ASN D 147 15.36 -27.68 47.62
N VAL D 148 15.94 -26.77 46.85
CA VAL D 148 16.60 -25.57 47.39
C VAL D 148 15.58 -24.44 47.47
N PRO D 149 15.46 -23.73 48.58
CA PRO D 149 14.41 -22.71 48.69
C PRO D 149 14.66 -21.55 47.75
N LYS D 150 13.58 -20.86 47.39
N LYS D 150 13.59 -20.84 47.44
CA LYS D 150 13.67 -19.62 46.66
CA LYS D 150 13.67 -19.61 46.66
C LYS D 150 13.94 -18.48 47.63
C LYS D 150 13.88 -18.44 47.61
N CYS D 151 14.78 -17.53 47.21
CA CYS D 151 15.05 -16.29 47.98
C CYS D 151 15.58 -16.58 49.39
N GLY D 152 16.45 -17.58 49.53
CA GLY D 152 16.94 -17.91 50.84
C GLY D 152 17.71 -19.21 50.88
N PRO D 153 18.81 -19.22 51.63
CA PRO D 153 19.65 -20.44 51.71
C PRO D 153 18.99 -21.58 52.45
N ASP D 154 18.17 -21.30 53.47
CA ASP D 154 17.77 -22.31 54.43
C ASP D 154 16.25 -22.36 54.53
N TYR D 155 15.77 -23.44 55.12
CA TYR D 155 14.36 -23.65 55.32
C TYR D 155 14.19 -24.65 56.45
N TYR D 156 13.15 -24.45 57.27
CA TYR D 156 12.96 -25.25 58.47
C TYR D 156 11.50 -25.56 58.73
N GLY D 157 10.65 -25.50 57.70
CA GLY D 157 9.24 -25.78 57.84
C GLY D 157 8.91 -27.26 57.65
N PRO D 158 7.62 -27.57 57.54
CA PRO D 158 7.20 -28.98 57.52
C PRO D 158 7.54 -29.74 56.25
N THR D 159 7.77 -29.04 55.13
CA THR D 159 8.05 -29.68 53.86
C THR D 159 9.40 -30.39 53.89
N VAL D 160 9.41 -31.67 53.49
CA VAL D 160 10.62 -32.50 53.45
C VAL D 160 10.66 -33.13 52.07
N TYR D 161 11.53 -32.62 51.20
CA TYR D 161 11.46 -33.05 49.80
C TYR D 161 11.78 -34.54 49.64
N SER D 162 12.71 -35.07 50.44
CA SER D 162 13.03 -36.49 50.35
C SER D 162 11.81 -37.38 50.59
N GLU D 163 10.78 -36.89 51.30
CA GLU D 163 9.56 -37.67 51.45
C GLU D 163 8.81 -37.83 50.14
N LEU D 164 9.09 -36.99 49.14
CA LEU D 164 8.44 -37.12 47.85
C LEU D 164 8.95 -38.32 47.07
N LEU D 165 10.12 -38.86 47.43
CA LEU D 165 10.69 -40.02 46.76
C LEU D 165 10.58 -41.29 47.60
N SER D 166 9.75 -41.32 48.63
CA SER D 166 9.68 -42.46 49.54
C SER D 166 8.33 -43.17 49.43
N LEU D 167 8.37 -44.45 49.05
CA LEU D 167 7.18 -45.29 49.12
C LEU D 167 6.68 -45.43 50.55
N ALA D 168 7.60 -45.42 51.52
CA ALA D 168 7.18 -45.45 52.92
C ALA D 168 6.25 -44.29 53.26
N THR D 169 6.55 -43.09 52.75
CA THR D 169 5.78 -41.90 53.05
C THR D 169 4.67 -41.63 52.05
N ASN D 170 4.29 -42.64 51.26
CA ASN D 170 3.33 -42.50 50.18
C ASN D 170 3.76 -41.47 49.11
N ALA D 171 5.05 -41.20 49.02
CA ALA D 171 5.59 -40.27 48.03
C ALA D 171 4.94 -38.88 48.13
N ARG D 172 4.56 -38.50 49.34
CA ARG D 172 3.93 -37.20 49.58
C ARG D 172 4.64 -36.50 50.73
N THR D 173 4.45 -35.18 50.82
CA THR D 173 5.01 -34.43 51.95
C THR D 173 4.08 -33.26 52.28
N HIS D 174 4.33 -32.67 53.43
CA HIS D 174 3.53 -31.54 53.90
C HIS D 174 3.81 -30.29 53.07
N TRP D 175 2.79 -29.42 52.99
CA TRP D 175 2.85 -28.20 52.20
C TRP D 175 1.98 -27.14 52.87
N TYR D 176 2.61 -26.24 53.63
CA TYR D 176 1.88 -25.20 54.36
C TYR D 176 2.34 -23.85 53.81
N ALA D 177 1.75 -23.48 52.67
CA ALA D 177 2.24 -22.33 51.92
C ALA D 177 2.14 -21.05 52.72
N THR D 178 0.97 -20.76 53.29
CA THR D 178 0.78 -19.50 54.01
C THR D 178 1.70 -19.41 55.22
N ILE D 179 1.68 -20.42 56.08
CA ILE D 179 2.56 -20.43 57.25
C ILE D 179 4.00 -20.24 56.83
N ASP D 180 4.48 -21.01 55.83
CA ASP D 180 5.88 -20.89 55.39
C ASP D 180 6.16 -19.53 54.77
N TYR D 181 5.20 -18.97 54.02
CA TYR D 181 5.47 -17.67 53.43
C TYR D 181 5.43 -16.55 54.47
N SER D 182 4.67 -16.73 55.56
CA SER D 182 4.67 -15.75 56.64
C SER D 182 6.01 -15.75 57.37
N MET D 183 6.56 -16.95 57.61
CA MET D 183 7.89 -17.05 58.21
C MET D 183 8.95 -16.44 57.29
N PHE D 184 8.86 -16.72 55.99
CA PHE D 184 9.76 -16.10 55.02
C PHE D 184 9.66 -14.58 55.10
N THR D 185 8.44 -14.06 55.26
CA THR D 185 8.24 -12.62 55.32
C THR D 185 8.86 -12.02 56.58
N ARG D 186 8.66 -12.64 57.75
CA ARG D 186 9.34 -12.17 58.96
C ARG D 186 10.83 -12.12 58.73
N SER D 187 11.36 -13.16 58.10
CA SER D 187 12.78 -13.25 57.84
C SER D 187 13.25 -12.14 56.92
N VAL D 188 12.49 -11.86 55.85
CA VAL D 188 12.88 -10.82 54.90
C VAL D 188 12.84 -9.45 55.58
N LEU D 189 11.79 -9.16 56.34
CA LEU D 189 11.70 -7.87 57.01
C LEU D 189 12.90 -7.65 57.92
N THR D 190 13.27 -8.68 58.70
CA THR D 190 14.49 -8.62 59.51
C THR D 190 15.70 -8.34 58.65
N GLY D 191 15.79 -9.03 57.49
CA GLY D 191 16.93 -8.84 56.63
C GLY D 191 16.99 -7.44 56.05
N PHE D 192 15.82 -6.87 55.76
CA PHE D 192 15.80 -5.50 55.26
C PHE D 192 16.37 -4.54 56.29
N VAL D 193 15.96 -4.71 57.56
CA VAL D 193 16.46 -3.83 58.60
C VAL D 193 17.96 -4.00 58.77
N ALA D 194 18.45 -5.24 58.68
CA ALA D 194 19.89 -5.46 58.76
C ALA D 194 20.63 -4.80 57.60
N LYS D 195 20.01 -4.77 56.42
CA LYS D 195 20.65 -4.10 55.30
C LYS D 195 20.63 -2.60 55.52
N TYR D 196 19.54 -2.08 56.08
CA TYR D 196 19.44 -0.66 56.36
C TYR D 196 20.53 -0.23 57.36
N PHE D 197 20.66 -0.95 58.48
CA PHE D 197 21.72 -0.65 59.44
C PHE D 197 23.07 -0.61 58.76
N ASN D 198 23.32 -1.52 57.81
CA ASN D 198 24.63 -1.59 57.19
C ASN D 198 24.86 -0.42 56.24
N GLU D 199 23.85 -0.04 55.47
CA GLU D 199 23.98 1.07 54.54
C GLU D 199 24.09 2.40 55.27
N GLU D 200 23.50 2.50 56.46
CA GLU D 200 23.53 3.73 57.23
C GLU D 200 24.73 3.77 58.17
N ALA D 201 25.58 2.75 58.12
CA ALA D 201 26.74 2.59 59.00
C ALA D 201 26.36 2.81 60.47
N VAL D 202 25.30 2.15 60.90
CA VAL D 202 24.91 2.24 62.31
C VAL D 202 25.90 1.45 63.16
N PRO D 203 26.43 2.02 64.25
CA PRO D 203 27.30 1.23 65.13
C PRO D 203 26.65 -0.08 65.54
N ILE D 204 27.45 -1.14 65.57
CA ILE D 204 26.93 -2.50 65.79
C ILE D 204 26.06 -2.55 67.04
N ASP D 205 26.51 -1.92 68.12
CA ASP D 205 25.77 -2.06 69.36
C ASP D 205 24.44 -1.32 69.34
N LYS D 206 24.22 -0.44 68.36
CA LYS D 206 22.94 0.23 68.19
C LYS D 206 22.04 -0.48 67.19
N ARG D 207 22.45 -1.65 66.68
CA ARG D 207 21.63 -2.40 65.71
C ARG D 207 20.59 -3.19 66.50
N ILE D 208 19.52 -2.49 66.83
CA ILE D 208 18.43 -2.96 67.67
C ILE D 208 17.15 -2.59 66.94
N VAL D 209 16.24 -3.54 66.82
CA VAL D 209 14.97 -3.28 66.15
C VAL D 209 13.86 -3.48 67.15
N SER D 210 12.84 -2.61 67.08
CA SER D 210 11.63 -2.77 67.89
C SER D 210 10.60 -3.53 67.06
N ILE D 211 10.13 -4.65 67.60
CA ILE D 211 9.04 -5.41 67.00
C ILE D 211 7.76 -5.00 67.73
N VAL D 212 6.83 -4.40 66.99
CA VAL D 212 5.57 -3.96 67.59
C VAL D 212 4.64 -5.16 67.71
N GLY D 213 4.39 -5.59 68.94
CA GLY D 213 3.60 -6.79 69.18
C GLY D 213 4.47 -8.01 69.32
N TYR D 214 4.17 -8.88 70.30
CA TYR D 214 4.97 -10.06 70.52
C TYR D 214 4.90 -10.99 69.31
N ASN D 215 6.06 -11.47 68.89
CA ASN D 215 6.18 -12.21 67.63
C ASN D 215 7.41 -13.07 67.78
N PRO D 216 7.23 -14.30 68.27
CA PRO D 216 8.38 -15.10 68.77
C PRO D 216 9.49 -15.29 67.74
N PRO D 217 9.19 -15.62 66.48
CA PRO D 217 10.29 -15.98 65.56
C PRO D 217 11.32 -14.89 65.34
N TYR D 218 11.03 -13.63 65.68
CA TYR D 218 11.95 -12.53 65.38
C TYR D 218 13.22 -12.60 66.20
N VAL D 219 13.18 -13.21 67.39
CA VAL D 219 14.41 -13.42 68.15
C VAL D 219 15.43 -14.16 67.29
N TRP D 220 15.00 -15.29 66.69
CA TRP D 220 15.88 -16.08 65.83
C TRP D 220 16.28 -15.33 64.57
N THR D 221 15.31 -14.72 63.88
CA THR D 221 15.67 -14.02 62.64
C THR D 221 16.64 -12.88 62.92
N CYS D 222 16.44 -12.13 64.01
CA CYS D 222 17.35 -11.04 64.34
C CYS D 222 18.75 -11.55 64.62
N LEU D 223 18.87 -12.58 65.46
CA LEU D 223 20.22 -13.08 65.74
C LEU D 223 20.86 -13.73 64.51
N ARG D 224 20.04 -14.27 63.59
CA ARG D 224 20.61 -14.75 62.34
C ARG D 224 21.25 -13.61 61.53
N HIS D 225 20.82 -12.37 61.75
CA HIS D 225 21.32 -11.23 61.00
C HIS D 225 22.19 -10.29 61.84
N GLY D 226 22.67 -10.77 62.99
CA GLY D 226 23.58 -9.94 63.77
C GLY D 226 22.98 -8.65 64.27
N ILE D 227 21.69 -8.67 64.63
CA ILE D 227 21.03 -7.50 65.18
C ILE D 227 20.15 -7.99 66.33
N ARG D 228 19.75 -7.06 67.19
CA ARG D 228 19.13 -7.51 68.42
C ARG D 228 17.68 -7.07 68.50
N PRO D 229 16.78 -7.94 68.93
CA PRO D 229 15.37 -7.57 68.98
C PRO D 229 14.96 -7.04 70.34
N THR D 230 13.96 -6.16 70.31
CA THR D 230 13.20 -5.80 71.51
C THR D 230 11.74 -5.67 71.09
N TYR D 231 10.84 -6.20 71.90
CA TYR D 231 9.42 -6.15 71.64
C TYR D 231 8.78 -4.97 72.35
N ILE D 232 7.66 -4.51 71.83
CA ILE D 232 6.88 -3.43 72.44
C ILE D 232 5.45 -3.93 72.57
N GLU D 233 4.93 -3.94 73.78
CA GLU D 233 3.58 -4.41 74.02
C GLU D 233 2.82 -3.35 74.79
N LYS D 234 1.53 -3.21 74.48
CA LYS D 234 0.71 -2.22 75.17
C LYS D 234 0.52 -2.58 76.64
N SER D 235 0.32 -3.87 76.93
CA SER D 235 0.05 -4.34 78.27
C SER D 235 0.80 -5.63 78.54
N LEU D 236 1.13 -5.86 79.80
CA LEU D 236 1.81 -7.08 80.22
C LEU D 236 0.90 -7.88 81.14
N PRO D 237 0.45 -9.08 80.77
CA PRO D 237 -0.22 -9.95 81.74
C PRO D 237 0.75 -10.39 82.82
N ASN D 238 0.27 -10.36 84.06
CA ASN D 238 1.15 -10.67 85.18
C ASN D 238 1.65 -12.11 85.07
N PRO D 239 2.96 -12.34 85.23
CA PRO D 239 3.46 -13.73 85.11
C PRO D 239 2.93 -14.66 86.18
N GLY D 240 2.52 -14.14 87.33
CA GLY D 240 1.93 -14.96 88.36
C GLY D 240 2.90 -15.73 89.20
N GLY D 241 4.20 -15.45 89.08
CA GLY D 241 5.22 -16.15 89.83
C GLY D 241 5.86 -15.28 90.90
N LYS D 242 6.83 -15.89 91.59
CA LYS D 242 7.54 -15.24 92.67
C LYS D 242 8.56 -14.25 92.11
N GLY D 243 9.12 -13.44 93.02
CA GLY D 243 10.17 -12.51 92.66
C GLY D 243 9.63 -11.15 92.24
N PRO D 244 10.54 -10.19 92.08
CA PRO D 244 10.13 -8.81 91.78
C PRO D 244 9.28 -8.68 90.53
N PHE D 245 9.53 -9.50 89.51
CA PHE D 245 8.84 -9.39 88.24
C PHE D 245 7.90 -10.56 87.98
N GLY D 246 7.84 -11.54 88.89
CA GLY D 246 6.99 -12.69 88.72
C GLY D 246 7.58 -13.80 87.89
N LEU D 247 8.90 -13.79 87.68
CA LEU D 247 9.54 -14.69 86.74
C LEU D 247 10.13 -15.94 87.40
N ILE D 248 10.04 -16.05 88.72
CA ILE D 248 10.40 -17.28 89.41
C ILE D 248 9.14 -18.14 89.47
N LEU D 249 9.11 -19.20 88.64
CA LEU D 249 7.98 -20.11 88.52
C LEU D 249 6.71 -19.36 88.14
N PRO D 250 6.57 -18.90 86.89
CA PRO D 250 5.31 -18.29 86.47
C PRO D 250 4.18 -19.31 86.39
N VAL D 251 2.95 -18.81 86.35
CA VAL D 251 1.80 -19.71 86.34
C VAL D 251 1.63 -20.32 84.95
N ILE D 252 1.10 -21.54 84.91
CA ILE D 252 0.76 -22.20 83.67
C ILE D 252 -0.57 -22.92 83.82
N HIS D 266 11.42 -26.30 62.83
CA HIS D 266 12.01 -27.65 62.84
C HIS D 266 13.55 -27.57 62.80
N ASN D 267 14.11 -26.55 63.45
CA ASN D 267 15.56 -26.51 63.64
C ASN D 267 15.99 -27.69 64.49
N PRO D 268 16.93 -28.52 64.04
CA PRO D 268 17.51 -29.51 64.95
C PRO D 268 18.30 -28.87 66.07
N GLN D 269 18.75 -27.63 65.86
CA GLN D 269 19.49 -26.83 66.82
C GLN D 269 18.58 -26.08 67.79
N ILE D 270 17.26 -26.23 67.66
CA ILE D 270 16.31 -25.30 68.27
C ILE D 270 16.39 -25.33 69.79
N LYS D 271 16.75 -26.47 70.37
CA LYS D 271 16.83 -26.55 71.83
C LYS D 271 17.87 -25.58 72.36
N LEU D 272 19.04 -25.53 71.72
CA LEU D 272 20.09 -24.62 72.14
C LEU D 272 19.95 -23.23 71.51
N LEU D 273 19.36 -23.13 70.33
CA LEU D 273 19.15 -21.81 69.72
C LEU D 273 18.24 -20.96 70.58
N CYS D 274 17.23 -21.57 71.20
CA CYS D 274 16.20 -20.84 71.94
C CYS D 274 16.83 -19.95 73.02
N LEU D 275 17.59 -20.56 73.92
CA LEU D 275 18.24 -19.79 74.97
C LEU D 275 19.31 -18.88 74.41
N ASP D 276 20.13 -19.38 73.49
CA ASP D 276 21.32 -18.64 73.10
C ASP D 276 20.98 -17.40 72.27
N THR D 277 19.93 -17.46 71.44
CA THR D 277 19.56 -16.26 70.69
C THR D 277 19.01 -15.19 71.63
N PHE D 278 18.20 -15.60 72.60
CA PHE D 278 17.75 -14.68 73.64
C PHE D 278 18.95 -14.10 74.42
N MET D 279 19.85 -14.96 74.88
CA MET D 279 20.97 -14.49 75.69
C MET D 279 21.85 -13.54 74.90
N LEU D 280 22.02 -13.80 73.61
CA LEU D 280 22.81 -12.90 72.77
C LEU D 280 22.11 -11.55 72.54
N SER D 281 20.83 -11.46 72.86
CA SER D 281 20.12 -10.19 72.79
C SER D 281 20.49 -9.26 73.94
N THR D 282 20.92 -9.83 75.09
CA THR D 282 21.09 -9.02 76.30
C THR D 282 22.40 -8.26 76.31
N SER D 283 23.40 -8.71 75.57
CA SER D 283 24.72 -8.12 75.70
C SER D 283 25.54 -8.46 74.48
N MET D 284 26.28 -7.47 73.98
CA MET D 284 27.29 -7.71 72.95
C MET D 284 28.44 -8.59 73.43
N ASN D 285 28.51 -8.91 74.72
CA ASN D 285 29.63 -9.63 75.31
C ASN D 285 29.11 -10.83 76.09
N ILE D 286 29.71 -12.00 75.86
CA ILE D 286 29.19 -13.25 76.40
C ILE D 286 30.34 -14.09 76.96
N LEU D 287 30.21 -14.51 78.22
CA LEU D 287 31.07 -15.53 78.79
C LEU D 287 30.31 -16.86 78.69
N TYR D 288 30.83 -17.78 77.89
CA TYR D 288 30.18 -19.06 77.63
C TYR D 288 31.01 -20.16 78.27
N ILE D 289 30.45 -20.76 79.32
CA ILE D 289 31.10 -21.82 80.09
C ILE D 289 30.45 -23.14 79.70
N GLY D 290 31.27 -24.12 79.33
CA GLY D 290 30.73 -25.37 78.80
C GLY D 290 30.19 -25.13 77.41
N ALA D 291 31.04 -24.54 76.56
CA ALA D 291 30.59 -24.07 75.25
C ALA D 291 30.60 -25.17 74.20
N TYR D 292 31.59 -26.06 74.26
CA TYR D 292 31.76 -27.06 73.21
C TYR D 292 30.53 -27.97 73.15
N PRO D 293 30.03 -28.28 71.94
CA PRO D 293 30.63 -27.79 70.69
C PRO D 293 30.13 -26.40 70.23
N ALA D 294 28.88 -26.06 70.57
CA ALA D 294 28.24 -24.81 70.12
C ALA D 294 28.07 -24.78 68.60
N THR D 295 27.68 -25.92 68.02
CA THR D 295 27.49 -26.00 66.57
C THR D 295 26.36 -25.08 66.11
N HIS D 296 25.24 -25.07 66.85
CA HIS D 296 24.09 -24.25 66.52
C HIS D 296 24.42 -22.77 66.35
N LEU D 297 25.48 -22.28 66.99
CA LEU D 297 25.85 -20.88 66.90
C LEU D 297 26.50 -20.53 65.57
N LEU D 298 27.00 -21.54 64.85
CA LEU D 298 27.66 -21.27 63.58
C LEU D 298 26.72 -20.71 62.53
N SER D 299 25.40 -20.84 62.74
CA SER D 299 24.41 -20.34 61.80
C SER D 299 24.06 -18.88 62.02
N LEU D 300 24.59 -18.25 63.07
CA LEU D 300 24.29 -16.86 63.38
C LEU D 300 25.35 -15.93 62.84
N GLN D 301 24.96 -14.68 62.62
CA GLN D 301 25.91 -13.60 62.34
C GLN D 301 26.13 -12.86 63.65
N LEU D 302 27.38 -12.83 64.12
CA LEU D 302 27.66 -12.28 65.45
C LEU D 302 28.70 -11.17 65.43
N ASN D 303 28.86 -10.49 64.30
CA ASN D 303 29.88 -9.45 64.23
C ASN D 303 29.57 -8.35 65.23
N GLY D 304 30.59 -7.88 65.92
CA GLY D 304 30.42 -6.96 67.03
C GLY D 304 30.19 -7.61 68.37
N TRP D 305 29.91 -8.92 68.40
CA TRP D 305 29.86 -9.63 69.67
C TRP D 305 31.25 -10.10 70.06
N THR D 306 31.40 -10.42 71.35
CA THR D 306 32.63 -10.98 71.89
C THR D 306 32.22 -12.17 72.75
N ILE D 307 32.88 -13.31 72.53
CA ILE D 307 32.57 -14.53 73.26
C ILE D 307 33.84 -15.10 73.88
N LEU D 308 33.90 -15.09 75.22
CA LEU D 308 34.96 -15.75 75.99
C LEU D 308 34.44 -17.12 76.38
N ALA D 309 35.03 -18.16 75.80
CA ALA D 309 34.53 -19.52 75.89
C ALA D 309 35.46 -20.37 76.74
N PHE D 310 34.93 -20.96 77.79
CA PHE D 310 35.67 -21.85 78.68
C PHE D 310 35.09 -23.25 78.54
N ASP D 311 35.93 -24.20 78.12
CA ASP D 311 35.63 -25.61 77.99
C ASP D 311 36.93 -26.37 77.76
N PRO D 312 37.16 -27.49 78.44
CA PRO D 312 38.36 -28.29 78.16
C PRO D 312 38.37 -28.89 76.76
N LYS D 313 37.19 -29.11 76.17
CA LYS D 313 37.12 -29.64 74.81
C LYS D 313 37.50 -28.61 73.75
N ILE D 314 37.69 -27.34 74.15
CA ILE D 314 38.00 -26.30 73.19
C ILE D 314 39.43 -26.46 72.67
N THR D 315 39.61 -26.22 71.39
CA THR D 315 40.92 -26.27 70.74
C THR D 315 41.18 -24.95 70.03
N SER D 316 42.31 -24.92 69.32
CA SER D 316 42.64 -23.75 68.50
C SER D 316 41.81 -23.72 67.22
N ASP D 317 41.60 -24.90 66.61
CA ASP D 317 40.78 -24.98 65.40
C ASP D 317 39.34 -24.55 65.65
N TRP D 318 38.78 -24.99 66.79
CA TRP D 318 37.39 -24.69 67.12
C TRP D 318 37.20 -23.18 67.28
N THR D 319 38.11 -22.51 67.97
CA THR D 319 38.04 -21.06 68.09
C THR D 319 38.13 -20.39 66.73
N ASP D 320 39.14 -20.78 65.93
CA ASP D 320 39.28 -20.21 64.59
C ASP D 320 38.01 -20.43 63.76
N ALA D 321 37.40 -21.61 63.89
CA ALA D 321 36.21 -21.91 63.10
C ALA D 321 35.00 -21.09 63.56
N MET D 322 34.83 -20.92 64.88
CA MET D 322 33.68 -20.16 65.36
C MET D 322 33.80 -18.68 64.99
N ALA D 323 35.01 -18.14 64.99
CA ALA D 323 35.19 -16.74 64.61
C ALA D 323 34.99 -16.55 63.11
N LYS D 324 35.42 -17.53 62.33
CA LYS D 324 35.25 -17.48 60.88
C LYS D 324 33.77 -17.43 60.50
N ALA D 325 32.94 -18.23 61.18
CA ALA D 325 31.57 -18.45 60.74
C ALA D 325 30.61 -17.38 61.26
N THR D 326 30.81 -16.88 62.48
CA THR D 326 29.91 -15.90 63.06
C THR D 326 30.42 -14.47 62.96
N GLY D 327 31.70 -14.27 62.69
CA GLY D 327 32.30 -12.95 62.74
C GLY D 327 32.56 -12.42 64.13
N ALA D 328 32.11 -13.10 65.17
CA ALA D 328 32.38 -12.67 66.53
C ALA D 328 33.88 -12.69 66.82
N LYS D 329 34.30 -11.83 67.75
CA LYS D 329 35.60 -11.98 68.37
C LYS D 329 35.47 -13.09 69.40
N VAL D 330 36.26 -14.16 69.25
CA VAL D 330 36.12 -15.36 70.05
C VAL D 330 37.45 -15.65 70.73
N ILE D 331 37.42 -15.77 72.04
CA ILE D 331 38.58 -16.12 72.84
C ILE D 331 38.21 -17.36 73.63
N GLY D 332 38.79 -18.49 73.24
CA GLY D 332 38.45 -19.79 73.79
C GLY D 332 39.58 -20.30 74.67
N VAL D 333 39.22 -20.78 75.85
CA VAL D 333 40.19 -21.18 76.86
C VAL D 333 39.95 -22.65 77.20
N SER D 334 40.99 -23.45 77.04
CA SER D 334 40.92 -24.92 77.14
C SER D 334 40.92 -25.43 78.59
N LYS D 335 40.57 -24.59 79.56
CA LYS D 335 40.56 -24.93 80.97
C LYS D 335 39.09 -25.12 81.39
N GLU D 336 38.90 -25.61 82.61
CA GLU D 336 37.62 -25.50 83.30
C GLU D 336 37.56 -24.13 84.00
N PHE D 337 36.37 -23.53 84.02
CA PHE D 337 36.19 -22.23 84.68
C PHE D 337 36.49 -22.34 86.18
N ASP D 338 37.18 -21.32 86.70
CA ASP D 338 37.52 -21.25 88.14
C ASP D 338 36.37 -20.62 88.91
N PHE D 339 35.39 -21.47 89.28
CA PHE D 339 34.20 -20.95 89.97
C PHE D 339 34.46 -20.59 91.43
N LYS D 340 35.62 -20.98 91.98
CA LYS D 340 35.90 -20.65 93.36
C LYS D 340 36.63 -19.32 93.52
N SER D 341 37.23 -18.79 92.45
CA SER D 341 38.03 -17.57 92.53
C SER D 341 37.14 -16.36 92.28
N PHE D 342 36.76 -15.66 93.35
CA PHE D 342 35.81 -14.54 93.29
C PHE D 342 36.53 -13.22 93.01
N SER D 343 37.24 -13.18 91.88
CA SER D 343 37.96 -12.00 91.44
C SER D 343 37.71 -11.76 89.96
N VAL D 344 37.48 -10.49 89.60
CA VAL D 344 37.27 -10.14 88.20
C VAL D 344 38.57 -10.23 87.41
N GLN D 345 39.72 -10.27 88.09
CA GLN D 345 41.01 -10.46 87.44
C GLN D 345 41.42 -11.93 87.38
N ALA D 346 40.46 -12.84 87.53
CA ALA D 346 40.74 -14.28 87.53
C ALA D 346 40.51 -14.90 86.15
N ASN D 347 39.25 -15.13 85.80
CA ASN D 347 38.88 -15.91 84.61
C ASN D 347 39.00 -15.15 83.30
N GLN D 348 40.04 -14.32 83.14
CA GLN D 348 40.22 -13.40 82.03
C GLN D 348 39.10 -12.38 81.93
N LEU D 349 38.30 -12.21 82.98
CA LEU D 349 37.21 -11.23 82.98
C LEU D 349 37.82 -9.83 83.00
N ASN D 350 39.16 -9.79 83.01
CA ASN D 350 39.91 -8.55 82.81
C ASN D 350 39.40 -7.76 81.61
N MET D 351 39.25 -8.45 80.46
CA MET D 351 38.84 -7.81 79.21
C MET D 351 37.46 -7.17 79.28
N PHE D 352 36.67 -7.42 80.32
CA PHE D 352 35.29 -6.96 80.37
C PHE D 352 35.08 -5.75 81.28
N GLN D 353 36.15 -5.12 81.77
CA GLN D 353 35.99 -4.00 82.69
C GLN D 353 35.38 -2.80 81.98
N ASN D 354 34.47 -2.11 82.68
CA ASN D 354 33.73 -0.97 82.12
C ASN D 354 32.92 -1.38 80.89
N SER D 355 32.38 -2.60 80.94
CA SER D 355 31.64 -3.19 79.81
C SER D 355 30.40 -3.91 80.33
N LYS D 356 29.46 -4.14 79.43
CA LYS D 356 28.28 -4.94 79.72
C LYS D 356 28.58 -6.40 79.39
N LEU D 357 28.01 -7.30 80.18
CA LEU D 357 28.34 -8.72 80.02
C LEU D 357 27.19 -9.61 80.47
N SER D 358 26.98 -10.67 79.71
CA SER D 358 26.08 -11.75 80.10
C SER D 358 26.86 -13.06 80.07
N VAL D 359 26.33 -14.07 80.76
CA VAL D 359 27.04 -15.32 80.97
C VAL D 359 26.10 -16.47 80.65
N ILE D 360 26.55 -17.39 79.81
CA ILE D 360 25.79 -18.58 79.44
C ILE D 360 26.56 -19.78 79.98
N ASP D 361 25.92 -20.49 80.91
CA ASP D 361 26.57 -21.57 81.66
C ASP D 361 25.88 -22.88 81.29
N ASP D 362 26.62 -23.76 80.62
CA ASP D 362 26.11 -25.05 80.18
C ASP D 362 26.81 -26.20 80.91
N THR D 363 27.53 -25.91 81.99
CA THR D 363 28.33 -26.93 82.66
C THR D 363 27.45 -27.74 83.59
N TRP D 364 27.47 -29.06 83.43
CA TRP D 364 26.72 -30.00 84.24
C TRP D 364 27.69 -30.99 84.88
N VAL D 365 27.15 -31.80 85.79
CA VAL D 365 27.92 -32.81 86.52
C VAL D 365 26.99 -33.98 86.81
N GLU D 366 27.55 -35.19 86.75
CA GLU D 366 26.80 -36.38 87.16
C GLU D 366 26.97 -36.68 88.64
N THR D 367 28.17 -36.50 89.18
CA THR D 367 28.47 -36.73 90.59
C THR D 367 28.66 -35.39 91.29
N ASP D 368 28.12 -35.29 92.52
CA ASP D 368 28.17 -34.05 93.31
C ASP D 368 27.52 -32.89 92.53
N TYR D 369 26.29 -33.13 92.06
CA TYR D 369 25.63 -32.22 91.13
C TYR D 369 25.13 -30.98 91.87
N GLU D 370 24.33 -31.17 92.92
CA GLU D 370 23.91 -30.02 93.76
C GLU D 370 25.12 -29.32 94.36
N LYS D 371 26.14 -30.08 94.75
CA LYS D 371 27.34 -29.48 95.33
C LYS D 371 28.05 -28.60 94.31
N PHE D 372 28.04 -29.02 93.03
CA PHE D 372 28.60 -28.20 91.96
C PHE D 372 27.75 -26.95 91.70
N GLN D 373 26.41 -27.09 91.77
CA GLN D 373 25.53 -25.95 91.50
C GLN D 373 25.63 -24.88 92.58
N SER D 374 25.74 -25.29 93.85
CA SER D 374 25.95 -24.32 94.91
C SER D 374 27.31 -23.64 94.79
N GLU D 375 28.30 -24.33 94.23
CA GLU D 375 29.61 -23.72 93.99
C GLU D 375 29.50 -22.59 92.96
N LYS D 376 28.85 -22.88 91.82
CA LYS D 376 28.62 -21.88 90.78
C LYS D 376 27.66 -20.79 91.27
N GLN D 377 26.51 -21.19 91.79
CA GLN D 377 25.50 -20.22 92.19
C GLN D 377 26.03 -19.23 93.21
N ALA D 378 26.94 -19.68 94.08
CA ALA D 378 27.63 -18.74 94.97
C ALA D 378 28.66 -17.90 94.23
N TYR D 379 29.11 -18.36 93.05
CA TYR D 379 29.95 -17.49 92.22
C TYR D 379 29.12 -16.48 91.44
N PHE D 380 27.93 -16.88 91.01
CA PHE D 380 27.10 -15.98 90.22
C PHE D 380 26.42 -14.92 91.09
N GLU D 381 26.08 -15.26 92.34
CA GLU D 381 25.64 -14.24 93.30
C GLU D 381 26.71 -13.20 93.54
N TRP D 382 27.99 -13.59 93.52
CA TRP D 382 29.07 -12.61 93.63
C TRP D 382 29.23 -11.81 92.34
N LEU D 383 29.17 -12.49 91.19
CA LEU D 383 29.40 -11.84 89.91
C LEU D 383 28.29 -10.84 89.57
N ILE D 384 27.04 -11.18 89.90
CA ILE D 384 25.91 -10.40 89.42
C ILE D 384 25.81 -9.03 90.11
N ASP D 385 26.45 -8.84 91.26
CA ASP D 385 26.41 -7.55 91.95
C ASP D 385 27.68 -6.74 91.75
N ARG D 386 28.46 -7.03 90.70
CA ARG D 386 29.72 -6.33 90.48
C ARG D 386 29.52 -4.83 90.24
N THR D 387 30.63 -4.12 90.05
CA THR D 387 30.59 -2.67 89.86
C THR D 387 31.63 -2.17 88.88
N SER D 388 32.69 -2.91 88.60
CA SER D 388 33.59 -2.59 87.50
C SER D 388 33.20 -3.30 86.21
N ILE D 389 32.16 -4.14 86.24
CA ILE D 389 31.54 -4.69 85.05
C ILE D 389 30.03 -4.62 85.25
N ASP D 390 29.32 -4.25 84.18
CA ASP D 390 27.86 -4.25 84.15
C ASP D 390 27.41 -5.64 83.74
N VAL D 391 27.12 -6.48 84.73
CA VAL D 391 26.64 -7.83 84.48
C VAL D 391 25.12 -7.76 84.29
N ARG D 392 24.66 -8.21 83.11
CA ARG D 392 23.26 -8.04 82.70
C ARG D 392 22.42 -9.27 83.03
N LEU D 393 22.84 -10.45 82.60
CA LEU D 393 22.05 -11.66 82.82
C LEU D 393 22.97 -12.88 82.74
N ILE D 394 22.79 -13.80 83.71
CA ILE D 394 23.55 -15.04 83.79
C ILE D 394 22.55 -16.19 83.77
N SER D 395 22.79 -17.18 82.90
CA SER D 395 21.94 -18.36 82.76
C SER D 395 22.69 -19.61 83.21
N MET D 396 22.03 -20.47 83.99
CA MET D 396 22.61 -21.74 84.40
C MET D 396 21.50 -22.76 84.59
N LYS D 397 21.83 -24.03 84.39
CA LYS D 397 20.86 -25.10 84.60
C LYS D 397 20.55 -25.27 86.07
N TRP D 398 19.29 -25.59 86.37
CA TRP D 398 18.81 -25.70 87.74
C TRP D 398 18.16 -27.07 87.94
N ASN D 399 18.66 -27.81 88.92
CA ASN D 399 18.07 -29.09 89.29
C ASN D 399 18.48 -29.35 90.75
N ARG D 400 17.59 -29.01 91.68
CA ARG D 400 17.86 -29.13 93.10
C ARG D 400 16.89 -30.13 93.74
N SER D 401 17.44 -31.08 94.49
CA SER D 401 16.62 -32.05 95.22
C SER D 401 16.21 -31.56 96.61
N LYS D 402 16.91 -30.57 97.16
CA LYS D 402 16.56 -30.00 98.46
C LYS D 402 16.62 -28.47 98.38
N ASP D 403 16.29 -27.82 99.49
CA ASP D 403 16.00 -26.39 99.50
C ASP D 403 17.25 -25.53 99.47
N THR D 404 17.20 -24.46 98.67
CA THR D 404 18.29 -23.50 98.58
C THR D 404 17.73 -22.08 98.54
N SER D 405 18.35 -21.20 99.31
CA SER D 405 18.10 -19.77 99.21
C SER D 405 19.15 -19.16 98.29
N VAL D 406 18.75 -18.13 97.56
CA VAL D 406 19.53 -17.60 96.44
C VAL D 406 19.36 -16.09 96.37
N SER D 407 20.43 -15.42 95.92
CA SER D 407 20.50 -13.96 95.86
C SER D 407 20.53 -13.48 94.43
N HIS D 408 19.91 -12.32 94.18
CA HIS D 408 20.00 -11.60 92.90
C HIS D 408 19.49 -12.43 91.73
N LEU D 409 18.33 -13.08 91.90
CA LEU D 409 17.81 -13.93 90.84
C LEU D 409 16.46 -13.43 90.34
N LEU D 410 16.37 -13.23 89.04
CA LEU D 410 15.19 -12.69 88.37
C LEU D 410 14.21 -13.79 87.98
N ALA D 411 14.70 -14.88 87.39
CA ALA D 411 13.81 -15.88 86.82
C ALA D 411 14.38 -17.27 87.01
N LEU D 412 13.53 -18.17 87.51
CA LEU D 412 13.76 -19.61 87.45
C LEU D 412 12.72 -20.15 86.50
N LEU D 413 13.16 -20.63 85.34
CA LEU D 413 12.25 -20.93 84.26
C LEU D 413 12.44 -22.36 83.77
N PRO D 414 11.39 -22.96 83.24
CA PRO D 414 11.54 -24.26 82.58
C PRO D 414 12.09 -24.09 81.17
N GLN D 415 12.65 -25.18 80.65
CA GLN D 415 13.15 -25.19 79.28
C GLN D 415 11.99 -25.35 78.31
N PRO D 416 11.72 -24.36 77.45
CA PRO D 416 10.60 -24.51 76.51
C PRO D 416 10.82 -25.62 75.50
N TYR D 417 12.05 -25.76 75.00
CA TYR D 417 12.41 -26.91 74.19
C TYR D 417 12.98 -28.03 75.04
N GLY D 418 12.72 -27.99 76.35
CA GLY D 418 12.89 -29.15 77.21
C GLY D 418 11.70 -30.08 77.10
N ALA D 419 11.91 -31.24 76.49
CA ALA D 419 10.83 -32.20 76.24
C ALA D 419 10.23 -32.72 77.54
N SER D 420 11.01 -33.50 78.28
CA SER D 420 10.52 -34.06 79.54
C SER D 420 11.58 -34.03 80.63
N ILE D 421 12.57 -33.14 80.52
CA ILE D 421 13.68 -33.10 81.46
C ILE D 421 13.21 -32.65 82.83
N ARG D 422 13.98 -33.03 83.86
CA ARG D 422 13.76 -32.56 85.23
C ARG D 422 14.42 -31.22 85.50
N GLU D 423 15.49 -30.89 84.77
CA GLU D 423 16.27 -29.69 85.06
C GLU D 423 15.57 -28.45 84.55
N MET D 424 15.82 -27.33 85.23
CA MET D 424 15.31 -26.02 84.84
C MET D 424 16.46 -25.05 84.61
N ARG D 425 16.13 -23.77 84.48
CA ARG D 425 17.10 -22.73 84.23
C ARG D 425 16.86 -21.56 85.17
N ALA D 426 17.95 -21.03 85.72
CA ALA D 426 17.93 -19.89 86.63
C ALA D 426 18.70 -18.75 85.98
N PHE D 427 18.16 -17.54 86.05
CA PHE D 427 18.80 -16.35 85.49
C PHE D 427 19.01 -15.32 86.58
N PHE D 428 20.27 -14.93 86.80
CA PHE D 428 20.64 -13.95 87.80
C PHE D 428 20.56 -12.55 87.21
N HIS D 429 20.17 -11.58 88.04
CA HIS D 429 20.00 -10.21 87.59
C HIS D 429 20.14 -9.26 88.78
N LYS D 430 20.66 -8.06 88.51
CA LYS D 430 20.70 -6.99 89.50
C LYS D 430 19.33 -6.79 90.16
N LYS D 431 18.28 -6.73 89.35
CA LYS D 431 16.93 -6.44 89.81
C LYS D 431 16.14 -7.69 90.16
N GLY D 432 16.80 -8.84 90.22
CA GLY D 432 16.17 -10.02 90.79
C GLY D 432 16.00 -9.89 92.29
N ALA D 433 15.21 -10.81 92.86
CA ALA D 433 14.92 -10.78 94.28
C ALA D 433 16.21 -10.83 95.10
N SER D 434 16.22 -10.11 96.22
CA SER D 434 17.42 -10.08 97.06
C SER D 434 17.65 -11.42 97.74
N ASP D 435 16.63 -11.96 98.39
CA ASP D 435 16.67 -13.29 98.99
C ASP D 435 15.36 -13.99 98.71
N ILE D 436 15.43 -15.29 98.42
CA ILE D 436 14.23 -16.11 98.31
C ILE D 436 14.62 -17.58 98.44
N LYS D 437 13.81 -18.31 99.20
CA LYS D 437 14.00 -19.75 99.39
C LYS D 437 13.21 -20.50 98.32
N ILE D 438 13.82 -21.56 97.79
CA ILE D 438 13.21 -22.39 96.76
C ILE D 438 13.04 -23.78 97.34
N LEU D 439 11.80 -24.22 97.50
CA LEU D 439 11.50 -25.50 98.14
C LEU D 439 11.33 -26.59 97.08
N ALA D 440 11.93 -27.76 97.36
CA ALA D 440 11.99 -28.83 96.38
C ALA D 440 10.62 -29.38 96.01
N ALA D 441 9.68 -29.42 96.97
CA ALA D 441 8.36 -29.98 96.66
C ALA D 441 7.57 -29.05 95.76
N GLU D 442 7.88 -27.75 95.77
CA GLU D 442 7.23 -26.82 94.85
C GLU D 442 7.72 -27.02 93.42
N THR D 443 9.05 -27.05 93.23
CA THR D 443 9.61 -27.22 91.90
C THR D 443 9.33 -28.62 91.33
N GLU D 444 9.24 -29.64 92.20
CA GLU D 444 8.90 -30.97 91.73
C GLU D 444 7.46 -31.02 91.23
N LYS D 445 6.54 -30.41 91.98
CA LYS D 445 5.17 -30.28 91.48
C LYS D 445 5.11 -29.44 90.22
N TYR D 446 6.03 -28.47 90.09
CA TYR D 446 6.06 -27.61 88.91
C TYR D 446 6.49 -28.38 87.66
N MET D 447 7.56 -29.18 87.77
CA MET D 447 8.05 -29.91 86.62
C MET D 447 7.12 -31.04 86.21
N ASP D 448 6.41 -31.64 87.17
CA ASP D 448 5.39 -32.63 86.82
C ASP D 448 4.28 -31.99 85.99
N ASP D 449 3.94 -30.74 86.29
CA ASP D 449 3.01 -30.01 85.44
C ASP D 449 3.60 -29.81 84.06
N PHE D 450 4.88 -29.43 83.99
CA PHE D 450 5.51 -29.15 82.70
C PHE D 450 5.56 -30.38 81.81
N THR D 451 6.10 -31.47 82.34
CA THR D 451 6.14 -32.73 81.59
C THR D 451 4.75 -33.14 81.10
N ALA D 452 3.70 -32.76 81.83
CA ALA D 452 2.36 -33.23 81.50
C ALA D 452 1.84 -32.58 80.23
N MET D 453 2.20 -31.33 79.99
CA MET D 453 1.60 -30.57 78.90
C MET D 453 2.06 -31.10 77.54
N SER D 454 1.31 -30.74 76.50
CA SER D 454 1.73 -31.04 75.14
C SER D 454 2.97 -30.22 74.77
N VAL D 455 3.69 -30.70 73.75
CA VAL D 455 4.92 -30.03 73.33
C VAL D 455 4.61 -28.68 72.69
N SER D 456 3.45 -28.58 72.05
CA SER D 456 3.03 -27.30 71.47
C SER D 456 2.94 -26.20 72.53
N ASP D 457 2.23 -26.48 73.63
CA ASP D 457 2.16 -25.50 74.70
C ASP D 457 3.46 -25.45 75.50
N GLN D 458 4.26 -26.52 75.47
CA GLN D 458 5.53 -26.54 76.20
C GLN D 458 6.50 -25.51 75.65
N ILE D 459 6.63 -25.45 74.32
CA ILE D 459 7.59 -24.53 73.72
C ILE D 459 7.19 -23.08 73.96
N ASN D 460 5.88 -22.80 74.10
CA ASN D 460 5.40 -21.43 74.30
C ASN D 460 5.83 -20.83 75.63
N THR D 461 6.45 -21.63 76.51
CA THR D 461 7.18 -21.10 77.66
C THR D 461 8.19 -20.02 77.26
N GLN D 462 8.52 -19.95 75.97
CA GLN D 462 9.37 -18.89 75.43
C GLN D 462 8.91 -17.50 75.87
N LYS D 463 7.61 -17.31 76.07
CA LYS D 463 7.11 -15.98 76.42
C LYS D 463 7.72 -15.45 77.72
N PHE D 464 7.95 -16.33 78.71
CA PHE D 464 8.51 -15.87 79.97
C PHE D 464 9.97 -15.48 79.81
N MET D 465 10.67 -16.18 78.92
CA MET D 465 12.05 -15.82 78.60
C MET D 465 12.11 -14.50 77.85
N HIS D 466 11.15 -14.26 76.96
CA HIS D 466 11.10 -13.06 76.15
C HIS D 466 10.58 -11.84 76.90
N CYS D 467 9.97 -12.03 78.06
CA CYS D 467 9.57 -10.87 78.87
C CYS D 467 10.77 -9.99 79.18
N MET D 468 11.94 -10.60 79.37
CA MET D 468 13.12 -9.84 79.74
C MET D 468 13.62 -8.92 78.64
N ILE D 469 13.10 -9.04 77.41
CA ILE D 469 13.49 -8.13 76.33
C ILE D 469 12.26 -7.44 75.76
N THR D 470 11.25 -7.23 76.59
CA THR D 470 10.03 -6.52 76.22
C THR D 470 9.87 -5.25 77.04
N THR D 471 9.62 -4.13 76.36
CA THR D 471 9.21 -2.91 77.02
C THR D 471 7.72 -2.70 76.81
N VAL D 472 7.05 -2.12 77.81
CA VAL D 472 5.64 -1.78 77.74
C VAL D 472 5.52 -0.32 77.34
N GLY D 473 4.44 0.02 76.67
CA GLY D 473 4.22 1.39 76.22
C GLY D 473 3.36 1.42 74.97
N ASP D 474 2.99 2.63 74.56
CA ASP D 474 2.22 2.84 73.35
C ASP D 474 3.17 3.06 72.18
N ALA D 475 3.15 2.13 71.21
CA ALA D 475 4.12 2.17 70.12
C ALA D 475 4.05 3.49 69.37
N LEU D 476 2.84 4.02 69.14
CA LEU D 476 2.71 5.31 68.47
C LEU D 476 3.37 6.46 69.24
N LYS D 477 3.70 6.28 70.51
CA LYS D 477 4.31 7.35 71.29
C LYS D 477 5.83 7.24 71.35
N MET D 478 6.41 6.24 70.69
CA MET D 478 7.81 5.94 70.90
C MET D 478 8.70 7.03 70.33
N ASP D 479 9.89 7.15 70.90
CA ASP D 479 10.88 8.12 70.47
C ASP D 479 11.54 7.58 69.19
N LEU D 480 11.46 8.35 68.11
CA LEU D 480 11.86 7.86 66.79
C LEU D 480 13.17 8.47 66.30
N ASP D 481 13.85 9.26 67.12
CA ASP D 481 15.09 9.90 66.71
C ASP D 481 16.21 8.86 66.52
N GLY D 482 17.23 9.28 65.77
CA GLY D 482 18.40 8.43 65.56
C GLY D 482 18.26 7.37 64.50
N GLY D 483 17.41 7.58 63.49
CA GLY D 483 17.24 6.55 62.46
C GLY D 483 16.73 5.24 62.99
N ARG D 484 15.91 5.28 64.04
CA ARG D 484 15.49 4.09 64.78
C ARG D 484 14.72 3.11 63.88
N ALA D 485 15.04 1.83 63.99
CA ALA D 485 14.42 0.81 63.15
C ALA D 485 13.27 0.15 63.90
N VAL D 486 12.11 0.05 63.26
CA VAL D 486 10.95 -0.61 63.83
C VAL D 486 10.27 -1.46 62.75
N ILE D 487 9.76 -2.63 63.14
CA ILE D 487 8.93 -3.48 62.30
C ILE D 487 7.54 -3.49 62.89
N ALA D 488 6.54 -3.10 62.10
CA ALA D 488 5.21 -2.88 62.66
C ALA D 488 4.14 -3.26 61.66
N SER D 489 3.17 -4.04 62.12
CA SER D 489 1.95 -4.25 61.34
C SER D 489 0.74 -4.23 62.25
N TYR D 490 0.20 -5.41 62.58
CA TYR D 490 -1.11 -5.51 63.23
C TYR D 490 -1.16 -4.75 64.56
N SER D 491 -0.20 -5.00 65.44
CA SER D 491 -0.22 -4.40 66.78
C SER D 491 0.04 -2.90 66.76
N LEU D 492 0.36 -2.33 65.60
CA LEU D 492 0.56 -0.90 65.47
C LEU D 492 -0.77 -0.15 65.42
N SER D 498 -6.56 2.45 65.17
CA SER D 498 -7.13 3.68 64.63
C SER D 498 -6.29 4.14 63.43
N LYS D 499 -6.94 4.13 62.27
CA LYS D 499 -6.23 4.40 61.03
C LYS D 499 -5.58 5.79 61.05
N GLU D 500 -6.35 6.83 61.38
CA GLU D 500 -5.81 8.19 61.36
C GLU D 500 -4.60 8.30 62.27
N ARG D 501 -4.60 7.62 63.41
CA ARG D 501 -3.48 7.70 64.33
C ARG D 501 -2.26 7.00 63.75
N VAL D 502 -2.46 5.85 63.12
CA VAL D 502 -1.36 5.14 62.48
C VAL D 502 -0.74 6.00 61.38
N LEU D 503 -1.55 6.57 60.51
CA LEU D 503 -1.00 7.32 59.39
C LEU D 503 -0.27 8.58 59.86
N LYS D 504 -0.76 9.22 60.92
CA LYS D 504 -0.04 10.38 61.46
C LYS D 504 1.31 9.95 62.03
N PHE D 505 1.34 8.86 62.82
CA PHE D 505 2.61 8.39 63.36
C PHE D 505 3.58 8.02 62.23
N LEU D 506 3.10 7.33 61.20
CA LEU D 506 3.93 7.01 60.04
C LEU D 506 4.44 8.28 59.37
N SER D 507 3.54 9.24 59.13
CA SER D 507 3.95 10.53 58.57
C SER D 507 5.06 11.17 59.40
N ASP D 508 4.89 11.18 60.73
CA ASP D 508 5.91 11.74 61.60
C ASP D 508 7.19 10.92 61.58
N ALA D 509 7.08 9.59 61.46
CA ALA D 509 8.26 8.75 61.40
C ALA D 509 9.09 9.05 60.16
N ASN D 510 8.41 9.27 59.03
CA ASN D 510 9.14 9.64 57.82
C ASN D 510 9.79 11.02 57.97
N LYS D 511 9.06 12.00 58.51
CA LYS D 511 9.66 13.31 58.75
C LYS D 511 10.91 13.21 59.61
N ALA D 512 10.89 12.32 60.62
CA ALA D 512 12.00 12.14 61.54
C ALA D 512 13.14 11.33 60.96
N LYS D 513 13.04 10.86 59.72
CA LYS D 513 14.03 9.99 59.10
C LYS D 513 14.26 8.72 59.90
N ALA D 514 13.20 8.25 60.55
CA ALA D 514 13.24 6.96 61.19
C ALA D 514 13.00 5.87 60.14
N MET D 515 13.19 4.62 60.55
CA MET D 515 13.02 3.45 59.66
C MET D 515 11.96 2.54 60.27
N VAL D 516 10.70 2.99 60.21
CA VAL D 516 9.57 2.16 60.58
C VAL D 516 9.08 1.45 59.32
N VAL D 517 9.18 0.13 59.34
CA VAL D 517 8.75 -0.71 58.22
C VAL D 517 7.31 -1.14 58.50
N PHE D 518 6.40 -0.75 57.62
CA PHE D 518 4.97 -0.91 57.85
C PHE D 518 4.37 -1.92 56.86
N GLY D 519 3.54 -2.82 57.38
CA GLY D 519 2.75 -3.69 56.53
C GLY D 519 1.29 -3.72 56.95
N ALA D 520 0.41 -3.97 55.97
CA ALA D 520 -1.03 -3.98 56.16
C ALA D 520 -1.75 -4.66 55.00
N PRO D 521 -2.92 -5.26 55.24
CA PRO D 521 -3.75 -5.71 54.11
C PRO D 521 -4.04 -4.55 53.20
N ASN D 522 -4.11 -4.85 51.91
CA ASN D 522 -4.34 -3.83 50.89
C ASN D 522 -5.83 -3.82 50.57
N THR D 523 -6.52 -2.75 50.98
CA THR D 523 -7.98 -2.69 50.89
C THR D 523 -8.48 -3.09 49.51
N HIS D 524 -7.94 -2.46 48.47
CA HIS D 524 -8.54 -2.64 47.17
C HIS D 524 -8.19 -3.97 46.53
N ARG D 525 -7.00 -4.52 46.82
CA ARG D 525 -6.72 -5.88 46.35
C ARG D 525 -7.64 -6.87 47.03
N LEU D 526 -7.85 -6.73 48.35
CA LEU D 526 -8.76 -7.63 49.05
C LEU D 526 -10.18 -7.52 48.50
N ALA D 527 -10.67 -6.29 48.31
CA ALA D 527 -12.01 -6.12 47.77
C ALA D 527 -12.14 -6.77 46.39
N TYR D 528 -11.09 -6.63 45.55
CA TYR D 528 -11.12 -7.28 44.24
C TYR D 528 -11.18 -8.79 44.37
N ALA D 529 -10.33 -9.35 45.24
CA ALA D 529 -10.29 -10.80 45.40
C ALA D 529 -11.63 -11.33 45.91
N LYS D 530 -12.32 -10.55 46.75
CA LYS D 530 -13.66 -10.93 47.19
C LYS D 530 -14.67 -10.80 46.07
N LYS D 531 -14.57 -9.74 45.27
CA LYS D 531 -15.60 -9.43 44.28
C LYS D 531 -15.62 -10.45 43.15
N VAL D 532 -14.44 -10.90 42.69
CA VAL D 532 -14.40 -11.94 41.67
C VAL D 532 -14.67 -13.32 42.24
N GLY D 533 -14.75 -13.46 43.55
CA GLY D 533 -15.13 -14.70 44.16
C GLY D 533 -14.00 -15.56 44.70
N LEU D 534 -12.77 -15.07 44.68
CA LEU D 534 -11.65 -15.89 45.13
C LEU D 534 -11.75 -16.19 46.63
N VAL D 535 -11.82 -15.14 47.46
CA VAL D 535 -11.91 -15.34 48.91
C VAL D 535 -13.35 -15.14 49.34
N LEU D 536 -13.82 -16.00 50.24
CA LEU D 536 -15.23 -16.04 50.61
C LEU D 536 -15.48 -15.16 51.83
N ASP D 537 -16.71 -14.64 51.91
CA ASP D 537 -17.16 -13.90 53.07
C ASP D 537 -17.01 -14.70 54.36
N SER D 538 -16.95 -16.03 54.26
CA SER D 538 -16.77 -16.86 55.45
C SER D 538 -15.34 -16.79 55.97
N ALA D 539 -14.36 -16.51 55.12
CA ALA D 539 -12.98 -16.42 55.59
C ALA D 539 -12.59 -14.99 55.93
N ILE D 540 -12.98 -14.01 55.11
CA ILE D 540 -12.58 -12.62 55.30
C ILE D 540 -13.73 -11.72 54.88
N LYS D 541 -14.20 -10.88 55.80
CA LYS D 541 -15.20 -9.86 55.51
C LYS D 541 -14.57 -8.49 55.52
N MET D 542 -15.21 -7.55 54.83
CA MET D 542 -14.73 -6.17 54.87
C MET D 542 -15.91 -5.23 54.76
N SER D 543 -15.86 -4.16 55.55
CA SER D 543 -16.79 -3.05 55.47
C SER D 543 -15.98 -1.78 55.26
N LYS D 544 -16.05 -1.22 54.05
CA LYS D 544 -15.13 -0.18 53.60
C LYS D 544 -13.68 -0.67 53.74
N ASP D 545 -12.95 -0.18 54.73
CA ASP D 545 -11.58 -0.61 54.95
C ASP D 545 -11.39 -1.37 56.26
N LEU D 546 -12.47 -1.67 56.96
CA LEU D 546 -12.39 -2.45 58.19
C LEU D 546 -12.60 -3.92 57.86
N ILE D 547 -11.61 -4.74 58.18
CA ILE D 547 -11.57 -6.13 57.75
C ILE D 547 -11.77 -7.01 58.96
N THR D 548 -12.56 -8.07 58.79
CA THR D 548 -12.74 -9.10 59.80
C THR D 548 -12.13 -10.39 59.29
N PHE D 549 -11.04 -10.81 59.93
CA PHE D 549 -10.36 -12.06 59.60
C PHE D 549 -10.85 -13.20 60.49
N SER D 550 -10.70 -14.42 59.97
CA SER D 550 -10.91 -15.63 60.77
C SER D 550 -9.68 -16.54 60.69
N ARG D 556 -11.18 -15.09 65.40
CA ARG D 556 -11.56 -13.89 64.68
C ARG D 556 -10.89 -12.63 65.23
N TRP D 557 -10.42 -11.77 64.31
CA TRP D 557 -9.84 -10.49 64.67
C TRP D 557 -10.13 -9.48 63.57
N ARG D 558 -9.97 -8.20 63.89
CA ARG D 558 -10.26 -7.11 62.98
C ARG D 558 -9.04 -6.21 62.83
N ASP D 559 -8.93 -5.59 61.66
CA ASP D 559 -7.87 -4.62 61.39
C ASP D 559 -8.25 -3.85 60.14
N TYR D 560 -7.47 -2.81 59.86
CA TYR D 560 -7.76 -1.93 58.75
C TYR D 560 -6.92 -2.30 57.54
N GLY D 561 -7.52 -2.21 56.37
CA GLY D 561 -6.76 -2.22 55.14
C GLY D 561 -6.30 -0.81 54.82
N TYR D 562 -5.14 -0.73 54.18
CA TYR D 562 -4.59 0.53 53.70
C TYR D 562 -4.32 0.45 52.19
N SER D 563 -4.31 1.61 51.55
CA SER D 563 -4.04 1.69 50.12
C SER D 563 -2.72 2.44 49.87
N GLN D 564 -2.23 2.29 48.63
CA GLN D 564 -0.93 2.87 48.30
C GLN D 564 -0.97 4.40 48.30
N SER D 565 -2.09 5.01 47.89
CA SER D 565 -2.17 6.47 47.94
C SER D 565 -2.26 6.98 49.38
N GLU D 566 -2.95 6.23 50.26
CA GLU D 566 -3.00 6.63 51.67
C GLU D 566 -1.60 6.64 52.27
N LEU D 567 -0.82 5.60 51.96
CA LEU D 567 0.54 5.54 52.50
C LEU D 567 1.43 6.61 51.87
N TYR D 568 1.30 6.85 50.56
CA TYR D 568 2.14 7.88 49.97
C TYR D 568 1.86 9.24 50.61
N ASP D 569 0.58 9.57 50.81
CA ASP D 569 0.22 10.79 51.50
C ASP D 569 0.88 10.88 52.87
N ALA D 570 0.96 9.76 53.58
CA ALA D 570 1.70 9.72 54.82
C ALA D 570 3.20 9.58 54.61
N GLY D 571 3.71 9.76 53.40
CA GLY D 571 5.14 9.72 53.18
C GLY D 571 5.75 8.33 53.11
N TYR D 572 5.01 7.34 52.61
CA TYR D 572 5.48 5.96 52.59
C TYR D 572 5.33 5.37 51.19
N VAL D 573 6.27 4.50 50.83
CA VAL D 573 6.42 3.94 49.48
C VAL D 573 6.29 2.42 49.58
N GLU D 574 5.36 1.84 48.82
CA GLU D 574 5.28 0.38 48.79
C GLU D 574 6.56 -0.19 48.18
N ILE D 575 7.05 -1.28 48.78
CA ILE D 575 8.13 -2.10 48.25
C ILE D 575 7.69 -3.56 48.38
N THR D 576 8.04 -4.40 47.41
CA THR D 576 7.58 -5.78 47.48
C THR D 576 8.54 -6.61 48.32
N ILE D 577 8.05 -7.76 48.78
CA ILE D 577 8.93 -8.68 49.50
C ILE D 577 10.09 -9.12 48.61
N ASP D 578 9.81 -9.37 47.32
CA ASP D 578 10.88 -9.75 46.39
C ASP D 578 11.97 -8.69 46.38
N GLN D 579 11.57 -7.42 46.26
CA GLN D 579 12.53 -6.33 46.24
C GLN D 579 13.31 -6.27 47.55
N MET D 580 12.63 -6.45 48.68
CA MET D 580 13.35 -6.34 49.94
C MET D 580 14.45 -7.39 50.06
N VAL D 581 14.13 -8.63 49.66
CA VAL D 581 15.10 -9.69 49.86
C VAL D 581 16.24 -9.57 48.85
N ALA D 582 15.95 -9.10 47.63
CA ALA D 582 17.02 -8.91 46.67
C ALA D 582 17.90 -7.74 47.07
N TYR D 583 17.28 -6.61 47.44
CA TYR D 583 18.03 -5.49 47.97
C TYR D 583 18.94 -5.92 49.13
N SER D 584 18.43 -6.77 50.02
CA SER D 584 19.19 -7.18 51.20
C SER D 584 20.04 -8.42 50.96
N SER D 585 20.24 -8.84 49.71
CA SER D 585 20.77 -10.18 49.46
C SER D 585 22.16 -10.35 50.05
N ASP D 586 22.99 -9.30 50.06
CA ASP D 586 24.35 -9.52 50.50
C ASP D 586 24.51 -9.52 52.02
N VAL D 587 23.47 -9.22 52.79
CA VAL D 587 23.50 -9.49 54.23
C VAL D 587 22.48 -10.55 54.66
N TYR D 588 21.71 -11.10 53.73
CA TYR D 588 20.60 -11.97 54.10
C TYR D 588 21.09 -13.33 54.59
N ASN D 589 20.45 -13.80 55.66
CA ASN D 589 20.83 -15.07 56.28
C ASN D 589 19.59 -15.72 56.85
N GLY D 590 18.44 -15.44 56.28
CA GLY D 590 17.17 -15.98 56.71
C GLY D 590 16.77 -17.22 55.93
N VAL D 591 15.46 -17.47 55.89
CA VAL D 591 14.95 -18.64 55.21
C VAL D 591 14.45 -18.24 53.83
N GLY D 592 14.24 -19.25 52.99
CA GLY D 592 13.54 -19.09 51.74
C GLY D 592 12.12 -19.60 51.83
N TYR D 593 11.51 -19.81 50.66
CA TYR D 593 10.16 -20.37 50.57
C TYR D 593 10.10 -21.27 49.34
N PHE D 594 9.02 -22.04 49.24
CA PHE D 594 8.75 -22.86 48.06
C PHE D 594 7.51 -22.40 47.31
N ALA D 595 6.40 -22.21 47.98
CA ALA D 595 5.19 -21.76 47.30
C ALA D 595 4.88 -20.30 47.63
N ASN D 596 4.29 -19.61 46.67
CA ASN D 596 3.65 -18.33 47.00
C ASN D 596 2.30 -18.59 47.64
N SER D 597 1.72 -17.54 48.23
CA SER D 597 0.52 -17.67 49.05
C SER D 597 -0.47 -16.56 48.75
N THR D 598 -1.69 -16.94 48.38
CA THR D 598 -2.74 -15.97 48.09
C THR D 598 -2.97 -15.04 49.28
N TYR D 599 -3.05 -15.63 50.48
CA TYR D 599 -3.30 -14.85 51.68
C TYR D 599 -2.21 -13.79 51.88
N ASN D 600 -0.94 -14.20 51.82
CA ASN D 600 0.15 -13.25 52.03
C ASN D 600 0.16 -12.14 50.97
N ASP D 601 -0.21 -12.50 49.74
CA ASP D 601 -0.24 -11.52 48.66
C ASP D 601 -1.29 -10.43 48.89
N LEU D 602 -2.29 -10.68 49.72
CA LEU D 602 -3.22 -9.62 50.11
C LEU D 602 -2.54 -8.50 50.90
N PHE D 603 -1.32 -8.71 51.42
CA PHE D 603 -0.63 -7.67 52.18
C PHE D 603 0.38 -6.92 51.33
N SER D 604 0.55 -5.64 51.65
CA SER D 604 1.56 -4.76 51.09
C SER D 604 2.47 -4.25 52.20
N TRP D 605 3.72 -4.01 51.83
CA TRP D 605 4.72 -3.51 52.76
C TRP D 605 5.26 -2.19 52.24
N TYR D 606 5.62 -1.32 53.18
CA TYR D 606 5.93 0.08 52.87
C TYR D 606 7.11 0.54 53.70
N ILE D 607 7.95 1.38 53.09
CA ILE D 607 9.12 1.97 53.76
C ILE D 607 9.04 3.48 53.59
N PRO D 608 9.68 4.24 54.49
CA PRO D 608 9.53 5.71 54.44
C PRO D 608 10.16 6.29 53.18
N LYS D 609 9.50 7.33 52.65
CA LYS D 609 9.95 7.93 51.41
C LYS D 609 11.37 8.49 51.50
N TRP D 610 11.80 8.98 52.67
CA TRP D 610 13.12 9.58 52.73
C TRP D 610 14.20 8.56 52.36
N TYR D 611 14.05 7.32 52.84
CA TYR D 611 15.03 6.30 52.49
C TYR D 611 14.99 5.96 51.01
N VAL D 612 13.79 5.96 50.42
CA VAL D 612 13.66 5.69 48.98
C VAL D 612 14.40 6.74 48.17
N HIS D 613 14.18 8.02 48.50
CA HIS D 613 14.87 9.09 47.79
C HIS D 613 16.37 9.02 48.01
N LYS D 614 16.81 8.69 49.24
CA LYS D 614 18.24 8.69 49.52
C LYS D 614 18.95 7.56 48.79
N ARG D 615 18.37 6.35 48.77
CA ARG D 615 19.15 5.19 48.37
C ARG D 615 18.55 4.32 47.27
N MET D 616 17.35 4.61 46.79
CA MET D 616 16.67 3.67 45.90
C MET D 616 16.24 4.28 44.57
N LEU D 617 16.70 5.49 44.24
CA LEU D 617 16.23 6.11 43.02
C LEU D 617 16.95 5.60 41.79
N MET D 618 18.12 4.97 41.94
CA MET D 618 18.85 4.33 40.82
C MET D 618 18.42 2.88 40.74
N GLN D 619 17.71 2.53 39.67
CA GLN D 619 17.05 1.22 39.62
C GLN D 619 17.98 0.13 39.07
N ASP D 620 18.75 -0.47 39.97
CA ASP D 620 19.38 -1.75 39.63
C ASP D 620 18.35 -2.87 39.76
N ILE D 621 18.74 -4.08 39.36
CA ILE D 621 17.74 -5.15 39.26
C ILE D 621 17.08 -5.43 40.61
N ARG D 622 17.80 -5.23 41.71
CA ARG D 622 17.22 -5.52 43.01
C ARG D 622 16.07 -4.58 43.37
N LEU D 623 16.02 -3.40 42.76
CA LEU D 623 15.05 -2.37 43.08
C LEU D 623 14.06 -2.16 41.93
N SER D 624 13.95 -3.12 41.04
CA SER D 624 13.24 -2.97 39.79
C SER D 624 11.94 -3.77 39.83
N PRO D 625 11.00 -3.49 38.91
CA PRO D 625 9.79 -4.32 38.83
C PRO D 625 9.92 -5.45 37.84
N ALA D 626 11.16 -5.85 37.51
CA ALA D 626 11.38 -6.66 36.31
C ALA D 626 10.63 -7.98 36.41
N ALA D 627 10.55 -8.55 37.61
CA ALA D 627 9.88 -9.83 37.81
C ALA D 627 8.36 -9.70 37.91
N LEU D 628 7.78 -8.55 37.62
CA LEU D 628 6.32 -8.44 37.51
C LEU D 628 5.82 -7.63 36.32
N VAL D 629 6.69 -6.91 35.60
CA VAL D 629 6.24 -5.95 34.60
C VAL D 629 5.85 -6.58 33.28
N LYS D 630 6.18 -7.85 33.09
CA LYS D 630 5.99 -8.50 31.79
C LYS D 630 5.16 -9.78 31.89
N CYS D 631 5.20 -10.46 33.05
CA CYS D 631 4.66 -11.81 33.09
C CYS D 631 3.13 -11.82 33.00
N PHE D 632 2.43 -10.82 33.57
CA PHE D 632 0.99 -10.82 33.43
C PHE D 632 0.57 -10.40 32.02
N THR D 633 1.28 -9.42 31.44
CA THR D 633 0.96 -8.96 30.10
C THR D 633 1.12 -10.10 29.10
N THR D 634 2.19 -10.87 29.24
CA THR D 634 2.44 -11.98 28.33
C THR D 634 1.38 -13.04 28.48
N LEU D 635 1.02 -13.39 29.72
CA LEU D 635 0.00 -14.39 29.93
C LEU D 635 -1.31 -13.98 29.26
N ILE D 636 -1.72 -12.72 29.45
CA ILE D 636 -2.95 -12.23 28.85
C ILE D 636 -2.86 -12.23 27.32
N ARG D 637 -1.70 -11.83 26.76
CA ARG D 637 -1.60 -11.82 25.29
C ARG D 637 -1.69 -13.22 24.71
N ASN D 638 -1.13 -14.21 25.41
CA ASN D 638 -1.28 -15.60 24.96
C ASN D 638 -2.75 -16.02 24.99
N ILE D 639 -3.42 -15.82 26.13
CA ILE D 639 -4.83 -16.19 26.26
C ILE D 639 -5.71 -15.49 25.22
N CYS D 640 -5.51 -14.20 25.04
CA CYS D 640 -6.43 -13.36 24.27
C CYS D 640 -5.99 -13.14 22.83
N TYR D 641 -4.98 -13.84 22.35
CA TYR D 641 -4.53 -13.77 20.95
C TYR D 641 -4.12 -12.36 20.55
N VAL D 642 -3.23 -11.77 21.34
CA VAL D 642 -2.78 -10.40 21.09
C VAL D 642 -1.37 -10.45 20.52
N PRO D 643 -1.18 -10.22 19.23
CA PRO D 643 0.18 -10.12 18.69
C PRO D 643 0.96 -8.97 19.32
N HIS D 644 2.29 -9.18 19.37
CA HIS D 644 3.22 -8.20 19.91
C HIS D 644 3.01 -6.80 19.34
N GLU D 645 2.99 -6.67 18.02
CA GLU D 645 2.84 -5.34 17.44
C GLU D 645 1.40 -4.82 17.57
N THR D 646 0.41 -5.72 17.53
CA THR D 646 -0.98 -5.33 17.77
C THR D 646 -1.14 -4.67 19.15
N TYR D 647 -0.45 -5.21 20.15
CA TYR D 647 -0.48 -4.64 21.50
C TYR D 647 -0.10 -3.16 21.50
N TYR D 648 0.91 -2.78 20.72
CA TYR D 648 1.30 -1.38 20.65
C TYR D 648 0.31 -0.56 19.83
N ARG D 649 -0.38 -1.19 18.89
CA ARG D 649 -1.45 -0.49 18.18
C ARG D 649 -2.60 -0.20 19.12
N PHE D 650 -2.95 -1.17 19.97
CA PHE D 650 -4.01 -0.96 20.94
C PHE D 650 -3.67 0.23 21.86
N ARG D 651 -2.39 0.35 22.21
CA ARG D 651 -1.96 1.47 23.06
C ARG D 651 -2.16 2.80 22.34
N GLY D 652 -1.78 2.87 21.07
CA GLY D 652 -2.03 4.07 20.29
C GLY D 652 -3.51 4.41 20.21
N ILE D 653 -4.36 3.40 19.98
CA ILE D 653 -5.79 3.64 19.93
C ILE D 653 -6.30 4.19 21.27
N LEU D 654 -5.80 3.64 22.37
CA LEU D 654 -6.21 4.11 23.69
C LEU D 654 -5.85 5.58 23.90
N VAL D 655 -4.70 6.00 23.40
CA VAL D 655 -4.32 7.41 23.54
C VAL D 655 -5.16 8.27 22.61
N ASP D 656 -5.46 7.77 21.41
CA ASP D 656 -6.40 8.46 20.53
C ASP D 656 -7.74 8.72 21.22
N LYS D 657 -8.32 7.67 21.82
CA LYS D 657 -9.59 7.83 22.50
C LYS D 657 -9.49 8.78 23.67
N TYR D 658 -8.35 8.83 24.35
CA TYR D 658 -8.18 9.72 25.49
C TYR D 658 -8.10 11.18 25.05
N LEU D 659 -7.26 11.46 24.05
CA LEU D 659 -7.09 12.82 23.58
C LEU D 659 -8.42 13.40 23.08
N ARG D 660 -9.26 12.58 22.46
CA ARG D 660 -10.53 13.10 21.96
C ARG D 660 -11.48 13.43 23.10
N SER D 661 -11.50 12.58 24.13
CA SER D 661 -12.32 12.85 25.31
C SER D 661 -11.85 14.06 26.08
N LYS D 662 -10.67 14.57 25.77
CA LYS D 662 -10.19 15.85 26.29
C LYS D 662 -10.41 16.97 25.28
N ASN D 663 -11.20 16.70 24.25
CA ASN D 663 -11.50 17.66 23.18
C ASN D 663 -10.24 18.21 22.53
N VAL D 664 -9.18 17.41 22.51
CA VAL D 664 -8.05 17.73 21.64
C VAL D 664 -8.45 17.45 20.20
N ASP D 665 -8.28 18.42 19.33
CA ASP D 665 -8.68 18.24 17.94
C ASP D 665 -7.78 17.22 17.26
N PRO D 666 -8.35 16.21 16.59
CA PRO D 666 -7.51 15.15 16.00
C PRO D 666 -6.44 15.66 15.04
N SER D 667 -6.63 16.82 14.41
CA SER D 667 -5.64 17.30 13.46
C SER D 667 -4.34 17.74 14.14
N GLN D 668 -4.28 17.74 15.48
CA GLN D 668 -3.06 18.18 16.16
C GLN D 668 -2.08 17.05 16.44
N TYR D 669 -2.46 15.81 16.15
CA TYR D 669 -1.57 14.67 16.39
C TYR D 669 -1.89 13.58 15.39
N SER D 670 -0.94 12.65 15.24
CA SER D 670 -1.06 11.53 14.31
C SER D 670 -0.65 10.24 15.03
N ILE D 671 -1.61 9.35 15.24
CA ILE D 671 -1.37 8.10 15.97
C ILE D 671 -0.49 7.17 15.16
N VAL D 672 0.58 6.66 15.80
CA VAL D 672 1.51 5.69 15.19
C VAL D 672 1.32 4.28 15.77
N GLY D 673 1.35 4.17 17.09
CA GLY D 673 1.04 2.91 17.76
C GLY D 673 2.06 1.81 17.56
N SER D 674 3.34 2.13 17.62
CA SER D 674 4.39 1.13 17.60
C SER D 674 5.04 1.06 18.99
N GLY D 675 6.06 0.20 19.11
CA GLY D 675 6.73 0.05 20.39
C GLY D 675 7.48 1.29 20.84
N SER D 676 7.95 2.11 19.89
CA SER D 676 8.79 3.25 20.21
C SER D 676 8.14 4.60 19.94
N LYS D 677 7.03 4.66 19.21
CA LYS D 677 6.30 5.90 19.01
C LYS D 677 4.83 5.61 19.23
N THR D 678 4.24 6.20 20.28
CA THR D 678 2.80 6.11 20.42
C THR D 678 2.10 7.02 19.41
N PHE D 679 2.54 8.29 19.35
CA PHE D 679 1.98 9.24 18.39
C PHE D 679 2.99 10.35 18.11
N THR D 680 2.65 11.15 17.10
CA THR D 680 3.44 12.28 16.65
C THR D 680 2.61 13.55 16.83
N VAL D 681 3.23 14.59 17.37
CA VAL D 681 2.56 15.85 17.60
C VAL D 681 2.66 16.70 16.34
N LEU D 682 1.51 17.18 15.84
CA LEU D 682 1.48 17.94 14.60
C LEU D 682 1.58 19.44 14.84
N SER D 683 0.80 19.96 15.78
CA SER D 683 0.92 21.33 16.26
C SER D 683 0.91 21.31 17.79
N HIS D 684 1.30 22.46 18.37
CA HIS D 684 1.40 22.58 19.82
C HIS D 684 0.03 22.43 20.47
N PHE D 685 -0.04 21.59 21.49
CA PHE D 685 -1.26 21.54 22.28
C PHE D 685 -0.92 21.17 23.73
N GLU D 686 -1.91 21.33 24.60
CA GLU D 686 -1.73 21.06 26.01
C GLU D 686 -2.97 20.34 26.51
N VAL D 687 -2.76 19.47 27.48
CA VAL D 687 -3.85 18.75 28.14
C VAL D 687 -3.87 19.18 29.61
N PRO D 688 -5.01 19.65 30.12
CA PRO D 688 -5.07 20.01 31.54
C PRO D 688 -4.84 18.78 32.41
N HIS D 689 -4.07 18.97 33.47
CA HIS D 689 -3.72 17.91 34.39
C HIS D 689 -3.35 18.52 35.73
N GLU D 690 -3.76 17.88 36.82
CA GLU D 690 -3.43 18.42 38.14
C GLU D 690 -1.92 18.46 38.38
N CYS D 691 -1.15 17.67 37.65
CA CYS D 691 0.30 17.74 37.68
C CYS D 691 0.86 18.42 36.46
N GLY D 692 0.01 19.10 35.69
CA GLY D 692 0.39 19.63 34.40
C GLY D 692 0.28 21.14 34.33
N PRO D 693 -0.21 21.68 33.19
CA PRO D 693 -0.67 20.92 32.03
C PRO D 693 0.41 20.06 31.35
N LEU D 694 -0.03 19.01 30.64
CA LEU D 694 0.88 18.23 29.81
C LEU D 694 1.10 19.00 28.51
N VAL D 695 2.35 19.24 28.16
CA VAL D 695 2.68 20.14 27.06
C VAL D 695 3.32 19.34 25.93
N PHE D 696 2.80 19.51 24.72
CA PHE D 696 3.26 18.75 23.57
C PHE D 696 3.68 19.70 22.46
N GLU D 697 4.96 19.61 22.06
CA GLU D 697 5.56 20.53 21.11
C GLU D 697 5.48 19.96 19.70
N ALA D 698 5.22 20.85 18.73
CA ALA D 698 5.07 20.44 17.35
C ALA D 698 6.32 19.72 16.86
N SER D 699 6.10 18.72 15.99
CA SER D 699 7.16 17.94 15.37
C SER D 699 8.00 17.20 16.41
N THR D 700 7.33 16.60 17.39
CA THR D 700 7.97 15.70 18.33
C THR D 700 7.20 14.38 18.37
N ASP D 701 7.91 13.31 18.69
CA ASP D 701 7.34 12.00 18.92
C ASP D 701 7.12 11.77 20.41
N VAL D 702 6.04 11.08 20.75
CA VAL D 702 5.65 10.80 22.12
C VAL D 702 5.54 9.28 22.27
N ASN D 703 6.26 8.75 23.25
CA ASN D 703 6.26 7.31 23.56
C ASN D 703 5.92 7.13 25.03
N ILE D 704 4.65 6.82 25.34
CA ILE D 704 4.22 6.77 26.73
C ILE D 704 4.91 5.63 27.47
N SER D 705 4.85 5.69 28.80
N SER D 705 4.80 5.62 28.80
CA SER D 705 5.45 4.65 29.61
CA SER D 705 5.52 4.64 29.63
C SER D 705 4.56 3.41 29.54
C SER D 705 4.73 3.35 29.74
N GLY D 706 5.09 2.36 28.93
CA GLY D 706 4.33 1.12 28.89
C GLY D 706 4.34 0.38 30.19
N HIS D 707 5.42 0.50 30.96
CA HIS D 707 5.52 -0.26 32.21
C HIS D 707 4.50 0.20 33.26
N LEU D 708 4.06 1.46 33.20
CA LEU D 708 2.99 1.90 34.10
C LEU D 708 1.73 1.09 33.87
N LEU D 709 1.38 0.88 32.59
CA LEU D 709 0.16 0.14 32.24
C LEU D 709 0.22 -1.30 32.74
N SER D 710 1.33 -2.00 32.48
CA SER D 710 1.38 -3.40 32.90
C SER D 710 1.52 -3.54 34.42
N LEU D 711 2.22 -2.63 35.09
CA LEU D 711 2.26 -2.68 36.55
C LEU D 711 0.88 -2.49 37.15
N ALA D 712 0.02 -1.71 36.49
CA ALA D 712 -1.32 -1.51 37.06
C ALA D 712 -2.14 -2.79 37.01
N ILE D 713 -1.95 -3.60 35.97
CA ILE D 713 -2.58 -4.91 35.92
C ILE D 713 -2.00 -5.81 37.01
N ALA D 714 -0.67 -5.82 37.15
CA ALA D 714 -0.07 -6.72 38.12
C ALA D 714 -0.53 -6.39 39.53
N ALA D 715 -0.79 -5.10 39.81
CA ALA D 715 -1.25 -4.66 41.13
C ALA D 715 -2.68 -5.11 41.44
N HIS D 716 -3.41 -5.68 40.48
CA HIS D 716 -4.69 -6.31 40.80
C HIS D 716 -4.52 -7.60 41.59
N PHE D 717 -3.37 -8.27 41.47
CA PHE D 717 -3.20 -9.64 41.92
C PHE D 717 -2.15 -9.83 43.00
N VAL D 718 -1.08 -9.05 43.01
CA VAL D 718 -0.03 -9.22 43.99
C VAL D 718 0.42 -7.82 44.42
N ALA D 719 1.21 -7.76 45.49
CA ALA D 719 1.77 -6.48 45.90
C ALA D 719 2.57 -5.91 44.74
N SER D 720 2.71 -4.59 44.76
CA SER D 720 3.07 -3.83 43.58
C SER D 720 4.38 -3.06 43.80
N PRO D 721 5.29 -3.06 42.83
CA PRO D 721 6.44 -2.15 42.91
C PRO D 721 6.17 -0.82 42.24
N MET D 722 4.91 -0.49 41.98
CA MET D 722 4.59 0.65 41.11
C MET D 722 5.02 2.00 41.71
N ILE D 723 4.94 2.16 43.04
CA ILE D 723 5.29 3.45 43.66
C ILE D 723 6.81 3.66 43.63
N LEU D 724 7.58 2.64 43.99
CA LEU D 724 9.04 2.73 43.89
C LEU D 724 9.46 2.99 42.46
N TRP D 725 8.87 2.25 41.51
CA TRP D 725 9.13 2.47 40.08
C TRP D 725 8.83 3.92 39.68
N ALA D 726 7.67 4.44 40.09
CA ALA D 726 7.30 5.81 39.72
C ALA D 726 8.32 6.84 40.22
N GLU D 727 8.85 6.64 41.43
CA GLU D 727 9.84 7.57 41.98
C GLU D 727 11.14 7.49 41.20
N GLN D 728 11.55 6.28 40.85
CA GLN D 728 12.69 6.10 39.96
C GLN D 728 12.43 6.72 38.59
N MET D 729 11.22 6.51 38.05
CA MET D 729 10.88 7.11 36.76
C MET D 729 10.95 8.64 36.83
N LYS D 730 10.47 9.23 37.91
CA LYS D 730 10.58 10.70 38.03
C LYS D 730 12.05 11.13 38.01
N TYR D 731 12.92 10.35 38.66
CA TYR D 731 14.36 10.62 38.65
C TYR D 731 14.98 10.46 37.27
N MET D 732 14.41 9.61 36.41
CA MET D 732 15.04 9.27 35.13
C MET D 732 14.59 10.16 33.96
N ALA D 733 14.21 11.41 34.19
CA ALA D 733 13.93 12.28 33.04
C ALA D 733 15.22 12.64 32.28
N VAL D 734 16.39 12.44 32.90
CA VAL D 734 17.68 12.68 32.27
C VAL D 734 18.59 11.51 32.65
N ASP D 735 19.70 11.39 31.91
CA ASP D 735 20.73 10.40 32.21
C ASP D 735 21.24 10.57 33.64
N ARG D 736 21.58 9.45 34.28
CA ARG D 736 22.01 9.49 35.68
C ARG D 736 23.21 8.58 35.87
N MET D 737 24.32 9.12 36.38
CA MET D 737 25.53 8.31 36.52
C MET D 737 25.32 7.18 37.53
N LEU D 738 25.85 6.00 37.19
CA LEU D 738 25.70 4.84 38.05
C LEU D 738 26.44 5.06 39.37
N PRO D 739 25.91 4.54 40.46
CA PRO D 739 26.59 4.67 41.76
C PRO D 739 27.88 3.85 41.78
N PRO D 740 28.99 4.44 42.21
CA PRO D 740 30.30 3.79 41.99
C PRO D 740 30.53 2.55 42.84
N ASN D 741 29.86 2.41 43.96
CA ASN D 741 30.07 1.29 44.88
C ASN D 741 29.30 0.03 44.49
N LEU D 742 28.70 -0.03 43.31
CA LEU D 742 27.81 -1.13 42.95
C LEU D 742 28.32 -1.80 41.69
N ASP D 743 28.31 -3.13 41.70
CA ASP D 743 28.66 -3.87 40.50
C ASP D 743 27.78 -3.44 39.34
N LYS D 744 28.40 -2.99 38.24
CA LYS D 744 27.63 -2.48 37.12
C LYS D 744 26.75 -3.55 36.47
N SER D 745 27.05 -4.82 36.68
CA SER D 745 26.22 -5.91 36.17
C SER D 745 24.83 -5.91 36.80
N LEU D 746 24.64 -5.27 37.96
CA LEU D 746 23.32 -5.17 38.54
C LEU D 746 22.40 -4.25 37.75
N PHE D 747 22.94 -3.48 36.80
CA PHE D 747 22.14 -2.64 35.93
C PHE D 747 21.93 -3.26 34.55
N PHE D 748 22.08 -4.59 34.43
CA PHE D 748 22.03 -5.21 33.11
C PHE D 748 20.69 -4.98 32.42
N ASP D 749 19.61 -4.79 33.18
CA ASP D 749 18.30 -4.79 32.55
C ASP D 749 17.91 -3.42 32.01
N ASN D 750 18.75 -2.40 32.18
CA ASN D 750 18.44 -1.10 31.64
C ASN D 750 19.60 -0.60 30.78
N LYS D 751 19.28 0.32 29.88
CA LYS D 751 20.28 0.93 29.01
C LYS D 751 21.28 1.76 29.82
N VAL D 752 22.57 1.55 29.53
CA VAL D 752 23.67 2.29 30.14
C VAL D 752 24.47 2.95 29.02
N THR D 753 24.73 4.26 29.15
CA THR D 753 25.47 4.99 28.12
C THR D 753 26.94 4.57 28.10
N PRO D 754 27.69 4.98 27.07
CA PRO D 754 29.15 4.78 27.13
C PRO D 754 29.81 5.64 28.20
N SER D 755 29.20 6.76 28.57
CA SER D 755 29.70 7.53 29.71
C SER D 755 29.67 6.72 31.01
N GLY D 756 28.89 5.63 31.05
CA GLY D 756 28.62 4.93 32.30
C GLY D 756 27.42 5.45 33.06
N ALA D 757 26.44 6.03 32.39
CA ALA D 757 25.25 6.57 33.02
C ALA D 757 24.03 5.72 32.67
N LEU D 758 23.10 5.61 33.62
CA LEU D 758 21.80 5.06 33.30
C LEU D 758 21.08 6.03 32.38
N GLN D 759 20.79 5.59 31.15
CA GLN D 759 20.11 6.44 30.18
C GLN D 759 18.72 6.82 30.69
N ARG D 760 18.29 8.03 30.34
CA ARG D 760 16.96 8.52 30.68
C ARG D 760 15.89 7.56 30.17
N TRP D 761 14.70 7.64 30.78
CA TRP D 761 13.60 6.76 30.41
C TRP D 761 12.52 7.54 29.68
N HIS D 762 11.72 8.32 30.42
CA HIS D 762 10.58 8.99 29.83
C HIS D 762 10.46 10.39 30.37
N SER D 763 9.77 11.25 29.61
CA SER D 763 9.38 12.55 30.13
C SER D 763 8.20 12.41 31.07
N ARG D 764 7.94 13.46 31.84
CA ARG D 764 6.78 13.45 32.72
C ARG D 764 5.48 13.37 31.92
N GLU D 765 5.45 13.95 30.71
CA GLU D 765 4.26 13.85 29.87
C GLU D 765 3.97 12.40 29.48
N GLU D 766 5.01 11.67 29.06
CA GLU D 766 4.85 10.28 28.64
C GLU D 766 4.43 9.37 29.80
N VAL D 767 4.86 9.70 31.03
CA VAL D 767 4.43 8.96 32.21
C VAL D 767 2.99 9.29 32.57
N LEU D 768 2.68 10.60 32.65
CA LEU D 768 1.35 11.01 33.07
C LEU D 768 0.29 10.69 32.03
N LEU D 769 0.64 10.76 30.74
CA LEU D 769 -0.30 10.30 29.73
C LEU D 769 -0.67 8.84 29.96
N ALA D 770 0.33 8.02 30.32
CA ALA D 770 0.05 6.61 30.57
C ALA D 770 -0.85 6.44 31.78
N ALA D 771 -0.59 7.18 32.86
CA ALA D 771 -1.49 7.16 34.02
C ALA D 771 -2.89 7.54 33.61
N GLU D 772 -3.02 8.49 32.68
CA GLU D 772 -4.35 8.98 32.26
C GLU D 772 -5.12 7.92 31.49
N ILE D 773 -4.44 7.08 30.71
CA ILE D 773 -5.12 6.05 29.96
C ILE D 773 -5.14 4.73 30.69
N CYS D 774 -4.59 4.69 31.91
CA CYS D 774 -4.41 3.45 32.63
C CYS D 774 -5.72 2.71 32.90
N GLU D 775 -6.77 3.43 33.30
CA GLU D 775 -8.06 2.80 33.52
C GLU D 775 -8.61 2.14 32.25
N SER D 776 -8.52 2.83 31.12
CA SER D 776 -9.02 2.22 29.88
C SER D 776 -8.18 1.01 29.48
N TYR D 777 -6.88 1.05 29.79
CA TYR D 777 -6.01 -0.08 29.50
C TYR D 777 -6.39 -1.30 30.34
N ALA D 778 -6.63 -1.09 31.63
CA ALA D 778 -7.06 -2.21 32.48
C ALA D 778 -8.42 -2.74 32.04
N ALA D 779 -9.35 -1.84 31.72
CA ALA D 779 -10.67 -2.27 31.22
C ALA D 779 -10.53 -3.10 29.94
N MET D 780 -9.64 -2.72 29.04
CA MET D 780 -9.42 -3.48 27.82
C MET D 780 -8.82 -4.85 28.12
N MET D 781 -7.71 -4.89 28.87
CA MET D 781 -6.99 -6.15 29.05
C MET D 781 -7.82 -7.15 29.84
N LEU D 782 -8.69 -6.68 30.72
CA LEU D 782 -9.43 -7.54 31.61
C LEU D 782 -10.93 -7.54 31.30
N ASN D 783 -11.31 -7.17 30.07
CA ASN D 783 -12.70 -7.24 29.60
C ASN D 783 -13.64 -6.59 30.61
N ASN D 784 -13.29 -5.37 31.03
CA ASN D 784 -14.07 -4.60 32.00
C ASN D 784 -14.28 -5.34 33.32
N LYS D 785 -13.45 -6.32 33.66
CA LYS D 785 -13.53 -6.97 34.97
C LYS D 785 -12.35 -6.60 35.87
N HIS D 786 -11.76 -5.44 35.61
CA HIS D 786 -10.68 -4.86 36.39
C HIS D 786 -11.27 -4.21 37.65
N SER D 787 -10.42 -3.55 38.44
CA SER D 787 -10.88 -2.81 39.61
C SER D 787 -10.62 -1.33 39.44
N PRO D 788 -11.65 -0.53 39.13
CA PRO D 788 -11.47 0.93 39.14
C PRO D 788 -10.84 1.48 40.42
N ASP D 789 -11.08 0.87 41.59
CA ASP D 789 -10.46 1.42 42.81
C ASP D 789 -8.96 1.13 42.87
N ILE D 790 -8.51 -0.02 42.35
CA ILE D 790 -7.06 -0.26 42.34
C ILE D 790 -6.37 0.76 41.45
N ILE D 791 -6.89 0.93 40.23
CA ILE D 791 -6.34 1.93 39.31
C ILE D 791 -6.34 3.31 39.95
N GLY D 792 -7.45 3.66 40.61
CA GLY D 792 -7.58 5.00 41.18
C GLY D 792 -6.55 5.27 42.26
N THR D 793 -6.30 4.28 43.13
CA THR D 793 -5.33 4.57 44.18
C THR D 793 -3.91 4.63 43.61
N LEU D 794 -3.61 3.83 42.59
CA LEU D 794 -2.33 3.92 41.92
C LEU D 794 -2.20 5.25 41.17
N LYS D 795 -3.26 5.63 40.47
CA LYS D 795 -3.24 6.89 39.74
C LYS D 795 -3.04 8.06 40.68
N SER D 796 -3.74 8.04 41.82
CA SER D 796 -3.59 9.16 42.75
C SER D 796 -2.19 9.21 43.32
N ALA D 797 -1.61 8.06 43.68
CA ALA D 797 -0.25 8.04 44.20
C ALA D 797 0.75 8.52 43.16
N ILE D 798 0.54 8.15 41.89
CA ILE D 798 1.47 8.61 40.86
C ILE D 798 1.36 10.12 40.69
N ASN D 799 0.13 10.65 40.71
CA ASN D 799 -0.03 12.11 40.64
C ASN D 799 0.66 12.81 41.82
N LEU D 800 0.70 12.18 43.00
CA LEU D 800 1.43 12.74 44.14
C LEU D 800 2.94 12.66 43.94
N VAL D 801 3.44 11.56 43.37
CA VAL D 801 4.87 11.48 43.06
C VAL D 801 5.27 12.62 42.13
N PHE D 802 4.44 12.88 41.12
CA PHE D 802 4.66 13.96 40.15
C PHE D 802 3.96 15.26 40.53
N LYS D 803 3.69 15.49 41.81
CA LYS D 803 3.04 16.73 42.23
C LYS D 803 3.86 17.93 41.81
N ILE D 804 3.19 18.96 41.27
CA ILE D 804 3.88 20.21 40.95
C ILE D 804 3.74 21.21 42.12
#